data_8VFM
#
_entry.id   8VFM
#
_cell.length_a   1.00
_cell.length_b   1.00
_cell.length_c   1.00
_cell.angle_alpha   90.00
_cell.angle_beta   90.00
_cell.angle_gamma   90.00
#
_symmetry.space_group_name_H-M   'P 1'
#
loop_
_entity.id
_entity.type
_entity.pdbx_description
1 polymer 'Cell invasion protein SipA'
2 polymer 'Actin, alpha skeletal muscle'
3 non-polymer 'MAGNESIUM ION'
4 non-polymer "ADENOSINE-5'-DIPHOSPHATE"
#
loop_
_entity_poly.entity_id
_entity_poly.type
_entity_poly.pdbx_seq_one_letter_code
_entity_poly.pdbx_strand_id
1 'polypeptide(L)'
;MVTSVRTQPPVIMPGMQTEIKTQATNLAANLSAVRESATATLSGEIKGPQLEDFPALIKQASLDALFKCGKDAEALKEVF
TNSNNVAGKKAIMEFAGLFRSALNATSDSPEAKTLLMKVGAEYTAQIIKDGLKEKSAFGPWLPETKKAEAKLENLEKQLL
DIIKNNTGGELSKLSTNLVMQEVMPYIASCIEHNFGCTLDPLTRSNLTHLVDKAAAKAVEALDMCHQKLTQEQGTSVGRE
ARHLEMQTLIPLLLRNVFAQIPADKLPDPKIPEPAAGPVPDGGKKAEPTGINININIDSSNHSVDNSKHINNSRSHVDNS
QRHIDNSNHDNSRKTIDNSRTFIDNSQRNGESHHSTNSSNVSHSHSRVDSTTHQTETAHSASTGAIDHGIAGKIDVTAHA
TAEAVTNASSESKDGKVVTSEKGTTGETTSFDEVDGVTSKSIIGKPVQATVHGVDDNKQQSQTAEIVNVKPLASQLAGVE
NVKTDTLQSDTTVITGNKAGTTDNDNSQTDKTGPFSGLKFKQNSFLSTVPSVTNMHSMHFDARETFLGVIRKALEPDTST
PFPVRRAFDGLRAEILPNDTIKSAALKAQCSDIDKHPELKAKMETLKEVITHHPQKEKLAEIALQFAREAGLTRLKGETD
YVLSNVLDGLIGDGSWRAGPAYESYLNKPGVDRVITTVDGLHMQR
;
B,A,C,I
2 'polypeptide(L)'
;MCDEDETTALVCDNGSGLVKAGFAGDDAPRAVFPSIVGRPRHQGVMVGMGQKDSYVGDEAQSKRGILTLKYPIE(HIC)G
IITNWDDMEKIWHHTFYNELRVAPEEHPTLLTEAPLNPKANREKMTQIMFETFNVPAMYVAIQAVLSLYASGRTTGIVLD
SGDGVTHNVPIYEGYALPHAIMRLDLAGRDLTDYLMKILTERGYSFVTTAEREIVRDIKEKLCYVALDFENEMATAASSS
SLEKSYELPDGQVITIGNERFRCPETLFQPSFIGMESAGIHETTYNSIMKCDIDIRKDLYANNVMSGGTTMYPGIADRMQ
KEITALAPSTMKIKIIAPPERKYSVWIGGSILASLSTFQQMWITKQEYDEAGPSIVHRKCF
;
J,L,M,N,R,S,U,W
#
# COMPACT_ATOMS: atom_id res chain seq x y z
N PRO A 514 -11.50 3.99 126.99
CA PRO A 514 -10.23 4.14 127.73
C PRO A 514 -9.64 5.52 127.58
N PHE A 515 -9.92 6.17 126.46
CA PHE A 515 -9.53 7.55 126.22
C PHE A 515 -10.74 8.46 126.21
N SER A 516 -11.66 8.21 127.15
CA SER A 516 -12.87 9.00 127.23
C SER A 516 -12.56 10.42 127.69
N GLY A 517 -13.51 11.32 127.43
CA GLY A 517 -13.31 12.72 127.75
C GLY A 517 -12.32 13.42 126.85
N LEU A 518 -12.11 12.92 125.64
CA LEU A 518 -11.11 13.46 124.73
C LEU A 518 -11.77 13.88 123.44
N LYS A 519 -11.35 15.01 122.89
CA LYS A 519 -11.98 15.52 121.68
C LYS A 519 -10.98 16.34 120.88
N PHE A 520 -11.42 16.70 119.68
CA PHE A 520 -10.59 17.34 118.67
C PHE A 520 -11.31 18.58 118.18
N LYS A 521 -10.57 19.48 117.54
CA LYS A 521 -11.23 20.63 116.92
C LYS A 521 -11.62 20.29 115.50
N GLN A 522 -12.72 20.89 115.05
CA GLN A 522 -13.24 20.61 113.72
C GLN A 522 -12.36 21.25 112.67
N ASN A 523 -12.29 20.59 111.50
CA ASN A 523 -11.62 21.10 110.31
C ASN A 523 -10.13 21.34 110.57
N SER A 524 -9.55 20.51 111.41
CA SER A 524 -8.19 20.73 111.86
C SER A 524 -7.16 20.37 110.82
N PHE A 525 -7.55 19.74 109.73
CA PHE A 525 -6.60 19.15 108.80
C PHE A 525 -6.71 19.71 107.40
N LEU A 526 -7.56 20.71 107.17
CA LEU A 526 -7.80 21.19 105.82
C LEU A 526 -6.60 21.91 105.26
N SER A 527 -5.76 22.49 106.11
CA SER A 527 -4.57 23.13 105.60
C SER A 527 -3.52 22.12 105.23
N THR A 528 -3.63 20.90 105.74
CA THR A 528 -2.57 19.91 105.60
C THR A 528 -2.71 19.10 104.33
N VAL A 529 -3.94 18.85 103.89
CA VAL A 529 -4.18 18.03 102.70
C VAL A 529 -3.68 18.78 101.45
N PRO A 530 -2.79 18.18 100.67
CA PRO A 530 -2.20 18.91 99.55
C PRO A 530 -3.15 19.00 98.38
N SER A 531 -2.72 19.75 97.38
CA SER A 531 -3.50 19.89 96.16
C SER A 531 -3.44 18.61 95.35
N VAL A 532 -4.36 18.48 94.41
CA VAL A 532 -4.42 17.26 93.62
C VAL A 532 -3.28 17.22 92.63
N THR A 533 -2.89 18.36 92.08
CA THR A 533 -1.72 18.40 91.20
C THR A 533 -0.43 18.13 91.96
N ASN A 534 -0.42 18.38 93.26
CA ASN A 534 0.74 17.98 94.05
C ASN A 534 0.81 16.48 94.18
N MET A 535 -0.31 15.85 94.51
CA MET A 535 -0.27 14.42 94.75
C MET A 535 -0.24 13.61 93.47
N HIS A 536 -0.30 14.25 92.31
CA HIS A 536 0.05 13.57 91.07
C HIS A 536 1.54 13.71 90.79
N SER A 537 2.37 13.46 91.79
CA SER A 537 3.80 13.56 91.63
C SER A 537 4.41 12.18 91.71
N MET A 538 5.50 11.99 90.97
CA MET A 538 6.25 10.75 91.05
C MET A 538 7.25 10.74 92.17
N HIS A 539 7.71 11.90 92.64
CA HIS A 539 8.42 12.01 93.91
C HIS A 539 7.46 12.50 94.99
N PHE A 540 6.47 11.66 95.27
CA PHE A 540 5.48 11.99 96.29
C PHE A 540 5.28 10.71 97.08
N ASP A 541 6.11 10.51 98.10
CA ASP A 541 5.99 9.34 98.94
C ASP A 541 4.77 9.54 99.82
N ALA A 542 3.65 8.97 99.39
CA ALA A 542 2.34 9.26 99.94
C ALA A 542 2.15 8.77 101.37
N ARG A 543 3.04 7.94 101.87
CA ARG A 543 2.93 7.45 103.23
C ARG A 543 3.08 8.59 104.24
N GLU A 544 4.24 9.23 104.26
CA GLU A 544 4.54 10.18 105.32
C GLU A 544 3.79 11.49 105.15
N THR A 545 3.11 11.70 104.04
CA THR A 545 2.23 12.85 103.95
C THR A 545 0.78 12.48 104.24
N PHE A 546 0.42 11.21 104.15
CA PHE A 546 -0.90 10.84 104.62
C PHE A 546 -0.92 10.70 106.13
N LEU A 547 0.12 10.08 106.69
CA LEU A 547 0.29 10.07 108.13
C LEU A 547 0.39 11.47 108.69
N GLY A 548 1.04 12.38 107.96
CA GLY A 548 1.09 13.77 108.36
C GLY A 548 -0.26 14.45 108.32
N VAL A 549 -1.17 13.95 107.51
CA VAL A 549 -2.54 14.41 107.62
C VAL A 549 -3.19 13.82 108.85
N ILE A 550 -2.98 12.51 109.07
CA ILE A 550 -3.58 11.84 110.22
C ILE A 550 -2.97 12.35 111.52
N ARG A 551 -1.70 12.75 111.47
CA ARG A 551 -1.07 13.41 112.62
C ARG A 551 -1.78 14.70 112.96
N LYS A 552 -2.02 15.55 111.97
CA LYS A 552 -2.66 16.83 112.22
C LYS A 552 -4.14 16.64 112.51
N ALA A 553 -4.77 15.67 111.85
CA ALA A 553 -6.20 15.49 112.05
C ALA A 553 -6.50 14.92 113.43
N LEU A 554 -5.54 14.24 114.03
CA LEU A 554 -5.74 13.69 115.36
C LEU A 554 -5.15 14.58 116.42
N GLU A 555 -4.83 15.83 116.10
CA GLU A 555 -4.33 16.77 117.10
C GLU A 555 -5.42 17.03 118.13
N PRO A 556 -5.20 16.70 119.40
CA PRO A 556 -6.27 16.79 120.39
C PRO A 556 -6.56 18.24 120.74
N ASP A 557 -7.85 18.57 120.81
CA ASP A 557 -8.24 19.92 121.15
C ASP A 557 -7.92 20.19 122.61
N THR A 558 -7.57 21.44 122.91
CA THR A 558 -7.12 21.81 124.24
C THR A 558 -8.22 21.75 125.29
N SER A 559 -9.48 21.61 124.87
CA SER A 559 -10.57 21.44 125.81
C SER A 559 -10.54 20.09 126.50
N THR A 560 -9.74 19.14 126.01
CA THR A 560 -9.59 17.90 126.73
C THR A 560 -8.78 18.14 127.99
N PRO A 561 -9.05 17.40 129.06
CA PRO A 561 -8.25 17.57 130.27
C PRO A 561 -6.87 17.01 130.09
N PHE A 562 -5.98 17.41 130.99
CA PHE A 562 -4.57 17.07 130.86
C PHE A 562 -4.24 15.58 130.99
N PRO A 563 -4.68 14.82 132.01
CA PRO A 563 -4.13 13.47 132.15
C PRO A 563 -4.59 12.49 131.09
N VAL A 564 -5.63 12.83 130.33
CA VAL A 564 -5.95 12.06 129.14
C VAL A 564 -5.26 12.66 127.92
N ARG A 565 -4.76 13.90 128.03
CA ARG A 565 -4.14 14.53 126.88
C ARG A 565 -2.72 14.02 126.67
N ARG A 566 -1.89 14.07 127.71
CA ARG A 566 -0.50 13.71 127.52
C ARG A 566 -0.30 12.21 127.43
N ALA A 567 -1.29 11.42 127.81
CA ALA A 567 -1.21 9.98 127.57
C ALA A 567 -1.47 9.66 126.10
N PHE A 568 -2.51 10.26 125.54
CA PHE A 568 -2.83 10.05 124.14
C PHE A 568 -1.79 10.70 123.22
N ASP A 569 -1.22 11.84 123.64
CA ASP A 569 -0.07 12.36 122.94
C ASP A 569 1.14 11.47 123.16
N GLY A 570 1.25 10.87 124.33
CA GLY A 570 2.37 9.99 124.61
C GLY A 570 2.27 8.68 123.86
N LEU A 571 1.06 8.27 123.50
CA LEU A 571 0.92 7.09 122.63
C LEU A 571 1.31 7.45 121.21
N ARG A 572 1.19 8.72 120.84
CA ARG A 572 1.36 9.12 119.46
C ARG A 572 2.82 9.14 119.04
N ALA A 573 3.70 9.63 119.91
CA ALA A 573 5.08 9.89 119.52
C ALA A 573 5.86 8.62 119.22
N GLU A 574 5.40 7.47 119.70
CA GLU A 574 5.96 6.20 119.29
C GLU A 574 5.08 5.50 118.25
N ILE A 575 4.05 6.17 117.76
CA ILE A 575 3.19 5.64 116.71
C ILE A 575 3.21 6.54 115.49
N LEU A 576 2.96 7.83 115.67
CA LEU A 576 3.00 8.76 114.54
C LEU A 576 4.07 9.80 114.80
N PRO A 577 5.32 9.51 114.49
CA PRO A 577 6.39 10.47 114.76
C PRO A 577 6.38 11.59 113.72
N ASN A 578 7.19 12.60 114.00
CA ASN A 578 7.32 13.74 113.11
C ASN A 578 8.50 13.61 112.15
N ASP A 579 9.63 13.11 112.63
CA ASP A 579 10.82 13.04 111.79
C ASP A 579 10.70 11.95 110.75
N THR A 580 11.35 12.18 109.61
CA THR A 580 11.33 11.21 108.53
C THR A 580 12.20 10.00 108.81
N ILE A 581 13.05 10.07 109.83
CA ILE A 581 13.84 8.90 110.20
C ILE A 581 13.10 8.04 111.22
N LYS A 582 12.18 8.62 112.00
CA LYS A 582 11.43 7.82 112.97
C LYS A 582 10.36 6.98 112.28
N SER A 583 9.67 7.57 111.30
CA SER A 583 8.66 6.81 110.57
C SER A 583 9.34 5.78 109.66
N ALA A 584 10.52 6.09 109.15
CA ALA A 584 11.30 5.07 108.45
C ALA A 584 11.79 3.99 109.40
N ALA A 585 12.05 4.35 110.65
CA ALA A 585 12.34 3.33 111.64
C ALA A 585 11.08 2.61 112.05
N LEU A 586 9.93 3.29 111.95
CA LEU A 586 8.65 2.67 112.31
C LEU A 586 8.31 1.54 111.37
N LYS A 587 8.60 1.71 110.07
CA LYS A 587 8.32 0.68 109.09
C LYS A 587 9.18 -0.56 109.30
N ALA A 588 10.32 -0.40 110.00
CA ALA A 588 11.24 -1.51 110.20
C ALA A 588 10.63 -2.59 111.08
N GLN A 589 9.92 -2.24 112.14
CA GLN A 589 9.24 -3.28 112.88
C GLN A 589 7.90 -3.66 112.28
N CYS A 590 7.45 -2.94 111.26
CA CYS A 590 6.22 -3.33 110.60
C CYS A 590 6.40 -4.58 109.75
N SER A 591 7.64 -4.94 109.43
CA SER A 591 7.85 -6.19 108.69
C SER A 591 7.70 -7.41 109.59
N ASP A 592 7.95 -7.26 110.88
CA ASP A 592 7.87 -8.34 111.86
C ASP A 592 7.02 -7.93 113.05
N ILE A 593 5.81 -7.44 112.74
CA ILE A 593 4.89 -6.91 113.73
C ILE A 593 4.43 -7.97 114.75
N ASP A 594 4.56 -9.25 114.42
CA ASP A 594 4.29 -10.30 115.39
C ASP A 594 5.33 -10.30 116.51
N LYS A 595 6.58 -9.97 116.19
CA LYS A 595 7.64 -10.00 117.18
C LYS A 595 7.71 -8.72 118.01
N HIS A 596 6.81 -7.76 117.77
CA HIS A 596 6.73 -6.56 118.59
C HIS A 596 5.30 -6.40 119.07
N PRO A 597 4.91 -7.13 120.12
CA PRO A 597 3.50 -7.15 120.50
C PRO A 597 3.05 -5.88 121.20
N GLU A 598 3.89 -5.31 122.06
CA GLU A 598 3.43 -4.23 122.93
C GLU A 598 3.19 -2.94 122.15
N LEU A 599 3.88 -2.74 121.03
CA LEU A 599 3.53 -1.62 120.18
C LEU A 599 2.43 -2.01 119.22
N LYS A 600 2.37 -3.28 118.85
CA LYS A 600 1.30 -3.75 117.98
C LYS A 600 -0.03 -3.73 118.73
N ALA A 601 -0.01 -4.04 120.02
CA ALA A 601 -1.25 -4.02 120.79
C ALA A 601 -1.70 -2.59 121.05
N LYS A 602 -0.76 -1.65 121.16
CA LYS A 602 -1.16 -0.27 121.37
C LYS A 602 -1.66 0.39 120.10
N MET A 603 -1.50 -0.25 118.96
CA MET A 603 -1.97 0.37 117.73
C MET A 603 -3.47 0.29 117.59
N GLU A 604 -4.07 -0.84 117.98
CA GLU A 604 -5.52 -0.98 117.85
C GLU A 604 -6.27 -0.08 118.80
N THR A 605 -5.62 0.38 119.86
CA THR A 605 -6.21 1.43 120.68
C THR A 605 -6.42 2.68 119.86
N LEU A 606 -5.41 3.07 119.08
CA LEU A 606 -5.56 4.24 118.23
C LEU A 606 -6.56 3.99 117.11
N LYS A 607 -6.62 2.75 116.64
CA LYS A 607 -7.63 2.37 115.67
C LYS A 607 -9.02 2.49 116.25
N GLU A 608 -9.16 2.19 117.55
CA GLU A 608 -10.43 2.40 118.21
C GLU A 608 -10.75 3.88 118.35
N VAL A 609 -9.72 4.71 118.55
CA VAL A 609 -9.95 6.14 118.69
C VAL A 609 -10.41 6.75 117.37
N ILE A 610 -9.71 6.43 116.29
CA ILE A 610 -10.07 6.99 114.99
C ILE A 610 -11.34 6.37 114.43
N THR A 611 -11.82 5.27 115.01
CA THR A 611 -13.13 4.78 114.65
C THR A 611 -14.21 5.73 115.12
N HIS A 612 -14.05 6.26 116.33
CA HIS A 612 -15.01 7.20 116.90
C HIS A 612 -14.62 8.64 116.65
N HIS A 613 -13.86 8.90 115.59
CA HIS A 613 -13.50 10.26 115.27
C HIS A 613 -14.71 10.99 114.73
N PRO A 614 -14.98 12.22 115.17
CA PRO A 614 -16.23 12.88 114.80
C PRO A 614 -16.29 13.33 113.36
N GLN A 615 -15.16 13.45 112.69
CA GLN A 615 -15.12 13.78 111.26
C GLN A 615 -14.60 12.60 110.49
N LYS A 616 -15.13 11.41 110.84
CA LYS A 616 -14.66 10.18 110.22
C LYS A 616 -14.97 10.16 108.73
N GLU A 617 -16.18 10.60 108.36
CA GLU A 617 -16.58 10.54 106.96
C GLU A 617 -15.77 11.51 106.12
N LYS A 618 -15.49 12.69 106.66
CA LYS A 618 -14.65 13.65 105.96
C LYS A 618 -13.22 13.17 105.90
N LEU A 619 -12.77 12.44 106.92
CA LEU A 619 -11.50 11.76 106.80
C LEU A 619 -11.58 10.64 105.78
N ALA A 620 -12.61 9.79 105.88
CA ALA A 620 -12.69 8.62 105.00
C ALA A 620 -12.94 9.02 103.56
N GLU A 621 -13.52 10.20 103.35
CA GLU A 621 -13.57 10.72 101.99
C GLU A 621 -12.18 11.12 101.52
N ILE A 622 -11.41 11.77 102.38
CA ILE A 622 -10.11 12.20 101.91
C ILE A 622 -9.09 11.08 102.01
N ALA A 623 -9.35 10.05 102.83
CA ALA A 623 -8.33 9.04 103.07
C ALA A 623 -8.13 8.17 101.84
N LEU A 624 -9.20 7.86 101.12
CA LEU A 624 -9.04 7.15 99.89
C LEU A 624 -8.88 8.08 98.70
N GLN A 625 -9.01 9.38 98.91
CA GLN A 625 -8.56 10.30 97.88
C GLN A 625 -7.04 10.32 97.82
N PHE A 626 -6.37 10.11 98.95
CA PHE A 626 -4.93 9.89 98.89
C PHE A 626 -4.59 8.56 98.26
N ALA A 627 -5.54 7.62 98.24
CA ALA A 627 -5.21 6.29 97.76
C ALA A 627 -5.13 6.25 96.25
N ARG A 628 -6.00 6.98 95.56
CA ARG A 628 -6.01 6.89 94.10
C ARG A 628 -5.06 7.90 93.47
N GLU A 629 -5.27 9.19 93.74
CA GLU A 629 -4.50 10.24 93.09
C GLU A 629 -3.02 10.19 93.44
N ALA A 630 -2.67 9.77 94.65
CA ALA A 630 -1.27 9.65 95.00
C ALA A 630 -0.73 8.24 94.91
N GLY A 631 -1.59 7.23 94.74
CA GLY A 631 -1.13 5.86 94.70
C GLY A 631 -0.66 5.35 96.04
N LEU A 632 -1.41 5.65 97.11
CA LEU A 632 -1.00 5.23 98.43
C LEU A 632 -1.14 3.73 98.61
N THR A 633 -2.14 3.12 97.98
CA THR A 633 -2.46 1.72 98.20
C THR A 633 -2.07 0.87 97.01
N ARG A 634 -0.87 1.09 96.48
CA ARG A 634 -0.44 0.29 95.34
C ARG A 634 0.04 -1.11 95.72
N LEU A 635 0.00 -1.48 97.00
CA LEU A 635 0.31 -2.85 97.39
C LEU A 635 -0.94 -3.68 97.60
N LYS A 636 -2.00 -3.04 98.12
CA LYS A 636 -3.38 -3.48 98.19
C LYS A 636 -3.66 -4.61 99.18
N GLY A 637 -2.65 -5.39 99.53
CA GLY A 637 -2.81 -6.33 100.62
C GLY A 637 -1.49 -6.47 101.31
N GLU A 638 -0.47 -5.90 100.68
CA GLU A 638 0.90 -6.02 101.14
C GLU A 638 1.41 -4.74 101.75
N THR A 639 0.52 -3.77 101.98
CA THR A 639 0.91 -2.59 102.71
C THR A 639 1.16 -2.95 104.16
N ASP A 640 1.96 -2.13 104.83
CA ASP A 640 2.39 -2.48 106.18
C ASP A 640 1.29 -2.16 107.18
N TYR A 641 1.62 -2.31 108.45
CA TYR A 641 0.60 -2.44 109.48
C TYR A 641 -0.08 -1.11 109.78
N VAL A 642 0.62 0.00 109.60
CA VAL A 642 0.04 1.29 109.94
C VAL A 642 -0.97 1.71 108.89
N LEU A 643 -0.57 1.72 107.62
CA LEU A 643 -1.49 2.10 106.55
C LEU A 643 -2.62 1.10 106.39
N SER A 644 -2.46 -0.12 106.89
CA SER A 644 -3.54 -1.09 106.86
C SER A 644 -4.67 -0.67 107.76
N ASN A 645 -4.40 -0.55 109.05
CA ASN A 645 -5.50 -0.43 110.00
C ASN A 645 -5.99 0.99 110.17
N VAL A 646 -5.17 1.99 109.83
CA VAL A 646 -5.65 3.36 109.84
C VAL A 646 -6.68 3.56 108.74
N LEU A 647 -6.41 3.03 107.54
CA LEU A 647 -7.44 2.98 106.52
C LEU A 647 -8.60 2.10 106.96
N ASP A 648 -8.30 0.98 107.62
CA ASP A 648 -9.37 0.15 108.16
C ASP A 648 -10.06 0.83 109.33
N GLY A 649 -9.38 1.77 109.99
CA GLY A 649 -10.06 2.57 110.99
C GLY A 649 -11.06 3.53 110.38
N LEU A 650 -10.76 4.02 109.18
CA LEU A 650 -11.66 4.97 108.54
C LEU A 650 -12.62 4.29 107.60
N ILE A 651 -12.18 3.24 106.92
CA ILE A 651 -13.03 2.46 106.04
C ILE A 651 -13.41 1.20 106.81
N GLY A 652 -14.69 1.08 107.15
CA GLY A 652 -15.13 0.04 108.05
C GLY A 652 -15.05 -1.36 107.47
N ASP A 653 -15.60 -1.56 106.28
CA ASP A 653 -15.58 -2.88 105.67
C ASP A 653 -14.20 -3.25 105.13
N GLY A 654 -13.31 -2.28 104.99
CA GLY A 654 -11.99 -2.54 104.44
C GLY A 654 -12.01 -2.94 102.99
N SER A 655 -12.92 -2.36 102.21
CA SER A 655 -13.08 -2.73 100.80
C SER A 655 -12.16 -1.93 99.90
N TRP A 656 -11.09 -1.38 100.41
CA TRP A 656 -10.17 -0.59 99.61
C TRP A 656 -9.16 -1.45 98.88
N ARG A 657 -9.27 -2.77 98.96
CA ARG A 657 -8.31 -3.67 98.33
C ARG A 657 -8.37 -3.55 96.81
N ALA A 658 -9.56 -3.64 96.24
CA ALA A 658 -9.77 -3.47 94.81
C ALA A 658 -10.71 -2.30 94.54
N GLY A 659 -10.60 -1.73 93.34
CA GLY A 659 -11.39 -0.56 92.99
C GLY A 659 -10.67 0.69 92.51
N PRO A 660 -9.57 1.12 93.15
CA PRO A 660 -8.82 2.23 92.57
C PRO A 660 -7.99 1.85 91.35
N ALA A 661 -7.80 0.56 91.10
CA ALA A 661 -6.98 0.13 89.98
C ALA A 661 -7.69 0.29 88.64
N TYR A 662 -9.02 0.16 88.62
CA TYR A 662 -9.76 0.20 87.36
C TYR A 662 -9.95 1.65 86.92
N GLU A 663 -9.85 1.86 85.60
CA GLU A 663 -9.96 3.21 85.05
C GLU A 663 -10.70 3.25 83.70
N SER A 664 -11.28 2.12 83.28
CA SER A 664 -12.15 2.00 82.08
C SER A 664 -11.40 2.42 80.81
N TYR A 665 -10.42 1.59 80.45
CA TYR A 665 -9.44 1.90 79.42
C TYR A 665 -10.03 2.11 78.02
N LEU A 666 -10.58 1.05 77.41
CA LEU A 666 -10.92 1.11 75.99
C LEU A 666 -12.38 0.77 75.75
N ASN A 667 -13.08 1.68 75.09
CA ASN A 667 -14.46 1.48 74.68
C ASN A 667 -14.77 2.50 73.60
N LYS A 668 -15.21 2.03 72.44
CA LYS A 668 -15.56 2.91 71.32
C LYS A 668 -16.94 2.53 70.81
N PRO A 669 -18.01 3.08 71.42
CA PRO A 669 -19.38 2.79 70.95
C PRO A 669 -19.84 3.76 69.86
N GLY A 670 -19.06 3.86 68.79
CA GLY A 670 -19.45 4.75 67.70
C GLY A 670 -18.33 4.98 66.70
N VAL A 671 -18.25 6.23 66.24
CA VAL A 671 -17.39 6.61 65.12
C VAL A 671 -15.93 6.74 65.54
N ASP A 672 -15.06 6.92 64.55
CA ASP A 672 -13.63 7.11 64.73
C ASP A 672 -13.29 8.54 65.14
N ARG A 673 -12.02 8.93 64.97
CA ARG A 673 -11.54 10.28 65.28
C ARG A 673 -12.36 11.35 64.55
N VAL A 674 -12.63 12.45 65.26
CA VAL A 674 -13.74 13.32 64.89
C VAL A 674 -13.34 14.63 64.24
N ILE A 675 -12.08 15.05 64.37
CA ILE A 675 -11.55 16.36 63.94
C ILE A 675 -12.34 17.53 64.56
N PRO B 514 -33.01 -16.23 15.77
CA PRO B 514 -32.37 -17.07 16.78
C PRO B 514 -30.93 -16.65 17.04
N PHE B 515 -30.28 -16.10 16.03
CA PHE B 515 -28.95 -15.53 16.15
C PHE B 515 -28.99 -14.02 16.04
N SER B 516 -29.99 -13.42 16.69
CA SER B 516 -30.14 -11.98 16.63
C SER B 516 -29.03 -11.29 17.42
N GLY B 517 -28.84 -10.01 17.13
CA GLY B 517 -27.77 -9.26 17.73
C GLY B 517 -26.39 -9.64 17.24
N LEU B 518 -26.29 -10.17 16.03
CA LEU B 518 -25.03 -10.65 15.49
C LEU B 518 -24.74 -9.94 14.18
N LYS B 519 -23.48 -9.58 13.97
CA LYS B 519 -23.13 -8.85 12.76
C LYS B 519 -21.69 -9.13 12.37
N PHE B 520 -21.33 -8.64 11.20
CA PHE B 520 -20.07 -8.92 10.54
C PHE B 520 -19.42 -7.60 10.14
N LYS B 521 -18.13 -7.64 9.87
CA LYS B 521 -17.49 -6.44 9.36
C LYS B 521 -17.55 -6.42 7.83
N GLN B 522 -17.63 -5.22 7.27
CA GLN B 522 -17.78 -5.07 5.84
C GLN B 522 -16.47 -5.41 5.15
N ASN B 523 -16.59 -5.93 3.93
CA ASN B 523 -15.47 -6.20 3.03
C ASN B 523 -14.48 -7.17 3.66
N SER B 524 -14.99 -8.12 4.42
CA SER B 524 -14.14 -9.00 5.20
C SER B 524 -13.50 -10.07 4.36
N PHE B 525 -13.91 -10.24 3.12
CA PHE B 525 -13.51 -11.38 2.33
C PHE B 525 -12.76 -11.02 1.07
N LEU B 526 -12.45 -9.74 0.86
CA LEU B 526 -11.83 -9.33 -0.40
C LEU B 526 -10.41 -9.83 -0.54
N SER B 527 -9.72 -10.06 0.57
CA SER B 527 -8.39 -10.61 0.48
C SER B 527 -8.42 -12.08 0.16
N THR B 528 -9.54 -12.74 0.39
CA THR B 528 -9.62 -14.19 0.30
C THR B 528 -9.95 -14.66 -1.09
N VAL B 529 -10.73 -13.90 -1.84
CA VAL B 529 -11.15 -14.29 -3.18
C VAL B 529 -9.94 -14.27 -4.12
N PRO B 530 -9.63 -15.37 -4.78
CA PRO B 530 -8.41 -15.43 -5.59
C PRO B 530 -8.57 -14.70 -6.90
N SER B 531 -7.47 -14.61 -7.62
CA SER B 531 -7.48 -13.99 -8.93
C SER B 531 -8.17 -14.89 -9.94
N VAL B 532 -8.55 -14.31 -11.07
CA VAL B 532 -9.28 -15.08 -12.07
C VAL B 532 -8.35 -16.05 -12.77
N THR B 533 -7.09 -15.65 -12.99
CA THR B 533 -6.11 -16.57 -13.57
C THR B 533 -5.77 -17.69 -12.60
N ASN B 534 -5.94 -17.48 -11.30
CA ASN B 534 -5.78 -18.58 -10.37
C ASN B 534 -6.91 -19.58 -10.52
N MET B 535 -8.14 -19.10 -10.57
CA MET B 535 -9.26 -20.03 -10.60
C MET B 535 -9.48 -20.63 -11.97
N HIS B 536 -8.70 -20.23 -12.98
CA HIS B 536 -8.64 -21.01 -14.22
C HIS B 536 -7.58 -22.08 -14.13
N SER B 537 -7.56 -22.83 -13.03
CA SER B 537 -6.58 -23.89 -12.85
C SER B 537 -7.28 -25.22 -12.90
N MET B 538 -6.57 -26.21 -13.39
CA MET B 538 -7.07 -27.58 -13.40
C MET B 538 -6.80 -28.30 -12.09
N HIS B 539 -5.80 -27.89 -11.33
CA HIS B 539 -5.65 -28.31 -9.93
C HIS B 539 -6.16 -27.19 -9.02
N PHE B 540 -7.45 -26.94 -9.13
CA PHE B 540 -8.10 -25.93 -8.31
C PHE B 540 -9.41 -26.54 -7.83
N ASP B 541 -9.34 -27.24 -6.72
CA ASP B 541 -10.54 -27.85 -6.17
C ASP B 541 -11.37 -26.73 -5.56
N ALA B 542 -12.35 -26.25 -6.33
CA ALA B 542 -13.06 -25.02 -6.04
C ALA B 542 -13.96 -25.11 -4.81
N ARG B 543 -14.20 -26.31 -4.28
CA ARG B 543 -15.02 -26.45 -3.10
C ARG B 543 -14.37 -25.79 -1.90
N GLU B 544 -13.19 -26.29 -1.49
CA GLU B 544 -12.60 -25.85 -0.23
C GLU B 544 -12.02 -24.46 -0.30
N THR B 545 -11.95 -23.86 -1.49
CA THR B 545 -11.58 -22.45 -1.54
C THR B 545 -12.80 -21.56 -1.65
N PHE B 546 -13.95 -22.09 -2.07
CA PHE B 546 -15.15 -21.27 -1.98
C PHE B 546 -15.70 -21.27 -0.57
N LEU B 547 -15.70 -22.43 0.08
CA LEU B 547 -16.03 -22.49 1.50
C LEU B 547 -15.08 -21.64 2.31
N GLY B 548 -13.80 -21.62 1.93
CA GLY B 548 -12.84 -20.75 2.60
C GLY B 548 -13.11 -19.28 2.39
N VAL B 549 -13.80 -18.94 1.30
CA VAL B 549 -14.31 -17.58 1.20
C VAL B 549 -15.50 -17.39 2.13
N ILE B 550 -16.42 -18.36 2.14
CA ILE B 550 -17.61 -18.27 2.97
C ILE B 550 -17.23 -18.35 4.45
N ARG B 551 -16.15 -19.08 4.76
CA ARG B 551 -15.62 -19.09 6.12
C ARG B 551 -15.16 -17.70 6.54
N LYS B 552 -14.39 -17.03 5.69
CA LYS B 552 -13.88 -15.72 6.03
C LYS B 552 -14.98 -14.68 5.94
N ALA B 553 -15.90 -14.83 4.99
CA ALA B 553 -16.95 -13.84 4.83
C ALA B 553 -17.94 -13.89 5.97
N LEU B 554 -18.07 -15.04 6.63
CA LEU B 554 -18.97 -15.15 7.75
C LEU B 554 -18.25 -15.00 9.08
N GLU B 555 -17.03 -14.47 9.07
CA GLU B 555 -16.32 -14.19 10.31
C GLU B 555 -17.06 -13.14 11.11
N PRO B 556 -17.56 -13.45 12.31
CA PRO B 556 -18.40 -12.51 13.04
C PRO B 556 -17.60 -11.35 13.59
N ASP B 557 -18.14 -10.14 13.42
CA ASP B 557 -17.46 -8.97 13.92
C ASP B 557 -17.47 -8.96 15.45
N THR B 558 -16.41 -8.43 16.04
CA THR B 558 -16.25 -8.47 17.49
C THR B 558 -17.24 -7.61 18.23
N SER B 559 -17.98 -6.74 17.53
CA SER B 559 -19.03 -5.95 18.14
C SER B 559 -20.23 -6.80 18.56
N THR B 560 -20.31 -8.04 18.10
CA THR B 560 -21.37 -8.91 18.57
C THR B 560 -21.06 -9.32 20.01
N PRO B 561 -22.08 -9.52 20.84
CA PRO B 561 -21.83 -9.95 22.21
C PRO B 561 -21.38 -11.40 22.23
N PHE B 562 -20.80 -11.77 23.36
CA PHE B 562 -20.19 -13.08 23.49
C PHE B 562 -21.14 -14.28 23.40
N PRO B 563 -22.27 -14.36 24.13
CA PRO B 563 -22.99 -15.65 24.14
C PRO B 563 -23.69 -15.96 22.83
N VAL B 564 -23.85 -14.97 21.94
CA VAL B 564 -24.27 -15.28 20.59
C VAL B 564 -23.05 -15.50 19.69
N ARG B 565 -21.86 -15.10 20.14
CA ARG B 565 -20.69 -15.24 19.29
C ARG B 565 -20.17 -16.67 19.31
N ARG B 566 -19.93 -17.22 20.50
CA ARG B 566 -19.32 -18.53 20.55
C ARG B 566 -20.30 -19.65 20.22
N ALA B 567 -21.60 -19.36 20.22
CA ALA B 567 -22.56 -20.34 19.74
C ALA B 567 -22.54 -20.43 18.22
N PHE B 568 -22.55 -19.28 17.56
CA PHE B 568 -22.48 -19.23 16.11
C PHE B 568 -21.12 -19.68 15.60
N ASP B 569 -20.05 -19.36 16.32
CA ASP B 569 -18.77 -19.96 16.01
C ASP B 569 -18.78 -21.45 16.32
N GLY B 570 -19.50 -21.85 17.36
CA GLY B 570 -19.58 -23.26 17.70
C GLY B 570 -20.40 -24.06 16.71
N LEU B 571 -21.33 -23.41 16.02
CA LEU B 571 -22.04 -24.08 14.95
C LEU B 571 -21.13 -24.23 13.73
N ARG B 572 -20.15 -23.35 13.60
CA ARG B 572 -19.35 -23.31 12.39
C ARG B 572 -18.35 -24.45 12.32
N ALA B 573 -17.70 -24.77 13.44
CA ALA B 573 -16.57 -25.70 13.43
C ALA B 573 -16.97 -27.12 13.06
N GLU B 574 -18.24 -27.47 13.21
CA GLU B 574 -18.76 -28.72 12.69
C GLU B 574 -19.50 -28.54 11.38
N ILE B 575 -19.48 -27.34 10.81
CA ILE B 575 -20.08 -27.07 9.51
C ILE B 575 -19.05 -26.57 8.51
N LEU B 576 -18.28 -25.56 8.88
CA LEU B 576 -17.24 -25.07 7.99
C LEU B 576 -15.89 -25.22 8.67
N PRO B 577 -15.28 -26.39 8.60
CA PRO B 577 -13.99 -26.59 9.27
C PRO B 577 -12.87 -25.94 8.49
N ASN B 578 -11.70 -25.90 9.11
CA ASN B 578 -10.51 -25.34 8.51
C ASN B 578 -9.63 -26.37 7.83
N ASP B 579 -9.48 -27.54 8.45
CA ASP B 579 -8.58 -28.54 7.91
C ASP B 579 -9.17 -29.20 6.66
N THR B 580 -8.27 -29.62 5.77
CA THR B 580 -8.71 -30.26 4.54
C THR B 580 -9.18 -31.69 4.77
N ILE B 581 -8.92 -32.26 5.95
CA ILE B 581 -9.43 -33.58 6.27
C ILE B 581 -10.81 -33.49 6.91
N LYS B 582 -11.14 -32.38 7.56
CA LYS B 582 -12.46 -32.25 8.17
C LYS B 582 -13.53 -32.00 7.11
N SER B 583 -13.23 -31.15 6.14
CA SER B 583 -14.18 -30.90 5.06
C SER B 583 -14.30 -32.11 4.16
N ALA B 584 -13.22 -32.87 3.99
CA ALA B 584 -13.31 -34.13 3.30
C ALA B 584 -14.10 -35.15 4.11
N ALA B 585 -14.03 -35.06 5.43
CA ALA B 585 -14.91 -35.87 6.25
C ALA B 585 -16.33 -35.33 6.22
N LEU B 586 -16.46 -34.03 6.01
CA LEU B 586 -17.79 -33.41 5.95
C LEU B 586 -18.59 -33.91 4.76
N LYS B 587 -17.91 -34.09 3.61
CA LYS B 587 -18.57 -34.58 2.41
C LYS B 587 -19.05 -36.02 2.58
N ALA B 588 -18.45 -36.76 3.53
CA ALA B 588 -18.79 -38.17 3.72
C ALA B 588 -20.22 -38.34 4.21
N GLN B 589 -20.67 -37.50 5.14
CA GLN B 589 -22.07 -37.60 5.50
C GLN B 589 -22.99 -36.84 4.55
N CYS B 590 -22.42 -36.09 3.61
CA CYS B 590 -23.26 -35.42 2.63
C CYS B 590 -23.84 -36.40 1.63
N SER B 591 -23.29 -37.60 1.53
CA SER B 591 -23.88 -38.59 0.63
C SER B 591 -25.15 -39.20 1.23
N ASP B 592 -25.26 -39.23 2.55
CA ASP B 592 -26.40 -39.81 3.26
C ASP B 592 -26.94 -38.82 4.28
N ILE B 593 -27.20 -37.59 3.81
CA ILE B 593 -27.64 -36.49 4.66
C ILE B 593 -28.98 -36.75 5.33
N ASP B 594 -29.78 -37.69 4.80
CA ASP B 594 -31.01 -38.08 5.47
C ASP B 594 -30.71 -38.83 6.76
N LYS B 595 -29.63 -39.60 6.80
CA LYS B 595 -29.31 -40.39 7.99
C LYS B 595 -28.55 -39.59 9.02
N HIS B 596 -28.29 -38.31 8.79
CA HIS B 596 -27.67 -37.43 9.78
C HIS B 596 -28.54 -36.20 9.95
N PRO B 597 -29.62 -36.31 10.73
CA PRO B 597 -30.58 -35.20 10.78
C PRO B 597 -30.09 -34.02 11.58
N GLU B 598 -29.41 -34.25 12.70
CA GLU B 598 -29.12 -33.18 13.64
C GLU B 598 -28.08 -32.22 13.09
N LEU B 599 -27.20 -32.69 12.21
CA LEU B 599 -26.32 -31.76 11.53
C LEU B 599 -27.00 -31.20 10.29
N LYS B 600 -27.88 -31.98 9.68
CA LYS B 600 -28.63 -31.49 8.52
C LYS B 600 -29.61 -30.42 8.95
N ALA B 601 -30.21 -30.56 10.12
CA ALA B 601 -31.14 -29.54 10.59
C ALA B 601 -30.41 -28.27 11.02
N LYS B 602 -29.18 -28.40 11.50
CA LYS B 602 -28.45 -27.21 11.88
C LYS B 602 -27.88 -26.47 10.68
N MET B 603 -27.94 -27.06 9.50
CA MET B 603 -27.39 -26.37 8.34
C MET B 603 -28.31 -25.27 7.85
N GLU B 604 -29.62 -25.51 7.88
CA GLU B 604 -30.57 -24.49 7.40
C GLU B 604 -30.61 -23.28 8.32
N THR B 605 -30.18 -23.44 9.57
CA THR B 605 -29.99 -22.27 10.42
C THR B 605 -28.93 -21.36 9.83
N LEU B 606 -27.81 -21.92 9.37
CA LEU B 606 -26.77 -21.12 8.76
C LEU B 606 -27.24 -20.58 7.42
N LYS B 607 -28.07 -21.34 6.71
CA LYS B 607 -28.68 -20.84 5.48
C LYS B 607 -29.60 -19.67 5.77
N GLU B 608 -30.26 -19.68 6.91
CA GLU B 608 -31.06 -18.52 7.31
C GLU B 608 -30.17 -17.34 7.65
N VAL B 609 -29.00 -17.59 8.22
CA VAL B 609 -28.10 -16.51 8.58
C VAL B 609 -27.55 -15.84 7.33
N ILE B 610 -27.04 -16.63 6.39
CA ILE B 610 -26.48 -16.06 5.18
C ILE B 610 -27.53 -15.51 4.24
N THR B 611 -28.81 -15.81 4.49
CA THR B 611 -29.85 -15.13 3.74
C THR B 611 -29.93 -13.67 4.14
N HIS B 612 -29.78 -13.39 5.44
CA HIS B 612 -29.81 -12.02 5.93
C HIS B 612 -28.42 -11.43 6.07
N HIS B 613 -27.47 -11.91 5.27
CA HIS B 613 -26.14 -11.34 5.31
C HIS B 613 -26.16 -9.96 4.65
N PRO B 614 -25.52 -8.96 5.25
CA PRO B 614 -25.67 -7.60 4.75
C PRO B 614 -24.96 -7.35 3.43
N GLN B 615 -24.00 -8.18 3.07
CA GLN B 615 -23.32 -8.08 1.78
C GLN B 615 -23.68 -9.27 0.93
N LYS B 616 -24.97 -9.59 0.91
CA LYS B 616 -25.45 -10.76 0.19
C LYS B 616 -25.22 -10.62 -1.30
N GLU B 617 -25.51 -9.43 -1.84
CA GLU B 617 -25.38 -9.22 -3.27
C GLU B 617 -23.93 -9.29 -3.72
N LYS B 618 -23.03 -8.72 -2.91
CA LYS B 618 -21.62 -8.81 -3.22
C LYS B 618 -21.10 -10.22 -3.04
N LEU B 619 -21.68 -10.97 -2.11
CA LEU B 619 -21.40 -12.39 -2.07
C LEU B 619 -21.99 -13.09 -3.28
N ALA B 620 -23.28 -12.83 -3.57
CA ALA B 620 -23.95 -13.55 -4.65
C ALA B 620 -23.39 -13.18 -6.01
N GLU B 621 -22.77 -12.00 -6.12
CA GLU B 621 -22.02 -11.71 -7.33
C GLU B 621 -20.77 -12.55 -7.40
N ILE B 622 -20.07 -12.70 -6.28
CA ILE B 622 -18.83 -13.44 -6.36
C ILE B 622 -19.09 -14.94 -6.25
N ALA B 623 -20.25 -15.35 -5.71
CA ALA B 623 -20.48 -16.76 -5.45
C ALA B 623 -20.66 -17.54 -6.75
N LEU B 624 -21.32 -16.94 -7.73
CA LEU B 624 -21.40 -17.59 -9.02
C LEU B 624 -20.28 -17.18 -9.93
N GLN B 625 -19.43 -16.25 -9.52
CA GLN B 625 -18.18 -16.06 -10.22
C GLN B 625 -17.24 -17.22 -9.94
N PHE B 626 -17.32 -17.81 -8.76
CA PHE B 626 -16.62 -19.06 -8.53
C PHE B 626 -17.24 -20.21 -9.32
N ALA B 627 -18.50 -20.07 -9.72
CA ALA B 627 -19.16 -21.20 -10.36
C ALA B 627 -18.71 -21.36 -11.80
N ARG B 628 -18.48 -20.26 -12.51
CA ARG B 628 -18.13 -20.39 -13.91
C ARG B 628 -16.63 -20.53 -14.12
N GLU B 629 -15.88 -19.53 -13.67
CA GLU B 629 -14.45 -19.49 -13.91
C GLU B 629 -13.69 -20.64 -13.27
N ALA B 630 -14.14 -21.12 -12.11
CA ALA B 630 -13.50 -22.26 -11.48
C ALA B 630 -14.22 -23.58 -11.72
N GLY B 631 -15.43 -23.55 -12.26
CA GLY B 631 -16.17 -24.78 -12.47
C GLY B 631 -16.67 -25.39 -11.17
N LEU B 632 -17.18 -24.57 -10.26
CA LEU B 632 -17.65 -25.08 -8.98
C LEU B 632 -18.91 -25.91 -9.12
N THR B 633 -19.77 -25.56 -10.07
CA THR B 633 -21.08 -26.18 -10.20
C THR B 633 -21.14 -27.10 -11.41
N ARG B 634 -20.11 -27.91 -11.62
CA ARG B 634 -20.13 -28.81 -12.75
C ARG B 634 -21.01 -30.04 -12.54
N LEU B 635 -21.68 -30.17 -11.40
CA LEU B 635 -22.63 -31.27 -11.22
C LEU B 635 -24.05 -30.81 -11.46
N LYS B 636 -24.36 -29.57 -11.08
CA LYS B 636 -25.53 -28.76 -11.39
C LYS B 636 -26.82 -29.22 -10.73
N GLY B 637 -26.91 -30.48 -10.31
CA GLY B 637 -28.02 -30.89 -9.49
C GLY B 637 -27.54 -31.96 -8.56
N GLU B 638 -26.32 -32.41 -8.82
CA GLU B 638 -25.73 -33.52 -8.11
C GLU B 638 -24.64 -33.07 -7.16
N THR B 639 -24.51 -31.76 -6.96
CA THR B 639 -23.60 -31.27 -5.95
C THR B 639 -24.15 -31.63 -4.57
N ASP B 640 -23.24 -31.68 -3.60
CA ASP B 640 -23.63 -32.17 -2.28
C ASP B 640 -24.34 -31.07 -1.51
N TYR B 641 -24.62 -31.34 -0.24
CA TYR B 641 -25.61 -30.58 0.50
C TYR B 641 -25.11 -29.20 0.88
N VAL B 642 -23.81 -29.05 1.08
CA VAL B 642 -23.28 -27.76 1.50
C VAL B 642 -23.27 -26.77 0.36
N LEU B 643 -22.67 -27.15 -0.77
CA LEU B 643 -22.61 -26.26 -1.93
C LEU B 643 -23.99 -26.02 -2.51
N SER B 644 -24.95 -26.89 -2.23
CA SER B 644 -26.31 -26.67 -2.69
C SER B 644 -26.94 -25.48 -1.99
N ASN B 645 -27.06 -25.54 -0.68
CA ASN B 645 -27.88 -24.58 0.01
C ASN B 645 -27.16 -23.28 0.33
N VAL B 646 -25.83 -23.31 0.38
CA VAL B 646 -25.09 -22.06 0.53
C VAL B 646 -25.24 -21.20 -0.70
N LEU B 647 -25.13 -21.80 -1.87
CA LEU B 647 -25.50 -21.09 -3.09
C LEU B 647 -26.97 -20.73 -3.10
N ASP B 648 -27.82 -21.63 -2.62
CA ASP B 648 -29.23 -21.30 -2.50
C ASP B 648 -29.47 -20.29 -1.40
N GLY B 649 -28.54 -20.18 -0.44
CA GLY B 649 -28.64 -19.09 0.52
C GLY B 649 -28.34 -17.75 -0.12
N LEU B 650 -27.44 -17.74 -1.10
CA LEU B 650 -27.08 -16.47 -1.72
C LEU B 650 -27.90 -16.21 -2.98
N ILE B 651 -28.22 -17.25 -3.73
CA ILE B 651 -29.07 -17.13 -4.90
C ILE B 651 -30.46 -17.60 -4.50
N GLY B 652 -31.41 -16.67 -4.47
CA GLY B 652 -32.71 -16.94 -3.90
C GLY B 652 -33.55 -17.92 -4.70
N ASP B 653 -33.69 -17.68 -6.01
CA ASP B 653 -34.48 -18.57 -6.83
C ASP B 653 -33.79 -19.90 -7.11
N GLY B 654 -32.49 -19.97 -6.87
CA GLY B 654 -31.75 -21.20 -7.14
C GLY B 654 -31.63 -21.51 -8.61
N SER B 655 -31.52 -20.49 -9.46
CA SER B 655 -31.48 -20.67 -10.90
C SER B 655 -30.09 -20.92 -11.42
N TRP B 656 -29.18 -21.37 -10.58
CA TRP B 656 -27.81 -21.62 -10.99
C TRP B 656 -27.64 -22.99 -11.64
N ARG B 657 -28.73 -23.74 -11.82
CA ARG B 657 -28.64 -25.08 -12.39
C ARG B 657 -28.16 -25.04 -13.83
N ALA B 658 -28.77 -24.20 -14.66
CA ALA B 658 -28.36 -24.01 -16.04
C ALA B 658 -27.95 -22.57 -16.28
N GLY B 659 -27.13 -22.35 -17.30
CA GLY B 659 -26.63 -21.02 -17.59
C GLY B 659 -25.12 -20.81 -17.65
N PRO B 660 -24.32 -21.35 -16.72
CA PRO B 660 -22.87 -21.26 -16.89
C PRO B 660 -22.32 -22.20 -17.94
N ALA B 661 -23.10 -23.18 -18.39
CA ALA B 661 -22.60 -24.14 -19.36
C ALA B 661 -22.53 -23.57 -20.77
N TYR B 662 -23.41 -22.63 -21.10
CA TYR B 662 -23.46 -22.10 -22.46
C TYR B 662 -22.37 -21.06 -22.67
N GLU B 663 -21.76 -21.07 -23.86
CA GLU B 663 -20.66 -20.15 -24.15
C GLU B 663 -20.68 -19.64 -25.60
N SER B 664 -21.76 -19.93 -26.35
CA SER B 664 -22.02 -19.41 -27.70
C SER B 664 -20.90 -19.77 -28.68
N TYR B 665 -20.83 -21.08 -28.97
CA TYR B 665 -19.71 -21.69 -29.68
C TYR B 665 -19.51 -21.19 -31.10
N LEU B 666 -20.45 -21.45 -32.01
CA LEU B 666 -20.21 -21.24 -33.43
C LEU B 666 -21.27 -20.35 -34.05
N ASN B 667 -20.81 -19.26 -34.65
CA ASN B 667 -21.66 -18.34 -35.40
C ASN B 667 -20.76 -17.52 -36.31
N LYS B 668 -21.04 -17.53 -37.61
CA LYS B 668 -20.28 -16.76 -38.59
C LYS B 668 -21.24 -15.96 -39.46
N PRO B 669 -21.64 -14.76 -39.01
CA PRO B 669 -22.53 -13.90 -39.81
C PRO B 669 -21.77 -13.00 -40.78
N GLY B 670 -20.92 -13.59 -41.60
CA GLY B 670 -20.17 -12.79 -42.57
C GLY B 670 -19.06 -13.57 -43.23
N VAL B 671 -17.93 -12.87 -43.41
CA VAL B 671 -16.82 -13.34 -44.22
C VAL B 671 -15.97 -14.36 -43.47
N ASP B 672 -15.03 -14.97 -44.19
CA ASP B 672 -14.09 -15.95 -43.66
C ASP B 672 -12.93 -15.29 -42.92
N ARG B 673 -11.83 -16.03 -42.74
CA ARG B 673 -10.63 -15.53 -42.08
C ARG B 673 -10.10 -14.26 -42.75
N VAL B 674 -9.64 -13.32 -41.93
CA VAL B 674 -9.55 -11.93 -42.36
C VAL B 674 -8.13 -11.44 -42.65
N ILE B 675 -7.10 -12.14 -42.16
CA ILE B 675 -5.68 -11.74 -42.21
C ILE B 675 -5.46 -10.36 -41.57
N PRO C 514 22.31 42.49 29.73
CA PRO C 514 21.32 43.56 29.94
C PRO C 514 19.95 43.00 30.27
N PHE C 515 19.64 41.81 29.76
CA PHE C 515 18.42 41.09 30.08
C PHE C 515 18.73 39.88 30.95
N SER C 516 19.63 40.04 31.90
CA SER C 516 20.02 38.95 32.78
C SER C 516 18.88 38.57 33.71
N GLY C 517 18.96 37.37 34.26
CA GLY C 517 17.91 36.86 35.10
C GLY C 517 16.65 36.49 34.36
N LEU C 518 16.74 36.18 33.08
CA LEU C 518 15.58 35.91 32.25
C LEU C 518 15.72 34.52 31.64
N LYS C 519 14.61 33.79 31.58
CA LYS C 519 14.67 32.43 31.07
C LYS C 519 13.34 32.05 30.45
N PHE C 520 13.34 30.88 29.81
CA PHE C 520 12.23 30.40 29.00
C PHE C 520 11.91 28.98 29.45
N LYS C 521 10.73 28.50 29.11
CA LYS C 521 10.42 27.10 29.39
C LYS C 521 10.84 26.24 28.21
N GLN C 522 11.23 25.00 28.53
CA GLN C 522 11.73 24.09 27.51
C GLN C 522 10.57 23.61 26.64
N ASN C 523 10.89 23.33 25.38
CA ASN C 523 9.98 22.73 24.41
C ASN C 523 8.73 23.58 24.21
N SER C 524 8.90 24.88 24.28
CA SER C 524 7.76 25.78 24.27
C SER C 524 7.17 25.96 22.89
N PHE C 525 7.83 25.47 21.85
CA PHE C 525 7.45 25.79 20.50
C PHE C 525 7.07 24.59 19.66
N LEU C 526 7.03 23.40 20.26
CA LEU C 526 6.79 22.19 19.48
C LEU C 526 5.37 22.12 18.94
N SER C 527 4.42 22.76 19.61
CA SER C 527 3.08 22.77 19.08
C SER C 527 2.95 23.73 17.92
N THR C 528 3.88 24.67 17.80
CA THR C 528 3.73 25.75 16.84
C THR C 528 4.31 25.40 15.48
N VAL C 529 5.35 24.59 15.44
CA VAL C 529 6.00 24.23 14.18
C VAL C 529 5.05 23.35 13.36
N PRO C 530 4.74 23.73 12.14
CA PRO C 530 3.74 23.00 11.36
C PRO C 530 4.32 21.71 10.79
N SER C 531 3.44 20.93 10.18
CA SER C 531 3.85 19.70 9.55
C SER C 531 4.60 20.00 8.27
N VAL C 532 5.32 19.00 7.77
CA VAL C 532 6.13 19.20 6.59
C VAL C 532 5.25 19.29 5.35
N THR C 533 4.15 18.52 5.31
CA THR C 533 3.20 18.65 4.22
C THR C 533 2.47 19.98 4.24
N ASN C 534 2.37 20.61 5.41
CA ASN C 534 1.83 21.95 5.44
C ASN C 534 2.79 22.93 4.81
N MET C 535 4.06 22.86 5.17
CA MET C 535 4.99 23.86 4.68
C MET C 535 5.42 23.59 3.24
N HIS C 536 4.97 22.50 2.63
CA HIS C 536 5.08 22.35 1.19
C HIS C 536 3.86 22.96 0.50
N SER C 537 3.47 24.16 0.90
CA SER C 537 2.34 24.83 0.31
C SER C 537 2.81 26.01 -0.50
N MET C 538 2.08 26.31 -1.55
CA MET C 538 2.34 27.48 -2.35
C MET C 538 1.67 28.73 -1.81
N HIS C 539 0.59 28.59 -1.05
CA HIS C 539 0.08 29.68 -0.22
C HIS C 539 0.52 29.48 1.23
N PHE C 540 1.83 29.57 1.41
CA PHE C 540 2.41 29.42 2.73
C PHE C 540 3.47 30.52 2.84
N ASP C 541 3.04 31.69 3.27
CA ASP C 541 3.97 32.80 3.44
C ASP C 541 4.80 32.51 4.68
N ALA C 542 6.00 31.96 4.45
CA ALA C 542 6.80 31.36 5.50
C ALA C 542 7.36 32.38 6.48
N ARG C 543 7.27 33.67 6.18
CA ARG C 543 7.78 34.68 7.09
C ARG C 543 6.98 34.70 8.39
N GLU C 544 5.68 35.00 8.30
CA GLU C 544 4.89 35.24 9.49
C GLU C 544 4.56 33.96 10.25
N THR C 545 4.86 32.81 9.68
CA THR C 545 4.75 31.59 10.48
C THR C 545 6.08 31.15 11.04
N PHE C 546 7.20 31.63 10.49
CA PHE C 546 8.46 31.37 11.17
C PHE C 546 8.66 32.33 12.32
N LEU C 547 8.33 33.61 12.11
CA LEU C 547 8.30 34.55 13.21
C LEU C 547 7.34 34.12 14.29
N GLY C 548 6.20 33.54 13.90
CA GLY C 548 5.26 33.01 14.86
C GLY C 548 5.81 31.83 15.64
N VAL C 549 6.77 31.11 15.07
CA VAL C 549 7.50 30.14 15.86
C VAL C 549 8.46 30.84 16.80
N ILE C 550 9.18 31.84 16.29
CA ILE C 550 10.14 32.58 17.11
C ILE C 550 9.44 33.39 18.18
N ARG C 551 8.21 33.84 17.88
CA ARG C 551 7.39 34.49 18.89
C ARG C 551 7.07 33.55 20.04
N LYS C 552 6.63 32.34 19.72
CA LYS C 552 6.27 31.39 20.75
C LYS C 552 7.51 30.83 21.43
N ALA C 553 8.58 30.64 20.66
CA ALA C 553 9.79 30.05 21.24
C ALA C 553 10.47 31.02 22.19
N LEU C 554 10.26 32.31 22.00
CA LEU C 554 10.85 33.30 22.89
C LEU C 554 9.88 33.75 23.96
N GLU C 555 8.79 33.01 24.18
CA GLU C 555 7.86 33.33 25.25
C GLU C 555 8.55 33.17 26.60
N PRO C 556 8.70 34.24 27.38
CA PRO C 556 9.50 34.16 28.61
C PRO C 556 8.78 33.36 29.68
N ASP C 557 9.52 32.48 30.34
CA ASP C 557 8.94 31.69 31.40
C ASP C 557 8.61 32.57 32.59
N THR C 558 7.53 32.22 33.30
CA THR C 558 7.03 33.04 34.39
C THR C 558 7.96 33.07 35.59
N SER C 559 8.96 32.20 35.63
CA SER C 559 9.94 32.22 36.70
C SER C 559 10.86 33.43 36.61
N THR C 560 10.86 34.15 35.49
CA THR C 560 11.63 35.37 35.42
C THR C 560 10.94 36.43 36.26
N PRO C 561 11.70 37.33 36.87
CA PRO C 561 11.07 38.40 37.65
C PRO C 561 10.41 39.41 36.74
N PHE C 562 9.53 40.20 37.35
CA PHE C 562 8.70 41.13 36.59
C PHE C 562 9.44 42.24 35.86
N PRO C 563 10.35 43.03 36.48
CA PRO C 563 10.84 44.21 35.76
C PRO C 563 11.77 43.88 34.60
N VAL C 564 12.28 42.65 34.53
CA VAL C 564 12.94 42.23 33.31
C VAL C 564 11.96 41.55 32.37
N ARG C 565 10.77 41.19 32.86
CA ARG C 565 9.82 40.49 32.01
C ARG C 565 9.08 41.47 31.09
N ARG C 566 8.50 42.51 31.67
CA ARG C 566 7.69 43.40 30.85
C ARG C 566 8.54 44.33 29.99
N ALA C 567 9.82 44.45 30.29
CA ALA C 567 10.70 45.18 29.37
C ALA C 567 11.02 44.35 28.14
N PHE C 568 11.36 43.09 28.33
CA PHE C 568 11.64 42.20 27.21
C PHE C 568 10.39 41.88 26.42
N ASP C 569 9.25 41.79 27.09
CA ASP C 569 7.98 41.73 26.37
C ASP C 569 7.69 43.05 25.69
N GLY C 570 8.08 44.16 26.32
CA GLY C 570 7.85 45.46 25.72
C GLY C 570 8.75 45.73 24.54
N LEU C 571 9.90 45.06 24.48
CA LEU C 571 10.72 45.15 23.28
C LEU C 571 10.10 44.34 22.16
N ARG C 572 9.34 43.32 22.51
CA ARG C 572 8.86 42.37 21.52
C ARG C 572 7.73 42.93 20.68
N ALA C 573 6.80 43.66 21.29
CA ALA C 573 5.57 44.06 20.62
C ALA C 573 5.82 45.06 19.49
N GLU C 574 6.95 45.75 19.51
CA GLU C 574 7.36 46.57 18.37
C GLU C 574 8.41 45.86 17.52
N ILE C 575 8.71 44.60 17.81
CA ILE C 575 9.63 43.80 17.01
C ILE C 575 8.94 42.57 16.45
N LEU C 576 8.28 41.79 17.29
CA LEU C 576 7.56 40.61 16.80
C LEU C 576 6.09 40.77 17.13
N PRO C 577 5.33 41.47 16.30
CA PRO C 577 3.92 41.67 16.59
C PRO C 577 3.11 40.42 16.28
N ASN C 578 1.86 40.45 16.70
CA ASN C 578 0.94 39.33 16.47
C ASN C 578 0.09 39.51 15.22
N ASP C 579 -0.38 40.72 14.96
CA ASP C 579 -1.27 40.95 13.85
C ASP C 579 -0.52 40.90 12.52
N THR C 580 -1.24 40.46 11.48
CA THR C 580 -0.64 40.37 10.16
C THR C 580 -0.47 41.73 9.51
N ILE C 581 -1.08 42.78 10.06
CA ILE C 581 -0.88 44.11 9.53
C ILE C 581 0.32 44.79 10.21
N LYS C 582 0.66 44.39 11.44
CA LYS C 582 1.81 45.00 12.10
C LYS C 582 3.11 44.48 11.53
N SER C 583 3.19 43.17 11.26
CA SER C 583 4.39 42.62 10.66
C SER C 583 4.53 43.05 9.21
N ALA C 584 3.40 43.25 8.52
CA ALA C 584 3.45 43.86 7.20
C ALA C 584 3.85 45.32 7.29
N ALA C 585 3.51 46.00 8.37
CA ALA C 585 4.03 47.34 8.59
C ALA C 585 5.48 47.28 9.02
N LEU C 586 5.87 46.18 9.67
CA LEU C 586 7.26 46.02 10.12
C LEU C 586 8.21 45.92 8.94
N LYS C 587 7.80 45.23 7.89
CA LYS C 587 8.63 45.09 6.69
C LYS C 587 8.82 46.43 5.98
N ALA C 588 7.91 47.38 6.21
CA ALA C 588 7.98 48.66 5.53
C ALA C 588 9.22 49.47 5.94
N GLN C 589 9.57 49.47 7.21
CA GLN C 589 10.81 50.13 7.56
C GLN C 589 12.02 49.24 7.36
N CYS C 590 11.82 47.96 7.04
CA CYS C 590 12.96 47.11 6.77
C CYS C 590 13.60 47.43 5.42
N SER C 591 12.90 48.16 4.56
CA SER C 591 13.51 48.57 3.29
C SER C 591 14.49 49.71 3.49
N ASP C 592 14.29 50.52 4.53
CA ASP C 592 15.13 51.69 4.82
C ASP C 592 15.56 51.66 6.28
N ILE C 593 16.13 50.52 6.69
CA ILE C 593 16.52 50.27 8.07
C ILE C 593 17.62 51.22 8.55
N ASP C 594 18.35 51.84 7.62
CA ASP C 594 19.31 52.87 8.01
C ASP C 594 18.61 54.11 8.54
N LYS C 595 17.45 54.44 8.00
CA LYS C 595 16.75 55.63 8.41
C LYS C 595 15.89 55.43 9.66
N HIS C 596 15.91 54.23 10.24
CA HIS C 596 15.22 53.97 11.50
C HIS C 596 16.21 53.35 12.47
N PRO C 597 17.05 54.17 13.10
CA PRO C 597 18.13 53.59 13.90
C PRO C 597 17.67 53.01 15.22
N GLU C 598 16.72 53.66 15.89
CA GLU C 598 16.40 53.30 17.27
C GLU C 598 15.67 51.97 17.34
N LEU C 599 14.95 51.59 16.28
CA LEU C 599 14.42 50.24 16.25
C LEU C 599 15.44 49.27 15.68
N LYS C 600 16.30 49.75 14.80
CA LYS C 600 17.36 48.91 14.26
C LYS C 600 18.38 48.58 15.34
N ALA C 601 18.66 49.53 16.22
CA ALA C 601 19.61 49.27 17.29
C ALA C 601 19.01 48.35 18.35
N LYS C 602 17.69 48.40 18.55
CA LYS C 602 17.09 47.49 19.51
C LYS C 602 16.94 46.08 18.98
N MET C 603 17.18 45.86 17.69
CA MET C 603 17.02 44.53 17.16
C MET C 603 18.20 43.64 17.55
N GLU C 604 19.41 44.19 17.53
CA GLU C 604 20.59 43.38 17.87
C GLU C 604 20.61 42.98 19.33
N THR C 605 19.88 43.71 20.17
CA THR C 605 19.68 43.25 21.54
C THR C 605 18.95 41.92 21.56
N LEU C 606 17.90 41.80 20.75
CA LEU C 606 17.16 40.55 20.67
C LEU C 606 18.01 39.48 20.01
N LYS C 607 18.85 39.88 19.05
CA LYS C 607 19.80 38.96 18.45
C LYS C 607 20.79 38.45 19.48
N GLU C 608 21.16 39.30 20.43
CA GLU C 608 22.02 38.85 21.51
C GLU C 608 21.29 37.89 22.44
N VAL C 609 19.99 38.11 22.63
CA VAL C 609 19.19 37.24 23.50
C VAL C 609 19.07 35.86 22.88
N ILE C 610 18.68 35.79 21.61
CA ILE C 610 18.50 34.50 20.96
C ILE C 610 19.82 33.81 20.67
N THR C 611 20.93 34.53 20.78
CA THR C 611 22.22 33.85 20.72
C THR C 611 22.42 32.98 21.94
N HIS C 612 22.03 33.47 23.11
CA HIS C 612 22.16 32.71 24.34
C HIS C 612 20.89 31.96 24.69
N HIS C 613 20.09 31.61 23.70
CA HIS C 613 18.90 30.84 23.95
C HIS C 613 19.28 29.41 24.28
N PRO C 614 18.69 28.82 25.31
CA PRO C 614 19.17 27.50 25.78
C PRO C 614 18.81 26.36 24.85
N GLN C 615 17.85 26.54 23.96
CA GLN C 615 17.51 25.53 22.97
C GLN C 615 17.87 26.05 21.59
N LYS C 616 19.06 26.64 21.49
CA LYS C 616 19.50 27.25 20.25
C LYS C 616 19.64 26.22 19.15
N GLU C 617 20.23 25.07 19.47
CA GLU C 617 20.48 24.04 18.47
C GLU C 617 19.18 23.45 17.96
N LYS C 618 18.22 23.25 18.86
CA LYS C 618 16.92 22.76 18.44
C LYS C 618 16.16 23.81 17.67
N LEU C 619 16.38 25.09 17.98
CA LEU C 619 15.88 26.13 17.12
C LEU C 619 16.62 26.13 15.79
N ALA C 620 17.96 26.10 15.83
CA ALA C 620 18.74 26.21 14.61
C ALA C 620 18.57 24.99 13.73
N GLU C 621 18.19 23.85 14.30
CA GLU C 621 17.80 22.73 13.48
C GLU C 621 16.48 23.01 12.80
N ILE C 622 15.52 23.58 13.52
CA ILE C 622 14.24 23.78 12.89
C ILE C 622 14.23 25.06 12.08
N ALA C 623 15.15 26.00 12.35
CA ALA C 623 15.09 27.30 11.69
C ALA C 623 15.44 27.19 10.22
N LEU C 624 16.39 26.34 9.88
CA LEU C 624 16.67 26.13 8.48
C LEU C 624 15.86 24.97 7.91
N GLN C 625 15.10 24.27 8.75
CA GLN C 625 14.09 23.39 8.20
C GLN C 625 12.95 24.20 7.61
N PHE C 626 12.66 25.36 8.19
CA PHE C 626 11.73 26.27 7.53
C PHE C 626 12.33 26.86 6.27
N ALA C 627 13.65 26.85 6.14
CA ALA C 627 14.26 27.53 5.01
C ALA C 627 14.13 26.71 3.74
N ARG C 628 14.25 25.39 3.84
CA ARG C 628 14.22 24.59 2.63
C ARG C 628 12.80 24.18 2.26
N GLU C 629 12.14 23.47 3.16
CA GLU C 629 10.82 22.91 2.87
C GLU C 629 9.76 23.97 2.60
N ALA C 630 9.85 25.13 3.24
CA ALA C 630 8.91 26.20 2.98
C ALA C 630 9.45 27.27 2.04
N GLY C 631 10.74 27.26 1.73
CA GLY C 631 11.32 28.29 0.89
C GLY C 631 11.39 29.63 1.57
N LEU C 632 11.82 29.66 2.83
CA LEU C 632 11.88 30.93 3.56
C LEU C 632 12.99 31.82 3.05
N THR C 633 14.09 31.23 2.60
CA THR C 633 15.28 31.98 2.23
C THR C 633 15.47 32.01 0.72
N ARG C 634 14.41 32.24 -0.03
CA ARG C 634 14.55 32.29 -1.48
C ARG C 634 15.14 33.59 -2.00
N LEU C 635 15.50 34.52 -1.12
CA LEU C 635 16.20 35.72 -1.57
C LEU C 635 17.70 35.61 -1.36
N LYS C 636 18.09 34.96 -0.26
CA LYS C 636 19.42 34.46 0.09
C LYS C 636 20.43 35.54 0.44
N GLY C 637 20.23 36.77 0.00
CA GLY C 637 21.04 37.87 0.49
C GLY C 637 20.18 39.10 0.52
N GLU C 638 19.01 38.98 -0.08
CA GLU C 638 18.11 40.09 -0.26
C GLU C 638 16.92 39.99 0.66
N THR C 639 16.94 39.07 1.62
CA THR C 639 15.91 39.04 2.63
C THR C 639 16.07 40.24 3.54
N ASP C 640 14.97 40.61 4.18
CA ASP C 640 14.95 41.85 4.94
C ASP C 640 15.63 41.63 6.30
N TYR C 641 15.56 42.66 7.14
CA TYR C 641 16.46 42.77 8.27
C TYR C 641 16.12 41.79 9.38
N VAL C 642 14.84 41.44 9.52
CA VAL C 642 14.43 40.55 10.61
C VAL C 642 14.84 39.12 10.32
N LEU C 643 14.47 38.60 9.15
CA LEU C 643 14.83 37.23 8.79
C LEU C 643 16.32 37.07 8.60
N SER C 644 17.05 38.17 8.37
CA SER C 644 18.49 38.09 8.26
C SER C 644 19.11 37.74 9.59
N ASN C 645 18.92 38.59 10.60
CA ASN C 645 19.71 38.46 11.80
C ASN C 645 19.15 37.45 12.79
N VAL C 646 17.85 37.14 12.69
CA VAL C 646 17.30 36.07 13.52
C VAL C 646 17.86 34.73 13.10
N LEU C 647 17.94 34.49 11.79
CA LEU C 647 18.68 33.33 11.31
C LEU C 647 20.15 33.44 11.64
N ASP C 648 20.71 34.64 11.55
CA ASP C 648 22.09 34.84 11.96
C ASP C 648 22.23 34.74 13.47
N GLY C 649 21.15 34.98 14.21
CA GLY C 649 21.18 34.72 15.64
C GLY C 649 21.24 33.24 15.94
N LEU C 650 20.61 32.42 15.11
CA LEU C 650 20.62 30.99 15.36
C LEU C 650 21.73 30.28 14.62
N ILE C 651 22.05 30.73 13.42
CA ILE C 651 23.15 30.19 12.65
C ILE C 651 24.31 31.16 12.80
N GLY C 652 25.36 30.69 13.48
CA GLY C 652 26.45 31.58 13.86
C GLY C 652 27.28 32.09 12.70
N ASP C 653 27.75 31.19 11.85
CA ASP C 653 28.57 31.62 10.72
C ASP C 653 27.75 32.30 9.62
N GLY C 654 26.44 32.16 9.65
CA GLY C 654 25.60 32.74 8.62
C GLY C 654 25.78 32.10 7.27
N SER C 655 26.03 30.79 7.22
CA SER C 655 26.30 30.09 5.98
C SER C 655 25.04 29.61 5.30
N TRP C 656 23.91 30.20 5.60
CA TRP C 656 22.64 29.80 5.01
C TRP C 656 22.41 30.43 3.65
N ARG C 657 23.38 31.18 3.13
CA ARG C 657 23.22 31.87 1.85
C ARG C 657 23.09 30.88 0.71
N ALA C 658 24.00 29.92 0.62
CA ALA C 658 23.95 28.87 -0.38
C ALA C 658 23.86 27.50 0.30
N GLY C 659 23.33 26.52 -0.44
CA GLY C 659 23.12 25.19 0.11
C GLY C 659 21.72 24.60 0.06
N PRO C 660 20.66 25.35 0.39
CA PRO C 660 19.31 24.79 0.18
C PRO C 660 18.88 24.75 -1.27
N ALA C 661 19.58 25.47 -2.16
CA ALA C 661 19.18 25.51 -3.56
C ALA C 661 19.53 24.23 -4.31
N TYR C 662 20.59 23.55 -3.92
CA TYR C 662 21.04 22.37 -4.64
C TYR C 662 20.20 21.16 -4.26
N GLU C 663 19.89 20.32 -5.25
CA GLU C 663 19.05 19.15 -5.02
C GLU C 663 19.49 17.93 -5.82
N SER C 664 20.65 18.00 -6.50
CA SER C 664 21.29 16.88 -7.20
C SER C 664 20.38 16.31 -8.31
N TYR C 665 20.18 17.12 -9.34
CA TYR C 665 19.17 16.89 -10.36
C TYR C 665 19.38 15.62 -11.18
N LEU C 666 20.46 15.56 -11.98
CA LEU C 666 20.59 14.50 -12.98
C LEU C 666 21.89 13.74 -12.82
N ASN C 667 21.76 12.42 -12.66
CA ASN C 667 22.90 11.51 -12.60
C ASN C 667 22.37 10.12 -12.89
N LYS C 668 22.94 9.45 -13.88
CA LYS C 668 22.55 8.08 -14.25
C LYS C 668 23.80 7.22 -14.36
N PRO C 669 24.27 6.66 -13.22
CA PRO C 669 25.45 5.78 -13.25
C PRO C 669 25.08 4.31 -13.51
N GLY C 670 24.36 4.07 -14.60
CA GLY C 670 24.00 2.70 -14.92
C GLY C 670 22.95 2.61 -16.02
N VAL C 671 22.03 1.67 -15.83
CA VAL C 671 21.06 1.26 -16.84
C VAL C 671 19.91 2.26 -16.96
N ASP C 672 19.08 2.07 -17.98
CA ASP C 672 17.90 2.88 -18.26
C ASP C 672 16.72 2.49 -17.37
N ARG C 673 15.52 2.88 -17.78
CA ARG C 673 14.29 2.55 -17.06
C ARG C 673 14.13 1.04 -16.85
N VAL C 674 13.65 0.67 -15.67
CA VAL C 674 13.88 -0.68 -15.15
C VAL C 674 12.66 -1.59 -15.21
N ILE C 675 11.46 -1.04 -15.34
CA ILE C 675 10.16 -1.75 -15.25
C ILE C 675 10.02 -2.52 -13.93
N PRO D 514 44.13 -23.49 -62.41
CA PRO D 514 44.26 -22.04 -62.23
C PRO D 514 42.91 -21.34 -62.31
N PHE D 515 42.00 -21.90 -63.10
CA PHE D 515 40.64 -21.41 -63.20
C PHE D 515 39.67 -22.38 -62.53
N SER D 516 40.07 -22.91 -61.38
CA SER D 516 39.25 -23.87 -60.67
C SER D 516 38.00 -23.20 -60.10
N GLY D 517 37.00 -24.02 -59.78
CA GLY D 517 35.74 -23.49 -59.30
C GLY D 517 34.92 -22.80 -60.36
N LEU D 518 35.12 -23.14 -61.63
CA LEU D 518 34.45 -22.48 -62.73
C LEU D 518 33.68 -23.50 -63.55
N LYS D 519 32.48 -23.13 -63.98
CA LYS D 519 31.66 -24.08 -64.72
C LYS D 519 30.74 -23.34 -65.67
N PHE D 520 30.06 -24.12 -66.51
CA PHE D 520 29.26 -23.64 -67.61
C PHE D 520 27.89 -24.28 -67.52
N LYS D 521 26.90 -23.71 -68.20
CA LYS D 521 25.61 -24.35 -68.27
C LYS D 521 25.55 -25.29 -69.46
N GLN D 522 24.79 -26.38 -69.31
CA GLN D 522 24.71 -27.38 -70.34
C GLN D 522 23.89 -26.87 -71.52
N ASN D 523 24.25 -27.34 -72.72
CA ASN D 523 23.52 -27.09 -73.96
C ASN D 523 23.45 -25.60 -74.25
N SER D 524 24.51 -24.88 -73.90
CA SER D 524 24.48 -23.44 -74.00
C SER D 524 24.65 -22.94 -75.42
N PHE D 525 24.98 -23.80 -76.36
CA PHE D 525 25.38 -23.38 -77.68
C PHE D 525 24.49 -23.91 -78.79
N LEU D 526 23.41 -24.61 -78.45
CA LEU D 526 22.60 -25.25 -79.48
C LEU D 526 21.84 -24.24 -80.32
N SER D 527 21.55 -23.07 -79.77
CA SER D 527 20.89 -22.06 -80.57
C SER D 527 21.86 -21.41 -81.53
N THR D 528 23.15 -21.52 -81.26
CA THR D 528 24.14 -20.75 -82.01
C THR D 528 24.61 -21.49 -83.25
N VAL D 529 24.66 -22.81 -83.21
CA VAL D 529 25.15 -23.60 -84.34
C VAL D 529 24.16 -23.49 -85.50
N PRO D 530 24.60 -23.06 -86.67
CA PRO D 530 23.67 -22.81 -87.77
C PRO D 530 23.23 -24.11 -88.42
N SER D 531 22.29 -23.97 -89.35
CA SER D 531 21.81 -25.11 -90.10
C SER D 531 22.86 -25.56 -91.10
N VAL D 532 22.68 -26.78 -91.60
CA VAL D 532 23.67 -27.32 -92.52
C VAL D 532 23.56 -26.65 -93.88
N THR D 533 22.34 -26.31 -94.30
CA THR D 533 22.17 -25.56 -95.54
C THR D 533 22.70 -24.15 -95.43
N ASN D 534 22.77 -23.60 -94.22
CA ASN D 534 23.43 -22.32 -94.05
C ASN D 534 24.92 -22.45 -94.26
N MET D 535 25.54 -23.45 -93.65
CA MET D 535 26.99 -23.55 -93.72
C MET D 535 27.46 -24.12 -95.05
N HIS D 536 26.55 -24.52 -95.93
CA HIS D 536 26.92 -24.76 -97.33
C HIS D 536 26.83 -23.48 -98.14
N SER D 537 27.37 -22.38 -97.62
CA SER D 537 27.34 -21.12 -98.31
C SER D 537 28.74 -20.75 -98.76
N MET D 538 28.81 -20.06 -99.87
CA MET D 538 30.08 -19.55 -100.36
C MET D 538 30.44 -18.20 -99.75
N HIS D 539 29.46 -17.43 -99.28
CA HIS D 539 29.71 -16.30 -98.41
C HIS D 539 29.42 -16.69 -96.97
N PHE D 540 30.23 -17.62 -96.49
CA PHE D 540 30.10 -18.10 -95.11
C PHE D 540 31.52 -18.19 -94.57
N ASP D 541 32.00 -17.08 -94.03
CA ASP D 541 33.34 -17.07 -93.46
C ASP D 541 33.28 -17.83 -92.15
N ALA D 542 33.66 -19.10 -92.20
CA ALA D 542 33.41 -20.05 -91.12
C ALA D 542 34.22 -19.78 -89.87
N ARG D 543 35.21 -18.90 -89.94
CA ARG D 543 36.00 -18.58 -88.76
C ARG D 543 35.16 -17.89 -87.70
N GLU D 544 34.63 -16.71 -88.02
CA GLU D 544 33.98 -15.90 -87.00
C GLU D 544 32.62 -16.43 -86.59
N THR D 545 32.10 -17.43 -87.29
CA THR D 545 30.91 -18.09 -86.78
C THR D 545 31.23 -19.36 -86.01
N PHE D 546 32.42 -19.93 -86.21
CA PHE D 546 32.80 -21.03 -85.34
C PHE D 546 33.30 -20.51 -84.00
N LEU D 547 34.11 -19.44 -84.04
CA LEU D 547 34.48 -18.75 -82.82
C LEU D 547 33.26 -18.24 -82.07
N GLY D 548 32.26 -17.77 -82.82
CA GLY D 548 31.01 -17.34 -82.19
C GLY D 548 30.25 -18.48 -81.56
N VAL D 549 30.47 -19.71 -82.03
CA VAL D 549 29.95 -20.85 -81.29
C VAL D 549 30.80 -21.07 -80.04
N ILE D 550 32.11 -21.01 -80.17
CA ILE D 550 33.01 -21.24 -79.05
C ILE D 550 32.87 -20.11 -78.03
N ARG D 551 32.56 -18.91 -78.49
CA ARG D 551 32.24 -17.81 -77.60
C ARG D 551 31.02 -18.12 -76.75
N LYS D 552 29.95 -18.57 -77.38
CA LYS D 552 28.74 -18.86 -76.65
C LYS D 552 28.88 -20.14 -75.83
N ALA D 553 29.61 -21.12 -76.37
CA ALA D 553 29.74 -22.38 -75.65
C ALA D 553 30.60 -22.23 -74.42
N LEU D 554 31.48 -21.24 -74.39
CA LEU D 554 32.32 -21.02 -73.23
C LEU D 554 31.75 -19.92 -72.33
N GLU D 555 30.49 -19.56 -72.50
CA GLU D 555 29.85 -18.60 -71.61
C GLU D 555 29.78 -19.16 -70.21
N PRO D 556 30.43 -18.55 -69.23
CA PRO D 556 30.51 -19.14 -67.89
C PRO D 556 29.17 -19.05 -67.17
N ASP D 557 28.77 -20.15 -66.54
CA ASP D 557 27.52 -20.17 -65.81
C ASP D 557 27.64 -19.28 -64.57
N THR D 558 26.52 -18.66 -64.20
CA THR D 558 26.52 -17.69 -63.12
C THR D 558 26.75 -18.31 -61.76
N SER D 559 26.70 -19.64 -61.65
CA SER D 559 27.03 -20.33 -60.41
C SER D 559 28.50 -20.25 -60.07
N THR D 560 29.35 -19.85 -61.01
CA THR D 560 30.75 -19.64 -60.68
C THR D 560 30.87 -18.39 -59.82
N PRO D 561 31.83 -18.36 -58.89
CA PRO D 561 32.01 -17.15 -58.09
C PRO D 561 32.61 -16.04 -58.92
N PHE D 562 32.49 -14.84 -58.38
CA PHE D 562 32.90 -13.64 -59.13
C PHE D 562 34.39 -13.53 -59.44
N PRO D 563 35.33 -13.68 -58.50
CA PRO D 563 36.72 -13.33 -58.86
C PRO D 563 37.37 -14.30 -59.82
N VAL D 564 36.79 -15.49 -60.01
CA VAL D 564 37.22 -16.34 -61.11
C VAL D 564 36.39 -16.06 -62.36
N ARG D 565 35.26 -15.37 -62.22
CA ARG D 565 34.42 -15.13 -63.38
C ARG D 565 34.95 -14.00 -64.23
N ARG D 566 35.21 -12.84 -63.62
CA ARG D 566 35.61 -11.69 -64.41
C ARG D 566 37.05 -11.79 -64.87
N ALA D 567 37.84 -12.67 -64.28
CA ALA D 567 39.18 -12.92 -64.82
C ALA D 567 39.12 -13.75 -66.09
N PHE D 568 38.33 -14.82 -66.06
CA PHE D 568 38.16 -15.66 -67.24
C PHE D 568 37.39 -14.95 -68.33
N ASP D 569 36.44 -14.10 -67.97
CA ASP D 569 35.83 -13.22 -68.95
C ASP D 569 36.82 -12.18 -69.41
N GLY D 570 37.70 -11.73 -68.52
CA GLY D 570 38.70 -10.75 -68.89
C GLY D 570 39.78 -11.31 -69.78
N LEU D 571 40.01 -12.62 -69.70
CA LEU D 571 40.91 -13.26 -70.65
C LEU D 571 40.26 -13.37 -72.01
N ARG D 572 38.94 -13.42 -72.04
CA ARG D 572 38.22 -13.71 -73.28
C ARG D 572 38.20 -12.53 -74.23
N ALA D 573 37.99 -11.32 -73.70
CA ALA D 573 37.75 -10.16 -74.54
C ALA D 573 38.95 -9.77 -75.38
N GLU D 574 40.15 -10.19 -74.99
CA GLU D 574 41.32 -10.03 -75.83
C GLU D 574 41.69 -11.33 -76.54
N ILE D 575 40.85 -12.36 -76.44
CA ILE D 575 41.04 -13.61 -77.14
C ILE D 575 39.87 -13.91 -78.07
N LEU D 576 38.66 -13.86 -77.55
CA LEU D 576 37.49 -14.11 -78.39
C LEU D 576 36.62 -12.86 -78.39
N PRO D 577 36.92 -11.88 -79.22
CA PRO D 577 36.12 -10.65 -79.22
C PRO D 577 34.79 -10.86 -79.92
N ASN D 578 33.93 -9.86 -79.81
CA ASN D 578 32.62 -9.89 -80.44
C ASN D 578 32.59 -9.20 -81.78
N ASP D 579 33.28 -8.06 -81.90
CA ASP D 579 33.22 -7.29 -83.13
C ASP D 579 34.02 -7.95 -84.24
N THR D 580 33.56 -7.75 -85.48
CA THR D 580 34.23 -8.33 -86.62
C THR D 580 35.53 -7.61 -86.95
N ILE D 581 35.77 -6.44 -86.36
CA ILE D 581 37.04 -5.77 -86.57
C ILE D 581 38.07 -6.22 -85.53
N LYS D 582 37.63 -6.66 -84.36
CA LYS D 582 38.59 -7.12 -83.36
C LYS D 582 39.16 -8.48 -83.72
N SER D 583 38.31 -9.40 -84.19
CA SER D 583 38.80 -10.70 -84.61
C SER D 583 39.63 -10.59 -85.88
N ALA D 584 39.29 -9.64 -86.75
CA ALA D 584 40.15 -9.36 -87.89
C ALA D 584 41.45 -8.73 -87.45
N ALA D 585 41.44 -7.96 -86.36
CA ALA D 585 42.68 -7.48 -85.78
C ALA D 585 43.39 -8.62 -85.06
N LEU D 586 42.63 -9.59 -84.55
CA LEU D 586 43.23 -10.71 -83.85
C LEU D 586 44.07 -11.57 -84.78
N LYS D 587 43.61 -11.75 -86.02
CA LYS D 587 44.35 -12.55 -86.99
C LYS D 587 45.66 -11.87 -87.39
N ALA D 588 45.75 -10.54 -87.18
CA ALA D 588 46.94 -9.80 -87.58
C ALA D 588 48.16 -10.21 -86.77
N GLN D 589 48.01 -10.40 -85.47
CA GLN D 589 49.16 -10.91 -84.73
C GLN D 589 49.29 -12.41 -84.83
N CYS D 590 48.32 -13.10 -85.42
CA CYS D 590 48.45 -14.53 -85.59
C CYS D 590 49.46 -14.88 -86.67
N SER D 591 49.83 -13.93 -87.52
CA SER D 591 50.86 -14.19 -88.51
C SER D 591 52.25 -14.20 -87.89
N ASP D 592 52.44 -13.47 -86.80
CA ASP D 592 53.72 -13.35 -86.11
C ASP D 592 53.55 -13.62 -84.62
N ILE D 593 52.92 -14.76 -84.32
CA ILE D 593 52.58 -15.15 -82.96
C ILE D 593 53.82 -15.36 -82.08
N ASP D 594 54.99 -15.56 -82.67
CA ASP D 594 56.22 -15.61 -81.90
C ASP D 594 56.57 -14.25 -81.32
N LYS D 595 56.27 -13.18 -82.03
CA LYS D 595 56.61 -11.85 -81.57
C LYS D 595 55.57 -11.27 -80.61
N HIS D 596 54.53 -12.02 -80.28
CA HIS D 596 53.55 -11.60 -79.27
C HIS D 596 53.42 -12.71 -78.24
N PRO D 597 54.36 -12.79 -77.30
CA PRO D 597 54.36 -13.95 -76.39
C PRO D 597 53.27 -13.89 -75.34
N GLU D 598 52.99 -12.72 -74.79
CA GLU D 598 52.12 -12.64 -73.62
C GLU D 598 50.68 -12.95 -73.96
N LEU D 599 50.26 -12.69 -75.20
CA LEU D 599 48.94 -13.16 -75.60
C LEU D 599 49.00 -14.59 -76.09
N LYS D 600 50.14 -14.98 -76.66
CA LYS D 600 50.31 -16.36 -77.10
C LYS D 600 50.38 -17.29 -75.90
N ALA D 601 51.00 -16.84 -74.81
CA ALA D 601 51.08 -17.69 -73.63
C ALA D 601 49.73 -17.77 -72.93
N LYS D 602 48.90 -16.73 -73.03
CA LYS D 602 47.60 -16.80 -72.40
C LYS D 602 46.61 -17.62 -73.21
N MET D 603 46.96 -18.01 -74.42
CA MET D 603 46.03 -18.78 -75.23
C MET D 603 45.98 -20.23 -74.76
N GLU D 604 47.13 -20.81 -74.40
CA GLU D 604 47.14 -22.20 -73.97
C GLU D 604 46.44 -22.40 -72.64
N THR D 605 46.30 -21.34 -71.86
CA THR D 605 45.45 -21.41 -70.68
C THR D 605 44.01 -21.70 -71.08
N LEU D 606 43.51 -21.02 -72.11
CA LEU D 606 42.16 -21.27 -72.58
C LEU D 606 42.07 -22.64 -73.23
N LYS D 607 43.15 -23.07 -73.87
CA LYS D 607 43.21 -24.42 -74.42
C LYS D 607 43.15 -25.45 -73.31
N GLU D 608 43.74 -25.14 -72.16
CA GLU D 608 43.61 -26.03 -71.02
C GLU D 608 42.19 -26.03 -70.48
N VAL D 609 41.51 -24.89 -70.55
CA VAL D 609 40.14 -24.81 -70.05
C VAL D 609 39.21 -25.64 -70.92
N ILE D 610 39.30 -25.45 -72.24
CA ILE D 610 38.41 -26.17 -73.15
C ILE D 610 38.79 -27.63 -73.26
N THR D 611 39.95 -28.03 -72.77
CA THR D 611 40.26 -29.44 -72.68
C THR D 611 39.38 -30.10 -71.63
N HIS D 612 39.17 -29.43 -70.51
CA HIS D 612 38.34 -29.95 -69.43
C HIS D 612 36.91 -29.45 -69.53
N HIS D 613 36.45 -29.11 -70.73
CA HIS D 613 35.08 -28.68 -70.89
C HIS D 613 34.16 -29.88 -70.75
N PRO D 614 33.05 -29.77 -70.00
CA PRO D 614 32.25 -30.94 -69.71
C PRO D 614 31.45 -31.47 -70.88
N GLN D 615 31.25 -30.67 -71.92
CA GLN D 615 30.59 -31.10 -73.14
C GLN D 615 31.59 -31.11 -74.27
N LYS D 616 32.77 -31.64 -74.00
CA LYS D 616 33.85 -31.64 -74.97
C LYS D 616 33.49 -32.48 -76.18
N GLU D 617 32.90 -33.65 -75.95
CA GLU D 617 32.57 -34.55 -77.05
C GLU D 617 31.50 -33.96 -77.94
N LYS D 618 30.51 -33.32 -77.33
CA LYS D 618 29.47 -32.67 -78.11
C LYS D 618 30.01 -31.45 -78.83
N LEU D 619 30.99 -30.78 -78.23
CA LEU D 619 31.72 -29.76 -78.98
C LEU D 619 32.54 -30.40 -80.08
N ALA D 620 33.32 -31.43 -79.75
CA ALA D 620 34.24 -32.02 -80.73
C ALA D 620 33.48 -32.73 -81.84
N GLU D 621 32.25 -33.14 -81.58
CA GLU D 621 31.40 -33.61 -82.67
C GLU D 621 31.01 -32.46 -83.57
N ILE D 622 30.64 -31.32 -82.98
CA ILE D 622 30.19 -30.24 -83.84
C ILE D 622 31.37 -29.45 -84.36
N ALA D 623 32.54 -29.54 -83.73
CA ALA D 623 33.66 -28.68 -84.12
C ALA D 623 34.21 -29.08 -85.47
N LEU D 624 34.26 -30.39 -85.75
CA LEU D 624 34.67 -30.81 -87.07
C LEU D 624 33.48 -30.96 -88.00
N GLN D 625 32.27 -30.78 -87.51
CA GLN D 625 31.15 -30.62 -88.43
C GLN D 625 31.22 -29.25 -89.09
N PHE D 626 31.75 -28.26 -88.38
CA PHE D 626 32.05 -26.99 -89.04
C PHE D 626 33.20 -27.12 -90.01
N ALA D 627 34.05 -28.15 -89.84
CA ALA D 627 35.24 -28.24 -90.66
C ALA D 627 34.92 -28.73 -92.06
N ARG D 628 33.98 -29.67 -92.18
CA ARG D 628 33.72 -30.23 -93.50
C ARG D 628 32.65 -29.44 -94.24
N GLU D 629 31.46 -29.33 -93.67
CA GLU D 629 30.34 -28.70 -94.33
C GLU D 629 30.57 -27.22 -94.62
N ALA D 630 31.29 -26.52 -93.77
CA ALA D 630 31.59 -25.11 -94.03
C ALA D 630 32.98 -24.89 -94.62
N GLY D 631 33.84 -25.89 -94.62
CA GLY D 631 35.19 -25.72 -95.11
C GLY D 631 36.04 -24.86 -94.20
N LEU D 632 35.96 -25.10 -92.89
CA LEU D 632 36.72 -24.30 -91.94
C LEU D 632 38.21 -24.61 -92.02
N THR D 633 38.56 -25.84 -92.31
CA THR D 633 39.95 -26.28 -92.26
C THR D 633 40.52 -26.49 -93.65
N ARG D 634 40.26 -25.57 -94.57
CA ARG D 634 40.79 -25.71 -95.91
C ARG D 634 42.26 -25.36 -96.02
N LEU D 635 42.94 -24.99 -94.94
CA LEU D 635 44.37 -24.77 -94.99
C LEU D 635 45.14 -25.97 -94.46
N LYS D 636 44.57 -26.63 -93.45
CA LYS D 636 44.92 -27.95 -92.92
C LYS D 636 46.24 -28.01 -92.16
N GLY D 637 47.15 -27.09 -92.39
CA GLY D 637 48.31 -26.98 -91.54
C GLY D 637 48.70 -25.52 -91.47
N GLU D 638 48.07 -24.75 -92.33
CA GLU D 638 48.39 -23.34 -92.48
C GLU D 638 47.34 -22.45 -91.89
N THR D 639 46.39 -23.02 -91.14
CA THR D 639 45.45 -22.20 -90.41
C THR D 639 46.18 -21.50 -89.27
N ASP D 640 45.60 -20.38 -88.83
CA ASP D 640 46.29 -19.54 -87.87
C ASP D 640 46.15 -20.13 -86.48
N TYR D 641 46.63 -19.38 -85.49
CA TYR D 641 46.93 -19.94 -84.18
C TYR D 641 45.68 -20.24 -83.38
N VAL D 642 44.60 -19.49 -83.60
CA VAL D 642 43.39 -19.70 -82.82
C VAL D 642 42.66 -20.95 -83.27
N LEU D 643 42.38 -21.05 -84.57
CA LEU D 643 41.69 -22.23 -85.09
C LEU D 643 42.53 -23.48 -84.98
N SER D 644 43.85 -23.33 -84.82
CA SER D 644 44.70 -24.49 -84.63
C SER D 644 44.44 -25.13 -83.27
N ASN D 645 44.66 -24.38 -82.21
CA ASN D 645 44.69 -25.01 -80.89
C ASN D 645 43.33 -25.18 -80.27
N VAL D 646 42.34 -24.39 -80.71
CA VAL D 646 40.98 -24.61 -80.24
C VAL D 646 40.45 -25.94 -80.77
N LEU D 647 40.69 -26.22 -82.04
CA LEU D 647 40.41 -27.55 -82.57
C LEU D 647 41.30 -28.58 -81.89
N ASP D 648 42.56 -28.24 -81.63
CA ASP D 648 43.42 -29.16 -80.89
C ASP D 648 43.00 -29.24 -79.43
N GLY D 649 42.30 -28.23 -78.93
CA GLY D 649 41.72 -28.36 -77.60
C GLY D 649 40.58 -29.34 -77.58
N LEU D 650 39.82 -29.43 -78.66
CA LEU D 650 38.68 -30.33 -78.69
C LEU D 650 39.06 -31.68 -79.28
N ILE D 651 39.93 -31.69 -80.28
CA ILE D 651 40.42 -32.92 -80.88
C ILE D 651 41.80 -33.18 -80.30
N GLY D 652 41.90 -34.24 -79.50
CA GLY D 652 43.11 -34.48 -78.72
C GLY D 652 44.33 -34.84 -79.55
N ASP D 653 44.19 -35.82 -80.44
CA ASP D 653 45.32 -36.23 -81.26
C ASP D 653 45.64 -35.23 -82.35
N GLY D 654 44.73 -34.32 -82.65
CA GLY D 654 44.95 -33.36 -83.71
C GLY D 654 44.97 -33.97 -85.08
N SER D 655 44.17 -35.01 -85.31
CA SER D 655 44.16 -35.73 -86.57
C SER D 655 43.24 -35.11 -87.60
N TRP D 656 42.90 -33.84 -87.45
CA TRP D 656 42.01 -33.17 -88.38
C TRP D 656 42.72 -32.66 -89.61
N ARG D 657 44.02 -32.93 -89.75
CA ARG D 657 44.80 -32.43 -90.87
C ARG D 657 44.32 -33.03 -92.19
N ALA D 658 44.18 -34.35 -92.24
CA ALA D 658 43.66 -35.05 -93.41
C ALA D 658 42.39 -35.82 -93.04
N GLY D 659 41.56 -36.07 -94.04
CA GLY D 659 40.30 -36.75 -93.82
C GLY D 659 39.01 -36.07 -94.29
N PRO D 660 38.83 -34.76 -94.07
CA PRO D 660 37.66 -34.10 -94.67
C PRO D 660 37.79 -33.87 -96.16
N ALA D 661 38.99 -33.99 -96.72
CA ALA D 661 39.19 -33.72 -98.14
C ALA D 661 38.66 -34.85 -99.02
N TYR D 662 38.70 -36.09 -98.54
CA TYR D 662 38.30 -37.22 -99.36
C TYR D 662 36.77 -37.34 -99.40
N GLU D 663 36.25 -37.69 -100.58
CA GLU D 663 34.80 -37.80 -100.76
C GLU D 663 34.40 -38.96 -101.67
N SER D 664 35.34 -39.83 -102.04
CA SER D 664 35.12 -41.08 -102.79
C SER D 664 34.44 -40.82 -104.14
N TYR D 665 35.23 -40.18 -105.02
CA TYR D 665 34.73 -39.61 -106.28
C TYR D 665 34.16 -40.64 -107.25
N LEU D 666 34.99 -41.53 -107.79
CA LEU D 666 34.58 -42.36 -108.91
C LEU D 666 34.75 -43.85 -108.61
N ASN D 667 33.66 -44.58 -108.74
CA ASN D 667 33.65 -46.04 -108.61
C ASN D 667 32.38 -46.55 -109.25
N LYS D 668 32.52 -47.46 -110.21
CA LYS D 668 31.37 -48.06 -110.90
C LYS D 668 31.52 -49.58 -110.88
N PRO D 669 31.07 -50.24 -109.81
CA PRO D 669 31.14 -51.71 -109.74
C PRO D 669 29.91 -52.38 -110.34
N GLY D 670 29.60 -52.05 -111.59
CA GLY D 670 28.45 -52.67 -112.24
C GLY D 670 28.06 -51.98 -113.52
N VAL D 671 26.76 -51.88 -113.73
CA VAL D 671 26.16 -51.46 -115.00
C VAL D 671 26.24 -49.95 -115.17
N ASP D 672 25.89 -49.48 -116.37
CA ASP D 672 25.85 -48.07 -116.74
C ASP D 672 24.58 -47.39 -116.22
N ARG D 673 24.26 -46.24 -116.82
CA ARG D 673 23.06 -45.47 -116.47
C ARG D 673 21.79 -46.31 -116.58
N VAL D 674 20.88 -46.13 -115.62
CA VAL D 674 19.87 -47.14 -115.34
C VAL D 674 18.47 -46.81 -115.83
N ILE D 675 18.18 -45.54 -116.12
CA ILE D 675 16.85 -45.01 -116.46
C ILE D 675 15.81 -45.31 -115.37
N THR E 7 20.62 -5.58 78.76
CA THR E 7 21.00 -4.79 79.92
C THR E 7 20.68 -3.32 79.69
N THR E 8 21.23 -2.78 78.60
CA THR E 8 21.04 -1.39 78.28
C THR E 8 19.60 -1.14 77.84
N ALA E 9 19.19 0.11 77.91
CA ALA E 9 17.85 0.48 77.50
C ALA E 9 17.86 1.07 76.11
N LEU E 10 16.74 0.93 75.42
CA LEU E 10 16.53 1.63 74.17
C LEU E 10 15.62 2.83 74.41
N VAL E 11 15.90 3.92 73.70
CA VAL E 11 15.03 5.08 73.67
C VAL E 11 14.65 5.32 72.23
N CYS E 12 13.36 5.36 71.97
CA CYS E 12 12.88 5.49 70.60
C CYS E 12 11.75 6.51 70.58
N ASP E 13 12.12 7.73 70.23
CA ASP E 13 11.16 8.81 70.08
C ASP E 13 10.24 8.49 68.91
N ASN E 14 8.97 8.27 69.20
CA ASN E 14 7.97 8.10 68.17
C ASN E 14 7.74 9.46 67.54
N GLY E 15 8.59 9.80 66.57
CA GLY E 15 8.45 11.05 65.88
C GLY E 15 7.21 11.06 65.01
N SER E 16 6.56 12.21 64.94
CA SER E 16 5.42 12.35 64.05
C SER E 16 5.86 12.37 62.61
N GLY E 17 7.08 12.81 62.33
CA GLY E 17 7.58 12.75 60.98
C GLY E 17 8.81 11.87 60.79
N LEU E 18 9.69 11.84 61.78
CA LEU E 18 10.93 11.10 61.68
C LEU E 18 11.14 10.30 62.95
N VAL E 19 11.13 8.99 62.84
CA VAL E 19 11.34 8.14 64.00
C VAL E 19 12.81 8.19 64.37
N LYS E 20 13.10 8.68 65.57
CA LYS E 20 14.46 8.77 66.07
C LYS E 20 14.65 7.71 67.13
N ALA E 21 15.74 6.96 67.04
CA ALA E 21 15.90 5.82 67.93
C ALA E 21 17.38 5.61 68.22
N GLY E 22 17.64 4.89 69.30
CA GLY E 22 18.99 4.57 69.68
C GLY E 22 19.03 4.00 71.08
N PHE E 23 20.24 3.77 71.55
CA PHE E 23 20.45 3.18 72.85
C PHE E 23 20.53 4.25 73.92
N ALA E 24 20.39 3.83 75.17
CA ALA E 24 20.52 4.76 76.28
C ALA E 24 21.99 5.13 76.47
N GLY E 25 22.22 6.34 76.94
CA GLY E 25 23.56 6.80 77.19
C GLY E 25 24.37 7.12 75.97
N ASP E 26 23.82 6.97 74.77
CA ASP E 26 24.52 7.34 73.56
C ASP E 26 24.29 8.82 73.29
N ASP E 27 25.29 9.47 72.70
CA ASP E 27 25.16 10.90 72.45
C ASP E 27 24.23 11.16 71.28
N ALA E 28 24.48 10.49 70.16
CA ALA E 28 23.65 10.65 68.98
C ALA E 28 22.69 9.48 68.88
N PRO E 29 21.49 9.68 68.33
CA PRO E 29 20.61 8.55 68.09
C PRO E 29 21.18 7.68 67.00
N ARG E 30 20.93 6.38 67.13
CA ARG E 30 21.60 5.42 66.26
C ARG E 30 21.10 5.52 64.84
N ALA E 31 19.79 5.56 64.67
CA ALA E 31 19.23 5.55 63.33
C ALA E 31 18.02 6.47 63.30
N VAL E 32 17.98 7.34 62.32
CA VAL E 32 16.88 8.26 62.12
C VAL E 32 16.32 8.00 60.73
N PHE E 33 15.06 7.65 60.65
CA PHE E 33 14.46 7.36 59.37
C PHE E 33 13.07 7.96 59.38
N PRO E 34 12.55 8.38 58.23
CA PRO E 34 11.23 9.01 58.22
C PRO E 34 10.13 8.02 58.49
N SER E 35 9.11 8.49 59.19
CA SER E 35 8.01 7.64 59.63
C SER E 35 7.00 7.46 58.51
N ILE E 36 7.42 6.74 57.48
CA ILE E 36 6.61 6.58 56.29
C ILE E 36 6.44 5.10 56.03
N VAL E 37 5.20 4.64 55.97
CA VAL E 37 4.91 3.33 55.43
C VAL E 37 4.27 3.57 54.08
N GLY E 38 4.48 2.63 53.16
CA GLY E 38 3.94 2.83 51.83
C GLY E 38 3.62 1.56 51.09
N ARG E 39 2.44 1.49 50.58
CA ARG E 39 2.04 0.40 49.72
C ARG E 39 2.34 0.78 48.29
N PRO E 40 2.67 -0.17 47.42
CA PRO E 40 2.78 0.16 46.01
C PRO E 40 1.43 0.36 45.38
N ARG E 41 1.43 0.92 44.18
CA ARG E 41 0.17 1.31 43.56
C ARG E 41 0.13 1.07 42.06
N HIS E 42 0.84 0.05 41.57
CA HIS E 42 0.89 -0.18 40.14
C HIS E 42 0.88 -1.67 39.85
N GLN E 43 1.23 -2.02 38.61
CA GLN E 43 0.99 -3.35 38.09
C GLN E 43 1.96 -4.37 38.66
N GLY E 44 3.25 -4.16 38.47
CA GLY E 44 4.18 -5.17 38.92
C GLY E 44 4.19 -6.37 38.00
N VAL E 45 4.41 -6.11 36.71
CA VAL E 45 4.40 -7.21 35.75
C VAL E 45 5.69 -8.01 35.77
N MET E 46 6.70 -7.56 36.49
CA MET E 46 7.82 -8.42 36.77
C MET E 46 7.37 -9.53 37.72
N VAL E 47 8.08 -10.64 37.66
CA VAL E 47 7.72 -11.82 38.42
C VAL E 47 8.52 -11.92 39.71
N GLY E 48 9.72 -11.37 39.74
CA GLY E 48 10.56 -11.58 40.90
C GLY E 48 10.46 -10.46 41.90
N MET E 49 10.34 -9.24 41.41
CA MET E 49 10.38 -8.06 42.25
C MET E 49 9.02 -7.66 42.78
N GLY E 50 8.00 -8.46 42.55
CA GLY E 50 6.67 -8.16 43.03
C GLY E 50 6.44 -8.44 44.50
N GLN E 51 7.42 -8.96 45.21
CA GLN E 51 7.26 -9.26 46.62
C GLN E 51 7.48 -7.99 47.44
N LYS E 52 7.39 -8.12 48.77
CA LYS E 52 7.53 -7.03 49.74
C LYS E 52 6.49 -5.94 49.45
N ASP E 53 5.24 -6.32 49.71
CA ASP E 53 4.08 -5.52 49.38
C ASP E 53 3.85 -4.32 50.29
N SER E 54 4.78 -3.98 51.16
CA SER E 54 4.63 -2.79 52.00
C SER E 54 6.01 -2.33 52.40
N TYR E 55 6.52 -1.31 51.74
CA TYR E 55 7.81 -0.76 52.09
C TYR E 55 7.63 0.26 53.19
N VAL E 56 8.65 0.41 54.03
CA VAL E 56 8.58 1.30 55.17
C VAL E 56 9.96 1.86 55.44
N GLY E 57 10.03 3.13 55.78
CA GLY E 57 11.29 3.73 56.17
C GLY E 57 12.07 4.29 55.01
N ASP E 58 13.38 4.08 55.04
CA ASP E 58 14.24 4.61 53.99
C ASP E 58 14.02 3.91 52.67
N GLU E 59 13.72 2.62 52.70
CA GLU E 59 13.46 1.93 51.44
C GLU E 59 12.14 2.36 50.84
N ALA E 60 11.22 2.87 51.64
CA ALA E 60 10.06 3.53 51.06
C ALA E 60 10.40 4.92 50.61
N GLN E 61 11.46 5.51 51.17
CA GLN E 61 11.83 6.86 50.78
C GLN E 61 12.48 6.86 49.42
N SER E 62 13.37 5.90 49.17
CA SER E 62 14.05 5.86 47.89
C SER E 62 13.11 5.41 46.80
N LYS E 63 12.20 4.51 47.12
CA LYS E 63 11.28 3.97 46.15
C LYS E 63 9.97 4.72 46.11
N ARG E 64 10.00 6.00 46.41
CA ARG E 64 8.78 6.75 46.67
C ARG E 64 7.96 7.04 45.43
N GLY E 65 8.47 6.74 44.24
CA GLY E 65 7.73 7.09 43.05
C GLY E 65 6.60 6.16 42.70
N ILE E 66 6.62 4.94 43.23
CA ILE E 66 5.60 3.95 42.92
C ILE E 66 4.78 3.60 44.14
N LEU E 67 4.88 4.37 45.19
CA LEU E 67 4.21 4.07 46.44
C LEU E 67 3.19 5.14 46.79
N THR E 68 2.17 4.73 47.53
CA THR E 68 1.31 5.70 48.20
C THR E 68 1.85 5.89 49.61
N LEU E 69 2.63 6.93 49.79
CA LEU E 69 3.30 7.15 51.07
C LEU E 69 2.28 7.70 52.05
N LYS E 70 2.08 6.99 53.15
CA LYS E 70 1.15 7.45 54.15
C LYS E 70 1.84 7.47 55.51
N TYR E 71 1.43 8.41 56.33
CA TYR E 71 2.02 8.48 57.65
C TYR E 71 1.13 7.76 58.65
N PRO E 72 1.71 6.98 59.55
CA PRO E 72 0.90 6.36 60.59
C PRO E 72 0.47 7.31 61.67
N ILE E 73 1.21 8.38 61.91
CA ILE E 73 0.90 9.33 62.99
C ILE E 73 0.54 10.65 62.36
N GLU E 74 -0.65 11.15 62.66
CA GLU E 74 -0.93 12.52 62.31
C GLU E 74 -1.35 13.28 63.54
N GLY E 76 0.33 14.07 66.01
CA GLY E 76 0.83 13.45 67.22
C GLY E 76 -0.01 12.28 67.71
N ILE E 77 -1.09 12.01 67.03
CA ILE E 77 -1.97 10.92 67.41
C ILE E 77 -1.73 9.74 66.50
N ILE E 78 -1.43 8.60 67.06
CA ILE E 78 -1.19 7.41 66.26
C ILE E 78 -2.52 6.91 65.73
N THR E 79 -2.68 6.93 64.42
CA THR E 79 -3.96 6.53 63.84
C THR E 79 -3.97 5.08 63.40
N ASN E 80 -3.08 4.70 62.50
CA ASN E 80 -3.12 3.38 61.89
C ASN E 80 -2.24 2.45 62.70
N TRP E 81 -2.85 1.73 63.63
CA TRP E 81 -2.08 0.88 64.51
C TRP E 81 -1.53 -0.35 63.82
N ASP E 82 -2.15 -0.74 62.71
CA ASP E 82 -1.60 -1.85 61.95
C ASP E 82 -0.26 -1.47 61.33
N ASP E 83 -0.18 -0.25 60.80
CA ASP E 83 1.10 0.17 60.25
C ASP E 83 2.07 0.54 61.34
N MET E 84 1.58 0.89 62.52
CA MET E 84 2.49 1.34 63.55
C MET E 84 3.24 0.16 64.15
N GLU E 85 2.67 -1.04 64.06
CA GLU E 85 3.44 -2.22 64.37
C GLU E 85 4.55 -2.41 63.35
N LYS E 86 4.23 -2.14 62.10
CA LYS E 86 5.17 -2.41 61.02
C LYS E 86 6.36 -1.48 61.11
N ILE E 87 6.17 -0.28 61.63
CA ILE E 87 7.32 0.60 61.70
C ILE E 87 8.14 0.28 62.92
N TRP E 88 7.54 -0.17 64.01
CA TRP E 88 8.34 -0.50 65.17
C TRP E 88 9.07 -1.80 64.98
N HIS E 89 8.50 -2.70 64.20
CA HIS E 89 9.22 -3.91 63.84
C HIS E 89 10.39 -3.57 62.94
N HIS E 90 10.28 -2.50 62.17
CA HIS E 90 11.41 -2.07 61.37
C HIS E 90 12.49 -1.42 62.21
N THR E 91 12.12 -0.83 63.34
CA THR E 91 13.13 -0.22 64.18
C THR E 91 13.98 -1.28 64.86
N PHE E 92 13.33 -2.21 65.55
CA PHE E 92 14.04 -3.12 66.42
C PHE E 92 14.81 -4.16 65.62
N TYR E 93 14.13 -4.79 64.68
CA TYR E 93 14.74 -5.88 63.96
C TYR E 93 15.53 -5.38 62.76
N ASN E 94 14.93 -4.51 61.97
CA ASN E 94 15.52 -4.23 60.67
C ASN E 94 16.64 -3.21 60.75
N GLU E 95 16.64 -2.30 61.71
CA GLU E 95 17.71 -1.32 61.70
C GLU E 95 18.48 -1.22 63.00
N LEU E 96 17.91 -1.62 64.13
CA LEU E 96 18.73 -1.66 65.33
C LEU E 96 19.29 -3.04 65.57
N ARG E 97 18.65 -4.06 65.01
CA ARG E 97 19.10 -5.45 65.07
C ARG E 97 19.22 -5.92 66.51
N VAL E 98 18.31 -5.49 67.34
CA VAL E 98 18.33 -5.89 68.74
C VAL E 98 17.07 -6.66 69.06
N ALA E 99 17.20 -7.59 69.98
CA ALA E 99 16.05 -8.32 70.45
C ALA E 99 15.25 -7.43 71.38
N PRO E 100 13.99 -7.12 71.08
CA PRO E 100 13.22 -6.25 71.96
C PRO E 100 12.89 -6.89 73.28
N GLU E 101 12.92 -8.22 73.37
CA GLU E 101 12.60 -8.87 74.62
C GLU E 101 13.71 -8.73 75.65
N GLU E 102 14.88 -8.25 75.27
CA GLU E 102 15.98 -8.15 76.22
C GLU E 102 16.19 -6.73 76.71
N HIS E 103 15.95 -5.74 75.88
CA HIS E 103 16.28 -4.42 76.37
C HIS E 103 15.02 -3.65 76.75
N PRO E 104 15.06 -2.86 77.81
CA PRO E 104 13.93 -1.99 78.12
C PRO E 104 13.83 -0.86 77.14
N THR E 105 12.61 -0.42 76.89
CA THR E 105 12.36 0.66 75.95
C THR E 105 11.86 1.89 76.67
N LEU E 106 11.77 2.99 75.92
CA LEU E 106 11.27 4.23 76.49
C LEU E 106 10.61 5.01 75.37
N LEU E 107 9.32 4.85 75.22
CA LEU E 107 8.55 5.56 74.23
C LEU E 107 8.35 6.99 74.69
N THR E 108 8.17 7.90 73.75
CA THR E 108 7.95 9.30 74.06
C THR E 108 6.70 9.77 73.35
N GLU E 109 6.02 10.75 73.92
CA GLU E 109 4.80 11.23 73.27
C GLU E 109 4.53 12.66 73.68
N ALA E 110 3.64 13.28 72.93
CA ALA E 110 3.24 14.66 73.15
C ALA E 110 2.32 14.75 74.35
N PRO E 111 2.26 15.90 75.02
CA PRO E 111 1.24 16.10 76.04
C PRO E 111 -0.10 16.35 75.39
N LEU E 112 -1.14 16.14 76.19
CA LEU E 112 -2.55 16.39 75.82
C LEU E 112 -3.02 15.58 74.63
N ASN E 113 -2.35 14.48 74.31
CA ASN E 113 -2.85 13.56 73.30
C ASN E 113 -3.91 12.69 73.96
N PRO E 114 -4.71 11.93 73.20
CA PRO E 114 -5.74 11.10 73.81
C PRO E 114 -5.15 10.00 74.68
N LYS E 115 -5.98 9.50 75.59
CA LYS E 115 -5.55 8.43 76.46
C LYS E 115 -5.30 7.15 75.70
N ALA E 116 -6.12 6.87 74.69
CA ALA E 116 -5.97 5.65 73.93
C ALA E 116 -4.73 5.66 73.08
N ASN E 117 -4.17 6.84 72.80
CA ASN E 117 -2.86 6.91 72.17
C ASN E 117 -1.79 6.42 73.13
N ARG E 118 -2.05 6.45 74.42
CA ARG E 118 -1.09 5.98 75.38
C ARG E 118 -1.39 4.55 75.81
N GLU E 119 -2.67 4.23 75.98
CA GLU E 119 -3.05 2.91 76.44
C GLU E 119 -2.78 1.85 75.39
N LYS E 120 -3.10 2.15 74.15
CA LYS E 120 -2.82 1.17 73.10
C LYS E 120 -1.33 1.06 72.89
N MET E 121 -0.60 2.14 73.09
CA MET E 121 0.83 2.14 72.83
C MET E 121 1.56 1.26 73.82
N THR E 122 1.07 1.15 75.05
CA THR E 122 1.72 0.22 75.95
C THR E 122 1.21 -1.19 75.75
N GLN E 123 -0.03 -1.34 75.28
CA GLN E 123 -0.57 -2.67 75.09
C GLN E 123 0.04 -3.31 73.87
N ILE E 124 0.41 -2.48 72.89
CA ILE E 124 1.05 -2.97 71.70
C ILE E 124 2.54 -3.09 71.91
N MET E 125 3.03 -2.69 73.07
CA MET E 125 4.44 -2.81 73.36
C MET E 125 4.74 -4.08 74.12
N PHE E 126 3.90 -4.42 75.10
CA PHE E 126 4.07 -5.65 75.85
C PHE E 126 3.50 -6.84 75.11
N GLU E 127 2.22 -6.79 74.76
CA GLU E 127 1.60 -7.95 74.14
C GLU E 127 2.02 -8.18 72.69
N THR E 128 2.90 -7.38 72.13
CA THR E 128 3.45 -7.70 70.83
C THR E 128 4.95 -7.87 70.88
N PHE E 129 5.65 -6.95 71.50
CA PHE E 129 7.10 -6.99 71.45
C PHE E 129 7.73 -7.61 72.68
N ASN E 130 6.97 -7.72 73.77
CA ASN E 130 7.39 -8.39 75.00
C ASN E 130 8.65 -7.77 75.59
N VAL E 131 8.70 -6.45 75.61
CA VAL E 131 9.84 -5.74 76.17
C VAL E 131 9.79 -5.91 77.69
N PRO E 132 10.93 -5.88 78.38
CA PRO E 132 10.90 -6.10 79.83
C PRO E 132 10.24 -4.96 80.58
N ALA E 133 10.58 -3.72 80.25
CA ALA E 133 10.04 -2.59 80.95
C ALA E 133 10.00 -1.41 79.99
N MET E 134 8.97 -0.58 80.13
CA MET E 134 8.83 0.56 79.26
C MET E 134 8.54 1.78 80.11
N TYR E 135 8.60 2.93 79.46
CA TYR E 135 8.22 4.17 80.13
C TYR E 135 7.89 5.19 79.08
N VAL E 136 6.85 5.98 79.35
CA VAL E 136 6.36 6.97 78.40
C VAL E 136 6.67 8.34 78.96
N ALA E 137 7.30 9.19 78.16
CA ALA E 137 7.70 10.50 78.61
C ALA E 137 7.03 11.58 77.78
N ILE E 138 6.71 12.69 78.42
CA ILE E 138 6.29 13.88 77.71
C ILE E 138 7.47 14.39 76.90
N GLN E 139 7.19 14.91 75.70
CA GLN E 139 8.23 15.36 74.79
C GLN E 139 9.12 16.42 75.43
N ALA E 140 8.52 17.55 75.79
CA ALA E 140 9.30 18.72 76.15
C ALA E 140 10.02 18.56 77.47
N VAL E 141 9.51 17.72 78.36
CA VAL E 141 10.22 17.53 79.62
C VAL E 141 11.46 16.70 79.41
N LEU E 142 11.56 15.97 78.30
CA LEU E 142 12.84 15.39 77.96
C LEU E 142 13.79 16.45 77.48
N SER E 143 13.28 17.48 76.83
CA SER E 143 14.15 18.44 76.21
C SER E 143 14.89 19.31 77.21
N LEU E 144 14.41 19.41 78.44
CA LEU E 144 15.20 20.13 79.42
C LEU E 144 16.40 19.33 79.86
N TYR E 145 16.28 18.01 79.85
CA TYR E 145 17.45 17.18 80.12
C TYR E 145 18.51 17.40 79.06
N ALA E 146 18.09 17.65 77.82
CA ALA E 146 19.04 18.03 76.79
C ALA E 146 19.64 19.39 77.07
N SER E 147 18.89 20.27 77.73
CA SER E 147 19.47 21.55 78.08
C SER E 147 20.45 21.42 79.21
N GLY E 148 20.33 20.38 80.02
CA GLY E 148 21.09 20.34 81.25
C GLY E 148 20.66 21.39 82.24
N ARG E 149 19.44 21.87 82.13
CA ARG E 149 18.93 22.93 82.96
C ARG E 149 17.51 22.59 83.36
N THR E 150 17.18 22.89 84.61
CA THR E 150 15.98 22.38 85.25
C THR E 150 14.79 23.32 85.18
N THR E 151 14.87 24.41 84.43
CA THR E 151 13.74 25.31 84.41
C THR E 151 13.59 25.97 83.04
N GLY E 152 12.37 26.40 82.75
CA GLY E 152 12.09 27.12 81.52
C GLY E 152 11.14 26.43 80.58
N ILE E 153 10.34 27.19 79.84
CA ILE E 153 9.34 26.61 78.96
C ILE E 153 10.02 26.11 77.70
N VAL E 154 9.35 25.29 76.91
CA VAL E 154 9.94 24.70 75.73
C VAL E 154 9.00 24.87 74.55
N LEU E 155 9.45 25.57 73.53
CA LEU E 155 8.76 25.63 72.25
C LEU E 155 9.13 24.39 71.46
N ASP E 156 8.50 23.29 71.79
CA ASP E 156 8.80 22.02 71.14
C ASP E 156 7.86 21.87 69.96
N SER E 157 8.33 22.25 68.79
CA SER E 157 7.55 22.18 67.57
C SER E 157 8.09 21.03 66.73
N GLY E 158 7.30 19.99 66.57
CA GLY E 158 7.69 18.84 65.81
C GLY E 158 7.14 18.88 64.40
N ASP E 159 7.08 17.71 63.78
CA ASP E 159 6.47 17.61 62.47
C ASP E 159 4.96 17.62 62.54
N GLY E 160 4.39 17.14 63.64
CA GLY E 160 2.95 16.94 63.71
C GLY E 160 2.22 17.86 64.67
N VAL E 161 2.92 18.36 65.70
CA VAL E 161 2.27 19.19 66.70
C VAL E 161 3.33 20.06 67.35
N THR E 162 2.93 21.25 67.79
CA THR E 162 3.78 22.07 68.65
C THR E 162 3.11 22.23 70.00
N HIS E 163 3.95 22.39 71.03
CA HIS E 163 3.41 22.47 72.37
C HIS E 163 4.41 23.13 73.29
N ASN E 164 3.89 23.76 74.32
CA ASN E 164 4.70 24.45 75.33
C ASN E 164 4.47 23.79 76.68
N VAL E 165 5.53 23.34 77.30
CA VAL E 165 5.42 22.77 78.64
C VAL E 165 6.23 23.66 79.56
N PRO E 166 5.59 24.62 80.21
CA PRO E 166 6.30 25.45 81.17
C PRO E 166 6.62 24.66 82.42
N ILE E 167 7.83 24.86 82.92
CA ILE E 167 8.30 24.08 84.06
C ILE E 167 9.34 24.82 84.86
N TYR E 168 9.10 24.98 86.15
CA TYR E 168 10.06 25.57 87.06
C TYR E 168 10.88 24.44 87.64
N GLU E 169 11.87 24.78 88.48
CA GLU E 169 12.92 23.84 88.84
C GLU E 169 12.37 22.64 89.59
N GLY E 170 12.34 21.55 88.88
CA GLY E 170 11.59 20.38 89.28
C GLY E 170 10.18 20.38 88.75
N TYR E 171 9.40 21.38 89.13
CA TYR E 171 7.96 21.26 89.11
C TYR E 171 7.40 21.86 87.83
N ALA E 172 6.49 21.12 87.20
CA ALA E 172 5.89 21.56 85.96
C ALA E 172 4.61 22.34 86.27
N LEU E 173 4.00 22.88 85.22
CA LEU E 173 2.75 23.62 85.37
C LEU E 173 1.75 22.94 84.45
N PRO E 174 0.99 21.99 84.96
CA PRO E 174 0.15 21.18 84.08
C PRO E 174 -1.00 21.96 83.50
N HIS E 175 -1.51 22.95 84.20
CA HIS E 175 -2.60 23.71 83.64
C HIS E 175 -2.13 24.68 82.58
N ALA E 176 -0.86 25.02 82.57
CA ALA E 176 -0.35 25.99 81.63
C ALA E 176 0.30 25.34 80.42
N ILE E 177 0.14 24.03 80.25
CA ILE E 177 0.64 23.40 79.04
C ILE E 177 -0.28 23.77 77.89
N MET E 178 0.27 24.45 76.89
CA MET E 178 -0.51 24.78 75.72
C MET E 178 0.01 24.00 74.53
N ARG E 179 -0.84 23.83 73.53
CA ARG E 179 -0.56 22.90 72.46
C ARG E 179 -1.33 23.30 71.22
N LEU E 180 -0.62 23.45 70.11
CA LEU E 180 -1.23 23.81 68.85
C LEU E 180 -0.89 22.75 67.82
N ASP E 181 -1.85 22.44 66.96
CA ASP E 181 -1.61 21.41 65.97
C ASP E 181 -0.88 21.91 64.74
N LEU E 182 -0.55 23.20 64.70
CA LEU E 182 0.19 23.72 63.56
C LEU E 182 1.63 23.26 63.65
N ALA E 183 2.11 22.59 62.61
CA ALA E 183 3.48 22.08 62.62
C ALA E 183 3.93 21.87 61.18
N GLY E 184 4.97 21.06 61.01
CA GLY E 184 5.66 20.98 59.74
C GLY E 184 4.81 20.44 58.60
N ARG E 185 3.85 19.58 58.89
CA ARG E 185 2.96 19.16 57.82
C ARG E 185 2.02 20.27 57.43
N ASP E 186 1.56 21.05 58.40
CA ASP E 186 0.78 22.22 58.08
C ASP E 186 1.62 23.27 57.40
N LEU E 187 2.93 23.23 57.60
CA LEU E 187 3.79 24.06 56.78
C LEU E 187 3.89 23.50 55.38
N THR E 188 4.06 22.19 55.27
CA THR E 188 4.24 21.56 53.98
C THR E 188 2.99 21.67 53.13
N ASP E 189 1.82 21.52 53.76
CA ASP E 189 0.59 21.65 53.02
C ASP E 189 0.34 23.08 52.60
N TYR E 190 0.82 24.04 53.37
CA TYR E 190 0.65 25.41 52.93
C TYR E 190 1.67 25.78 51.89
N LEU E 191 2.84 25.14 51.93
CA LEU E 191 3.82 25.41 50.90
C LEU E 191 3.35 24.85 49.58
N MET E 192 2.62 23.74 49.62
CA MET E 192 2.03 23.21 48.40
C MET E 192 0.96 24.13 47.86
N LYS E 193 0.27 24.86 48.72
CA LYS E 193 -0.72 25.79 48.23
C LYS E 193 -0.09 26.98 47.55
N ILE E 194 1.06 27.44 48.04
CA ILE E 194 1.63 28.66 47.49
C ILE E 194 2.64 28.39 46.40
N LEU E 195 3.01 27.15 46.17
CA LEU E 195 3.77 26.87 44.95
C LEU E 195 2.88 26.93 43.73
N THR E 196 1.59 26.68 43.90
CA THR E 196 0.69 26.75 42.77
C THR E 196 0.50 28.16 42.27
N GLU E 197 0.81 29.15 43.09
CA GLU E 197 0.76 30.52 42.61
C GLU E 197 1.88 30.79 41.61
N ARG E 198 2.99 30.09 41.73
CA ARG E 198 4.02 30.15 40.72
C ARG E 198 3.90 29.03 39.71
N GLY E 199 2.80 28.31 39.72
CA GLY E 199 2.58 27.28 38.74
C GLY E 199 3.18 25.94 39.07
N TYR E 200 4.02 25.86 40.08
CA TYR E 200 4.65 24.59 40.42
C TYR E 200 3.62 23.72 41.12
N SER E 201 2.80 23.05 40.34
CA SER E 201 1.74 22.22 40.89
C SER E 201 2.32 20.89 41.31
N PHE E 202 2.51 20.70 42.60
CA PHE E 202 2.94 19.43 43.17
C PHE E 202 1.74 18.80 43.83
N VAL E 203 1.34 17.63 43.35
CA VAL E 203 0.03 17.13 43.72
C VAL E 203 0.13 16.03 44.76
N THR E 204 0.71 14.90 44.41
CA THR E 204 0.51 13.74 45.24
C THR E 204 1.68 13.50 46.16
N THR E 205 1.62 12.37 46.87
CA THR E 205 2.39 12.18 48.08
C THR E 205 3.88 12.08 47.80
N ALA E 206 4.24 11.59 46.62
CA ALA E 206 5.64 11.63 46.23
C ALA E 206 6.10 13.07 46.06
N GLU E 207 5.28 13.90 45.45
CA GLU E 207 5.64 15.31 45.41
C GLU E 207 5.48 15.98 46.76
N ARG E 208 4.63 15.47 47.64
CA ARG E 208 4.54 16.06 48.98
C ARG E 208 5.80 15.80 49.75
N GLU E 209 6.50 14.72 49.43
CA GLU E 209 7.80 14.50 50.01
C GLU E 209 8.81 15.52 49.51
N ILE E 210 8.82 15.78 48.20
CA ILE E 210 9.86 16.67 47.70
C ILE E 210 9.54 18.12 47.99
N VAL E 211 8.31 18.42 48.40
CA VAL E 211 8.03 19.75 48.92
C VAL E 211 8.78 19.96 50.22
N ARG E 212 8.87 18.91 51.04
CA ARG E 212 9.59 19.05 52.29
C ARG E 212 11.08 19.21 52.04
N ASP E 213 11.59 18.61 50.98
CA ASP E 213 12.97 18.86 50.62
C ASP E 213 13.18 20.27 50.13
N ILE E 214 12.16 20.87 49.54
CA ILE E 214 12.25 22.29 49.22
C ILE E 214 12.22 23.09 50.51
N LYS E 215 11.39 22.67 51.44
CA LYS E 215 11.16 23.46 52.64
C LYS E 215 12.37 23.44 53.55
N GLU E 216 12.97 22.27 53.75
CA GLU E 216 14.05 22.19 54.70
C GLU E 216 15.35 22.74 54.15
N LYS E 217 15.44 22.92 52.83
CA LYS E 217 16.68 23.45 52.28
C LYS E 217 16.60 24.93 52.00
N LEU E 218 15.41 25.48 51.85
CA LEU E 218 15.33 26.85 51.38
C LEU E 218 14.66 27.79 52.36
N CYS E 219 13.57 27.37 52.99
CA CYS E 219 12.72 28.30 53.70
C CYS E 219 13.36 28.81 54.99
N TYR E 220 13.45 30.12 55.09
CA TYR E 220 13.88 30.81 56.30
C TYR E 220 12.73 31.65 56.75
N VAL E 221 12.73 32.02 58.01
CA VAL E 221 11.68 32.87 58.54
C VAL E 221 12.23 34.30 58.63
N ALA E 222 11.38 35.27 58.33
CA ALA E 222 11.84 36.65 58.22
C ALA E 222 11.91 37.30 59.59
N LEU E 223 12.82 38.25 59.72
CA LEU E 223 12.94 39.00 60.96
C LEU E 223 11.79 39.98 61.11
N ASP E 224 11.55 40.78 60.08
CA ASP E 224 10.41 41.68 60.04
C ASP E 224 9.64 41.35 58.78
N PHE E 225 8.39 40.90 58.93
CA PHE E 225 7.70 40.28 57.82
C PHE E 225 7.34 41.28 56.74
N GLU E 226 6.82 42.43 57.13
CA GLU E 226 6.35 43.37 56.12
C GLU E 226 7.51 44.05 55.41
N ASN E 227 8.53 44.46 56.18
CA ASN E 227 9.64 45.18 55.57
C ASN E 227 10.49 44.25 54.72
N GLU E 228 10.48 42.96 55.01
CA GLU E 228 11.20 42.05 54.15
C GLU E 228 10.32 41.54 53.02
N MET E 229 9.00 41.61 53.18
CA MET E 229 8.13 41.44 52.03
C MET E 229 8.36 42.53 51.02
N ALA E 230 8.63 43.75 51.48
CA ALA E 230 8.88 44.85 50.56
C ALA E 230 10.19 44.68 49.81
N THR E 231 11.11 43.89 50.34
CA THR E 231 12.29 43.53 49.57
C THR E 231 11.91 42.64 48.41
N ALA E 232 10.93 41.78 48.59
CA ALA E 232 10.47 40.93 47.50
C ALA E 232 9.72 41.70 46.43
N ALA E 233 9.30 42.93 46.73
CA ALA E 233 8.75 43.78 45.67
C ALA E 233 9.82 44.14 44.68
N SER E 234 10.97 44.61 45.16
CA SER E 234 12.14 44.83 44.31
C SER E 234 12.92 43.53 44.29
N SER E 235 12.36 42.54 43.60
CA SER E 235 12.86 41.17 43.64
C SER E 235 14.19 41.07 42.95
N SER E 236 15.26 41.23 43.71
CA SER E 236 16.57 41.23 43.11
C SER E 236 17.43 40.07 43.57
N SER E 237 17.47 39.81 44.86
CA SER E 237 18.38 38.82 45.39
C SER E 237 17.68 37.82 46.30
N LEU E 238 16.36 37.83 46.32
CA LEU E 238 15.66 36.95 47.24
C LEU E 238 15.59 35.53 46.70
N GLU E 239 15.39 35.39 45.40
CA GLU E 239 15.07 34.10 44.81
C GLU E 239 16.27 33.17 44.82
N LYS E 240 16.07 31.97 45.31
CA LYS E 240 16.97 30.89 45.00
C LYS E 240 16.28 29.92 44.07
N SER E 241 16.91 28.80 43.81
CA SER E 241 16.42 27.91 42.79
C SER E 241 16.78 26.49 43.14
N TYR E 242 15.85 25.57 42.93
CA TYR E 242 15.99 24.22 43.44
C TYR E 242 15.78 23.20 42.34
N GLU E 243 16.71 22.28 42.23
CA GLU E 243 16.62 21.23 41.22
C GLU E 243 15.72 20.11 41.70
N LEU E 244 14.68 19.82 40.94
CA LEU E 244 13.80 18.71 41.26
C LEU E 244 14.50 17.40 40.95
N PRO E 245 13.99 16.28 41.46
CA PRO E 245 14.64 14.99 41.15
C PRO E 245 14.57 14.57 39.70
N ASP E 246 13.66 15.11 38.90
CA ASP E 246 13.68 14.76 37.48
C ASP E 246 14.74 15.52 36.72
N GLY E 247 15.04 16.74 37.16
CA GLY E 247 16.04 17.53 36.50
C GLY E 247 15.59 18.95 36.27
N GLN E 248 14.31 19.16 36.02
CA GLN E 248 13.85 20.52 35.78
C GLN E 248 13.89 21.31 37.08
N VAL E 249 14.20 22.58 36.96
CA VAL E 249 14.54 23.38 38.12
C VAL E 249 13.40 24.35 38.39
N ILE E 250 13.21 24.68 39.66
CA ILE E 250 12.21 25.65 40.05
C ILE E 250 12.93 26.88 40.56
N THR E 251 12.17 27.91 40.85
CA THR E 251 12.67 29.01 41.65
C THR E 251 11.53 29.55 42.48
N ILE E 252 11.88 30.27 43.54
CA ILE E 252 10.90 30.63 44.54
C ILE E 252 11.30 31.96 45.16
N GLY E 253 10.33 32.84 45.31
CA GLY E 253 10.65 34.17 45.78
C GLY E 253 10.11 34.48 47.15
N ASN E 254 9.01 35.22 47.21
CA ASN E 254 8.42 35.56 48.49
C ASN E 254 7.79 34.35 49.14
N GLU E 255 7.48 33.31 48.38
CA GLU E 255 6.99 32.08 48.98
C GLU E 255 8.01 31.37 49.83
N ARG E 256 9.27 31.79 49.80
CA ARG E 256 10.27 31.12 50.60
C ARG E 256 10.13 31.47 52.07
N PHE E 257 9.88 32.73 52.38
CA PHE E 257 9.70 33.11 53.77
C PHE E 257 8.25 33.21 54.17
N ARG E 258 7.33 33.26 53.22
CA ARG E 258 5.93 33.41 53.58
C ARG E 258 5.37 32.10 54.12
N CYS E 259 5.98 30.98 53.76
CA CYS E 259 5.52 29.71 54.31
C CYS E 259 5.80 29.54 55.81
N PRO E 260 6.99 29.82 56.35
CA PRO E 260 7.13 29.68 57.80
C PRO E 260 6.56 30.83 58.60
N GLU E 261 5.86 31.77 58.00
CA GLU E 261 5.10 32.73 58.78
C GLU E 261 3.80 32.17 59.28
N THR E 262 3.45 30.95 58.86
CA THR E 262 2.29 30.27 59.40
C THR E 262 2.45 30.00 60.88
N LEU E 263 3.68 29.84 61.36
CA LEU E 263 3.94 29.73 62.79
C LEU E 263 3.56 30.99 63.54
N PHE E 264 3.50 32.12 62.86
CA PHE E 264 3.24 33.38 63.53
C PHE E 264 1.91 33.98 63.18
N GLN E 265 1.43 33.74 61.97
CA GLN E 265 0.07 34.11 61.58
C GLN E 265 -0.62 32.82 61.21
N PRO E 266 -1.28 32.15 62.14
CA PRO E 266 -2.01 30.93 61.81
C PRO E 266 -3.25 31.16 61.00
N SER E 267 -3.63 32.40 60.76
CA SER E 267 -4.72 32.70 59.85
C SER E 267 -4.34 32.48 58.40
N PHE E 268 -3.07 32.26 58.10
CA PHE E 268 -2.68 31.95 56.73
C PHE E 268 -3.21 30.60 56.30
N ILE E 269 -3.22 29.62 57.20
CA ILE E 269 -3.86 28.37 56.90
C ILE E 269 -5.26 28.42 57.48
N GLY E 270 -5.66 29.59 57.94
CA GLY E 270 -7.03 29.79 58.32
C GLY E 270 -7.42 29.21 59.66
N MET E 271 -6.49 28.66 60.43
CA MET E 271 -6.87 28.25 61.77
C MET E 271 -6.85 29.46 62.68
N GLU E 272 -7.89 29.56 63.49
CA GLU E 272 -8.09 30.71 64.37
C GLU E 272 -7.32 30.43 65.65
N SER E 273 -6.13 30.97 65.72
CA SER E 273 -5.31 30.79 66.90
C SER E 273 -4.33 31.92 67.01
N ALA E 274 -3.62 31.94 68.12
CA ALA E 274 -2.49 32.81 68.24
C ALA E 274 -1.26 32.12 67.69
N GLY E 275 -0.30 32.90 67.25
CA GLY E 275 0.92 32.34 66.75
C GLY E 275 1.76 31.77 67.86
N ILE E 276 2.81 31.05 67.49
CA ILE E 276 3.66 30.43 68.49
C ILE E 276 4.49 31.43 69.25
N HIS E 277 4.58 32.67 68.78
CA HIS E 277 5.15 33.70 69.60
C HIS E 277 4.18 34.13 70.69
N GLU E 278 2.90 34.02 70.41
CA GLU E 278 1.91 34.55 71.35
C GLU E 278 1.41 33.49 72.29
N THR E 279 1.27 32.26 71.83
CA THR E 279 0.94 31.19 72.76
C THR E 279 2.11 30.83 73.64
N THR E 280 3.31 31.31 73.32
CA THR E 280 4.38 31.33 74.29
C THR E 280 4.01 32.25 75.45
N TYR E 281 3.72 33.50 75.14
CA TYR E 281 3.41 34.49 76.17
C TYR E 281 2.11 34.15 76.86
N ASN E 282 1.16 33.55 76.15
CA ASN E 282 -0.06 33.15 76.81
C ASN E 282 0.19 32.01 77.77
N SER E 283 1.23 31.23 77.55
CA SER E 283 1.55 30.20 78.53
C SER E 283 2.19 30.80 79.76
N ILE E 284 3.02 31.81 79.58
CA ILE E 284 3.75 32.34 80.72
C ILE E 284 2.84 33.22 81.56
N MET E 285 1.87 33.87 80.95
CA MET E 285 0.86 34.57 81.72
C MET E 285 0.01 33.62 82.55
N LYS E 286 -0.19 32.39 82.07
CA LYS E 286 -0.89 31.42 82.87
C LYS E 286 -0.06 30.96 84.05
N CYS E 287 1.25 31.08 83.97
CA CYS E 287 2.07 30.63 85.07
C CYS E 287 2.07 31.67 86.18
N ASP E 288 2.48 31.24 87.38
CA ASP E 288 2.41 32.11 88.54
C ASP E 288 3.50 33.18 88.45
N ILE E 289 3.33 34.23 89.24
CA ILE E 289 4.03 35.48 88.96
C ILE E 289 5.51 35.42 89.32
N ASP E 290 5.92 34.52 90.21
CA ASP E 290 7.34 34.47 90.53
C ASP E 290 8.13 33.80 89.42
N ILE E 291 7.53 32.80 88.78
CA ILE E 291 8.26 32.00 87.81
C ILE E 291 8.49 32.78 86.54
N ARG E 292 7.67 33.82 86.29
CA ARG E 292 7.68 34.51 85.01
C ARG E 292 9.00 35.20 84.73
N LYS E 293 9.71 35.61 85.78
CA LYS E 293 11.03 36.17 85.57
C LYS E 293 12.00 35.12 85.07
N ASP E 294 11.83 33.89 85.51
CA ASP E 294 12.78 32.86 85.10
C ASP E 294 12.39 32.21 83.80
N LEU E 295 11.11 32.20 83.46
CA LEU E 295 10.73 31.64 82.18
C LEU E 295 11.15 32.53 81.05
N TYR E 296 11.15 33.83 81.26
CA TYR E 296 11.60 34.75 80.24
C TYR E 296 13.09 34.60 79.98
N ALA E 297 13.85 34.27 81.00
CA ALA E 297 15.27 34.04 80.76
C ALA E 297 15.54 32.64 80.22
N ASN E 298 14.54 31.77 80.15
CA ASN E 298 14.78 30.38 79.80
C ASN E 298 13.69 29.92 78.84
N ASN E 299 13.94 30.07 77.54
CA ASN E 299 13.02 29.59 76.52
C ASN E 299 13.80 28.64 75.63
N VAL E 300 13.41 27.38 75.63
CA VAL E 300 14.15 26.37 74.88
C VAL E 300 13.40 26.11 73.60
N MET E 301 13.99 26.47 72.47
CA MET E 301 13.48 26.01 71.20
C MET E 301 13.84 24.55 71.05
N SER E 302 12.92 23.75 70.55
CA SER E 302 13.20 22.34 70.38
C SER E 302 12.38 21.81 69.22
N GLY E 303 12.74 20.62 68.76
CA GLY E 303 12.03 20.01 67.66
C GLY E 303 12.55 20.47 66.31
N GLY E 304 12.36 19.62 65.32
CA GLY E 304 12.94 19.83 64.01
C GLY E 304 12.35 20.98 63.24
N THR E 305 11.15 21.40 63.58
CA THR E 305 10.54 22.53 62.90
C THR E 305 11.28 23.81 63.23
N THR E 306 11.83 23.89 64.42
CA THR E 306 12.52 25.08 64.86
C THR E 306 13.94 25.15 64.38
N MET E 307 14.30 24.39 63.35
CA MET E 307 15.59 24.54 62.71
C MET E 307 15.57 25.57 61.60
N TYR E 308 14.51 26.34 61.50
CA TYR E 308 14.49 27.42 60.53
C TYR E 308 15.52 28.48 60.91
N PRO E 309 16.29 28.97 59.96
CA PRO E 309 17.24 30.04 60.29
C PRO E 309 16.50 31.34 60.54
N GLY E 310 16.85 32.01 61.62
CA GLY E 310 16.18 33.21 62.00
C GLY E 310 15.05 33.03 62.98
N ILE E 311 14.75 31.79 63.37
CA ILE E 311 13.62 31.59 64.27
C ILE E 311 13.96 32.05 65.67
N ALA E 312 15.24 32.06 66.03
CA ALA E 312 15.59 32.52 67.36
C ALA E 312 15.62 34.03 67.39
N ASP E 313 16.12 34.63 66.32
CA ASP E 313 16.14 36.08 66.26
C ASP E 313 14.76 36.67 66.11
N ARG E 314 13.80 35.89 65.65
CA ARG E 314 12.45 36.40 65.52
C ARG E 314 11.72 36.38 66.85
N MET E 315 11.69 35.23 67.51
CA MET E 315 10.89 35.14 68.72
C MET E 315 11.52 35.90 69.86
N GLN E 316 12.84 36.10 69.83
CA GLN E 316 13.44 37.00 70.80
C GLN E 316 12.98 38.41 70.56
N LYS E 317 12.73 38.78 69.32
CA LYS E 317 12.16 40.08 69.07
C LYS E 317 10.70 40.11 69.43
N GLU E 318 9.98 39.03 69.16
CA GLU E 318 8.54 39.15 69.21
C GLU E 318 8.00 38.97 70.62
N ILE E 319 8.64 38.12 71.43
CA ILE E 319 8.22 38.02 72.82
C ILE E 319 8.57 39.30 73.56
N THR E 320 9.66 39.94 73.16
CA THR E 320 10.02 41.24 73.71
C THR E 320 8.94 42.27 73.45
N ALA E 321 8.25 42.15 72.32
CA ALA E 321 7.13 43.03 72.07
C ALA E 321 5.98 42.74 73.01
N LEU E 322 5.87 41.52 73.51
CA LEU E 322 4.75 41.21 74.37
C LEU E 322 5.10 41.27 75.83
N ALA E 323 6.34 41.02 76.19
CA ALA E 323 6.75 41.07 77.57
C ALA E 323 6.81 42.52 78.04
N PRO E 324 6.75 42.75 79.35
CA PRO E 324 7.12 44.08 79.85
C PRO E 324 8.60 44.32 79.64
N SER E 325 8.91 45.42 79.00
CA SER E 325 10.23 45.66 78.45
C SER E 325 11.28 45.93 79.50
N THR E 326 10.93 45.97 80.76
CA THR E 326 11.91 46.29 81.79
C THR E 326 12.82 45.11 82.10
N MET E 327 12.59 43.95 81.53
CA MET E 327 13.37 42.80 81.97
C MET E 327 13.63 41.88 80.80
N LYS E 328 14.73 41.14 80.91
CA LYS E 328 15.35 40.52 79.76
C LYS E 328 14.64 39.26 79.33
N ILE E 329 14.84 38.91 78.08
CA ILE E 329 14.35 37.68 77.47
C ILE E 329 15.57 36.93 76.97
N LYS E 330 15.47 35.60 76.92
CA LYS E 330 16.50 34.78 76.31
C LYS E 330 15.82 33.67 75.54
N ILE E 331 16.44 33.26 74.45
CA ILE E 331 15.96 32.17 73.63
C ILE E 331 17.08 31.16 73.55
N ILE E 332 16.94 30.05 74.25
CA ILE E 332 17.98 29.04 74.28
C ILE E 332 17.73 28.13 73.10
N ALA E 333 18.44 28.39 72.00
CA ALA E 333 18.33 27.58 70.79
C ALA E 333 19.67 26.89 70.58
N PRO E 334 19.81 25.66 71.04
CA PRO E 334 21.07 24.94 70.87
C PRO E 334 21.23 24.52 69.42
N PRO E 335 22.43 24.11 69.01
CA PRO E 335 22.59 23.57 67.67
C PRO E 335 22.24 22.10 67.52
N GLU E 336 21.48 21.53 68.43
CA GLU E 336 21.07 20.14 68.31
C GLU E 336 19.57 20.00 68.54
N ARG E 337 18.81 21.03 68.15
CA ARG E 337 17.38 21.08 68.41
C ARG E 337 16.62 19.97 67.73
N LYS E 338 17.15 19.44 66.62
CA LYS E 338 16.47 18.38 65.92
C LYS E 338 16.47 17.11 66.74
N TYR E 339 17.51 16.89 67.53
CA TYR E 339 17.65 15.65 68.27
C TYR E 339 17.48 15.86 69.75
N SER E 340 16.97 17.02 70.17
CA SER E 340 16.97 17.37 71.59
C SER E 340 16.04 16.49 72.39
N VAL E 341 14.93 16.05 71.79
CA VAL E 341 14.03 15.18 72.52
C VAL E 341 14.66 13.83 72.72
N TRP E 342 15.43 13.36 71.74
CA TRP E 342 16.07 12.07 71.89
C TRP E 342 17.21 12.15 72.90
N ILE E 343 18.02 13.20 72.82
CA ILE E 343 19.22 13.27 73.63
C ILE E 343 18.86 13.39 75.09
N GLY E 344 17.86 14.21 75.40
CA GLY E 344 17.34 14.24 76.74
C GLY E 344 16.68 12.94 77.12
N GLY E 345 16.10 12.25 76.15
CA GLY E 345 15.61 10.91 76.41
C GLY E 345 16.74 9.93 76.63
N SER E 346 17.88 10.17 75.98
CA SER E 346 19.03 9.29 76.20
C SER E 346 19.63 9.52 77.57
N ILE E 347 19.50 10.73 78.10
CA ILE E 347 20.03 10.99 79.42
C ILE E 347 19.17 10.33 80.48
N LEU E 348 17.85 10.52 80.38
CA LEU E 348 16.93 10.15 81.44
C LEU E 348 16.91 8.65 81.68
N ALA E 349 17.08 7.88 80.62
CA ALA E 349 17.17 6.44 80.80
C ALA E 349 18.48 6.02 81.44
N SER E 350 19.50 6.86 81.39
CA SER E 350 20.79 6.47 81.90
C SER E 350 20.98 6.84 83.37
N LEU E 351 20.03 7.52 83.99
CA LEU E 351 20.21 7.91 85.38
C LEU E 351 20.03 6.74 86.32
N SER E 352 20.91 6.67 87.32
CA SER E 352 20.87 5.62 88.30
C SER E 352 19.66 5.72 89.22
N THR E 353 19.04 6.89 89.31
CA THR E 353 17.86 7.08 90.12
C THR E 353 16.59 6.80 89.36
N PHE E 354 16.69 6.18 88.19
CA PHE E 354 15.55 6.00 87.33
C PHE E 354 15.10 4.56 87.21
N GLN E 355 15.95 3.60 87.57
CA GLN E 355 15.63 2.20 87.35
C GLN E 355 14.53 1.67 88.25
N GLN E 356 14.01 2.47 89.16
CA GLN E 356 12.78 2.12 89.83
C GLN E 356 11.58 2.82 89.22
N MET E 357 11.78 3.67 88.23
CA MET E 357 10.70 4.42 87.64
C MET E 357 10.15 3.79 86.37
N TRP E 358 10.53 2.56 86.06
CA TRP E 358 10.03 1.94 84.84
C TRP E 358 8.62 1.43 85.04
N ILE E 359 8.09 0.76 84.03
CA ILE E 359 6.84 0.03 84.12
C ILE E 359 7.17 -1.41 83.75
N THR E 360 7.34 -2.26 84.75
CA THR E 360 7.77 -3.62 84.46
C THR E 360 6.60 -4.48 84.06
N LYS E 361 6.91 -5.60 83.41
CA LYS E 361 5.88 -6.52 83.00
C LYS E 361 5.24 -7.21 84.19
N GLN E 362 6.03 -7.49 85.22
CA GLN E 362 5.50 -8.20 86.38
C GLN E 362 4.54 -7.34 87.17
N GLU E 363 4.62 -6.03 87.04
CA GLU E 363 3.58 -5.18 87.59
C GLU E 363 2.56 -4.79 86.55
N TYR E 364 2.80 -5.11 85.28
CA TYR E 364 1.79 -4.83 84.28
C TYR E 364 0.65 -5.83 84.36
N ASP E 365 0.97 -7.08 84.70
CA ASP E 365 0.05 -8.17 84.45
C ASP E 365 -1.17 -8.12 85.35
N GLU E 366 -1.02 -7.58 86.55
CA GLU E 366 -2.18 -7.36 87.39
C GLU E 366 -2.77 -5.98 87.21
N ALA E 367 -2.15 -5.15 86.39
CA ALA E 367 -2.59 -3.77 86.25
C ALA E 367 -3.35 -3.53 84.96
N GLY E 368 -2.90 -4.09 83.85
CA GLY E 368 -3.52 -3.82 82.59
C GLY E 368 -3.01 -2.52 82.02
N PRO E 369 -3.58 -2.08 80.89
CA PRO E 369 -3.03 -0.91 80.19
C PRO E 369 -3.28 0.40 80.88
N SER E 370 -4.05 0.44 81.96
CA SER E 370 -4.23 1.69 82.66
C SER E 370 -3.09 2.03 83.59
N ILE E 371 -2.03 1.21 83.61
CA ILE E 371 -0.91 1.47 84.49
C ILE E 371 -0.14 2.71 84.08
N VAL E 372 -0.22 3.10 82.82
CA VAL E 372 0.57 4.25 82.40
C VAL E 372 -0.11 5.54 82.82
N HIS E 373 -1.40 5.48 83.12
CA HIS E 373 -2.03 6.68 83.66
C HIS E 373 -1.64 6.95 85.10
N ARG E 374 -1.18 5.94 85.83
CA ARG E 374 -0.59 6.20 87.12
C ARG E 374 0.94 6.21 87.05
N LYS E 375 1.49 6.46 85.87
CA LYS E 375 2.91 6.71 85.71
C LYS E 375 3.06 7.98 84.89
N CYS E 376 3.29 9.08 85.61
CA CYS E 376 3.45 10.46 85.10
C CYS E 376 2.32 10.88 84.16
N PHE E 377 1.09 10.53 84.54
CA PHE E 377 -0.18 11.00 83.94
C PHE E 377 -0.41 10.55 82.49
N THR F 7 -7.01 -49.78 -24.77
CA THR F 7 -6.55 -49.49 -23.43
C THR F 7 -5.58 -48.33 -23.46
N THR F 8 -4.53 -48.46 -24.26
CA THR F 8 -3.51 -47.43 -24.36
C THR F 8 -4.06 -46.20 -25.06
N ALA F 9 -3.40 -45.09 -24.87
CA ALA F 9 -3.82 -43.84 -25.49
C ALA F 9 -2.96 -43.55 -26.71
N LEU F 10 -3.54 -42.83 -27.65
CA LEU F 10 -2.78 -42.29 -28.76
C LEU F 10 -2.50 -40.82 -28.52
N VAL F 11 -1.32 -40.38 -28.93
CA VAL F 11 -0.98 -38.97 -28.94
C VAL F 11 -0.61 -38.60 -30.36
N CYS F 12 -1.28 -37.61 -30.90
CA CYS F 12 -1.07 -37.25 -32.30
C CYS F 12 -0.99 -35.73 -32.39
N ASP F 13 0.25 -35.24 -32.41
CA ASP F 13 0.52 -33.83 -32.57
C ASP F 13 0.07 -33.39 -33.95
N ASN F 14 -0.95 -32.56 -34.02
CA ASN F 14 -1.37 -31.96 -35.28
C ASN F 14 -0.31 -30.95 -35.66
N GLY F 15 0.73 -31.44 -36.33
CA GLY F 15 1.78 -30.57 -36.78
C GLY F 15 1.29 -29.67 -37.91
N SER F 16 1.79 -28.44 -37.90
CA SER F 16 1.44 -27.53 -38.99
C SER F 16 2.15 -27.93 -40.27
N GLY F 17 3.29 -28.61 -40.17
CA GLY F 17 3.95 -29.11 -41.36
C GLY F 17 4.09 -30.62 -41.41
N LEU F 18 4.31 -31.26 -40.26
CA LEU F 18 4.54 -32.69 -40.21
C LEU F 18 3.70 -33.28 -39.10
N VAL F 19 2.75 -34.13 -39.45
CA VAL F 19 1.91 -34.77 -38.45
C VAL F 19 2.73 -35.83 -37.75
N LYS F 20 2.91 -35.67 -36.46
CA LYS F 20 3.65 -36.61 -35.64
C LYS F 20 2.65 -37.38 -34.78
N ALA F 21 2.79 -38.70 -34.75
CA ALA F 21 1.79 -39.51 -34.08
C ALA F 21 2.42 -40.74 -33.50
N GLY F 22 1.72 -41.34 -32.54
CA GLY F 22 2.20 -42.55 -31.92
C GLY F 22 1.39 -42.87 -30.69
N PHE F 23 1.81 -43.92 -30.00
CA PHE F 23 1.11 -44.38 -28.81
C PHE F 23 1.64 -43.67 -27.58
N ALA F 24 0.89 -43.77 -26.49
CA ALA F 24 1.33 -43.21 -25.24
C ALA F 24 2.42 -44.08 -24.64
N GLY F 25 3.33 -43.44 -23.91
CA GLY F 25 4.42 -44.16 -23.28
C GLY F 25 5.50 -44.66 -24.20
N ASP F 26 5.40 -44.40 -25.49
CA ASP F 26 6.45 -44.77 -26.42
C ASP F 26 7.49 -43.66 -26.45
N ASP F 27 8.75 -44.04 -26.65
CA ASP F 27 9.80 -43.05 -26.66
C ASP F 27 9.78 -42.24 -27.95
N ALA F 28 9.76 -42.91 -29.09
CA ALA F 28 9.72 -42.25 -30.37
C ALA F 28 8.31 -42.28 -30.91
N PRO F 29 7.90 -41.27 -31.67
CA PRO F 29 6.59 -41.33 -32.32
C PRO F 29 6.61 -42.40 -33.39
N ARG F 30 5.45 -43.03 -33.58
CA ARG F 30 5.40 -44.21 -34.42
C ARG F 30 5.59 -43.84 -35.88
N ALA F 31 4.88 -42.83 -36.34
CA ALA F 31 4.92 -42.49 -37.75
C ALA F 31 4.89 -40.98 -37.88
N VAL F 32 5.80 -40.44 -38.67
CA VAL F 32 5.87 -39.02 -38.94
C VAL F 32 5.76 -38.86 -40.44
N PHE F 33 4.75 -38.11 -40.87
CA PHE F 33 4.56 -37.92 -42.29
C PHE F 33 4.16 -36.46 -42.50
N PRO F 34 4.49 -35.88 -43.63
CA PRO F 34 4.17 -34.47 -43.84
C PRO F 34 2.69 -34.25 -44.02
N SER F 35 2.23 -33.12 -43.50
CA SER F 35 0.80 -32.80 -43.49
C SER F 35 0.39 -32.22 -44.83
N ILE F 36 0.41 -33.06 -45.85
CA ILE F 36 0.15 -32.62 -47.21
C ILE F 36 -0.98 -33.45 -47.77
N VAL F 37 -2.04 -32.81 -48.19
CA VAL F 37 -3.04 -33.46 -49.02
C VAL F 37 -2.86 -32.89 -50.42
N GLY F 38 -3.15 -33.70 -51.42
CA GLY F 38 -2.94 -33.26 -52.77
C GLY F 38 -3.86 -33.86 -53.80
N ARG F 39 -4.48 -33.03 -54.58
CA ARG F 39 -5.27 -33.48 -55.69
C ARG F 39 -4.39 -33.55 -56.92
N PRO F 40 -4.65 -34.46 -57.85
CA PRO F 40 -3.92 -34.43 -59.11
C PRO F 40 -4.40 -33.29 -59.98
N ARG F 41 -3.64 -33.02 -61.02
CA ARG F 41 -3.92 -31.84 -61.83
C ARG F 41 -3.69 -32.07 -63.32
N HIS F 42 -3.88 -33.28 -63.81
CA HIS F 42 -3.60 -33.56 -65.22
C HIS F 42 -4.63 -34.53 -65.77
N GLN F 43 -4.32 -35.08 -66.94
CA GLN F 43 -5.31 -35.79 -67.74
C GLN F 43 -5.64 -37.15 -67.16
N GLY F 44 -4.66 -38.01 -67.00
CA GLY F 44 -4.97 -39.34 -66.55
C GLY F 44 -5.58 -40.18 -67.65
N VAL F 45 -4.90 -40.25 -68.78
CA VAL F 45 -5.43 -41.01 -69.90
C VAL F 45 -5.26 -42.51 -69.73
N MET F 46 -4.51 -42.95 -68.73
CA MET F 46 -4.57 -44.35 -68.35
C MET F 46 -5.94 -44.65 -67.77
N VAL F 47 -6.32 -45.92 -67.87
CA VAL F 47 -7.64 -46.35 -67.44
C VAL F 47 -7.61 -46.96 -66.05
N GLY F 48 -6.48 -47.52 -65.64
CA GLY F 48 -6.47 -48.22 -64.37
C GLY F 48 -6.00 -47.36 -63.23
N MET F 49 -5.03 -46.51 -63.51
CA MET F 49 -4.35 -45.75 -62.47
C MET F 49 -5.03 -44.41 -62.20
N GLY F 50 -6.18 -44.17 -62.82
CA GLY F 50 -6.90 -42.93 -62.59
C GLY F 50 -7.67 -42.83 -61.31
N GLN F 51 -7.67 -43.88 -60.50
CA GLN F 51 -8.41 -43.86 -59.24
C GLN F 51 -7.57 -43.16 -58.18
N LYS F 52 -8.10 -43.10 -56.95
CA LYS F 52 -7.49 -42.45 -55.79
C LYS F 52 -7.23 -40.97 -56.10
N ASP F 53 -8.33 -40.26 -56.21
CA ASP F 53 -8.35 -38.87 -56.65
C ASP F 53 -7.85 -37.87 -55.61
N SER F 54 -7.30 -38.30 -54.49
CA SER F 54 -6.75 -37.37 -53.52
C SER F 54 -5.70 -38.12 -52.72
N TYR F 55 -4.44 -37.89 -53.04
CA TYR F 55 -3.36 -38.50 -52.30
C TYR F 55 -3.02 -37.64 -51.10
N VAL F 56 -2.55 -38.28 -50.04
CA VAL F 56 -2.26 -37.57 -48.80
C VAL F 56 -1.09 -38.26 -48.12
N GLY F 57 -0.20 -37.46 -47.54
CA GLY F 57 0.89 -38.02 -46.76
C GLY F 57 2.11 -38.34 -47.59
N ASP F 58 2.74 -39.47 -47.29
CA ASP F 58 3.96 -39.85 -47.99
C ASP F 58 3.68 -40.21 -49.45
N GLU F 59 2.54 -40.81 -49.73
CA GLU F 59 2.23 -41.12 -51.11
C GLU F 59 1.94 -39.88 -51.91
N ALA F 60 1.53 -38.79 -51.27
CA ALA F 60 1.49 -37.53 -51.96
C ALA F 60 2.86 -36.92 -52.06
N GLN F 61 3.76 -37.30 -51.16
CA GLN F 61 5.10 -36.75 -51.20
C GLN F 61 5.90 -37.34 -52.35
N SER F 62 5.80 -38.64 -52.55
CA SER F 62 6.55 -39.26 -53.63
C SER F 62 5.97 -38.90 -54.98
N LYS F 63 4.66 -38.76 -55.05
CA LYS F 63 3.98 -38.47 -56.30
C LYS F 63 3.76 -36.99 -56.49
N ARG F 64 4.65 -36.16 -55.96
CA ARG F 64 4.38 -34.74 -55.84
C ARG F 64 4.47 -34.00 -57.17
N GLY F 65 4.91 -34.66 -58.25
CA GLY F 65 5.08 -33.94 -59.49
C GLY F 65 3.80 -33.69 -60.25
N ILE F 66 2.74 -34.45 -59.98
CA ILE F 66 1.49 -34.33 -60.69
C ILE F 66 0.38 -33.85 -59.79
N LEU F 67 0.71 -33.37 -58.61
CA LEU F 67 -0.28 -32.98 -57.63
C LEU F 67 -0.21 -31.50 -57.35
N THR F 68 -1.33 -30.93 -56.94
CA THR F 68 -1.33 -29.62 -56.33
C THR F 68 -1.28 -29.82 -54.82
N LEU F 69 -0.08 -29.74 -54.27
CA LEU F 69 0.11 -30.03 -52.85
C LEU F 69 -0.38 -28.84 -52.04
N LYS F 70 -1.36 -29.08 -51.18
CA LYS F 70 -1.86 -28.01 -50.35
C LYS F 70 -1.83 -28.44 -48.89
N TYR F 71 -1.62 -27.48 -48.04
CA TYR F 71 -1.61 -27.80 -46.62
C TYR F 71 -2.96 -27.52 -46.00
N PRO F 72 -3.44 -28.41 -45.16
CA PRO F 72 -4.71 -28.13 -44.47
C PRO F 72 -4.57 -27.12 -43.36
N ILE F 73 -3.40 -26.99 -42.75
CA ILE F 73 -3.20 -26.09 -41.63
C ILE F 73 -2.26 -24.99 -42.07
N GLU F 74 -2.69 -23.75 -41.96
CA GLU F 74 -1.74 -22.67 -42.10
C GLU F 74 -1.78 -21.79 -40.88
N GLY F 76 -0.91 -22.43 -37.98
CA GLY F 76 -1.42 -23.13 -36.82
C GLY F 76 -2.93 -23.20 -36.76
N ILE F 77 -3.59 -22.59 -37.74
CA ILE F 77 -5.03 -22.60 -37.77
C ILE F 77 -5.50 -23.60 -38.81
N ILE F 78 -6.34 -24.53 -38.41
CA ILE F 78 -6.85 -25.53 -39.34
C ILE F 78 -7.87 -24.85 -40.24
N THR F 79 -7.56 -24.80 -41.54
CA THR F 79 -8.45 -24.12 -42.46
C THR F 79 -9.42 -25.06 -43.16
N ASN F 80 -8.89 -26.04 -43.89
CA ASN F 80 -9.72 -26.90 -44.72
C ASN F 80 -10.12 -28.11 -43.91
N TRP F 81 -11.29 -28.06 -43.30
CA TRP F 81 -11.72 -29.14 -42.44
C TRP F 81 -12.10 -30.39 -43.21
N ASP F 82 -12.44 -30.25 -44.49
CA ASP F 82 -12.70 -31.42 -45.29
C ASP F 82 -11.44 -32.22 -45.49
N ASP F 83 -10.33 -31.55 -45.75
CA ASP F 83 -9.08 -32.28 -45.90
C ASP F 83 -8.55 -32.73 -44.56
N MET F 84 -8.92 -32.05 -43.49
CA MET F 84 -8.35 -32.40 -42.21
C MET F 84 -8.94 -33.68 -41.69
N GLU F 85 -10.16 -34.02 -42.12
CA GLU F 85 -10.65 -35.37 -41.87
C GLU F 85 -9.84 -36.38 -42.62
N LYS F 86 -9.46 -36.05 -43.84
CA LYS F 86 -8.78 -37.00 -44.70
C LYS F 86 -7.40 -37.31 -44.17
N ILE F 87 -6.77 -36.36 -43.50
CA ILE F 87 -5.45 -36.67 -42.99
C ILE F 87 -5.55 -37.44 -41.69
N TRP F 88 -6.56 -37.19 -40.88
CA TRP F 88 -6.67 -37.94 -39.65
C TRP F 88 -7.13 -39.35 -39.92
N HIS F 89 -7.92 -39.54 -40.96
CA HIS F 89 -8.28 -40.88 -41.36
C HIS F 89 -7.06 -41.62 -41.87
N HIS F 90 -6.11 -40.90 -42.44
CA HIS F 90 -4.87 -41.53 -42.86
C HIS F 90 -3.99 -41.89 -41.68
N THR F 91 -4.11 -41.15 -40.57
CA THR F 91 -3.29 -41.49 -39.43
C THR F 91 -3.76 -42.77 -38.78
N PHE F 92 -5.03 -42.84 -38.46
CA PHE F 92 -5.55 -43.92 -37.62
C PHE F 92 -5.62 -45.21 -38.41
N TYR F 93 -6.22 -45.16 -39.58
CA TYR F 93 -6.45 -46.37 -40.33
C TYR F 93 -5.26 -46.72 -41.19
N ASN F 94 -4.74 -45.74 -41.93
CA ASN F 94 -3.79 -46.09 -42.98
C ASN F 94 -2.39 -46.31 -42.45
N GLU F 95 -2.01 -45.65 -41.36
CA GLU F 95 -0.62 -45.85 -40.94
C GLU F 95 -0.46 -46.29 -39.51
N LEU F 96 -1.43 -46.05 -38.64
CA LEU F 96 -1.33 -46.63 -37.30
C LEU F 96 -2.07 -47.93 -37.19
N ARG F 97 -3.05 -48.12 -38.08
CA ARG F 97 -3.84 -49.36 -38.17
C ARG F 97 -4.53 -49.68 -36.86
N VAL F 98 -5.01 -48.64 -36.19
CA VAL F 98 -5.69 -48.82 -34.93
C VAL F 98 -7.13 -48.34 -35.07
N ALA F 99 -8.00 -48.98 -34.33
CA ALA F 99 -9.38 -48.55 -34.28
C ALA F 99 -9.47 -47.31 -33.41
N PRO F 100 -9.91 -46.16 -33.94
CA PRO F 100 -9.99 -44.96 -33.11
C PRO F 100 -11.05 -45.04 -32.04
N GLU F 101 -12.03 -45.91 -32.20
CA GLU F 101 -13.08 -46.02 -31.21
C GLU F 101 -12.61 -46.70 -29.94
N GLU F 102 -11.44 -47.32 -29.94
CA GLU F 102 -10.98 -48.03 -28.76
C GLU F 102 -9.94 -47.26 -27.98
N HIS F 103 -9.11 -46.48 -28.65
CA HIS F 103 -8.07 -45.86 -27.85
C HIS F 103 -8.37 -44.38 -27.63
N PRO F 104 -8.06 -43.85 -26.46
CA PRO F 104 -8.20 -42.40 -26.27
C PRO F 104 -7.12 -41.66 -27.02
N THR F 105 -7.46 -40.45 -27.46
CA THR F 105 -6.53 -39.63 -28.22
C THR F 105 -6.13 -38.41 -27.42
N LEU F 106 -5.15 -37.69 -27.94
CA LEU F 106 -4.69 -36.47 -27.28
C LEU F 106 -4.18 -35.53 -28.36
N LEU F 107 -5.04 -34.65 -28.82
CA LEU F 107 -4.67 -33.67 -29.82
C LEU F 107 -3.87 -32.57 -29.16
N THR F 108 -3.03 -31.91 -29.94
CA THR F 108 -2.21 -30.82 -29.43
C THR F 108 -2.41 -29.60 -30.31
N GLU F 109 -2.26 -28.41 -29.74
CA GLU F 109 -2.44 -27.22 -30.54
C GLU F 109 -1.66 -26.06 -29.96
N ALA F 110 -1.51 -25.04 -30.76
CA ALA F 110 -0.80 -23.84 -30.38
C ALA F 110 -1.64 -23.00 -29.42
N PRO F 111 -1.01 -22.18 -28.59
CA PRO F 111 -1.77 -21.21 -27.83
C PRO F 111 -2.21 -20.07 -28.71
N LEU F 112 -3.22 -19.35 -28.22
CA LEU F 112 -3.77 -18.14 -28.85
C LEU F 112 -4.31 -18.37 -30.25
N ASN F 113 -4.63 -19.61 -30.61
CA ASN F 113 -5.32 -19.88 -31.85
C ASN F 113 -6.80 -19.58 -31.64
N PRO F 114 -7.62 -19.52 -32.70
CA PRO F 114 -9.05 -19.23 -32.50
C PRO F 114 -9.76 -20.32 -31.75
N LYS F 115 -10.89 -19.95 -31.15
CA LYS F 115 -11.68 -20.92 -30.42
C LYS F 115 -12.27 -21.97 -31.33
N ALA F 116 -12.67 -21.59 -32.54
CA ALA F 116 -13.26 -22.55 -33.46
C ALA F 116 -12.26 -23.54 -33.99
N ASN F 117 -10.97 -23.22 -33.90
CA ASN F 117 -9.95 -24.22 -34.18
C ASN F 117 -9.94 -25.30 -33.12
N ARG F 118 -10.46 -24.98 -31.94
CA ARG F 118 -10.51 -25.97 -30.89
C ARG F 118 -11.87 -26.63 -30.81
N GLU F 119 -12.93 -25.85 -31.01
CA GLU F 119 -14.28 -26.38 -30.89
C GLU F 119 -14.59 -27.33 -32.04
N LYS F 120 -14.20 -26.97 -33.25
CA LYS F 120 -14.45 -27.87 -34.36
C LYS F 120 -13.59 -29.10 -34.23
N MET F 121 -12.40 -28.94 -33.67
CA MET F 121 -11.47 -30.06 -33.59
C MET F 121 -11.97 -31.13 -32.64
N THR F 122 -12.69 -30.73 -31.60
CA THR F 122 -13.26 -31.78 -30.77
C THR F 122 -14.56 -32.30 -31.34
N GLN F 123 -15.28 -31.49 -32.10
CA GLN F 123 -16.54 -31.94 -32.65
C GLN F 123 -16.29 -32.88 -33.80
N ILE F 124 -15.17 -32.70 -34.50
CA ILE F 124 -14.79 -33.58 -35.58
C ILE F 124 -14.04 -34.77 -35.05
N MET F 125 -13.80 -34.82 -33.75
CA MET F 125 -13.13 -35.96 -33.17
C MET F 125 -14.11 -36.96 -32.61
N PHE F 126 -15.15 -36.48 -31.95
CA PHE F 126 -16.18 -37.35 -31.40
C PHE F 126 -17.19 -37.73 -32.47
N GLU F 127 -17.82 -36.73 -33.10
CA GLU F 127 -18.88 -37.05 -34.05
C GLU F 127 -18.38 -37.61 -35.37
N THR F 128 -17.08 -37.80 -35.55
CA THR F 128 -16.61 -38.50 -36.73
C THR F 128 -15.85 -39.75 -36.37
N PHE F 129 -14.91 -39.66 -35.44
CA PHE F 129 -14.07 -40.80 -35.16
C PHE F 129 -14.51 -41.59 -33.95
N ASN F 130 -15.37 -41.02 -33.11
CA ASN F 130 -15.98 -41.71 -31.96
C ASN F 130 -14.93 -42.24 -30.99
N VAL F 131 -13.92 -41.42 -30.72
CA VAL F 131 -12.87 -41.80 -29.78
C VAL F 131 -13.48 -41.79 -28.38
N PRO F 132 -12.96 -42.59 -27.44
CA PRO F 132 -13.57 -42.61 -26.12
C PRO F 132 -13.34 -41.34 -25.34
N ALA F 133 -12.11 -40.83 -25.34
CA ALA F 133 -11.80 -39.63 -24.58
C ALA F 133 -10.67 -38.91 -25.28
N MET F 134 -10.71 -37.59 -25.23
CA MET F 134 -9.70 -36.80 -25.89
C MET F 134 -9.22 -35.75 -24.92
N TYR F 135 -8.14 -35.08 -25.31
CA TYR F 135 -7.63 -33.97 -24.52
C TYR F 135 -6.77 -33.10 -25.42
N VAL F 136 -6.87 -31.80 -25.25
CA VAL F 136 -6.17 -30.84 -26.09
C VAL F 136 -5.13 -30.16 -25.22
N ALA F 137 -3.89 -30.15 -25.68
CA ALA F 137 -2.80 -29.58 -24.91
C ALA F 137 -2.16 -28.43 -25.66
N ILE F 138 -1.71 -27.44 -24.90
CA ILE F 138 -0.88 -26.38 -25.47
C ILE F 138 0.46 -27.01 -25.87
N GLN F 139 1.03 -26.54 -26.98
CA GLN F 139 2.26 -27.11 -27.52
C GLN F 139 3.39 -27.06 -26.51
N ALA F 140 3.76 -25.86 -26.09
CA ALA F 140 4.99 -25.69 -25.36
C ALA F 140 4.92 -26.25 -23.95
N VAL F 141 3.72 -26.35 -23.38
CA VAL F 141 3.65 -26.94 -22.05
C VAL F 141 3.83 -28.43 -22.11
N LEU F 142 3.68 -29.03 -23.29
CA LEU F 142 4.11 -30.41 -23.43
C LEU F 142 5.62 -30.49 -23.47
N SER F 143 6.27 -29.47 -24.00
CA SER F 143 7.69 -29.56 -24.23
C SER F 143 8.48 -29.50 -22.93
N LEU F 144 7.91 -29.00 -21.85
CA LEU F 144 8.64 -29.08 -20.60
C LEU F 144 8.63 -30.48 -20.05
N TYR F 145 7.58 -31.25 -20.33
CA TYR F 145 7.60 -32.65 -19.96
C TYR F 145 8.71 -33.39 -20.69
N ALA F 146 9.00 -32.98 -21.92
CA ALA F 146 10.15 -33.52 -22.61
C ALA F 146 11.44 -33.08 -21.94
N SER F 147 11.46 -31.91 -21.32
CA SER F 147 12.66 -31.51 -20.62
C SER F 147 12.81 -32.28 -19.33
N GLY F 148 11.73 -32.80 -18.78
CA GLY F 148 11.80 -33.34 -17.44
C GLY F 148 12.03 -32.28 -16.40
N ARG F 149 11.68 -31.04 -16.70
CA ARG F 149 11.93 -29.91 -15.83
C ARG F 149 10.70 -29.03 -15.84
N THR F 150 10.36 -28.51 -14.66
CA THR F 150 9.08 -27.88 -14.44
C THR F 150 9.08 -26.38 -14.60
N THR F 151 10.16 -25.78 -15.09
CA THR F 151 10.16 -24.34 -15.21
C THR F 151 10.94 -23.90 -16.43
N GLY F 152 10.62 -22.69 -16.90
CA GLY F 152 11.35 -22.09 -18.00
C GLY F 152 10.54 -21.87 -19.26
N ILE F 153 10.83 -20.81 -20.01
CA ILE F 153 10.05 -20.47 -21.19
C ILE F 153 10.47 -21.39 -22.32
N VAL F 154 9.68 -21.44 -23.39
CA VAL F 154 9.95 -22.34 -24.49
C VAL F 154 9.85 -21.58 -25.80
N LEU F 155 10.94 -21.55 -26.54
CA LEU F 155 10.94 -21.05 -27.92
C LEU F 155 10.47 -22.19 -28.81
N ASP F 156 9.17 -22.39 -28.85
CA ASP F 156 8.60 -23.49 -29.63
C ASP F 156 8.27 -22.93 -31.01
N SER F 157 9.18 -23.11 -31.95
CA SER F 157 9.01 -22.63 -33.31
C SER F 157 8.74 -23.83 -34.19
N GLY F 158 7.53 -23.91 -34.72
CA GLY F 158 7.13 -24.99 -35.58
C GLY F 158 7.24 -24.63 -37.04
N ASP F 159 6.51 -25.37 -37.87
CA ASP F 159 6.46 -25.05 -39.28
C ASP F 159 5.53 -23.88 -39.55
N GLY F 160 4.51 -23.70 -38.73
CA GLY F 160 3.49 -22.72 -39.03
C GLY F 160 3.45 -21.52 -38.11
N VAL F 161 3.94 -21.65 -36.88
CA VAL F 161 3.86 -20.57 -35.91
C VAL F 161 4.97 -20.79 -34.89
N THR F 162 5.47 -19.69 -34.33
CA THR F 162 6.34 -19.76 -33.18
C THR F 162 5.68 -19.07 -31.99
N HIS F 163 6.00 -19.54 -30.80
CA HIS F 163 5.34 -19.00 -29.62
C HIS F 163 6.16 -19.29 -28.39
N ASN F 164 6.02 -18.41 -27.40
CA ASN F 164 6.72 -18.53 -26.13
C ASN F 164 5.70 -18.69 -25.02
N VAL F 165 5.82 -19.77 -24.27
CA VAL F 165 4.94 -19.97 -23.12
C VAL F 165 5.82 -19.95 -21.89
N PRO F 166 5.95 -18.80 -21.23
CA PRO F 166 6.72 -18.76 -19.99
C PRO F 166 5.97 -19.44 -18.88
N ILE F 167 6.70 -20.20 -18.08
CA ILE F 167 6.06 -20.99 -17.03
C ILE F 167 7.01 -21.28 -15.88
N TYR F 168 6.60 -20.91 -14.68
CA TYR F 168 7.35 -21.20 -13.48
C TYR F 168 6.84 -22.52 -12.95
N GLU F 169 7.44 -23.01 -11.86
CA GLU F 169 7.27 -24.39 -11.44
C GLU F 169 5.83 -24.69 -11.08
N GLY F 170 5.20 -25.42 -11.97
CA GLY F 170 3.77 -25.57 -11.99
C GLY F 170 3.08 -24.53 -12.81
N TYR F 171 3.24 -23.27 -12.44
CA TYR F 171 2.29 -22.24 -12.82
C TYR F 171 2.76 -21.51 -14.06
N ALA F 172 1.86 -21.33 -15.01
CA ALA F 172 2.19 -20.66 -16.25
C ALA F 172 1.91 -19.16 -16.11
N LEU F 173 2.24 -18.41 -17.14
CA LEU F 173 2.01 -16.97 -17.16
C LEU F 173 1.16 -16.71 -18.39
N PRO F 174 -0.16 -16.70 -18.26
CA PRO F 174 -1.01 -16.63 -19.45
C PRO F 174 -0.95 -15.29 -20.13
N HIS F 175 -0.72 -14.22 -19.39
CA HIS F 175 -0.65 -12.93 -20.03
C HIS F 175 0.65 -12.73 -20.76
N ALA F 176 1.68 -13.48 -20.39
CA ALA F 176 2.98 -13.31 -21.00
C ALA F 176 3.24 -14.30 -22.12
N ILE F 177 2.22 -15.01 -22.58
CA ILE F 177 2.41 -15.88 -23.73
C ILE F 177 2.47 -15.02 -24.97
N MET F 178 3.59 -15.05 -25.67
CA MET F 178 3.73 -14.32 -26.91
C MET F 178 3.80 -15.29 -28.07
N ARG F 179 3.45 -14.81 -29.25
CA ARG F 179 3.24 -15.68 -30.39
C ARG F 179 3.44 -14.91 -31.67
N LEU F 180 4.31 -15.42 -32.54
CA LEU F 180 4.57 -14.81 -33.82
C LEU F 180 4.29 -15.81 -34.92
N ASP F 181 3.72 -15.33 -36.01
CA ASP F 181 3.39 -16.23 -37.11
C ASP F 181 4.57 -16.53 -38.01
N LEU F 182 5.74 -15.97 -37.74
CA LEU F 182 6.90 -16.26 -38.56
C LEU F 182 7.40 -17.65 -38.22
N ALA F 183 7.49 -18.51 -39.22
CA ALA F 183 7.93 -19.88 -38.99
C ALA F 183 8.46 -20.44 -40.30
N GLY F 184 8.55 -21.77 -40.37
CA GLY F 184 9.28 -22.42 -41.45
C GLY F 184 8.70 -22.20 -42.83
N ARG F 185 7.39 -21.99 -42.93
CA ARG F 185 6.85 -21.65 -44.24
C ARG F 185 7.22 -20.24 -44.63
N ASP F 186 7.25 -19.34 -43.65
CA ASP F 186 7.74 -18.01 -43.94
C ASP F 186 9.23 -18.01 -44.18
N LEU F 187 9.93 -19.02 -43.70
CA LEU F 187 11.31 -19.19 -44.13
C LEU F 187 11.36 -19.72 -45.54
N THR F 188 10.51 -20.69 -45.85
CA THR F 188 10.53 -21.32 -47.16
C THR F 188 10.10 -20.34 -48.23
N ASP F 189 9.11 -19.51 -47.94
CA ASP F 189 8.68 -18.53 -48.91
C ASP F 189 9.72 -17.45 -49.10
N TYR F 190 10.49 -17.15 -48.07
CA TYR F 190 11.54 -16.16 -48.27
C TYR F 190 12.74 -16.77 -48.96
N LEU F 191 12.95 -18.06 -48.77
CA LEU F 191 14.04 -18.71 -49.47
C LEU F 191 13.73 -18.79 -50.95
N MET F 192 12.45 -18.94 -51.29
CA MET F 192 12.04 -18.90 -52.69
C MET F 192 12.26 -17.53 -53.28
N LYS F 193 12.13 -16.48 -52.48
CA LYS F 193 12.37 -15.16 -53.01
C LYS F 193 13.83 -14.92 -53.29
N ILE F 194 14.72 -15.46 -52.48
CA ILE F 194 16.13 -15.16 -52.63
C ILE F 194 16.86 -16.16 -53.49
N LEU F 195 16.23 -17.27 -53.86
CA LEU F 195 16.83 -18.09 -54.89
C LEU F 195 16.70 -17.45 -56.25
N THR F 196 15.69 -16.61 -56.43
CA THR F 196 15.52 -15.94 -57.72
C THR F 196 16.60 -14.92 -57.97
N GLU F 197 17.30 -14.48 -56.93
CA GLU F 197 18.42 -13.59 -57.14
C GLU F 197 19.58 -14.32 -57.78
N ARG F 198 19.70 -15.61 -57.55
CA ARG F 198 20.67 -16.42 -58.26
C ARG F 198 20.05 -17.11 -59.46
N GLY F 199 18.85 -16.74 -59.84
CA GLY F 199 18.24 -17.29 -61.01
C GLY F 199 17.50 -18.58 -60.81
N TYR F 200 17.65 -19.23 -59.66
CA TYR F 200 16.98 -20.50 -59.44
C TYR F 200 15.52 -20.22 -59.17
N SER F 201 14.76 -20.08 -60.24
CA SER F 201 13.34 -19.77 -60.11
C SER F 201 12.58 -21.05 -59.82
N PHE F 202 12.18 -21.23 -58.58
CA PHE F 202 11.33 -22.34 -58.18
C PHE F 202 9.94 -21.79 -57.94
N VAL F 203 8.97 -22.27 -58.71
CA VAL F 203 7.70 -21.56 -58.75
C VAL F 203 6.64 -22.28 -57.94
N THR F 204 6.27 -23.47 -58.36
CA THR F 204 5.03 -24.02 -57.83
C THR F 204 5.29 -25.01 -56.73
N THR F 205 4.20 -25.65 -56.28
CA THR F 205 4.17 -26.29 -54.97
C THR F 205 5.07 -27.50 -54.92
N ALA F 206 5.27 -28.17 -56.04
CA ALA F 206 6.26 -29.23 -56.08
C ALA F 206 7.65 -28.67 -55.87
N GLU F 207 7.96 -27.54 -56.49
CA GLU F 207 9.23 -26.91 -56.18
C GLU F 207 9.24 -26.28 -54.81
N ARG F 208 8.08 -25.91 -54.25
CA ARG F 208 8.09 -25.38 -52.90
C ARG F 208 8.43 -26.47 -51.90
N GLU F 209 8.14 -27.71 -52.26
CA GLU F 209 8.59 -28.81 -51.44
C GLU F 209 10.10 -28.96 -51.50
N ILE F 210 10.69 -28.88 -52.69
CA ILE F 210 12.12 -29.13 -52.76
C ILE F 210 12.92 -27.94 -52.29
N VAL F 211 12.29 -26.78 -52.14
CA VAL F 211 12.95 -25.68 -51.44
C VAL F 211 13.16 -26.04 -49.99
N ARG F 212 12.21 -26.73 -49.39
CA ARG F 212 12.38 -27.12 -47.99
C ARG F 212 13.46 -28.16 -47.86
N ASP F 213 13.64 -29.01 -48.87
CA ASP F 213 14.76 -29.93 -48.84
C ASP F 213 16.08 -29.20 -48.99
N ILE F 214 16.09 -28.07 -49.69
CA ILE F 214 17.28 -27.25 -49.70
C ILE F 214 17.49 -26.64 -48.34
N LYS F 215 16.40 -26.21 -47.71
CA LYS F 215 16.50 -25.47 -46.47
C LYS F 215 16.94 -26.35 -45.32
N GLU F 216 16.38 -27.53 -45.22
CA GLU F 216 16.69 -28.36 -44.07
C GLU F 216 18.05 -29.03 -44.21
N LYS F 217 18.62 -29.07 -45.39
CA LYS F 217 19.92 -29.71 -45.53
C LYS F 217 21.05 -28.72 -45.55
N LEU F 218 20.79 -27.46 -45.86
CA LEU F 218 21.89 -26.55 -46.07
C LEU F 218 21.91 -25.38 -45.12
N CYS F 219 20.76 -24.78 -44.85
CA CYS F 219 20.73 -23.47 -44.19
C CYS F 219 21.11 -23.57 -42.73
N TYR F 220 22.12 -22.79 -42.35
CA TYR F 220 22.53 -22.61 -40.98
C TYR F 220 22.33 -21.15 -40.66
N VAL F 221 22.24 -20.85 -39.38
CA VAL F 221 22.10 -19.46 -38.96
C VAL F 221 23.45 -18.96 -38.49
N ALA F 222 23.75 -17.71 -38.79
CA ALA F 222 25.08 -17.18 -38.52
C ALA F 222 25.20 -16.74 -37.09
N LEU F 223 26.43 -16.81 -36.57
CA LEU F 223 26.69 -16.34 -35.22
C LEU F 223 26.68 -14.82 -35.16
N ASP F 224 27.43 -14.19 -36.05
CA ASP F 224 27.43 -12.75 -36.19
C ASP F 224 27.09 -12.44 -37.63
N PHE F 225 25.96 -11.77 -37.84
CA PHE F 225 25.40 -11.71 -39.19
C PHE F 225 26.23 -10.85 -40.12
N GLU F 226 26.68 -9.69 -39.65
CA GLU F 226 27.39 -8.80 -40.55
C GLU F 226 28.81 -9.28 -40.82
N ASN F 227 29.49 -9.75 -39.78
CA ASN F 227 30.87 -10.18 -39.97
C ASN F 227 30.94 -11.47 -40.76
N GLU F 228 29.90 -12.27 -40.72
CA GLU F 228 29.90 -13.46 -41.55
C GLU F 228 29.31 -13.19 -42.92
N MET F 229 28.54 -12.12 -43.06
CA MET F 229 28.21 -11.64 -44.40
C MET F 229 29.46 -11.17 -45.11
N ALA F 230 30.40 -10.56 -44.38
CA ALA F 230 31.63 -10.11 -44.99
C ALA F 230 32.51 -11.27 -45.43
N THR F 231 32.31 -12.45 -44.85
CA THR F 231 33.00 -13.62 -45.38
C THR F 231 32.45 -13.97 -46.75
N ALA F 232 31.16 -13.77 -46.97
CA ALA F 232 30.57 -14.02 -48.27
C ALA F 232 31.00 -13.01 -49.32
N ALA F 233 31.58 -11.89 -48.91
CA ALA F 233 32.18 -10.99 -49.89
C ALA F 233 33.40 -11.64 -50.52
N SER F 234 34.29 -12.19 -49.71
CA SER F 234 35.40 -12.99 -50.21
C SER F 234 34.91 -14.42 -50.28
N SER F 235 34.04 -14.66 -51.26
CA SER F 235 33.31 -15.92 -51.35
C SER F 235 34.25 -17.05 -51.73
N SER F 236 34.78 -17.72 -50.73
CA SER F 236 35.75 -18.75 -50.99
C SER F 236 35.27 -20.12 -50.57
N SER F 237 34.72 -20.25 -49.37
CA SER F 237 34.37 -21.55 -48.84
C SER F 237 32.95 -21.60 -48.34
N LEU F 238 32.14 -20.58 -48.62
CA LEU F 238 30.81 -20.56 -48.06
C LEU F 238 29.87 -21.45 -48.86
N GLU F 239 30.03 -21.47 -50.17
CA GLU F 239 29.05 -22.09 -51.04
C GLU F 239 29.08 -23.60 -50.93
N LYS F 240 27.92 -24.19 -50.75
CA LYS F 240 27.75 -25.59 -51.03
C LYS F 240 26.89 -25.73 -52.26
N SER F 241 26.52 -26.96 -52.57
CA SER F 241 25.85 -27.21 -53.83
C SER F 241 24.91 -28.39 -53.68
N TYR F 242 23.73 -28.28 -54.26
CA TYR F 242 22.65 -29.23 -53.99
C TYR F 242 22.10 -29.78 -55.27
N GLU F 243 21.99 -31.09 -55.35
CA GLU F 243 21.47 -31.75 -56.53
C GLU F 243 19.95 -31.75 -56.48
N LEU F 244 19.33 -31.20 -57.51
CA LEU F 244 17.88 -31.22 -57.61
C LEU F 244 17.42 -32.62 -57.99
N PRO F 245 16.13 -32.92 -57.83
CA PRO F 245 15.65 -34.25 -58.22
C PRO F 245 15.72 -34.56 -59.70
N ASP F 246 15.82 -33.56 -60.58
CA ASP F 246 15.98 -33.89 -61.99
C ASP F 246 17.41 -34.26 -62.32
N GLY F 247 18.35 -33.68 -61.61
CA GLY F 247 19.74 -33.97 -61.85
C GLY F 247 20.60 -32.73 -61.91
N GLN F 248 20.05 -31.63 -62.41
CA GLN F 248 20.85 -30.42 -62.49
C GLN F 248 21.09 -29.88 -61.10
N VAL F 249 22.25 -29.29 -60.90
CA VAL F 249 22.71 -28.97 -59.56
C VAL F 249 22.67 -27.46 -59.39
N ILE F 250 22.44 -27.02 -58.16
CA ILE F 250 22.44 -25.61 -57.84
C ILE F 250 23.64 -25.34 -56.95
N THR F 251 23.86 -24.07 -56.66
CA THR F 251 24.74 -23.72 -55.58
C THR F 251 24.22 -22.45 -54.95
N ILE F 252 24.66 -22.18 -53.72
CA ILE F 252 24.04 -21.14 -52.92
C ILE F 252 25.09 -20.57 -51.99
N GLY F 253 25.12 -19.25 -51.91
CA GLY F 253 26.17 -18.61 -51.15
C GLY F 253 25.67 -17.92 -49.90
N ASN F 254 25.53 -16.60 -49.96
CA ASN F 254 25.05 -15.85 -48.82
C ASN F 254 23.59 -16.09 -48.56
N GLU F 255 22.85 -16.58 -49.55
CA GLU F 255 21.47 -16.95 -49.33
C GLU F 255 21.31 -18.14 -48.40
N ARG F 256 22.39 -18.84 -48.06
CA ARG F 256 22.25 -19.99 -47.19
C ARG F 256 22.00 -19.57 -45.75
N PHE F 257 22.70 -18.55 -45.29
CA PHE F 257 22.46 -18.08 -43.94
C PHE F 257 21.55 -16.89 -43.87
N ARG F 258 21.32 -16.21 -44.98
CA ARG F 258 20.47 -15.03 -44.94
C ARG F 258 19.02 -15.40 -44.79
N CYS F 259 18.64 -16.61 -45.21
CA CYS F 259 17.26 -17.04 -45.02
C CYS F 259 16.87 -17.27 -43.56
N PRO F 260 17.63 -17.97 -42.71
CA PRO F 260 17.19 -18.08 -41.33
C PRO F 260 17.47 -16.85 -40.47
N GLU F 261 17.93 -15.75 -41.04
CA GLU F 261 17.96 -14.51 -40.28
C GLU F 261 16.60 -13.85 -40.23
N THR F 262 15.61 -14.40 -40.92
CA THR F 262 14.24 -13.91 -40.82
C THR F 262 13.71 -14.11 -39.40
N LEU F 263 14.20 -15.14 -38.70
CA LEU F 263 13.86 -15.31 -37.29
C LEU F 263 14.34 -14.16 -36.43
N PHE F 264 15.34 -13.43 -36.88
CA PHE F 264 15.93 -12.39 -36.06
C PHE F 264 15.67 -11.01 -36.60
N GLN F 265 15.55 -10.87 -37.91
CA GLN F 265 15.13 -9.62 -38.52
C GLN F 265 13.86 -9.94 -39.28
N PRO F 266 12.70 -9.80 -38.67
CA PRO F 266 11.44 -10.06 -39.38
C PRO F 266 11.10 -9.00 -40.40
N SER F 267 11.87 -7.93 -40.48
CA SER F 267 11.70 -6.96 -41.55
C SER F 267 12.18 -7.49 -42.90
N PHE F 268 12.88 -8.62 -42.92
CA PHE F 268 13.29 -9.20 -44.19
C PHE F 268 12.09 -9.68 -44.98
N ILE F 269 11.10 -10.24 -44.30
CA ILE F 269 9.86 -10.58 -44.98
C ILE F 269 8.89 -9.45 -44.73
N GLY F 270 9.39 -8.36 -44.17
CA GLY F 270 8.60 -7.16 -44.09
C GLY F 270 7.54 -7.15 -43.01
N MET F 271 7.46 -8.16 -42.17
CA MET F 271 6.54 -8.07 -41.05
C MET F 271 7.19 -7.25 -39.95
N GLU F 272 6.40 -6.33 -39.40
CA GLU F 272 6.87 -5.40 -38.40
C GLU F 272 6.75 -6.08 -37.04
N SER F 273 7.86 -6.65 -36.60
CA SER F 273 7.87 -7.31 -35.32
C SER F 273 9.27 -7.34 -34.77
N ALA F 274 9.38 -7.80 -33.55
CA ALA F 274 10.69 -8.09 -32.99
C ALA F 274 11.06 -9.51 -33.38
N GLY F 275 12.35 -9.76 -33.43
CA GLY F 275 12.82 -11.09 -33.73
C GLY F 275 12.57 -12.03 -32.57
N ILE F 276 12.79 -13.32 -32.83
CA ILE F 276 12.53 -14.31 -31.78
C ILE F 276 13.56 -14.26 -30.68
N HIS F 277 14.67 -13.55 -30.88
CA HIS F 277 15.54 -13.27 -29.76
C HIS F 277 14.95 -12.20 -28.88
N GLU F 278 14.19 -11.29 -29.45
CA GLU F 278 13.71 -10.15 -28.70
C GLU F 278 12.35 -10.39 -28.11
N THR F 279 11.48 -11.11 -28.81
CA THR F 279 10.22 -11.48 -28.20
C THR F 279 10.40 -12.55 -27.15
N THR F 280 11.56 -13.18 -27.09
CA THR F 280 11.95 -13.93 -25.91
C THR F 280 12.07 -13.00 -24.72
N TYR F 281 12.92 -11.98 -24.85
CA TYR F 281 13.16 -11.05 -23.76
C TYR F 281 11.93 -10.23 -23.45
N ASN F 282 11.12 -9.93 -24.47
CA ASN F 282 9.89 -9.22 -24.20
C ASN F 282 8.91 -10.08 -23.44
N SER F 283 9.02 -11.39 -23.55
CA SER F 283 8.16 -12.24 -22.74
C SER F 283 8.64 -12.28 -21.30
N ILE F 284 9.94 -12.26 -21.09
CA ILE F 284 10.44 -12.41 -19.73
C ILE F 284 10.31 -11.11 -18.97
N MET F 285 10.38 -9.97 -19.67
CA MET F 285 10.06 -8.70 -19.04
C MET F 285 8.61 -8.63 -18.62
N LYS F 286 7.72 -9.29 -19.35
CA LYS F 286 6.33 -9.32 -18.92
C LYS F 286 6.15 -10.18 -17.69
N CYS F 287 7.05 -11.11 -17.44
CA CYS F 287 6.88 -11.96 -16.29
C CYS F 287 7.33 -11.23 -15.03
N ASP F 288 6.92 -11.75 -13.88
CA ASP F 288 7.18 -11.08 -12.62
C ASP F 288 8.65 -11.23 -12.26
N ILE F 289 9.11 -10.37 -11.34
CA ILE F 289 10.53 -10.12 -11.21
C ILE F 289 11.28 -11.26 -10.54
N ASP F 290 10.60 -12.10 -9.76
CA ASP F 290 11.32 -13.21 -9.14
C ASP F 290 11.62 -14.30 -10.14
N ILE F 291 10.70 -14.53 -11.07
CA ILE F 291 10.83 -15.65 -11.98
C ILE F 291 11.93 -15.40 -12.99
N ARG F 292 12.27 -14.12 -13.23
CA ARG F 292 13.16 -13.75 -14.32
C ARG F 292 14.55 -14.34 -14.15
N LYS F 293 14.98 -14.56 -12.91
CA LYS F 293 16.25 -15.22 -12.70
C LYS F 293 16.20 -16.67 -13.14
N ASP F 294 15.06 -17.31 -13.00
CA ASP F 294 14.99 -18.71 -13.35
C ASP F 294 14.64 -18.92 -14.81
N LEU F 295 13.96 -17.96 -15.44
CA LEU F 295 13.69 -18.10 -16.85
C LEU F 295 14.95 -17.93 -17.67
N TYR F 296 15.84 -17.07 -17.22
CA TYR F 296 17.10 -16.90 -17.92
C TYR F 296 17.96 -18.14 -17.85
N ALA F 297 17.88 -18.87 -16.76
CA ALA F 297 18.62 -20.12 -16.71
C ALA F 297 17.91 -21.26 -17.41
N ASN F 298 16.69 -21.05 -17.88
CA ASN F 298 15.89 -22.16 -18.42
C ASN F 298 15.17 -21.67 -19.67
N ASN F 299 15.81 -21.85 -20.82
CA ASN F 299 15.20 -21.52 -22.10
C ASN F 299 15.22 -22.77 -22.95
N VAL F 300 14.05 -23.29 -23.27
CA VAL F 300 13.97 -24.54 -24.01
C VAL F 300 13.69 -24.22 -25.46
N MET F 301 14.64 -24.51 -26.33
CA MET F 301 14.36 -24.48 -27.74
C MET F 301 13.55 -25.72 -28.07
N SER F 302 12.55 -25.55 -28.93
CA SER F 302 11.71 -26.68 -29.28
C SER F 302 11.16 -26.46 -30.68
N GLY F 303 10.64 -27.52 -31.25
CA GLY F 303 10.08 -27.45 -32.57
C GLY F 303 11.13 -27.62 -33.65
N GLY F 304 10.66 -28.08 -34.82
CA GLY F 304 11.56 -28.48 -35.88
C GLY F 304 12.28 -27.34 -36.54
N THR F 305 11.76 -26.12 -36.42
CA THR F 305 12.44 -24.97 -37.00
C THR F 305 13.73 -24.69 -36.27
N THR F 306 13.78 -24.99 -35.00
CA THR F 306 14.96 -24.73 -34.20
C THR F 306 16.00 -25.80 -34.31
N MET F 307 15.96 -26.62 -35.35
CA MET F 307 17.03 -27.56 -35.63
C MET F 307 18.10 -26.95 -36.50
N TYR F 308 18.08 -25.64 -36.70
CA TYR F 308 19.15 -24.99 -37.43
C TYR F 308 20.43 -25.08 -36.63
N PRO F 309 21.55 -25.41 -37.27
CA PRO F 309 22.82 -25.43 -36.53
C PRO F 309 23.26 -24.00 -36.23
N GLY F 310 23.67 -23.79 -34.99
CA GLY F 310 24.05 -22.47 -34.54
C GLY F 310 22.93 -21.67 -33.92
N ILE F 311 21.72 -22.20 -33.84
CA ILE F 311 20.62 -21.43 -33.28
C ILE F 311 20.78 -21.31 -31.78
N ALA F 312 21.43 -22.25 -31.13
CA ALA F 312 21.61 -22.15 -29.70
C ALA F 312 22.73 -21.20 -29.39
N ASP F 313 23.79 -21.25 -30.17
CA ASP F 313 24.90 -20.35 -29.95
C ASP F 313 24.56 -18.93 -30.31
N ARG F 314 23.53 -18.72 -31.11
CA ARG F 314 23.14 -17.37 -31.46
C ARG F 314 22.29 -16.74 -30.37
N MET F 315 21.23 -17.42 -29.96
CA MET F 315 20.33 -16.79 -29.01
C MET F 315 20.93 -16.72 -27.63
N GLN F 316 21.88 -17.60 -27.31
CA GLN F 316 22.62 -17.42 -26.08
C GLN F 316 23.47 -16.17 -26.15
N LYS F 317 23.96 -15.82 -27.33
CA LYS F 317 24.66 -14.56 -27.45
C LYS F 317 23.69 -13.41 -27.45
N GLU F 318 22.54 -13.57 -28.07
CA GLU F 318 21.75 -12.39 -28.33
C GLU F 318 20.88 -12.01 -27.15
N ILE F 319 20.39 -13.00 -26.39
CA ILE F 319 19.66 -12.65 -25.18
C ILE F 319 20.60 -12.06 -24.14
N THR F 320 21.86 -12.49 -24.15
CA THR F 320 22.88 -11.91 -23.30
C THR F 320 23.07 -10.44 -23.61
N ALA F 321 22.90 -10.06 -24.87
CA ALA F 321 22.95 -8.65 -25.21
C ALA F 321 21.76 -7.89 -24.63
N LEU F 322 20.65 -8.57 -24.40
CA LEU F 322 19.48 -7.86 -23.91
C LEU F 322 19.31 -8.00 -22.41
N ALA F 323 19.77 -9.09 -21.83
CA ALA F 323 19.65 -9.28 -20.41
C ALA F 323 20.63 -8.38 -19.67
N PRO F 324 20.38 -8.09 -18.40
CA PRO F 324 21.44 -7.49 -17.58
C PRO F 324 22.57 -8.49 -17.40
N SER F 325 23.78 -8.05 -17.73
CA SER F 325 24.91 -8.95 -17.90
C SER F 325 25.43 -9.51 -16.60
N THR F 326 24.88 -9.14 -15.47
CA THR F 326 25.40 -9.63 -14.22
C THR F 326 24.99 -11.06 -13.91
N MET F 327 24.15 -11.67 -14.73
CA MET F 327 23.64 -12.97 -14.35
C MET F 327 23.46 -13.83 -15.58
N LYS F 328 23.53 -15.14 -15.35
CA LYS F 328 23.79 -16.07 -16.43
C LYS F 328 22.54 -16.37 -17.23
N ILE F 329 22.77 -16.82 -18.45
CA ILE F 329 21.74 -17.27 -19.37
C ILE F 329 22.07 -18.72 -19.71
N LYS F 330 21.03 -19.50 -20.02
CA LYS F 330 21.21 -20.85 -20.53
C LYS F 330 20.20 -21.09 -21.62
N ILE F 331 20.59 -21.90 -22.60
CA ILE F 331 19.73 -22.27 -23.69
C ILE F 331 19.67 -23.78 -23.71
N ILE F 332 18.56 -24.35 -23.26
CA ILE F 332 18.43 -25.80 -23.19
C ILE F 332 17.95 -26.26 -24.55
N ALA F 333 18.89 -26.70 -25.39
CA ALA F 333 18.58 -27.21 -26.72
C ALA F 333 18.93 -28.68 -26.73
N PRO F 334 17.97 -29.57 -26.50
CA PRO F 334 18.24 -30.99 -26.51
C PRO F 334 18.44 -31.47 -27.93
N PRO F 335 18.98 -32.68 -28.11
CA PRO F 335 19.07 -33.23 -29.46
C PRO F 335 17.81 -33.91 -29.95
N GLU F 336 16.66 -33.65 -29.37
CA GLU F 336 15.42 -34.22 -29.85
C GLU F 336 14.35 -33.15 -29.99
N ARG F 337 14.77 -31.94 -30.36
CA ARG F 337 13.87 -30.80 -30.42
C ARG F 337 12.78 -30.97 -31.46
N LYS F 338 13.04 -31.78 -32.49
CA LYS F 338 12.04 -31.98 -33.52
C LYS F 338 10.86 -32.76 -32.97
N TYR F 339 11.09 -33.64 -32.02
CA TYR F 339 10.04 -34.49 -31.51
C TYR F 339 9.65 -34.14 -30.09
N SER F 340 10.09 -32.99 -29.60
CA SER F 340 9.94 -32.68 -28.18
C SER F 340 8.49 -32.49 -27.79
N VAL F 341 7.67 -31.97 -28.71
CA VAL F 341 6.27 -31.78 -28.38
C VAL F 341 5.59 -33.13 -28.30
N TRP F 342 5.99 -34.07 -29.15
CA TRP F 342 5.38 -35.38 -29.09
C TRP F 342 5.81 -36.14 -27.85
N ILE F 343 7.11 -36.08 -27.54
CA ILE F 343 7.65 -36.92 -26.48
C ILE F 343 7.09 -36.47 -25.14
N GLY F 344 7.02 -35.16 -24.93
CA GLY F 344 6.32 -34.65 -23.76
C GLY F 344 4.85 -34.97 -23.80
N GLY F 345 4.28 -35.03 -24.98
CA GLY F 345 2.91 -35.50 -25.10
C GLY F 345 2.80 -36.98 -24.82
N SER F 346 3.85 -37.74 -25.12
CA SER F 346 3.82 -39.16 -24.81
C SER F 346 3.96 -39.40 -23.32
N ILE F 347 4.62 -38.48 -22.62
CA ILE F 347 4.75 -38.65 -21.19
C ILE F 347 3.43 -38.35 -20.51
N LEU F 348 2.82 -37.23 -20.87
CA LEU F 348 1.66 -36.69 -20.13
C LEU F 348 0.48 -37.63 -20.19
N ALA F 349 0.31 -38.32 -21.31
CA ALA F 349 -0.76 -39.30 -21.39
C ALA F 349 -0.47 -40.53 -20.55
N SER F 350 0.79 -40.76 -20.21
CA SER F 350 1.12 -41.98 -19.48
C SER F 350 1.08 -41.81 -17.98
N LEU F 351 0.84 -40.60 -17.47
CA LEU F 351 0.83 -40.40 -16.03
C LEU F 351 -0.42 -40.96 -15.39
N SER F 352 -0.24 -41.61 -14.25
CA SER F 352 -1.34 -42.20 -13.52
C SER F 352 -2.25 -41.16 -12.90
N THR F 353 -1.78 -39.93 -12.74
CA THR F 353 -2.59 -38.85 -12.20
C THR F 353 -3.35 -38.11 -13.28
N PHE F 354 -3.39 -38.66 -14.49
CA PHE F 354 -3.96 -37.94 -15.61
C PHE F 354 -5.27 -38.54 -16.09
N GLN F 355 -5.58 -39.79 -15.74
CA GLN F 355 -6.75 -40.47 -16.29
C GLN F 355 -8.06 -39.90 -15.78
N GLN F 356 -8.05 -38.93 -14.88
CA GLN F 356 -9.24 -38.18 -14.60
C GLN F 356 -9.27 -36.85 -15.31
N MET F 357 -8.22 -36.52 -16.07
CA MET F 357 -8.16 -35.23 -16.74
C MET F 357 -8.58 -35.30 -18.19
N TRP F 358 -9.18 -36.40 -18.63
CA TRP F 358 -9.58 -36.49 -20.03
C TRP F 358 -10.87 -35.73 -20.26
N ILE F 359 -11.38 -35.82 -21.48
CA ILE F 359 -12.70 -35.33 -21.82
C ILE F 359 -13.46 -36.52 -22.36
N THR F 360 -14.29 -37.14 -21.52
CA THR F 360 -14.95 -38.36 -21.96
C THR F 360 -16.19 -38.05 -22.77
N LYS F 361 -16.64 -39.05 -23.52
CA LYS F 361 -17.83 -38.87 -24.33
C LYS F 361 -19.07 -38.75 -23.47
N GLN F 362 -19.11 -39.47 -22.35
CA GLN F 362 -20.29 -39.45 -21.51
C GLN F 362 -20.46 -38.12 -20.82
N GLU F 363 -19.40 -37.35 -20.67
CA GLU F 363 -19.55 -35.98 -20.23
C GLU F 363 -19.58 -35.01 -21.39
N TYR F 364 -19.29 -35.47 -22.60
CA TYR F 364 -19.41 -34.58 -23.74
C TYR F 364 -20.86 -34.35 -24.11
N ASP F 365 -21.69 -35.37 -23.95
CA ASP F 365 -22.99 -35.39 -24.61
C ASP F 365 -23.94 -34.37 -24.01
N GLU F 366 -23.79 -34.06 -22.74
CA GLU F 366 -24.58 -32.98 -22.17
C GLU F 366 -23.86 -31.66 -22.21
N ALA F 367 -22.63 -31.65 -22.70
CA ALA F 367 -21.84 -30.44 -22.68
C ALA F 367 -21.73 -29.77 -24.04
N GLY F 368 -21.56 -30.54 -25.10
CA GLY F 368 -21.36 -29.96 -26.40
C GLY F 368 -19.92 -29.56 -26.58
N PRO F 369 -19.61 -28.92 -27.71
CA PRO F 369 -18.20 -28.63 -28.04
C PRO F 369 -17.58 -27.55 -27.18
N SER F 370 -18.33 -26.88 -26.32
CA SER F 370 -17.71 -25.89 -25.46
C SER F 370 -17.04 -26.49 -24.25
N ILE F 371 -17.02 -27.82 -24.14
CA ILE F 371 -16.41 -28.46 -22.98
C ILE F 371 -14.91 -28.28 -22.97
N VAL F 372 -14.29 -28.04 -24.12
CA VAL F 372 -12.85 -27.93 -24.12
C VAL F 372 -12.42 -26.56 -23.64
N HIS F 373 -13.32 -25.59 -23.66
CA HIS F 373 -12.96 -24.31 -23.07
C HIS F 373 -12.95 -24.35 -21.56
N ARG F 374 -13.65 -25.30 -20.94
CA ARG F 374 -13.47 -25.51 -19.52
C ARG F 374 -12.53 -26.68 -19.24
N LYS F 375 -11.67 -27.00 -20.18
CA LYS F 375 -10.57 -27.95 -19.96
C LYS F 375 -9.30 -27.27 -20.47
N CYS F 376 -8.55 -26.71 -19.52
CA CYS F 376 -7.29 -25.98 -19.71
C CYS F 376 -7.37 -24.90 -20.80
N PHE F 377 -8.49 -24.16 -20.78
CA PHE F 377 -8.73 -22.93 -21.55
C PHE F 377 -8.78 -23.12 -23.09
N THR G 7 -22.10 50.83 27.11
CA THR G 7 -22.76 51.00 28.39
C THR G 7 -22.83 49.66 29.12
N THR G 8 -23.41 48.67 28.46
CA THR G 8 -23.57 47.36 29.05
C THR G 8 -22.23 46.67 29.18
N ALA G 9 -22.18 45.66 30.05
CA ALA G 9 -20.96 44.93 30.24
C ALA G 9 -21.01 43.61 29.48
N LEU G 10 -19.85 43.11 29.12
CA LEU G 10 -19.73 41.76 28.58
C LEU G 10 -19.21 40.84 29.67
N VAL G 11 -19.70 39.61 29.67
CA VAL G 11 -19.18 38.55 30.51
C VAL G 11 -18.77 37.42 29.60
N CYS G 12 -17.52 37.00 29.71
CA CYS G 12 -16.98 35.99 28.81
C CYS G 12 -16.18 35.01 29.65
N ASP G 13 -16.82 33.91 29.99
CA ASP G 13 -16.19 32.82 30.72
C ASP G 13 -15.13 32.20 29.82
N ASN G 14 -13.87 32.35 30.20
CA ASN G 14 -12.78 31.67 29.52
C ASN G 14 -12.88 30.19 29.86
N GLY G 15 -13.70 29.48 29.10
CA GLY G 15 -13.85 28.07 29.32
C GLY G 15 -12.59 27.33 28.91
N SER G 16 -12.28 26.28 29.67
CA SER G 16 -11.14 25.45 29.31
C SER G 16 -11.46 24.61 28.08
N GLY G 17 -12.73 24.31 27.85
CA GLY G 17 -13.08 23.60 26.63
C GLY G 17 -14.01 24.38 25.71
N LEU G 18 -14.93 25.15 26.27
CA LEU G 18 -15.93 25.86 25.48
C LEU G 18 -16.00 27.29 25.98
N VAL G 19 -15.63 28.24 25.13
CA VAL G 19 -15.71 29.64 25.51
C VAL G 19 -17.17 30.06 25.50
N LYS G 20 -17.66 30.48 26.66
CA LYS G 20 -19.02 30.94 26.80
C LYS G 20 -19.01 32.44 26.98
N ALA G 21 -19.84 33.14 26.23
CA ALA G 21 -19.77 34.60 26.23
C ALA G 21 -21.15 35.18 26.01
N GLY G 22 -21.29 36.44 26.38
CA GLY G 22 -22.54 37.15 26.20
C GLY G 22 -22.53 38.46 26.96
N PHE G 23 -23.67 39.12 26.92
CA PHE G 23 -23.81 40.42 27.56
C PHE G 23 -24.25 40.25 29.00
N ALA G 24 -24.11 41.32 29.76
CA ALA G 24 -24.58 41.30 31.14
C ALA G 24 -26.09 41.39 31.18
N GLY G 25 -26.67 40.76 32.19
CA GLY G 25 -28.11 40.79 32.35
C GLY G 25 -28.88 39.93 31.39
N ASP G 26 -28.22 39.22 30.50
CA ASP G 26 -28.89 38.30 29.59
C ASP G 26 -29.05 36.96 30.30
N ASP G 27 -30.14 36.26 29.99
CA ASP G 27 -30.37 34.99 30.63
C ASP G 27 -29.46 33.91 30.07
N ALA G 28 -29.43 33.78 28.75
CA ALA G 28 -28.59 32.80 28.10
C ALA G 28 -27.35 33.48 27.56
N PRO G 29 -26.21 32.79 27.52
CA PRO G 29 -25.03 33.36 26.88
C PRO G 29 -25.26 33.48 25.40
N ARG G 30 -24.68 34.50 24.80
CA ARG G 30 -25.01 34.82 23.41
C ARG G 30 -24.43 33.79 22.47
N ALA G 31 -23.17 33.44 22.64
CA ALA G 31 -22.52 32.53 21.72
C ALA G 31 -21.62 31.61 22.50
N VAL G 32 -21.74 30.32 22.24
CA VAL G 32 -20.90 29.31 22.86
C VAL G 32 -20.20 28.57 21.75
N PHE G 33 -18.88 28.58 21.77
CA PHE G 33 -18.12 27.91 20.73
C PHE G 33 -16.95 27.22 21.40
N PRO G 34 -16.47 26.12 20.84
CA PRO G 34 -15.38 25.40 21.49
C PRO G 34 -14.08 26.16 21.38
N SER G 35 -13.27 26.05 22.43
CA SER G 35 -12.03 26.80 22.54
C SER G 35 -10.92 26.08 21.78
N ILE G 36 -11.05 26.07 20.47
CA ILE G 36 -10.14 25.33 19.62
C ILE G 36 -9.56 26.28 18.59
N VAL G 37 -8.24 26.41 18.57
CA VAL G 37 -7.57 27.03 17.45
C VAL G 37 -6.91 25.91 16.67
N GLY G 38 -6.79 26.11 15.36
CA GLY G 38 -6.22 25.04 14.55
C GLY G 38 -5.51 25.51 13.31
N ARG G 39 -4.32 25.06 13.13
CA ARG G 39 -3.59 25.31 11.93
C ARG G 39 -3.86 24.19 10.95
N PRO G 40 -3.85 24.44 9.65
CA PRO G 40 -3.94 23.34 8.69
C PRO G 40 -2.65 22.58 8.63
N ARG G 41 -2.71 21.40 8.01
CA ARG G 41 -1.55 20.52 8.04
C ARG G 41 -1.33 19.79 6.71
N HIS G 42 -1.70 20.38 5.58
CA HIS G 42 -1.57 19.69 4.31
C HIS G 42 -1.14 20.67 3.23
N GLN G 43 -1.29 20.22 1.98
CA GLN G 43 -0.65 20.89 0.85
C GLN G 43 -1.36 22.19 0.50
N GLY G 44 -2.64 22.13 0.19
CA GLY G 44 -3.31 23.33 -0.26
C GLY G 44 -2.92 23.70 -1.67
N VAL G 45 -3.09 22.75 -2.59
CA VAL G 45 -2.72 23.00 -3.97
C VAL G 45 -3.74 23.85 -4.70
N MET G 46 -4.89 24.10 -4.11
CA MET G 46 -5.75 25.14 -4.63
C MET G 46 -5.10 26.49 -4.44
N VAL G 47 -5.48 27.43 -5.28
CA VAL G 47 -4.88 28.74 -5.28
C VAL G 47 -5.72 29.76 -4.51
N GLY G 48 -7.03 29.55 -4.43
CA GLY G 48 -7.87 30.55 -3.83
C GLY G 48 -8.14 30.29 -2.37
N MET G 49 -8.31 29.03 -2.03
CA MET G 49 -8.75 28.64 -0.70
C MET G 49 -7.58 28.44 0.26
N GLY G 50 -6.36 28.74 -0.17
CA GLY G 50 -5.21 28.58 0.69
C GLY G 50 -5.03 29.66 1.74
N GLN G 51 -5.89 30.67 1.78
CA GLN G 51 -5.77 31.74 2.75
C GLN G 51 -6.37 31.28 4.07
N LYS G 52 -6.36 32.19 5.06
CA LYS G 52 -6.86 31.96 6.42
C LYS G 52 -6.13 30.77 7.06
N ASP G 53 -4.86 31.02 7.32
CA ASP G 53 -3.93 30.01 7.79
C ASP G 53 -4.10 29.60 9.23
N SER G 54 -5.15 30.03 9.92
CA SER G 54 -5.39 29.60 11.29
C SER G 54 -6.88 29.73 11.56
N TYR G 55 -7.59 28.61 11.51
CA TYR G 55 -9.00 28.62 11.81
C TYR G 55 -9.19 28.47 13.31
N VAL G 56 -10.27 29.05 13.82
CA VAL G 56 -10.52 29.04 15.25
C VAL G 56 -12.03 29.01 15.48
N GLY G 57 -12.45 28.24 16.47
CA GLY G 57 -13.85 28.23 16.82
C GLY G 57 -14.67 27.22 16.06
N ASP G 58 -15.88 27.61 15.67
CA ASP G 58 -16.76 26.70 14.96
C ASP G 58 -16.26 26.39 13.56
N GLU G 59 -15.63 27.35 12.91
CA GLU G 59 -15.09 27.08 11.59
C GLU G 59 -13.89 26.16 11.66
N ALA G 60 -13.21 26.10 12.78
CA ALA G 60 -12.22 25.05 12.97
C ALA G 60 -12.90 23.75 13.34
N GLN G 61 -14.10 23.82 13.89
CA GLN G 61 -14.79 22.60 14.28
C GLN G 61 -15.31 21.87 13.06
N SER G 62 -15.90 22.60 12.12
CA SER G 62 -16.44 21.96 10.93
C SER G 62 -15.32 21.48 10.02
N LYS G 63 -14.24 22.22 9.97
CA LYS G 63 -13.13 21.90 9.09
C LYS G 63 -12.07 21.08 9.79
N ARG G 64 -12.46 20.27 10.77
CA ARG G 64 -11.51 19.66 11.67
C ARG G 64 -10.71 18.53 11.04
N GLY G 65 -11.02 18.12 9.82
CA GLY G 65 -10.32 16.99 9.25
C GLY G 65 -8.95 17.32 8.69
N ILE G 66 -8.68 18.58 8.40
CA ILE G 66 -7.42 18.99 7.82
C ILE G 66 -6.63 19.87 8.76
N LEU G 67 -7.02 19.94 10.02
CA LEU G 67 -6.39 20.83 10.97
C LEU G 67 -5.73 20.05 12.09
N THR G 68 -4.70 20.64 12.67
CA THR G 68 -4.18 20.17 13.94
C THR G 68 -4.85 20.97 15.04
N LEU G 69 -5.91 20.42 15.61
CA LEU G 69 -6.70 21.14 16.58
C LEU G 69 -5.96 21.16 17.90
N LYS G 70 -5.65 22.34 18.40
CA LYS G 70 -4.97 22.44 19.67
C LYS G 70 -5.73 23.37 20.58
N TYR G 71 -5.65 23.09 21.87
CA TYR G 71 -6.35 23.94 22.81
C TYR G 71 -5.37 24.96 23.38
N PRO G 72 -5.80 26.21 23.51
CA PRO G 72 -4.93 27.19 24.14
C PRO G 72 -4.86 27.04 25.65
N ILE G 73 -5.88 26.50 26.30
CA ILE G 73 -5.92 26.38 27.74
C ILE G 73 -5.87 24.91 28.09
N GLU G 74 -4.89 24.51 28.88
CA GLU G 74 -4.96 23.19 29.46
C GLU G 74 -4.87 23.30 30.97
N GLY G 76 -6.87 24.48 32.99
CA GLY G 76 -7.29 25.78 33.46
C GLY G 76 -6.20 26.85 33.37
N ILE G 77 -5.03 26.45 32.90
CA ILE G 77 -3.92 27.39 32.79
C ILE G 77 -3.77 27.77 31.33
N ILE G 78 -3.79 29.06 31.05
CA ILE G 78 -3.65 29.52 29.68
C ILE G 78 -2.20 29.36 29.28
N THR G 79 -1.95 28.52 28.29
CA THR G 79 -0.57 28.26 27.90
C THR G 79 -0.13 29.10 26.71
N ASN G 80 -0.82 28.99 25.59
CA ASN G 80 -0.38 29.63 24.36
C ASN G 80 -1.03 30.98 24.26
N TRP G 81 -0.33 32.02 24.72
CA TRP G 81 -0.90 33.35 24.74
C TRP G 81 -1.05 33.95 23.37
N ASP G 82 -0.26 33.48 22.40
CA ASP G 82 -0.44 33.95 21.04
C ASP G 82 -1.78 33.49 20.48
N ASP G 83 -2.14 32.25 20.75
CA ASP G 83 -3.43 31.80 20.28
C ASP G 83 -4.56 32.35 21.12
N MET G 84 -4.27 32.71 22.36
CA MET G 84 -5.34 33.15 23.22
C MET G 84 -5.80 34.55 22.85
N GLU G 85 -4.92 35.33 22.22
CA GLU G 85 -5.38 36.56 21.60
C GLU G 85 -6.30 36.26 20.45
N LYS G 86 -5.97 35.23 19.69
CA LYS G 86 -6.71 34.94 18.48
C LYS G 86 -8.11 34.47 18.81
N ILE G 87 -8.30 33.83 19.96
CA ILE G 87 -9.64 33.39 20.26
C ILE G 87 -10.45 34.52 20.85
N TRP G 88 -9.82 35.43 21.59
CA TRP G 88 -10.59 36.53 22.12
C TRP G 88 -10.93 37.54 21.06
N HIS G 89 -10.07 37.66 20.05
CA HIS G 89 -10.42 38.49 18.91
C HIS G 89 -11.56 37.88 18.15
N HIS G 90 -11.69 36.56 18.18
CA HIS G 90 -12.83 35.92 17.54
C HIS G 90 -14.10 36.11 18.34
N THR G 91 -13.99 36.30 19.65
CA THR G 91 -15.19 36.51 20.43
C THR G 91 -15.78 37.88 20.17
N PHE G 92 -14.96 38.91 20.32
CA PHE G 92 -15.46 40.27 20.31
C PHE G 92 -15.86 40.71 18.91
N TYR G 93 -14.97 40.50 17.97
CA TYR G 93 -15.22 41.00 16.63
C TYR G 93 -16.00 40.00 15.81
N ASN G 94 -15.60 38.74 15.82
CA ASN G 94 -16.14 37.83 14.82
C ASN G 94 -17.50 37.28 15.22
N GLU G 95 -17.81 37.18 16.50
CA GLU G 95 -19.10 36.59 16.81
C GLU G 95 -19.97 37.44 17.72
N LEU G 96 -19.41 38.34 18.51
CA LEU G 96 -20.26 39.24 19.24
C LEU G 96 -20.47 40.56 18.51
N ARG G 97 -19.54 40.89 17.62
CA ARG G 97 -19.60 42.07 16.78
C ARG G 97 -19.70 43.34 17.60
N VAL G 98 -19.00 43.37 18.72
CA VAL G 98 -19.03 44.54 19.58
C VAL G 98 -17.63 45.12 19.66
N ALA G 99 -17.58 46.42 19.83
CA ALA G 99 -16.32 47.09 20.03
C ALA G 99 -15.87 46.83 21.46
N PRO G 100 -14.72 46.20 21.68
CA PRO G 100 -14.27 45.94 23.05
C PRO G 100 -13.88 47.19 23.79
N GLU G 101 -13.56 48.28 23.09
CA GLU G 101 -13.19 49.51 23.77
C GLU G 101 -14.37 50.21 24.41
N GLU G 102 -15.59 49.79 24.12
CA GLU G 102 -16.74 50.48 24.68
C GLU G 102 -17.36 49.72 25.83
N HIS G 103 -17.33 48.41 25.81
CA HIS G 103 -18.04 47.74 26.87
C HIS G 103 -17.08 47.18 27.91
N PRO G 104 -17.41 47.22 29.19
CA PRO G 104 -16.57 46.57 30.18
C PRO G 104 -16.71 45.06 30.09
N THR G 105 -15.63 44.37 30.41
CA THR G 105 -15.61 42.91 30.35
C THR G 105 -15.51 42.32 31.74
N LEU G 106 -15.67 41.01 31.81
CA LEU G 106 -15.57 40.31 33.08
C LEU G 106 -15.05 38.91 32.80
N LEU G 107 -13.76 38.73 32.89
CA LEU G 107 -13.13 37.45 32.68
C LEU G 107 -13.35 36.60 33.91
N THR G 108 -13.35 35.29 33.74
CA THR G 108 -13.54 34.36 34.85
C THR G 108 -12.41 33.34 34.83
N GLU G 109 -12.06 32.82 36.00
CA GLU G 109 -10.97 31.86 36.04
C GLU G 109 -11.13 30.97 37.25
N ALA G 110 -10.38 29.87 37.22
CA ALA G 110 -10.38 28.88 38.28
C ALA G 110 -9.62 29.40 39.48
N PRO G 111 -9.92 28.91 40.67
CA PRO G 111 -9.07 29.22 41.83
C PRO G 111 -7.80 28.41 41.76
N LEU G 112 -6.81 28.88 42.50
CA LEU G 112 -5.50 28.23 42.68
C LEU G 112 -4.74 28.04 41.37
N ASN G 113 -5.06 28.80 40.34
CA ASN G 113 -4.26 28.82 39.13
C ASN G 113 -3.05 29.72 39.39
N PRO G 114 -2.03 29.70 38.53
CA PRO G 114 -0.86 30.56 38.77
C PRO G 114 -1.19 32.03 38.68
N LYS G 115 -0.34 32.83 39.30
CA LYS G 115 -0.54 34.28 39.27
C LYS G 115 -0.36 34.83 37.87
N ALA G 116 0.57 34.29 37.11
CA ALA G 116 0.80 34.80 35.76
C ALA G 116 -0.32 34.46 34.82
N ASN G 117 -1.14 33.48 35.16
CA ASN G 117 -2.37 33.26 34.41
C ASN G 117 -3.35 34.40 34.63
N ARG G 118 -3.20 35.12 35.73
CA ARG G 118 -4.07 36.23 36.00
C ARG G 118 -3.44 37.54 35.58
N GLU G 119 -2.14 37.69 35.82
CA GLU G 119 -1.45 38.93 35.50
C GLU G 119 -1.35 39.15 34.01
N LYS G 120 -1.02 38.10 33.27
CA LYS G 120 -0.95 38.26 31.83
C LYS G 120 -2.33 38.47 31.26
N MET G 121 -3.34 37.87 31.88
CA MET G 121 -4.68 37.95 31.35
C MET G 121 -5.24 39.37 31.46
N THR G 122 -4.83 40.12 32.47
CA THR G 122 -5.27 41.50 32.49
C THR G 122 -4.39 42.37 31.65
N GLN G 123 -3.12 42.00 31.47
CA GLN G 123 -2.24 42.82 30.67
C GLN G 123 -2.55 42.67 29.21
N ILE G 124 -3.05 41.49 28.83
CA ILE G 124 -3.44 41.24 27.46
C ILE G 124 -4.86 41.71 27.23
N MET G 125 -5.52 42.20 28.27
CA MET G 125 -6.87 42.69 28.10
C MET G 125 -6.88 44.20 27.90
N PHE G 126 -6.06 44.91 28.66
CA PHE G 126 -5.95 46.36 28.51
C PHE G 126 -5.02 46.73 27.37
N GLU G 127 -3.78 46.26 27.41
CA GLU G 127 -2.82 46.67 26.39
C GLU G 127 -3.06 46.04 25.03
N THR G 128 -4.08 45.22 24.85
CA THR G 128 -4.41 44.75 23.52
C THR G 128 -5.82 45.16 23.12
N PHE G 129 -6.79 44.94 23.99
CA PHE G 129 -8.15 45.20 23.59
C PHE G 129 -8.69 46.53 24.06
N ASN G 130 -8.01 47.16 25.03
CA ASN G 130 -8.34 48.51 25.51
C ASN G 130 -9.76 48.60 26.04
N VAL G 131 -10.16 47.59 26.82
CA VAL G 131 -11.49 47.58 27.41
C VAL G 131 -11.52 48.64 28.50
N PRO G 132 -12.68 49.22 28.81
CA PRO G 132 -12.69 50.27 29.84
C PRO G 132 -12.42 49.74 31.23
N ALA G 133 -13.06 48.64 31.60
CA ALA G 133 -12.90 48.11 32.94
C ALA G 133 -13.11 46.61 32.88
N MET G 134 -12.35 45.88 33.69
CA MET G 134 -12.44 44.44 33.69
C MET G 134 -12.57 43.98 35.12
N TYR G 135 -12.87 42.69 35.28
CA TYR G 135 -12.91 42.09 36.59
C TYR G 135 -12.77 40.59 36.43
N VAL G 136 -12.02 39.98 37.34
CA VAL G 136 -11.73 38.56 37.28
C VAL G 136 -12.44 37.90 38.43
N ALA G 137 -13.20 36.86 38.14
CA ALA G 137 -13.98 36.18 39.17
C ALA G 137 -13.55 34.73 39.28
N ILE G 138 -13.61 34.22 40.51
CA ILE G 138 -13.45 32.79 40.73
C ILE G 138 -14.66 32.09 40.12
N GLN G 139 -14.45 30.90 39.55
CA GLN G 139 -15.50 30.18 38.84
C GLN G 139 -16.68 29.89 39.76
N ALA G 140 -16.44 29.16 40.83
CA ALA G 140 -17.53 28.59 41.61
C ALA G 140 -18.28 29.65 42.39
N VAL G 141 -17.63 30.77 42.73
CA VAL G 141 -18.37 31.79 43.44
C VAL G 141 -19.31 32.52 42.52
N LEU G 142 -19.13 32.40 41.21
CA LEU G 142 -20.17 32.86 40.31
C LEU G 142 -21.33 31.91 40.33
N SER G 143 -21.07 30.62 40.54
CA SER G 143 -22.12 29.64 40.40
C SER G 143 -23.13 29.71 41.53
N LEU G 144 -22.80 30.31 42.66
CA LEU G 144 -23.82 30.48 43.67
C LEU G 144 -24.79 31.58 43.28
N TYR G 145 -24.33 32.57 42.53
CA TYR G 145 -25.25 33.56 42.01
C TYR G 145 -26.25 32.92 41.06
N ALA G 146 -25.80 31.90 40.33
CA ALA G 146 -26.75 31.13 39.53
C ALA G 146 -27.70 30.35 40.40
N SER G 147 -27.28 29.95 41.59
CA SER G 147 -28.20 29.28 42.48
C SER G 147 -29.21 30.24 43.07
N GLY G 148 -28.87 31.51 43.13
CA GLY G 148 -29.68 32.42 43.91
C GLY G 148 -29.62 32.15 45.38
N ARG G 149 -28.56 31.51 45.85
CA ARG G 149 -28.43 31.12 47.23
C ARG G 149 -27.01 31.40 47.67
N THR G 150 -26.87 31.88 48.89
CA THR G 150 -25.63 32.46 49.36
C THR G 150 -24.74 31.49 50.13
N THR G 151 -25.06 30.20 50.15
CA THR G 151 -24.20 29.30 50.90
C THR G 151 -24.12 27.94 50.24
N GLY G 152 -23.05 27.22 50.54
CA GLY G 152 -22.88 25.87 50.05
C GLY G 152 -21.71 25.67 49.11
N ILE G 153 -21.09 24.49 49.16
CA ILE G 153 -19.89 24.23 48.36
C ILE G 153 -20.32 23.96 46.94
N VAL G 154 -19.38 23.99 46.00
CA VAL G 154 -19.72 23.82 44.58
C VAL G 154 -18.77 22.81 43.97
N LEU G 155 -19.31 21.72 43.46
CA LEU G 155 -18.55 20.77 42.65
C LEU G 155 -18.52 21.31 41.23
N ASP G 156 -17.64 22.27 41.00
CA ASP G 156 -17.54 22.89 39.68
C ASP G 156 -16.51 22.12 38.89
N SER G 157 -16.97 21.19 38.08
CA SER G 157 -16.10 20.37 37.26
C SER G 157 -16.25 20.83 35.82
N GLY G 158 -15.20 21.41 35.27
CA GLY G 158 -15.20 21.88 33.91
C GLY G 158 -14.57 20.90 32.96
N ASP G 159 -14.15 21.42 31.81
CA ASP G 159 -13.44 20.59 30.85
C ASP G 159 -12.00 20.37 31.27
N GLY G 160 -11.41 21.33 31.97
CA GLY G 160 -9.99 21.27 32.24
C GLY G 160 -9.61 21.05 33.69
N VAL G 161 -10.49 21.39 34.63
CA VAL G 161 -10.17 21.27 36.04
C VAL G 161 -11.46 21.17 36.81
N THR G 162 -11.44 20.46 37.93
CA THR G 162 -12.53 20.49 38.89
C THR G 162 -12.05 21.09 40.19
N HIS G 163 -12.97 21.73 40.90
CA HIS G 163 -12.58 22.41 42.12
C HIS G 163 -13.80 22.63 43.00
N ASN G 164 -13.55 22.68 44.31
CA ASN G 164 -14.58 22.90 45.31
C ASN G 164 -14.28 24.19 46.04
N VAL G 165 -15.24 25.11 46.02
CA VAL G 165 -15.08 26.35 46.77
C VAL G 165 -16.17 26.36 47.83
N PRO G 166 -15.86 25.91 49.04
CA PRO G 166 -16.85 25.99 50.12
C PRO G 166 -17.04 27.41 50.56
N ILE G 167 -18.29 27.76 50.81
CA ILE G 167 -18.61 29.14 51.14
C ILE G 167 -19.89 29.24 51.96
N TYR G 168 -19.79 29.87 53.12
CA TYR G 168 -20.95 30.13 53.97
C TYR G 168 -21.48 31.49 53.58
N GLU G 169 -22.59 31.91 54.21
CA GLU G 169 -23.36 33.02 53.72
C GLU G 169 -22.58 34.32 53.74
N GLY G 170 -22.19 34.72 52.56
CA GLY G 170 -21.20 35.74 52.36
C GLY G 170 -19.80 35.19 52.27
N TYR G 171 -19.36 34.53 53.32
CA TYR G 171 -17.94 34.36 53.57
C TYR G 171 -17.45 33.02 53.03
N ALA G 172 -16.34 33.06 52.30
CA ALA G 172 -15.78 31.85 51.73
C ALA G 172 -14.79 31.23 52.70
N LEU G 173 -14.27 30.08 52.33
CA LEU G 173 -13.28 29.38 53.15
C LEU G 173 -12.06 29.18 52.26
N PRO G 174 -11.11 30.10 52.29
CA PRO G 174 -10.02 30.04 51.32
C PRO G 174 -9.08 28.90 51.56
N HIS G 175 -8.92 28.48 52.81
CA HIS G 175 -8.02 27.37 53.05
C HIS G 175 -8.64 26.05 52.68
N ALA G 176 -9.96 25.99 52.58
CA ALA G 176 -10.64 24.75 52.28
C ALA G 176 -10.99 24.62 50.81
N ILE G 177 -10.47 25.49 49.95
CA ILE G 177 -10.69 25.32 48.54
C ILE G 177 -9.83 24.18 48.04
N MET G 178 -10.45 23.14 47.52
CA MET G 178 -9.70 22.02 46.97
C MET G 178 -9.90 21.99 45.47
N ARG G 179 -8.95 21.37 44.77
CA ARG G 179 -8.89 21.47 43.34
C ARG G 179 -8.16 20.27 42.76
N LEU G 180 -8.80 19.59 41.82
CA LEU G 180 -8.21 18.44 41.17
C LEU G 180 -8.17 18.69 39.68
N ASP G 181 -7.11 18.24 39.05
CA ASP G 181 -6.98 18.47 37.61
C ASP G 181 -7.72 17.44 36.78
N LEU G 182 -8.38 16.48 37.40
CA LEU G 182 -9.14 15.49 36.65
C LEU G 182 -10.40 16.15 36.13
N ALA G 183 -10.60 16.11 34.82
CA ALA G 183 -11.77 16.73 34.23
C ALA G 183 -12.04 16.09 32.88
N GLY G 184 -12.81 16.78 32.04
CA GLY G 184 -13.35 16.17 30.84
C GLY G 184 -12.31 15.74 29.82
N ARG G 185 -11.17 16.43 29.77
CA ARG G 185 -10.12 15.96 28.88
C ARG G 185 -9.48 14.70 29.43
N ASP G 186 -9.34 14.63 30.75
CA ASP G 186 -8.86 13.39 31.34
C ASP G 186 -9.90 12.30 31.23
N LEU G 187 -11.17 12.66 31.07
CA LEU G 187 -12.15 11.67 30.71
C LEU G 187 -11.99 11.26 29.27
N THR G 188 -11.80 12.24 28.39
CA THR G 188 -11.69 11.96 26.97
C THR G 188 -10.45 11.14 26.66
N ASP G 189 -9.35 11.46 27.32
CA ASP G 189 -8.14 10.70 27.08
C ASP G 189 -8.26 9.29 27.64
N TYR G 190 -9.04 9.10 28.69
CA TYR G 190 -9.20 7.75 29.18
C TYR G 190 -10.21 6.99 28.34
N LEU G 191 -11.15 7.70 27.75
CA LEU G 191 -12.08 7.02 26.86
C LEU G 191 -11.38 6.57 25.60
N MET G 192 -10.38 7.33 25.16
CA MET G 192 -9.58 6.90 24.03
C MET G 192 -8.76 5.68 24.38
N LYS G 193 -8.37 5.52 25.63
CA LYS G 193 -7.62 4.34 26.01
C LYS G 193 -8.50 3.11 26.01
N ILE G 194 -9.75 3.24 26.40
CA ILE G 194 -10.59 2.06 26.54
C ILE G 194 -11.39 1.77 25.31
N LEU G 195 -11.40 2.65 24.32
CA LEU G 195 -11.96 2.24 23.05
C LEU G 195 -11.03 1.29 22.32
N THR G 196 -9.74 1.38 22.60
CA THR G 196 -8.80 0.48 21.95
C THR G 196 -8.96 -0.95 22.42
N GLU G 197 -9.60 -1.16 23.56
CA GLU G 197 -9.87 -2.51 23.98
C GLU G 197 -10.93 -3.15 23.11
N ARG G 198 -11.82 -2.35 22.54
CA ARG G 198 -12.76 -2.86 21.55
C ARG G 198 -12.27 -2.63 20.14
N GLY G 199 -11.01 -2.24 19.98
CA GLY G 199 -10.45 -2.09 18.67
C GLY G 199 -10.68 -0.75 18.02
N TYR G 200 -11.55 0.08 18.58
CA TYR G 200 -11.84 1.37 17.96
C TYR G 200 -10.68 2.30 18.26
N SER G 201 -9.65 2.20 17.43
CA SER G 201 -8.45 3.00 17.62
C SER G 201 -8.69 4.39 17.06
N PHE G 202 -8.92 5.35 17.93
CA PHE G 202 -9.04 6.74 17.54
C PHE G 202 -7.76 7.44 17.97
N VAL G 203 -7.03 7.99 17.00
CA VAL G 203 -5.67 8.38 17.31
C VAL G 203 -5.55 9.88 17.47
N THR G 204 -5.78 10.63 16.41
CA THR G 204 -5.34 12.01 16.43
C THR G 204 -6.47 12.96 16.75
N THR G 205 -6.17 14.25 16.67
CA THR G 205 -6.95 15.27 17.34
C THR G 205 -8.32 15.43 16.73
N ALA G 206 -8.45 15.14 15.45
CA ALA G 206 -9.78 15.10 14.84
C ALA G 206 -10.59 13.96 15.43
N GLU G 207 -9.97 12.80 15.62
CA GLU G 207 -10.69 11.75 16.32
C GLU G 207 -10.83 12.03 17.80
N ARG G 208 -9.94 12.84 18.39
CA ARG G 208 -10.11 13.18 19.79
C ARG G 208 -11.32 14.07 19.97
N GLU G 209 -11.68 14.81 18.95
CA GLU G 209 -12.91 15.56 18.98
C GLU G 209 -14.12 14.64 18.94
N ILE G 210 -14.10 13.63 18.08
CA ILE G 210 -15.29 12.81 17.95
C ILE G 210 -15.40 11.81 19.09
N VAL G 211 -14.33 11.63 19.86
CA VAL G 211 -14.46 10.87 21.10
C VAL G 211 -15.33 11.64 22.07
N ARG G 212 -15.20 12.96 22.09
CA ARG G 212 -16.03 13.74 22.99
C ARG G 212 -17.48 13.72 22.56
N ASP G 213 -17.73 13.60 21.25
CA ASP G 213 -19.10 13.42 20.81
C ASP G 213 -19.63 12.06 21.20
N ILE G 214 -18.76 11.07 21.30
CA ILE G 214 -19.21 9.80 21.86
C ILE G 214 -19.50 9.96 23.32
N LYS G 215 -18.66 10.72 24.02
CA LYS G 215 -18.75 10.81 25.46
C LYS G 215 -19.98 11.59 25.89
N GLU G 216 -20.25 12.71 25.24
CA GLU G 216 -21.34 13.53 25.70
C GLU G 216 -22.69 12.98 25.28
N LYS G 217 -22.73 12.06 24.33
CA LYS G 217 -24.01 11.52 23.93
C LYS G 217 -24.31 10.19 24.57
N LEU G 218 -23.31 9.47 25.05
CA LEU G 218 -23.56 8.11 25.49
C LEU G 218 -23.24 7.87 26.95
N CYS G 219 -22.14 8.41 27.44
CA CYS G 219 -21.62 7.98 28.74
C CYS G 219 -22.47 8.49 29.89
N TYR G 220 -22.92 7.56 30.71
CA TYR G 220 -23.61 7.84 31.95
C TYR G 220 -22.77 7.28 33.06
N VAL G 221 -22.97 7.76 34.25
CA VAL G 221 -22.24 7.25 35.40
C VAL G 221 -23.15 6.30 36.16
N ALA G 222 -22.58 5.22 36.68
CA ALA G 222 -23.37 4.17 37.28
C ALA G 222 -23.72 4.53 38.72
N LEU G 223 -24.86 4.02 39.17
CA LEU G 223 -25.27 4.22 40.55
C LEU G 223 -24.43 3.36 41.48
N ASP G 224 -24.34 2.08 41.18
CA ASP G 224 -23.48 1.17 41.94
C ASP G 224 -22.56 0.51 40.94
N PHE G 225 -21.26 0.76 41.08
CA PHE G 225 -20.33 0.44 40.00
C PHE G 225 -20.17 -1.05 39.81
N GLU G 226 -20.01 -1.80 40.89
CA GLU G 226 -19.74 -3.22 40.74
C GLU G 226 -20.98 -3.99 40.33
N ASN G 227 -22.12 -3.67 40.93
CA ASN G 227 -23.33 -4.40 40.61
C ASN G 227 -23.83 -4.07 39.23
N GLU G 228 -23.51 -2.90 38.72
CA GLU G 228 -23.88 -2.60 37.35
C GLU G 228 -22.82 -3.05 36.36
N MET G 229 -21.58 -3.23 36.83
CA MET G 229 -20.60 -3.94 36.02
C MET G 229 -21.04 -5.37 35.81
N ALA G 230 -21.66 -5.99 36.82
CA ALA G 230 -22.12 -7.35 36.66
C ALA G 230 -23.27 -7.46 35.68
N THR G 231 -23.99 -6.36 35.44
CA THR G 231 -24.98 -6.37 34.36
C THR G 231 -24.28 -6.47 33.02
N ALA G 232 -23.12 -5.85 32.89
CA ALA G 232 -22.37 -5.94 31.64
C ALA G 232 -21.76 -7.32 31.43
N ALA G 233 -21.71 -8.16 32.46
CA ALA G 233 -21.33 -9.55 32.23
C ALA G 233 -22.38 -10.26 31.42
N SER G 234 -23.65 -10.13 31.81
CA SER G 234 -24.75 -10.64 31.00
C SER G 234 -25.17 -9.51 30.06
N SER G 235 -24.30 -9.27 29.08
CA SER G 235 -24.42 -8.10 28.22
C SER G 235 -25.63 -8.23 27.31
N SER G 236 -26.74 -7.71 27.75
CA SER G 236 -27.96 -7.86 27.00
C SER G 236 -28.51 -6.54 26.50
N SER G 237 -28.57 -5.53 27.35
CA SER G 237 -29.22 -4.29 26.99
C SER G 237 -28.36 -3.09 27.28
N LEU G 238 -27.09 -3.29 27.61
CA LEU G 238 -26.26 -2.17 27.98
C LEU G 238 -25.77 -1.42 26.76
N GLU G 239 -25.44 -2.14 25.69
CA GLU G 239 -24.75 -1.55 24.56
C GLU G 239 -25.65 -0.63 23.76
N LYS G 240 -25.17 0.55 23.49
CA LYS G 240 -25.73 1.35 22.43
C LYS G 240 -24.71 1.40 21.30
N SER G 241 -25.01 2.22 20.30
CA SER G 241 -24.22 2.20 19.10
C SER G 241 -24.21 3.58 18.47
N TYR G 242 -23.06 4.00 17.98
CA TYR G 242 -22.87 5.39 17.58
C TYR G 242 -22.30 5.46 16.18
N GLU G 243 -22.93 6.25 15.34
CA GLU G 243 -22.50 6.42 13.97
C GLU G 243 -21.37 7.44 13.91
N LEU G 244 -20.24 7.03 13.37
CA LEU G 244 -19.12 7.92 13.19
C LEU G 244 -19.42 8.88 12.03
N PRO G 245 -18.66 9.97 11.89
CA PRO G 245 -18.91 10.88 10.76
C PRO G 245 -18.62 10.30 9.39
N ASP G 246 -17.83 9.23 9.28
CA ASP G 246 -17.65 8.65 7.97
C ASP G 246 -18.82 7.77 7.58
N GLY G 247 -19.46 7.14 8.55
CA GLY G 247 -20.58 6.29 8.26
C GLY G 247 -20.51 4.98 9.00
N GLN G 248 -19.33 4.45 9.21
CA GLN G 248 -19.21 3.18 9.91
C GLN G 248 -19.58 3.37 11.37
N VAL G 249 -20.19 2.37 11.95
CA VAL G 249 -20.83 2.53 13.24
C VAL G 249 -20.02 1.75 14.27
N ILE G 250 -20.03 2.24 15.50
CA ILE G 250 -19.35 1.57 16.60
C ILE G 250 -20.42 1.05 17.54
N THR G 251 -19.98 0.31 18.54
CA THR G 251 -20.83 0.03 19.68
C THR G 251 -19.95 -0.07 20.90
N ILE G 252 -20.55 0.09 22.06
CA ILE G 252 -19.78 0.26 23.29
C ILE G 252 -20.57 -0.32 24.44
N GLY G 253 -19.90 -1.06 25.29
CA GLY G 253 -20.60 -1.75 26.35
C GLY G 253 -20.26 -1.24 27.73
N ASN G 254 -19.41 -1.96 28.45
CA ASN G 254 -19.03 -1.52 29.78
C ASN G 254 -18.16 -0.30 29.75
N GLU G 255 -17.52 -0.01 28.62
CA GLU G 255 -16.76 1.22 28.49
C GLU G 255 -17.63 2.46 28.52
N ARG G 256 -18.95 2.33 28.45
CA ARG G 256 -19.79 3.51 28.47
C ARG G 256 -19.86 4.11 29.86
N PHE G 257 -19.98 3.28 30.89
CA PHE G 257 -20.02 3.82 32.23
C PHE G 257 -18.68 3.74 32.93
N ARG G 258 -17.74 2.96 32.41
CA ARG G 258 -16.47 2.85 33.10
C ARG G 258 -15.62 4.08 32.90
N CYS G 259 -15.88 4.84 31.83
CA CYS G 259 -15.14 6.08 31.64
C CYS G 259 -15.47 7.18 32.65
N PRO G 260 -16.74 7.49 32.97
CA PRO G 260 -16.95 8.52 34.00
C PRO G 260 -16.77 8.03 35.42
N GLU G 261 -16.30 6.80 35.65
CA GLU G 261 -15.89 6.42 36.99
C GLU G 261 -14.52 6.94 37.34
N THR G 262 -13.84 7.58 36.39
CA THR G 262 -12.58 8.23 36.68
C THR G 262 -12.78 9.38 37.66
N LEU G 263 -13.96 10.00 37.66
CA LEU G 263 -14.29 11.01 38.67
C LEU G 263 -14.33 10.43 40.07
N PHE G 264 -14.51 9.13 40.20
CA PHE G 264 -14.65 8.53 41.51
C PHE G 264 -13.51 7.63 41.87
N GLN G 265 -12.88 6.99 40.89
CA GLN G 265 -11.66 6.25 41.12
C GLN G 265 -10.61 6.90 40.23
N PRO G 266 -9.87 7.88 40.73
CA PRO G 266 -8.82 8.50 39.93
C PRO G 266 -7.62 7.61 39.70
N SER G 267 -7.57 6.44 40.32
CA SER G 267 -6.54 5.48 40.01
C SER G 267 -6.73 4.82 38.66
N PHE G 268 -7.87 5.02 38.02
CA PHE G 268 -8.06 4.48 36.67
C PHE G 268 -7.15 5.18 35.68
N ILE G 269 -6.96 6.47 35.83
CA ILE G 269 -5.97 7.15 35.01
C ILE G 269 -4.70 7.25 35.81
N GLY G 270 -4.65 6.55 36.93
CA GLY G 270 -3.42 6.40 37.66
C GLY G 270 -2.99 7.61 38.47
N MET G 271 -3.79 8.65 38.54
CA MET G 271 -3.43 9.72 39.44
C MET G 271 -3.85 9.36 40.85
N GLU G 272 -2.93 9.60 41.78
CA GLU G 272 -3.11 9.23 43.17
C GLU G 272 -3.88 10.35 43.85
N SER G 273 -5.18 10.18 43.95
CA SER G 273 -6.01 11.19 44.58
C SER G 273 -7.27 10.53 45.11
N ALA G 274 -8.03 11.32 45.82
CA ALA G 274 -9.37 10.91 46.18
C ALA G 274 -10.31 11.32 45.06
N GLY G 275 -11.40 10.60 44.95
CA GLY G 275 -12.40 10.92 43.96
C GLY G 275 -13.14 12.19 44.33
N ILE G 276 -13.93 12.68 43.37
CA ILE G 276 -14.65 13.92 43.62
C ILE G 276 -15.79 13.74 44.60
N HIS G 277 -16.16 12.52 44.92
CA HIS G 277 -17.05 12.32 46.04
C HIS G 277 -16.31 12.50 47.35
N GLU G 278 -15.03 12.20 47.38
CA GLU G 278 -14.30 12.20 48.63
C GLU G 278 -13.60 13.52 48.87
N THR G 279 -13.10 14.16 47.82
CA THR G 279 -12.57 15.50 48.01
C THR G 279 -13.67 16.51 48.24
N THR G 280 -14.92 16.15 47.99
CA THR G 280 -16.04 16.90 48.53
C THR G 280 -16.03 16.85 50.05
N TYR G 281 -16.06 15.64 50.59
CA TYR G 281 -16.09 15.46 52.04
C TYR G 281 -14.82 15.92 52.69
N ASN G 282 -13.69 15.79 52.00
CA ASN G 282 -12.46 16.30 52.55
C ASN G 282 -12.46 17.82 52.60
N SER G 283 -13.24 18.47 51.74
CA SER G 283 -13.34 19.91 51.84
C SER G 283 -14.22 20.31 53.00
N ILE G 284 -15.28 19.55 53.27
CA ILE G 284 -16.20 19.97 54.31
C ILE G 284 -15.64 19.65 55.67
N MET G 285 -14.82 18.61 55.79
CA MET G 285 -14.10 18.38 57.03
C MET G 285 -13.10 19.48 57.31
N LYS G 286 -12.55 20.10 56.28
CA LYS G 286 -11.67 21.23 56.51
C LYS G 286 -12.43 22.45 56.99
N CYS G 287 -13.72 22.52 56.70
CA CYS G 287 -14.47 23.68 57.11
C CYS G 287 -14.84 23.55 58.59
N ASP G 288 -15.21 24.68 59.18
CA ASP G 288 -15.48 24.73 60.61
C ASP G 288 -16.79 24.02 60.91
N ILE G 289 -16.98 23.66 62.18
CA ILE G 289 -17.97 22.65 62.53
C ILE G 289 -19.39 23.16 62.44
N ASP G 290 -19.62 24.46 62.52
CA ASP G 290 -20.99 24.94 62.43
C ASP G 290 -21.48 24.90 61.00
N ILE G 291 -20.59 25.18 60.05
CA ILE G 291 -21.00 25.33 58.67
C ILE G 291 -21.33 23.98 58.06
N ARG G 292 -20.80 22.89 58.65
CA ARG G 292 -20.89 21.57 58.04
C ARG G 292 -22.33 21.08 57.93
N LYS G 293 -23.20 21.53 58.82
CA LYS G 293 -24.60 21.19 58.68
C LYS G 293 -25.21 21.86 57.47
N ASP G 294 -24.76 23.05 57.13
CA ASP G 294 -25.36 23.74 56.02
C ASP G 294 -24.70 23.39 54.69
N LEU G 295 -23.44 22.97 54.72
CA LEU G 295 -22.83 22.56 53.48
C LEU G 295 -23.40 21.25 53.00
N TYR G 296 -23.76 20.37 53.92
CA TYR G 296 -24.35 19.11 53.53
C TYR G 296 -25.72 19.31 52.92
N ALA G 297 -26.45 20.32 53.36
CA ALA G 297 -27.71 20.59 52.72
C ALA G 297 -27.57 21.38 51.44
N ASN G 298 -26.37 21.84 51.10
CA ASN G 298 -26.20 22.74 49.97
C ASN G 298 -24.96 22.32 49.20
N ASN G 299 -25.13 21.46 48.20
CA ASN G 299 -24.04 21.05 47.34
C ASN G 299 -24.47 21.35 45.91
N VAL G 300 -23.76 22.27 45.27
CA VAL G 300 -24.13 22.71 43.94
C VAL G 300 -23.24 22.00 42.94
N MET G 301 -23.82 21.13 42.13
CA MET G 301 -23.11 20.62 40.99
C MET G 301 -23.06 21.71 39.95
N SER G 302 -21.91 21.87 39.29
CA SER G 302 -21.79 22.90 38.29
C SER G 302 -20.77 22.45 37.25
N GLY G 303 -20.76 23.15 36.13
CA GLY G 303 -19.84 22.84 35.07
C GLY G 303 -20.35 21.74 34.17
N GLY G 304 -19.85 21.75 32.93
CA GLY G 304 -20.38 20.89 31.90
C GLY G 304 -20.06 19.43 32.08
N THR G 305 -19.03 19.11 32.87
CA THR G 305 -18.71 17.72 33.12
C THR G 305 -19.77 17.07 33.95
N THR G 306 -20.42 17.82 34.81
CA THR G 306 -21.44 17.29 35.68
C THR G 306 -22.79 17.18 35.02
N MET G 307 -22.85 17.19 33.70
CA MET G 307 -24.08 16.90 32.99
C MET G 307 -24.25 15.42 32.72
N TYR G 308 -23.43 14.58 33.32
CA TYR G 308 -23.62 13.14 33.19
C TYR G 308 -24.92 12.74 33.87
N PRO G 309 -25.73 11.90 33.23
CA PRO G 309 -26.94 11.43 33.89
C PRO G 309 -26.59 10.46 35.00
N GLY G 310 -27.20 10.66 36.15
CA GLY G 310 -26.93 9.86 37.31
C GLY G 310 -25.85 10.41 38.21
N ILE G 311 -25.26 11.56 37.88
CA ILE G 311 -24.20 12.09 38.72
C ILE G 311 -24.77 12.64 40.02
N ALA G 312 -26.01 13.08 40.01
CA ALA G 312 -26.58 13.59 41.24
C ALA G 312 -27.02 12.45 42.14
N ASP G 313 -27.57 11.40 41.54
CA ASP G 313 -27.98 10.26 42.31
C ASP G 313 -26.80 9.47 42.84
N ARG G 314 -25.63 9.65 42.24
CA ARG G 314 -24.46 8.95 42.75
C ARG G 314 -23.86 9.65 43.94
N MET G 315 -23.57 10.94 43.80
CA MET G 315 -22.87 11.61 44.89
C MET G 315 -23.77 11.84 46.07
N GLN G 316 -25.08 11.88 45.87
CA GLN G 316 -25.98 11.89 47.02
C GLN G 316 -25.89 10.57 47.75
N LYS G 317 -25.65 9.48 47.03
CA LYS G 317 -25.45 8.23 47.72
C LYS G 317 -24.07 8.19 48.35
N GLU G 318 -23.08 8.73 47.67
CA GLU G 318 -21.73 8.44 48.11
C GLU G 318 -21.27 9.36 49.23
N ILE G 319 -21.72 10.61 49.23
CA ILE G 319 -21.40 11.47 50.36
C ILE G 319 -22.14 11.01 51.60
N THR G 320 -23.33 10.43 51.42
CA THR G 320 -24.07 9.84 52.52
C THR G 320 -23.29 8.70 53.14
N ALA G 321 -22.50 7.98 52.34
CA ALA G 321 -21.64 6.96 52.91
C ALA G 321 -20.53 7.57 53.74
N LEU G 322 -20.14 8.80 53.46
CA LEU G 322 -19.04 9.39 54.20
C LEU G 322 -19.51 10.30 55.30
N ALA G 323 -20.67 10.91 55.16
CA ALA G 323 -21.18 11.79 56.19
C ALA G 323 -21.66 10.97 57.37
N PRO G 324 -21.77 11.58 58.55
CA PRO G 324 -22.52 10.93 59.63
C PRO G 324 -23.98 10.86 59.26
N SER G 325 -24.53 9.66 59.33
CA SER G 325 -25.82 9.36 58.74
C SER G 325 -26.99 9.97 59.48
N THR G 326 -26.76 10.66 60.58
CA THR G 326 -27.87 11.21 61.34
C THR G 326 -28.44 12.45 60.72
N MET G 327 -27.88 12.96 59.63
CA MET G 327 -28.34 14.24 59.16
C MET G 327 -28.26 14.29 57.63
N LYS G 328 -29.11 15.11 57.06
CA LYS G 328 -29.46 14.97 55.65
C LYS G 328 -28.41 15.58 54.75
N ILE G 329 -28.41 15.10 53.52
CA ILE G 329 -27.57 15.60 52.45
C ILE G 329 -28.49 16.08 51.34
N LYS G 330 -28.04 17.05 50.57
CA LYS G 330 -28.76 17.49 49.38
C LYS G 330 -27.74 17.76 48.29
N ILE G 331 -28.15 17.51 47.05
CA ILE G 331 -27.32 17.77 45.89
C ILE G 331 -28.12 18.68 44.99
N ILE G 332 -27.75 19.95 44.93
CA ILE G 332 -28.49 20.91 44.14
C ILE G 332 -27.91 20.85 42.73
N ALA G 333 -28.57 20.10 41.87
CA ALA G 333 -28.16 19.96 40.48
C ALA G 333 -29.24 20.58 39.61
N PRO G 334 -29.08 21.84 39.23
CA PRO G 334 -30.08 22.48 38.40
C PRO G 334 -30.00 21.97 36.98
N PRO G 335 -31.01 22.22 36.16
CA PRO G 335 -30.93 21.84 34.75
C PRO G 335 -30.18 22.83 33.87
N GLU G 336 -29.37 23.71 34.43
CA GLU G 336 -28.59 24.63 33.63
C GLU G 336 -27.14 24.63 34.06
N ARG G 337 -26.65 23.47 34.51
CA ARG G 337 -25.31 23.36 35.07
C ARG G 337 -24.23 23.67 34.07
N LYS G 338 -24.51 23.48 32.79
CA LYS G 338 -23.52 23.75 31.76
C LYS G 338 -23.24 25.25 31.67
N TYR G 339 -24.25 26.07 31.94
CA TYR G 339 -24.11 27.50 31.77
C TYR G 339 -24.11 28.23 33.11
N SER G 340 -23.97 27.51 34.21
CA SER G 340 -24.18 28.10 35.53
C SER G 340 -23.11 29.12 35.86
N VAL G 341 -21.89 28.91 35.38
CA VAL G 341 -20.84 29.87 35.66
C VAL G 341 -21.10 31.15 34.88
N TRP G 342 -21.64 31.03 33.68
CA TRP G 342 -21.92 32.23 32.91
C TRP G 342 -23.10 32.98 33.49
N ILE G 343 -24.16 32.25 33.85
CA ILE G 343 -25.40 32.90 34.26
C ILE G 343 -25.19 33.64 35.56
N GLY G 344 -24.49 33.03 36.49
CA GLY G 344 -24.09 33.74 37.69
C GLY G 344 -23.13 34.87 37.39
N GLY G 345 -22.32 34.71 36.35
CA GLY G 345 -21.52 35.83 35.90
C GLY G 345 -22.36 36.90 35.25
N SER G 346 -23.46 36.51 34.62
CA SER G 346 -24.35 37.51 34.04
C SER G 346 -25.09 38.27 35.10
N ILE G 347 -25.33 37.65 36.25
CA ILE G 347 -26.02 38.34 37.31
C ILE G 347 -25.09 39.35 37.95
N LEU G 348 -23.88 38.93 38.28
CA LEU G 348 -22.97 39.72 39.12
C LEU G 348 -22.58 41.02 38.43
N ALA G 349 -22.44 40.99 37.12
CA ALA G 349 -22.16 42.23 36.41
C ALA G 349 -23.36 43.16 36.38
N SER G 350 -24.55 42.65 36.60
CA SER G 350 -25.73 43.48 36.49
C SER G 350 -26.12 44.13 37.80
N LEU G 351 -25.44 43.82 38.90
CA LEU G 351 -25.83 44.41 40.18
C LEU G 351 -25.42 45.86 40.29
N SER G 352 -26.32 46.67 40.83
CA SER G 352 -26.07 48.08 41.00
C SER G 352 -25.02 48.37 42.07
N THR G 353 -24.74 47.41 42.94
CA THR G 353 -23.72 47.57 43.95
C THR G 353 -22.36 47.12 43.48
N PHE G 354 -22.20 46.89 42.18
CA PHE G 354 -20.99 46.31 41.66
C PHE G 354 -20.17 47.28 40.84
N GLN G 355 -20.76 48.37 40.37
CA GLN G 355 -20.06 49.27 39.46
C GLN G 355 -18.93 50.05 40.11
N GLN G 356 -18.71 49.90 41.40
CA GLN G 356 -17.48 50.38 42.01
C GLN G 356 -16.48 49.27 42.20
N MET G 357 -16.83 48.03 41.87
CA MET G 357 -15.93 46.91 42.09
C MET G 357 -15.13 46.53 40.85
N TRP G 358 -15.15 47.35 39.81
CA TRP G 358 -14.41 47.00 38.61
C TRP G 358 -12.93 47.29 38.78
N ILE G 359 -12.18 47.09 37.72
CA ILE G 359 -10.78 47.50 37.65
C ILE G 359 -10.68 48.45 36.46
N THR G 360 -10.69 49.74 36.72
CA THR G 360 -10.73 50.68 35.61
C THR G 360 -9.33 50.91 35.06
N LYS G 361 -9.29 51.44 33.84
CA LYS G 361 -8.01 51.71 33.20
C LYS G 361 -7.31 52.87 33.89
N GLN G 362 -8.07 53.86 34.36
CA GLN G 362 -7.47 55.03 34.98
C GLN G 362 -6.84 54.69 36.32
N GLU G 363 -7.25 53.61 36.96
CA GLU G 363 -6.53 53.12 38.11
C GLU G 363 -5.57 52.00 37.74
N TYR G 364 -5.62 51.52 36.51
CA TYR G 364 -4.64 50.53 36.11
C TYR G 364 -3.29 51.16 35.85
N ASP G 365 -3.28 52.38 35.32
CA ASP G 365 -2.08 52.92 34.71
C ASP G 365 -1.00 53.23 35.72
N GLU G 366 -1.39 53.56 36.95
CA GLU G 366 -0.40 53.73 37.99
C GLU G 366 -0.19 52.45 38.78
N ALA G 367 -0.95 51.41 38.48
CA ALA G 367 -0.87 50.19 39.26
C ALA G 367 -0.11 49.08 38.57
N GLY G 368 -0.29 48.92 37.26
CA GLY G 368 0.33 47.82 36.57
C GLY G 368 -0.48 46.55 36.75
N PRO G 369 0.04 45.43 36.23
CA PRO G 369 -0.74 44.19 36.23
C PRO G 369 -0.90 43.56 37.60
N SER G 370 -0.26 44.07 38.64
CA SER G 370 -0.48 43.49 39.95
C SER G 370 -1.75 43.99 40.62
N ILE G 371 -2.54 44.81 39.93
CA ILE G 371 -3.76 45.35 40.52
C ILE G 371 -4.79 44.26 40.74
N VAL G 372 -4.72 43.17 39.99
CA VAL G 372 -5.76 42.17 40.14
C VAL G 372 -5.48 41.31 41.36
N HIS G 373 -4.25 41.31 41.87
CA HIS G 373 -4.02 40.62 43.11
C HIS G 373 -4.56 41.36 44.31
N ARG G 374 -4.79 42.66 44.21
CA ARG G 374 -5.53 43.36 45.24
C ARG G 374 -6.99 43.56 44.84
N LYS G 375 -7.50 42.73 43.94
CA LYS G 375 -8.92 42.68 43.63
C LYS G 375 -9.34 41.21 43.70
N CYS G 376 -9.91 40.84 44.84
CA CYS G 376 -10.39 39.50 45.20
C CYS G 376 -9.35 38.41 44.95
N PHE G 377 -8.11 38.71 45.33
CA PHE G 377 -6.96 37.77 45.41
C PHE G 377 -6.50 37.19 44.07
N THR H 7 24.40 16.09 -73.41
CA THR H 7 23.76 16.77 -72.30
C THR H 7 22.51 16.02 -71.87
N THR H 8 21.61 15.80 -72.82
CA THR H 8 20.36 15.12 -72.54
C THR H 8 20.61 13.66 -72.24
N ALA H 9 19.65 13.03 -71.59
CA ALA H 9 19.77 11.63 -71.26
C ALA H 9 18.97 10.79 -72.24
N LEU H 10 19.40 9.54 -72.42
CA LEU H 10 18.61 8.57 -73.14
C LEU H 10 17.93 7.64 -72.17
N VAL H 11 16.71 7.24 -72.51
CA VAL H 11 15.99 6.21 -71.78
C VAL H 11 15.66 5.11 -72.76
N CYS H 12 16.07 3.90 -72.45
CA CYS H 12 15.89 2.79 -73.37
C CYS H 12 15.40 1.59 -72.57
N ASP H 13 14.09 1.40 -72.59
CA ASP H 13 13.45 0.26 -71.97
C ASP H 13 13.87 -1.00 -72.70
N ASN H 14 14.63 -1.85 -72.01
CA ASN H 14 14.97 -3.16 -72.54
C ASN H 14 13.70 -3.99 -72.51
N GLY H 15 12.91 -3.87 -73.55
CA GLY H 15 11.70 -4.64 -73.65
C GLY H 15 12.01 -6.11 -73.88
N SER H 16 11.20 -6.97 -73.28
CA SER H 16 11.37 -8.39 -73.52
C SER H 16 10.92 -8.76 -74.92
N GLY H 17 10.00 -8.00 -75.50
CA GLY H 17 9.60 -8.23 -76.87
C GLY H 17 9.89 -7.10 -77.82
N LEU H 18 9.76 -5.86 -77.35
CA LEU H 18 9.92 -4.69 -78.20
C LEU H 18 10.79 -3.69 -77.47
N VAL H 19 11.97 -3.42 -78.03
CA VAL H 19 12.87 -2.44 -77.42
C VAL H 19 12.31 -1.06 -77.68
N LYS H 20 11.98 -0.34 -76.62
CA LYS H 20 11.48 1.00 -76.70
C LYS H 20 12.56 1.97 -76.25
N ALA H 21 12.80 3.02 -77.03
CA ALA H 21 13.92 3.88 -76.74
C ALA H 21 13.60 5.31 -77.15
N GLY H 22 14.36 6.24 -76.60
CA GLY H 22 14.19 7.63 -76.93
C GLY H 22 14.94 8.51 -75.95
N PHE H 23 14.77 9.80 -76.13
CA PHE H 23 15.46 10.77 -75.32
C PHE H 23 14.67 11.10 -74.07
N ALA H 24 15.33 11.72 -73.11
CA ALA H 24 14.64 12.15 -71.91
C ALA H 24 13.78 13.36 -72.20
N GLY H 25 12.68 13.48 -71.47
CA GLY H 25 11.78 14.60 -71.65
C GLY H 25 10.96 14.59 -72.91
N ASP H 26 11.09 13.57 -73.75
CA ASP H 26 10.26 13.45 -74.94
C ASP H 26 8.96 12.75 -74.55
N ASP H 27 7.88 13.13 -75.23
CA ASP H 27 6.59 12.53 -74.90
C ASP H 27 6.50 11.11 -75.43
N ALA H 28 6.80 10.92 -76.70
CA ALA H 28 6.77 9.61 -77.32
C ALA H 28 8.17 9.05 -77.42
N PRO H 29 8.34 7.74 -77.33
CA PRO H 29 9.67 7.17 -77.56
C PRO H 29 10.04 7.32 -79.01
N ARG H 30 11.33 7.50 -79.26
CA ARG H 30 11.78 7.87 -80.59
C ARG H 30 11.62 6.72 -81.55
N ALA H 31 12.07 5.54 -81.16
CA ALA H 31 12.05 4.40 -82.06
C ALA H 31 11.67 3.17 -81.28
N VAL H 32 10.71 2.42 -81.81
CA VAL H 32 10.28 1.17 -81.21
C VAL H 32 10.46 0.09 -82.25
N PHE H 33 11.26 -0.91 -81.92
CA PHE H 33 11.51 -1.98 -82.86
C PHE H 33 11.51 -3.28 -82.08
N PRO H 34 11.13 -4.38 -82.71
CA PRO H 34 11.07 -5.64 -81.97
C PRO H 34 12.44 -6.17 -81.64
N SER H 35 12.54 -6.79 -80.47
CA SER H 35 13.81 -7.26 -79.94
C SER H 35 14.15 -8.61 -80.55
N ILE H 36 14.45 -8.59 -81.83
CA ILE H 36 14.69 -9.82 -82.57
C ILE H 36 16.04 -9.72 -83.24
N VAL H 37 16.93 -10.65 -82.93
CA VAL H 37 18.13 -10.83 -83.73
C VAL H 37 17.91 -12.10 -84.54
N GLY H 38 18.51 -12.15 -85.72
CA GLY H 38 18.29 -13.30 -86.57
C GLY H 38 19.42 -13.63 -87.50
N ARG H 39 19.85 -14.85 -87.48
CA ARG H 39 20.83 -15.33 -88.41
C ARG H 39 20.11 -15.89 -89.62
N PRO H 40 20.68 -15.81 -90.81
CA PRO H 40 20.07 -16.50 -91.95
C PRO H 40 20.29 -17.99 -91.85
N ARG H 41 19.57 -18.73 -92.68
CA ARG H 41 19.60 -20.18 -92.56
C ARG H 41 19.55 -20.90 -93.90
N HIS H 42 20.11 -20.30 -94.95
CA HIS H 42 20.05 -20.92 -96.27
C HIS H 42 21.34 -20.69 -97.03
N GLN H 43 21.28 -20.93 -98.34
CA GLN H 43 22.49 -21.06 -99.14
C GLN H 43 23.14 -19.71 -99.40
N GLY H 44 22.42 -18.78 -100.01
CA GLY H 44 23.05 -17.54 -100.36
C GLY H 44 23.95 -17.68 -101.55
N VAL H 45 23.42 -18.21 -102.64
CA VAL H 45 24.22 -18.42 -103.84
C VAL H 45 24.46 -17.14 -104.61
N MET H 46 23.78 -16.06 -104.26
CA MET H 46 24.19 -14.77 -104.77
C MET H 46 25.54 -14.39 -104.17
N VAL H 47 26.26 -13.55 -104.89
CA VAL H 47 27.60 -13.17 -104.50
C VAL H 47 27.62 -11.83 -103.78
N GLY H 48 26.67 -10.96 -104.04
CA GLY H 48 26.74 -9.64 -103.47
C GLY H 48 25.95 -9.50 -102.19
N MET H 49 24.82 -10.16 -102.14
CA MET H 49 23.88 -10.00 -101.05
C MET H 49 24.14 -10.96 -99.90
N GLY H 50 25.22 -11.73 -99.97
CA GLY H 50 25.55 -12.66 -98.91
C GLY H 50 26.16 -12.06 -97.67
N GLN H 51 26.38 -10.74 -97.65
CA GLN H 51 26.98 -10.10 -96.49
C GLN H 51 25.89 -9.85 -95.45
N LYS H 52 26.28 -9.21 -94.33
CA LYS H 52 25.43 -8.89 -93.19
C LYS H 52 24.80 -10.17 -92.63
N ASP H 53 25.66 -10.97 -92.04
CA ASP H 53 25.33 -12.31 -91.58
C ASP H 53 24.50 -12.35 -90.30
N SER H 54 23.99 -11.23 -89.82
CA SER H 54 23.14 -11.24 -88.64
C SER H 54 22.26 -10.01 -88.70
N TYR H 55 21.02 -10.17 -89.12
CA TYR H 55 20.09 -9.07 -89.15
C TYR H 55 19.43 -8.93 -87.78
N VAL H 56 19.07 -7.70 -87.44
CA VAL H 56 18.49 -7.42 -86.14
C VAL H 56 17.51 -6.27 -86.27
N GLY H 57 16.38 -6.38 -85.57
CA GLY H 57 15.44 -5.30 -85.55
C GLY H 57 14.42 -5.35 -86.66
N ASP H 58 14.10 -4.19 -87.24
CA ASP H 58 13.09 -4.14 -88.29
C ASP H 58 13.57 -4.82 -89.55
N GLU H 59 14.86 -4.72 -89.86
CA GLU H 59 15.35 -5.39 -91.05
C GLU H 59 15.36 -6.89 -90.88
N ALA H 60 15.41 -7.38 -89.65
CA ALA H 60 15.15 -8.80 -89.46
C ALA H 60 13.68 -9.09 -89.50
N GLN H 61 12.84 -8.08 -89.23
CA GLN H 61 11.41 -8.32 -89.25
C GLN H 61 10.90 -8.46 -90.67
N SER H 62 11.38 -7.60 -91.57
CA SER H 62 10.92 -7.66 -92.95
C SER H 62 11.48 -8.88 -93.64
N LYS H 63 12.71 -9.25 -93.31
CA LYS H 63 13.39 -10.35 -93.95
C LYS H 63 13.20 -11.65 -93.19
N ARG H 64 12.09 -11.79 -92.50
CA ARG H 64 11.94 -12.87 -91.54
C ARG H 64 11.76 -14.24 -92.16
N GLY H 65 11.62 -14.33 -93.47
CA GLY H 65 11.36 -15.63 -94.06
C GLY H 65 12.58 -16.50 -94.22
N ILE H 66 13.77 -15.93 -94.21
CA ILE H 66 15.00 -16.67 -94.40
C ILE H 66 15.86 -16.65 -93.14
N LEU H 67 15.31 -16.23 -92.02
CA LEU H 67 16.07 -16.09 -90.81
C LEU H 67 15.57 -17.03 -89.73
N THR H 68 16.46 -17.41 -88.83
CA THR H 68 16.04 -18.03 -87.58
C THR H 68 15.92 -16.94 -86.54
N LEU H 69 14.71 -16.45 -86.35
CA LEU H 69 14.50 -15.32 -85.46
C LEU H 69 14.57 -15.80 -84.03
N LYS H 70 15.50 -15.25 -83.26
CA LYS H 70 15.61 -15.63 -81.88
C LYS H 70 15.59 -14.40 -80.99
N TYR H 71 15.05 -14.56 -79.81
CA TYR H 71 15.00 -13.43 -78.91
C TYR H 71 16.17 -13.49 -77.95
N PRO H 72 16.81 -12.36 -77.69
CA PRO H 72 17.88 -12.36 -76.70
C PRO H 72 17.38 -12.42 -75.28
N ILE H 73 16.17 -11.95 -74.99
CA ILE H 73 15.65 -11.91 -73.64
C ILE H 73 14.47 -12.86 -73.58
N GLU H 74 14.53 -13.81 -72.67
CA GLU H 74 13.34 -14.57 -72.37
C GLU H 74 13.04 -14.50 -70.90
N GLY H 76 12.14 -12.07 -69.21
CA GLY H 76 12.73 -10.89 -68.60
C GLY H 76 14.18 -11.05 -68.25
N ILE H 77 14.73 -12.22 -68.49
CA ILE H 77 16.13 -12.48 -68.18
C ILE H 77 16.93 -12.44 -69.47
N ILE H 78 17.96 -11.62 -69.50
CA ILE H 78 18.79 -11.53 -70.69
C ILE H 78 19.66 -12.76 -70.77
N THR H 79 19.46 -13.55 -71.81
CA THR H 79 20.20 -14.80 -71.92
C THR H 79 21.44 -14.66 -72.79
N ASN H 80 21.27 -14.28 -74.05
CA ASN H 80 22.36 -14.29 -75.00
C ASN H 80 23.02 -12.92 -74.99
N TRP H 81 24.08 -12.78 -74.20
CA TRP H 81 24.72 -11.49 -74.06
C TRP H 81 25.48 -11.07 -75.30
N ASP H 82 25.87 -12.03 -76.13
CA ASP H 82 26.52 -11.68 -77.37
C ASP H 82 25.54 -10.98 -78.30
N ASP H 83 24.32 -11.47 -78.37
CA ASP H 83 23.34 -10.80 -79.20
C ASP H 83 22.83 -9.53 -78.54
N MET H 84 22.92 -9.45 -77.22
CA MET H 84 22.35 -8.29 -76.57
C MET H 84 23.23 -7.07 -76.77
N GLU H 85 24.52 -7.29 -77.02
CA GLU H 85 25.36 -6.19 -77.48
C GLU H 85 24.90 -5.74 -78.86
N LYS H 86 24.56 -6.69 -79.70
CA LYS H 86 24.23 -6.39 -81.08
C LYS H 86 22.96 -5.59 -81.18
N ILE H 87 22.04 -5.80 -80.24
CA ILE H 87 20.82 -5.02 -80.34
C ILE H 87 21.01 -3.64 -79.75
N TRP H 88 21.85 -3.50 -78.74
CA TRP H 88 22.05 -2.17 -78.19
C TRP H 88 22.91 -1.33 -79.11
N HIS H 89 23.81 -1.97 -79.84
CA HIS H 89 24.54 -1.25 -80.85
C HIS H 89 23.63 -0.81 -81.97
N HIS H 90 22.56 -1.55 -82.21
CA HIS H 90 21.59 -1.12 -83.20
C HIS H 90 20.74 0.02 -82.69
N THR H 91 20.57 0.14 -81.39
CA THR H 91 19.77 1.25 -80.87
C THR H 91 20.52 2.55 -81.01
N PHE H 92 21.73 2.59 -80.49
CA PHE H 92 22.45 3.84 -80.35
C PHE H 92 22.94 4.34 -81.69
N TYR H 93 23.60 3.47 -82.43
CA TYR H 93 24.21 3.90 -83.68
C TYR H 93 23.24 3.82 -84.82
N ASN H 94 22.54 2.70 -84.95
CA ASN H 94 21.81 2.47 -86.20
C ASN H 94 20.49 3.19 -86.23
N GLU H 95 19.85 3.44 -85.10
CA GLU H 95 18.54 4.07 -85.20
C GLU H 95 18.39 5.34 -84.38
N LEU H 96 19.18 5.53 -83.34
CA LEU H 96 19.12 6.81 -82.67
C LEU H 96 20.18 7.75 -83.16
N ARG H 97 21.26 7.20 -83.73
CA ARG H 97 22.35 7.95 -84.34
C ARG H 97 22.99 8.90 -83.34
N VAL H 98 23.12 8.44 -82.11
CA VAL H 98 23.71 9.26 -81.07
C VAL H 98 24.96 8.56 -80.56
N ALA H 99 25.92 9.37 -80.15
CA ALA H 99 27.12 8.84 -79.54
C ALA H 99 26.79 8.41 -78.12
N PRO H 100 26.94 7.14 -77.76
CA PRO H 100 26.62 6.72 -76.41
C PRO H 100 27.57 7.26 -75.37
N GLU H 101 28.77 7.67 -75.76
CA GLU H 101 29.71 8.20 -74.80
C GLU H 101 29.35 9.59 -74.33
N GLU H 102 28.39 10.25 -74.96
CA GLU H 102 28.05 11.60 -74.57
C GLU H 102 26.77 11.67 -73.75
N HIS H 103 25.82 10.80 -74.02
CA HIS H 103 24.58 10.98 -73.28
C HIS H 103 24.45 9.95 -72.18
N PRO H 104 23.91 10.32 -71.02
CA PRO H 104 23.63 9.31 -70.00
C PRO H 104 22.45 8.45 -70.40
N THR H 105 22.48 7.20 -69.97
CA THR H 105 21.43 6.26 -70.30
C THR H 105 20.65 5.88 -69.05
N LEU H 106 19.55 5.16 -69.28
CA LEU H 106 18.72 4.72 -68.16
C LEU H 106 18.07 3.41 -68.58
N LEU H 107 18.69 2.31 -68.23
CA LEU H 107 18.15 0.99 -68.52
C LEU H 107 17.04 0.69 -67.55
N THR H 108 16.10 -0.16 -67.97
CA THR H 108 14.98 -0.53 -67.12
C THR H 108 14.91 -2.05 -67.07
N GLU H 109 14.39 -2.58 -65.96
CA GLU H 109 14.31 -4.03 -65.85
C GLU H 109 13.20 -4.41 -64.91
N ALA H 110 12.83 -5.67 -64.96
CA ALA H 110 11.79 -6.24 -64.14
C ALA H 110 12.29 -6.43 -62.71
N PRO H 111 11.39 -6.44 -61.74
CA PRO H 111 11.79 -6.83 -60.39
C PRO H 111 11.97 -8.32 -60.31
N LEU H 112 12.70 -8.75 -59.29
CA LEU H 112 12.95 -10.14 -58.94
C LEU H 112 13.64 -10.93 -60.05
N ASN H 113 14.32 -10.26 -60.96
CA ASN H 113 15.16 -10.93 -61.92
C ASN H 113 16.48 -11.27 -61.24
N PRO H 114 17.32 -12.12 -61.84
CA PRO H 114 18.60 -12.46 -61.17
C PRO H 114 19.53 -11.27 -61.06
N LYS H 115 20.46 -11.37 -60.12
CA LYS H 115 21.42 -10.30 -59.93
C LYS H 115 22.35 -10.15 -61.12
N ALA H 116 22.72 -11.27 -61.73
CA ALA H 116 23.64 -11.21 -62.86
C ALA H 116 22.99 -10.60 -64.09
N ASN H 117 21.66 -10.58 -64.15
CA ASN H 117 20.97 -9.83 -65.18
C ASN H 117 21.18 -8.34 -64.97
N ARG H 118 21.48 -7.93 -63.77
CA ARG H 118 21.72 -6.53 -63.50
C ARG H 118 23.20 -6.21 -63.50
N GLU H 119 24.01 -7.09 -62.95
CA GLU H 119 25.44 -6.84 -62.87
C GLU H 119 26.10 -6.87 -64.23
N LYS H 120 25.73 -7.84 -65.06
CA LYS H 120 26.31 -7.89 -66.39
C LYS H 120 25.81 -6.73 -67.21
N MET H 121 24.57 -6.30 -66.96
CA MET H 121 23.98 -5.24 -67.76
C MET H 121 24.67 -3.91 -67.52
N THR H 122 25.18 -3.68 -66.32
CA THR H 122 25.94 -2.46 -66.14
C THR H 122 27.38 -2.63 -66.59
N GLN H 123 27.90 -3.85 -66.54
CA GLN H 123 29.28 -4.05 -66.93
C GLN H 123 29.40 -4.00 -68.44
N ILE H 124 28.33 -4.39 -69.13
CA ILE H 124 28.31 -4.33 -70.58
C ILE H 124 27.87 -2.95 -71.04
N MET H 125 27.55 -2.07 -70.11
CA MET H 125 27.15 -0.73 -70.48
C MET H 125 28.33 0.22 -70.39
N PHE H 126 29.13 0.09 -69.35
CA PHE H 126 30.31 0.92 -69.20
C PHE H 126 31.48 0.38 -70.01
N GLU H 127 31.86 -0.86 -69.77
CA GLU H 127 33.04 -1.40 -70.45
C GLU H 127 32.83 -1.71 -71.91
N THR H 128 31.66 -1.47 -72.47
CA THR H 128 31.49 -1.57 -73.91
C THR H 128 31.08 -0.27 -74.54
N PHE H 129 30.08 0.39 -73.98
CA PHE H 129 29.55 1.57 -74.62
C PHE H 129 30.10 2.87 -74.04
N ASN H 130 30.69 2.82 -72.85
CA ASN H 130 31.36 3.95 -72.21
C ASN H 130 30.43 5.13 -72.01
N VAL H 131 29.21 4.84 -71.55
CA VAL H 131 28.23 5.89 -71.29
C VAL H 131 28.69 6.65 -70.05
N PRO H 132 28.35 7.93 -69.92
CA PRO H 132 28.82 8.68 -68.75
C PRO H 132 28.19 8.22 -67.46
N ALA H 133 26.88 8.03 -67.44
CA ALA H 133 26.18 7.63 -66.23
C ALA H 133 24.96 6.84 -66.63
N MET H 134 24.63 5.85 -65.81
CA MET H 134 23.50 5.00 -66.09
C MET H 134 22.67 4.88 -64.84
N TYR H 135 21.48 4.31 -65.00
CA TYR H 135 20.62 4.02 -63.87
C TYR H 135 19.64 2.96 -64.27
N VAL H 136 19.37 2.04 -63.35
CA VAL H 136 18.50 0.91 -63.61
C VAL H 136 17.24 1.09 -62.78
N ALA H 137 16.10 1.00 -63.43
CA ALA H 137 14.83 1.23 -62.75
C ALA H 137 13.96 -0.02 -62.82
N ILE H 138 13.19 -0.24 -61.76
CA ILE H 138 12.16 -1.25 -61.78
C ILE H 138 11.09 -0.80 -62.77
N GLN H 139 10.51 -1.76 -63.50
CA GLN H 139 9.52 -1.46 -64.54
C GLN H 139 8.34 -0.68 -63.98
N ALA H 140 7.63 -1.27 -63.04
CA ALA H 140 6.33 -0.75 -62.66
C ALA H 140 6.44 0.55 -61.88
N VAL H 141 7.56 0.79 -61.21
CA VAL H 141 7.69 2.04 -60.49
C VAL H 141 7.93 3.18 -61.46
N LEU H 142 8.33 2.89 -62.69
CA LEU H 142 8.31 3.93 -63.71
C LEU H 142 6.89 4.21 -64.13
N SER H 143 6.03 3.21 -64.11
CA SER H 143 4.71 3.37 -64.66
C SER H 143 3.83 4.26 -63.81
N LEU H 144 4.16 4.45 -62.54
CA LEU H 144 3.37 5.41 -61.78
C LEU H 144 3.72 6.83 -62.17
N TYR H 145 4.96 7.07 -62.59
CA TYR H 145 5.30 8.38 -63.13
C TYR H 145 4.51 8.67 -64.37
N ALA H 146 4.21 7.64 -65.16
CA ALA H 146 3.31 7.82 -66.29
C ALA H 146 1.90 8.11 -65.82
N SER H 147 1.51 7.59 -64.66
CA SER H 147 0.20 7.93 -64.15
C SER H 147 0.15 9.34 -63.63
N GLY H 148 1.28 9.91 -63.26
CA GLY H 148 1.24 11.15 -62.54
C GLY H 148 0.65 11.03 -61.16
N ARG H 149 0.67 9.83 -60.60
CA ARG H 149 0.06 9.57 -59.32
C ARG H 149 0.99 8.68 -58.52
N THR H 150 1.08 8.95 -57.23
CA THR H 150 2.11 8.40 -56.39
C THR H 150 1.71 7.14 -55.63
N THR H 151 0.55 6.57 -55.93
CA THR H 151 0.18 5.38 -55.17
C THR H 151 -0.60 4.42 -56.05
N GLY H 152 -0.59 3.15 -55.65
CA GLY H 152 -1.35 2.12 -56.33
C GLY H 152 -0.54 1.04 -56.99
N ILE H 153 -1.04 -0.19 -57.02
CA ILE H 153 -0.29 -1.31 -57.56
C ILE H 153 -0.35 -1.23 -59.07
N VAL H 154 0.51 -2.00 -59.74
CA VAL H 154 0.59 -1.94 -61.20
C VAL H 154 0.59 -3.35 -61.76
N LEU H 155 -0.40 -3.66 -62.57
CA LEU H 155 -0.42 -4.90 -63.35
C LEU H 155 0.41 -4.66 -64.60
N ASP H 156 1.72 -4.74 -64.44
CA ASP H 156 2.63 -4.49 -65.56
C ASP H 156 2.90 -5.83 -66.22
N SER H 157 2.16 -6.12 -67.28
CA SER H 157 2.30 -7.35 -68.01
C SER H 157 2.97 -7.04 -69.34
N GLY H 158 4.19 -7.50 -69.50
CA GLY H 158 4.95 -7.28 -70.72
C GLY H 158 4.86 -8.44 -71.68
N ASP H 159 5.84 -8.51 -72.58
CA ASP H 159 5.92 -9.64 -73.48
C ASP H 159 6.50 -10.86 -72.80
N GLY H 160 7.36 -10.66 -71.81
CA GLY H 160 8.09 -11.77 -71.23
C GLY H 160 7.72 -12.12 -69.81
N VAL H 161 7.19 -11.18 -69.05
CA VAL H 161 6.89 -11.41 -67.64
C VAL H 161 5.80 -10.43 -67.22
N THR H 162 4.98 -10.84 -66.28
CA THR H 162 4.07 -9.93 -65.62
C THR H 162 4.41 -9.83 -64.14
N HIS H 163 4.14 -8.68 -63.56
CA HIS H 163 4.52 -8.46 -62.17
C HIS H 163 3.71 -7.33 -61.58
N ASN H 164 3.52 -7.42 -60.26
CA ASN H 164 2.78 -6.42 -59.50
C ASN H 164 3.71 -5.78 -58.49
N VAL H 165 3.82 -4.46 -58.56
CA VAL H 165 4.63 -3.75 -57.58
C VAL H 165 3.67 -2.85 -56.81
N PRO H 166 3.18 -3.29 -55.67
CA PRO H 166 2.33 -2.43 -54.86
C PRO H 166 3.15 -1.34 -54.21
N ILE H 167 2.59 -0.14 -54.20
CA ILE H 167 3.33 1.01 -53.69
C ILE H 167 2.40 2.09 -53.19
N TYR H 168 2.59 2.50 -51.94
CA TYR H 168 1.85 3.59 -51.34
C TYR H 168 2.66 4.85 -51.58
N GLU H 169 2.12 6.00 -51.16
CA GLU H 169 2.63 7.29 -51.60
C GLU H 169 4.07 7.51 -51.16
N GLY H 170 4.95 7.40 -52.12
CA GLY H 170 6.36 7.27 -51.89
C GLY H 170 6.80 5.85 -51.76
N TYR H 171 6.28 5.14 -50.78
CA TYR H 171 6.93 3.96 -50.26
C TYR H 171 6.37 2.71 -50.90
N ALA H 172 7.27 1.83 -51.33
CA ALA H 172 6.89 0.60 -51.98
C ALA H 172 6.73 -0.50 -50.94
N LEU H 173 6.28 -1.66 -51.39
CA LEU H 173 6.12 -2.82 -50.51
C LEU H 173 6.96 -3.93 -51.11
N PRO H 174 8.21 -4.06 -50.70
CA PRO H 174 9.10 -5.00 -51.37
C PRO H 174 8.74 -6.44 -51.14
N HIS H 175 8.16 -6.76 -50.00
CA HIS H 175 7.80 -8.14 -49.77
C HIS H 175 6.54 -8.52 -50.52
N ALA H 176 5.74 -7.56 -50.92
CA ALA H 176 4.49 -7.85 -51.60
C ALA H 176 4.61 -7.74 -53.11
N ILE H 177 5.82 -7.65 -53.63
CA ILE H 177 5.98 -7.67 -55.08
C ILE H 177 5.78 -9.09 -55.56
N MET H 178 4.78 -9.31 -56.40
CA MET H 178 4.56 -10.63 -56.95
C MET H 178 4.85 -10.59 -58.43
N ARG H 179 5.15 -11.75 -59.00
CA ARG H 179 5.69 -11.83 -60.35
C ARG H 179 5.39 -13.18 -60.95
N LEU H 180 4.77 -13.18 -62.12
CA LEU H 180 4.46 -14.41 -62.83
C LEU H 180 5.10 -14.37 -64.19
N ASP H 181 5.59 -15.51 -64.64
CA ASP H 181 6.25 -15.55 -65.94
C ASP H 181 5.28 -15.69 -67.09
N LEU H 182 3.98 -15.76 -66.83
CA LEU H 182 3.01 -15.85 -67.90
C LEU H 182 2.89 -14.49 -68.56
N ALA H 183 3.12 -14.44 -69.88
CA ALA H 183 3.06 -13.18 -70.59
C ALA H 183 2.80 -13.47 -72.07
N GLY H 184 3.10 -12.49 -72.92
CA GLY H 184 2.67 -12.54 -74.30
C GLY H 184 3.27 -13.67 -75.11
N ARG H 185 4.48 -14.10 -74.77
CA ARG H 185 5.02 -15.27 -75.45
C ARG H 185 4.31 -16.52 -75.02
N ASP H 186 3.96 -16.60 -73.75
CA ASP H 186 3.14 -17.72 -73.31
C ASP H 186 1.74 -17.62 -73.84
N LEU H 187 1.30 -16.43 -74.23
CA LEU H 187 0.07 -16.33 -74.99
C LEU H 187 0.27 -16.81 -76.41
N THR H 188 1.38 -16.39 -77.02
CA THR H 188 1.65 -16.73 -78.40
C THR H 188 1.87 -18.22 -78.56
N ASP H 189 2.57 -18.82 -77.62
CA ASP H 189 2.79 -20.25 -77.70
C ASP H 189 1.51 -21.03 -77.47
N TYR H 190 0.61 -20.48 -76.68
CA TYR H 190 -0.65 -21.19 -76.50
C TYR H 190 -1.57 -20.95 -77.66
N LEU H 191 -1.44 -19.82 -78.32
CA LEU H 191 -2.25 -19.58 -79.51
C LEU H 191 -1.79 -20.49 -80.63
N MET H 192 -0.51 -20.80 -80.68
CA MET H 192 -0.01 -21.75 -81.66
C MET H 192 -0.55 -23.15 -81.37
N LYS H 193 -0.78 -23.47 -80.11
CA LYS H 193 -1.33 -24.78 -79.79
C LYS H 193 -2.77 -24.89 -80.22
N ILE H 194 -3.54 -23.82 -80.11
CA ILE H 194 -4.96 -23.92 -80.39
C ILE H 194 -5.31 -23.57 -81.81
N LEU H 195 -4.37 -23.05 -82.59
CA LEU H 195 -4.64 -22.97 -84.02
C LEU H 195 -4.57 -24.32 -84.67
N THR H 196 -3.82 -25.25 -84.08
CA THR H 196 -3.74 -26.58 -84.67
C THR H 196 -5.03 -27.33 -84.52
N GLU H 197 -5.91 -26.91 -83.61
CA GLU H 197 -7.21 -27.54 -83.53
C GLU H 197 -8.06 -27.19 -84.73
N ARG H 198 -7.84 -26.03 -85.32
CA ARG H 198 -8.48 -25.70 -86.57
C ARG H 198 -7.61 -26.02 -87.77
N GLY H 199 -6.53 -26.73 -87.56
CA GLY H 199 -5.69 -27.16 -88.66
C GLY H 199 -4.65 -26.15 -89.08
N TYR H 200 -4.71 -24.93 -88.60
CA TYR H 200 -3.74 -23.92 -89.00
C TYR H 200 -2.44 -24.20 -88.28
N SER H 201 -1.65 -25.10 -88.86
CA SER H 201 -0.40 -25.49 -88.24
C SER H 201 0.66 -24.46 -88.59
N PHE H 202 0.99 -23.62 -87.63
CA PHE H 202 2.07 -22.66 -87.77
C PHE H 202 3.24 -23.16 -86.93
N VAL H 203 4.36 -23.44 -87.58
CA VAL H 203 5.38 -24.21 -86.91
C VAL H 203 6.53 -23.33 -86.45
N THR H 204 7.25 -22.74 -87.38
CA THR H 204 8.54 -22.21 -86.99
C THR H 204 8.48 -20.72 -86.77
N THR H 205 9.65 -20.13 -86.54
CA THR H 205 9.75 -18.83 -85.89
C THR H 205 9.21 -17.72 -86.76
N ALA H 206 9.30 -17.88 -88.07
CA ALA H 206 8.64 -16.93 -88.95
C ALA H 206 7.14 -16.98 -88.79
N GLU H 207 6.59 -18.18 -88.68
CA GLU H 207 5.18 -18.27 -88.38
C GLU H 207 4.87 -17.89 -86.94
N ARG H 208 5.84 -18.03 -86.03
CA ARG H 208 5.58 -17.59 -84.66
C ARG H 208 5.47 -16.07 -84.60
N GLU H 209 6.11 -15.40 -85.53
CA GLU H 209 5.92 -13.97 -85.64
C GLU H 209 4.51 -13.64 -86.12
N ILE H 210 4.02 -14.35 -87.14
CA ILE H 210 2.73 -13.96 -87.68
C ILE H 210 1.60 -14.45 -86.80
N VAL H 211 1.87 -15.35 -85.86
CA VAL H 211 0.88 -15.65 -84.84
C VAL H 211 0.64 -14.44 -83.98
N ARG H 212 1.71 -13.69 -83.67
CA ARG H 212 1.53 -12.50 -82.86
C ARG H 212 0.77 -11.43 -83.62
N ASP H 213 0.91 -11.39 -84.93
CA ASP H 213 0.09 -10.48 -85.70
C ASP H 213 -1.36 -10.91 -85.72
N ILE H 214 -1.62 -12.21 -85.60
CA ILE H 214 -2.98 -12.65 -85.41
C ILE H 214 -3.46 -12.23 -84.04
N LYS H 215 -2.60 -12.35 -83.05
CA LYS H 215 -3.00 -12.14 -81.67
C LYS H 215 -3.28 -10.67 -81.39
N GLU H 216 -2.41 -9.79 -81.87
CA GLU H 216 -2.59 -8.40 -81.54
C GLU H 216 -3.69 -7.73 -82.34
N LYS H 217 -4.13 -8.35 -83.42
CA LYS H 217 -5.18 -7.74 -84.20
C LYS H 217 -6.55 -8.32 -83.91
N LEU H 218 -6.61 -9.51 -83.36
CA LEU H 218 -7.90 -10.17 -83.26
C LEU H 218 -8.32 -10.47 -81.83
N CYS H 219 -7.40 -10.95 -81.00
CA CYS H 219 -7.78 -11.54 -79.73
C CYS H 219 -8.24 -10.50 -78.73
N TYR H 220 -9.45 -10.70 -78.22
CA TYR H 220 -10.02 -9.91 -77.15
C TYR H 220 -10.25 -10.85 -76.00
N VAL H 221 -10.35 -10.32 -74.81
CA VAL H 221 -10.62 -11.14 -73.64
C VAL H 221 -12.10 -11.00 -73.30
N ALA H 222 -12.71 -12.10 -72.88
CA ALA H 222 -14.15 -12.12 -72.67
C ALA H 222 -14.51 -11.55 -71.32
N LEU H 223 -15.71 -10.96 -71.26
CA LEU H 223 -16.19 -10.44 -69.99
C LEU H 223 -16.62 -11.57 -69.06
N ASP H 224 -17.42 -12.49 -69.56
CA ASP H 224 -17.81 -13.67 -68.82
C ASP H 224 -17.46 -14.86 -69.69
N PHE H 225 -16.54 -15.69 -69.21
CA PHE H 225 -15.91 -16.67 -70.08
C PHE H 225 -16.87 -17.76 -70.50
N GLU H 226 -17.65 -18.29 -69.58
CA GLU H 226 -18.50 -19.42 -69.92
C GLU H 226 -19.69 -18.98 -70.74
N ASN H 227 -20.31 -17.86 -70.37
CA ASN H 227 -21.49 -17.42 -71.08
C ASN H 227 -21.15 -16.91 -72.46
N GLU H 228 -19.92 -16.45 -72.67
CA GLU H 228 -19.53 -16.05 -74.00
C GLU H 228 -18.94 -17.21 -74.77
N MET H 229 -18.47 -18.24 -74.08
CA MET H 229 -18.19 -19.50 -74.76
C MET H 229 -19.46 -20.09 -75.33
N ALA H 230 -20.57 -19.95 -74.62
CA ALA H 230 -21.83 -20.47 -75.13
C ALA H 230 -22.31 -19.72 -76.35
N THR H 231 -21.86 -18.49 -76.55
CA THR H 231 -22.14 -17.80 -77.79
C THR H 231 -21.41 -18.48 -78.95
N ALA H 232 -20.20 -18.98 -78.69
CA ALA H 232 -19.46 -19.69 -79.72
C ALA H 232 -20.07 -21.04 -80.05
N ALA H 233 -20.97 -21.56 -79.21
CA ALA H 233 -21.71 -22.75 -79.58
C ALA H 233 -22.65 -22.44 -80.74
N SER H 234 -23.41 -21.36 -80.63
CA SER H 234 -24.22 -20.88 -81.75
C SER H 234 -23.35 -19.92 -82.53
N SER H 235 -22.37 -20.48 -83.23
CA SER H 235 -21.32 -19.70 -83.86
C SER H 235 -21.87 -18.91 -85.04
N SER H 236 -22.28 -17.69 -84.77
CA SER H 236 -22.91 -16.89 -85.80
C SER H 236 -22.10 -15.67 -86.16
N SER H 237 -21.64 -14.92 -85.17
CA SER H 237 -20.99 -13.65 -85.44
C SER H 237 -19.66 -13.53 -84.73
N LEU H 238 -19.15 -14.62 -84.17
CA LEU H 238 -17.91 -14.51 -83.41
C LEU H 238 -16.71 -14.48 -84.33
N GLU H 239 -16.74 -15.25 -85.40
CA GLU H 239 -15.56 -15.48 -86.21
C GLU H 239 -15.19 -14.26 -87.01
N LYS H 240 -13.94 -13.89 -86.94
CA LYS H 240 -13.36 -13.00 -87.93
C LYS H 240 -12.40 -13.82 -88.77
N SER H 241 -11.67 -13.12 -89.64
CA SER H 241 -10.86 -13.82 -90.60
C SER H 241 -9.65 -12.98 -90.96
N TYR H 242 -8.50 -13.62 -91.07
CA TYR H 242 -7.24 -12.90 -91.15
C TYR H 242 -6.44 -13.38 -92.35
N GLU H 243 -5.98 -12.44 -93.15
CA GLU H 243 -5.20 -12.75 -94.33
C GLU H 243 -3.74 -12.97 -93.94
N LEU H 244 -3.22 -14.14 -94.27
CA LEU H 244 -1.82 -14.43 -94.02
C LEU H 244 -0.95 -13.67 -95.02
N PRO H 245 0.35 -13.55 -94.77
CA PRO H 245 1.21 -12.85 -95.74
C PRO H 245 1.34 -13.53 -97.08
N ASP H 246 1.05 -14.81 -97.20
CA ASP H 246 1.11 -15.41 -98.53
C ASP H 246 -0.13 -15.10 -99.34
N GLY H 247 -1.26 -14.95 -98.67
CA GLY H 247 -2.49 -14.65 -99.36
C GLY H 247 -3.65 -15.49 -98.89
N GLN H 248 -3.39 -16.73 -98.50
CA GLN H 248 -4.47 -17.58 -98.05
C GLN H 248 -4.97 -17.10 -96.71
N VAL H 249 -6.26 -17.23 -96.49
CA VAL H 249 -6.89 -16.56 -95.36
C VAL H 249 -7.28 -17.62 -94.35
N ILE H 250 -7.29 -17.22 -93.07
CA ILE H 250 -7.69 -18.10 -92.00
C ILE H 250 -8.99 -17.56 -91.44
N THR H 251 -9.58 -18.31 -90.53
CA THR H 251 -10.62 -17.77 -89.68
C THR H 251 -10.51 -18.44 -88.32
N ILE H 252 -11.10 -17.80 -87.33
CA ILE H 252 -10.87 -18.21 -85.95
C ILE H 252 -12.11 -17.90 -85.14
N GLY H 253 -12.51 -18.85 -84.31
CA GLY H 253 -13.75 -18.69 -83.59
C GLY H 253 -13.56 -18.53 -82.10
N ASN H 254 -13.79 -19.60 -81.36
CA ASN H 254 -13.63 -19.54 -79.92
C ASN H 254 -12.19 -19.44 -79.51
N GLU H 255 -11.26 -19.80 -80.39
CA GLU H 255 -9.85 -19.61 -80.11
C GLU H 255 -9.45 -18.15 -80.05
N ARG H 256 -10.33 -17.22 -80.44
CA ARG H 256 -9.95 -15.82 -80.40
C ARG H 256 -9.95 -15.29 -78.97
N PHE H 257 -10.93 -15.67 -78.18
CA PHE H 257 -10.94 -15.22 -76.81
C PHE H 257 -10.41 -16.25 -75.83
N ARG H 258 -10.28 -17.50 -76.26
CA ARG H 258 -9.80 -18.52 -75.33
C ARG H 258 -8.31 -18.38 -75.10
N CYS H 259 -7.59 -17.77 -76.03
CA CYS H 259 -6.16 -17.56 -75.82
C CYS H 259 -5.84 -16.54 -74.72
N PRO H 260 -6.45 -15.34 -74.65
CA PRO H 260 -6.11 -14.47 -73.52
C PRO H 260 -6.78 -14.83 -72.22
N GLU H 261 -7.48 -15.96 -72.13
CA GLU H 261 -7.91 -16.44 -70.83
C GLU H 261 -6.80 -17.13 -70.07
N THR H 262 -5.64 -17.31 -70.70
CA THR H 262 -4.48 -17.84 -70.01
C THR H 262 -4.02 -16.90 -68.91
N LEU H 263 -4.27 -15.60 -69.07
CA LEU H 263 -4.01 -14.65 -68.00
C LEU H 263 -4.87 -14.90 -66.77
N PHE H 264 -5.98 -15.58 -66.93
CA PHE H 264 -6.90 -15.77 -65.82
C PHE H 264 -6.99 -17.20 -65.38
N GLN H 265 -6.81 -18.15 -66.29
CA GLN H 265 -6.69 -19.55 -65.94
C GLN H 265 -5.33 -19.99 -66.43
N PRO H 266 -4.30 -19.91 -65.59
CA PRO H 266 -2.97 -20.37 -66.01
C PRO H 266 -2.86 -21.86 -66.11
N SER H 267 -3.87 -22.61 -65.72
CA SER H 267 -3.89 -24.03 -65.96
C SER H 267 -4.10 -24.39 -67.42
N PHE H 268 -4.46 -23.43 -68.26
CA PHE H 268 -4.57 -23.71 -69.69
C PHE H 268 -3.23 -24.02 -70.30
N ILE H 269 -2.18 -23.34 -69.87
CA ILE H 269 -0.85 -23.70 -70.29
C ILE H 269 -0.25 -24.58 -69.22
N GLY H 270 -1.06 -24.98 -68.27
CA GLY H 270 -0.65 -25.98 -67.31
C GLY H 270 0.27 -25.50 -66.23
N MET H 271 0.55 -24.20 -66.15
CA MET H 271 1.32 -23.74 -65.01
C MET H 271 0.39 -23.58 -63.82
N GLU H 272 0.84 -24.06 -62.67
CA GLU H 272 0.04 -24.07 -61.45
C GLU H 272 0.23 -22.74 -60.78
N SER H 273 -0.70 -21.84 -61.02
CA SER H 273 -0.64 -20.53 -60.41
C SER H 273 -2.02 -19.94 -60.32
N ALA H 274 -2.10 -18.81 -59.66
CA ALA H 274 -3.31 -18.03 -59.70
C ALA H 274 -3.25 -17.11 -60.92
N GLY H 275 -4.41 -16.74 -61.41
CA GLY H 275 -4.47 -15.83 -62.52
C GLY H 275 -4.08 -14.43 -62.11
N ILE H 276 -3.91 -13.57 -63.11
CA ILE H 276 -3.48 -12.21 -62.80
C ILE H 276 -4.58 -11.39 -62.17
N HIS H 277 -5.81 -11.87 -62.17
CA HIS H 277 -6.81 -11.24 -61.35
C HIS H 277 -6.62 -11.62 -59.89
N GLU H 278 -6.09 -12.79 -59.63
CA GLU H 278 -6.01 -13.28 -58.26
C GLU H 278 -4.68 -12.95 -57.63
N THR H 279 -3.60 -12.99 -58.39
CA THR H 279 -2.34 -12.53 -57.84
C THR H 279 -2.30 -11.02 -57.68
N THR H 280 -3.25 -10.31 -58.27
CA THR H 280 -3.52 -8.95 -57.88
C THR H 280 -3.98 -8.89 -56.44
N TYR H 281 -5.06 -9.62 -56.15
CA TYR H 281 -5.63 -9.62 -54.81
C TYR H 281 -4.71 -10.25 -53.81
N ASN H 282 -3.93 -11.24 -54.23
CA ASN H 282 -2.98 -11.83 -53.33
C ASN H 282 -1.87 -10.86 -53.00
N SER H 283 -1.60 -9.90 -53.88
CA SER H 283 -0.61 -8.89 -53.54
C SER H 283 -1.18 -7.89 -52.55
N ILE H 284 -2.45 -7.55 -52.68
CA ILE H 284 -2.99 -6.52 -51.83
C ILE H 284 -3.29 -7.06 -50.44
N MET H 285 -3.61 -8.35 -50.35
CA MET H 285 -3.71 -8.98 -49.04
C MET H 285 -2.37 -9.03 -48.34
N LYS H 286 -1.28 -9.12 -49.08
CA LYS H 286 0.02 -9.05 -48.45
C LYS H 286 0.33 -7.66 -47.94
N CYS H 287 -0.30 -6.64 -48.50
CA CYS H 287 0.00 -5.30 -48.05
C CYS H 287 -0.74 -5.01 -46.76
N ASP H 288 -0.29 -3.97 -46.06
CA ASP H 288 -0.82 -3.65 -44.76
C ASP H 288 -2.23 -3.07 -44.90
N ILE H 289 -2.98 -3.08 -43.80
CA ILE H 289 -4.43 -2.96 -43.88
C ILE H 289 -4.87 -1.53 -44.20
N ASP H 290 -4.06 -0.52 -43.93
CA ASP H 290 -4.51 0.82 -44.25
C ASP H 290 -4.41 1.09 -45.73
N ILE H 291 -3.39 0.54 -46.37
CA ILE H 291 -3.12 0.85 -47.76
C ILE H 291 -4.17 0.21 -48.67
N ARG H 292 -4.82 -0.86 -48.19
CA ARG H 292 -5.69 -1.67 -49.04
C ARG H 292 -6.87 -0.89 -49.57
N LYS H 293 -7.32 0.12 -48.83
CA LYS H 293 -8.38 0.98 -49.35
C LYS H 293 -7.90 1.80 -50.52
N ASP H 294 -6.64 2.19 -50.52
CA ASP H 294 -6.16 3.02 -51.60
C ASP H 294 -5.64 2.22 -52.76
N LEU H 295 -5.21 0.99 -52.54
CA LEU H 295 -4.78 0.18 -53.66
C LEU H 295 -5.97 -0.25 -54.49
N TYR H 296 -7.11 -0.48 -53.85
CA TYR H 296 -8.30 -0.86 -54.60
C TYR H 296 -8.78 0.28 -55.46
N ALA H 297 -8.59 1.52 -55.02
CA ALA H 297 -8.97 2.62 -55.87
C ALA H 297 -7.92 2.95 -56.92
N ASN H 298 -6.77 2.29 -56.88
CA ASN H 298 -5.65 2.67 -57.76
C ASN H 298 -5.00 1.40 -58.29
N ASN H 299 -5.46 0.92 -59.43
CA ASN H 299 -4.86 -0.23 -60.09
C ASN H 299 -4.47 0.21 -61.48
N VAL H 300 -3.19 0.22 -61.76
CA VAL H 300 -2.69 0.70 -63.04
C VAL H 300 -2.39 -0.50 -63.93
N MET H 301 -3.16 -0.65 -64.99
CA MET H 301 -2.78 -1.60 -66.01
C MET H 301 -1.64 -1.00 -66.79
N SER H 302 -0.65 -1.81 -67.12
CA SER H 302 0.49 -1.32 -67.87
C SER H 302 1.07 -2.44 -68.70
N GLY H 303 1.92 -2.07 -69.65
CA GLY H 303 2.55 -3.05 -70.50
C GLY H 303 1.68 -3.40 -71.69
N GLY H 304 2.35 -3.85 -72.75
CA GLY H 304 1.69 -4.06 -74.02
C GLY H 304 0.73 -5.23 -74.04
N THR H 305 0.88 -6.17 -73.11
CA THR H 305 -0.04 -7.30 -73.06
C THR H 305 -1.41 -6.85 -72.63
N THR H 306 -1.47 -5.82 -71.82
CA THR H 306 -2.74 -5.32 -71.32
C THR H 306 -3.44 -4.39 -72.28
N MET H 307 -3.08 -4.43 -73.55
CA MET H 307 -3.83 -3.71 -74.57
C MET H 307 -4.95 -4.54 -75.14
N TYR H 308 -5.28 -5.67 -74.53
CA TYR H 308 -6.42 -6.44 -74.97
C TYR H 308 -7.70 -5.67 -74.70
N PRO H 309 -8.62 -5.62 -75.66
CA PRO H 309 -9.88 -4.95 -75.38
C PRO H 309 -10.72 -5.77 -74.44
N GLY H 310 -11.27 -5.10 -73.43
CA GLY H 310 -12.04 -5.77 -72.41
C GLY H 310 -11.24 -6.17 -71.20
N ILE H 311 -9.93 -5.92 -71.17
CA ILE H 311 -9.15 -6.35 -70.02
C ILE H 311 -9.45 -5.48 -68.81
N ALA H 312 -9.88 -4.25 -69.02
CA ALA H 312 -10.19 -3.40 -67.87
C ALA H 312 -11.56 -3.75 -67.34
N ASP H 313 -12.50 -4.03 -68.24
CA ASP H 313 -13.83 -4.39 -67.80
C ASP H 313 -13.85 -5.77 -67.17
N ARG H 314 -12.86 -6.59 -67.44
CA ARG H 314 -12.82 -7.91 -66.82
C ARG H 314 -12.28 -7.85 -65.42
N MET H 315 -11.10 -7.26 -65.23
CA MET H 315 -10.49 -7.29 -63.92
C MET H 315 -11.21 -6.39 -62.94
N GLN H 316 -11.90 -5.36 -63.44
CA GLN H 316 -12.77 -4.61 -62.55
C GLN H 316 -13.91 -5.47 -62.07
N LYS H 317 -14.38 -6.39 -62.90
CA LYS H 317 -15.39 -7.31 -62.43
C LYS H 317 -14.77 -8.35 -61.52
N GLU H 318 -13.57 -8.81 -61.83
CA GLU H 318 -13.13 -10.01 -61.16
C GLU H 318 -12.48 -9.70 -59.82
N ILE H 319 -11.82 -8.56 -59.69
CA ILE H 319 -11.31 -8.19 -58.37
C ILE H 319 -12.46 -7.84 -57.44
N THR H 320 -13.54 -7.30 -58.00
CA THR H 320 -14.75 -7.06 -57.23
C THR H 320 -15.32 -8.34 -56.66
N ALA H 321 -15.15 -9.44 -57.38
CA ALA H 321 -15.56 -10.73 -56.84
C ALA H 321 -14.67 -11.15 -55.68
N LEU H 322 -13.44 -10.67 -55.63
CA LEU H 322 -12.57 -11.10 -54.55
C LEU H 322 -12.49 -10.09 -53.43
N ALA H 323 -12.68 -8.81 -53.72
CA ALA H 323 -12.63 -7.81 -52.70
C ALA H 323 -13.87 -7.88 -51.82
N PRO H 324 -13.82 -7.34 -50.61
CA PRO H 324 -15.06 -7.12 -49.87
C PRO H 324 -15.89 -6.06 -50.58
N SER H 325 -17.14 -6.40 -50.86
CA SER H 325 -17.96 -5.64 -51.78
C SER H 325 -18.42 -4.31 -51.23
N THR H 326 -18.08 -3.98 -49.99
CA THR H 326 -18.55 -2.74 -49.42
C THR H 326 -17.79 -1.53 -49.92
N MET H 327 -16.75 -1.71 -50.73
CA MET H 327 -15.94 -0.56 -51.05
C MET H 327 -15.42 -0.69 -52.47
N LYS H 328 -15.15 0.46 -53.07
CA LYS H 328 -15.05 0.55 -54.52
C LYS H 328 -13.71 0.07 -55.03
N ILE H 329 -13.70 -0.30 -56.29
CA ILE H 329 -12.52 -0.70 -57.03
C ILE H 329 -12.40 0.26 -58.21
N LYS H 330 -11.17 0.49 -58.66
CA LYS H 330 -10.94 1.24 -59.88
C LYS H 330 -9.81 0.57 -60.64
N ILE H 331 -9.88 0.65 -61.96
CA ILE H 331 -8.85 0.11 -62.83
C ILE H 331 -8.39 1.26 -63.71
N ILE H 332 -7.21 1.78 -63.44
CA ILE H 332 -6.70 2.91 -64.18
C ILE H 332 -5.99 2.34 -65.40
N ALA H 333 -6.69 2.31 -66.52
CA ALA H 333 -6.16 1.82 -67.78
C ALA H 333 -6.08 3.01 -68.74
N PRO H 334 -4.94 3.66 -68.83
CA PRO H 334 -4.81 4.79 -69.73
C PRO H 334 -4.75 4.32 -71.18
N PRO H 335 -4.92 5.21 -72.15
CA PRO H 335 -4.75 4.82 -73.55
C PRO H 335 -3.31 4.81 -74.02
N GLU H 336 -2.33 4.79 -73.15
CA GLU H 336 -0.94 4.72 -73.56
C GLU H 336 -0.19 3.65 -72.80
N ARG H 337 -0.90 2.56 -72.48
CA ARG H 337 -0.35 1.49 -71.65
C ARG H 337 0.83 0.80 -72.32
N LYS H 338 0.88 0.82 -73.64
CA LYS H 338 1.99 0.17 -74.34
C LYS H 338 3.29 0.90 -74.08
N TYR H 339 3.23 2.21 -73.90
CA TYR H 339 4.43 3.00 -73.76
C TYR H 339 4.58 3.56 -72.36
N SER H 340 3.81 3.05 -71.41
CA SER H 340 3.75 3.67 -70.09
C SER H 340 5.05 3.52 -69.32
N VAL H 341 5.77 2.43 -69.55
CA VAL H 341 7.03 2.26 -68.86
C VAL H 341 8.05 3.22 -69.42
N TRP H 342 7.99 3.48 -70.72
CA TRP H 342 8.94 4.42 -71.30
C TRP H 342 8.61 5.84 -70.87
N ILE H 343 7.34 6.21 -70.91
CA ILE H 343 6.96 7.59 -70.68
C ILE H 343 7.26 8.00 -69.25
N GLY H 344 6.96 7.11 -68.31
CA GLY H 344 7.38 7.34 -66.95
C GLY H 344 8.88 7.31 -66.81
N GLY H 345 9.56 6.52 -67.64
CA GLY H 345 11.00 6.59 -67.68
C GLY H 345 11.48 7.88 -68.30
N SER H 346 10.72 8.44 -69.22
CA SER H 346 11.10 9.72 -69.79
C SER H 346 10.91 10.85 -68.80
N ILE H 347 9.97 10.70 -67.88
CA ILE H 347 9.78 11.74 -66.89
C ILE H 347 10.90 11.71 -65.88
N LEU H 348 11.21 10.51 -65.36
CA LEU H 348 12.10 10.38 -64.22
C LEU H 348 13.50 10.86 -64.53
N ALA H 349 13.95 10.68 -65.76
CA ALA H 349 15.24 11.20 -66.13
C ALA H 349 15.24 12.70 -66.27
N SER H 350 14.08 13.31 -66.44
CA SER H 350 14.02 14.74 -66.66
C SER H 350 13.88 15.54 -65.37
N LEU H 351 13.75 14.88 -64.22
CA LEU H 351 13.58 15.62 -62.98
C LEU H 351 14.89 16.25 -62.51
N SER H 352 14.78 17.49 -62.05
CA SER H 352 15.94 18.21 -61.56
C SER H 352 16.48 17.65 -60.25
N THR H 353 15.67 16.88 -59.53
CA THR H 353 16.12 16.26 -58.30
C THR H 353 16.72 14.89 -58.53
N PHE H 354 17.02 14.56 -59.77
CA PHE H 354 17.47 13.21 -60.10
C PHE H 354 18.93 13.16 -60.51
N GLN H 355 19.52 14.29 -60.89
CA GLN H 355 20.88 14.27 -61.43
C GLN H 355 21.95 13.93 -60.41
N GLN H 356 21.59 13.75 -59.15
CA GLN H 356 22.51 13.16 -58.20
C GLN H 356 22.22 11.69 -57.99
N MET H 357 21.19 11.14 -58.62
CA MET H 357 20.83 9.76 -58.42
C MET H 357 21.37 8.82 -59.49
N TRP H 358 22.29 9.29 -60.33
CA TRP H 358 22.81 8.43 -61.38
C TRP H 358 23.86 7.48 -60.81
N ILE H 359 24.47 6.72 -61.70
CA ILE H 359 25.64 5.91 -61.36
C ILE H 359 26.74 6.37 -62.30
N THR H 360 27.63 7.22 -61.81
CA THR H 360 28.63 7.77 -62.71
C THR H 360 29.80 6.82 -62.87
N LYS H 361 30.57 7.05 -63.93
CA LYS H 361 31.73 6.21 -64.19
C LYS H 361 32.81 6.45 -63.15
N GLN H 362 32.96 7.69 -62.70
CA GLN H 362 34.01 8.01 -61.75
C GLN H 362 33.75 7.39 -60.39
N GLU H 363 32.51 7.06 -60.08
CA GLU H 363 32.24 6.26 -58.90
C GLU H 363 32.10 4.79 -59.23
N TYR H 364 32.05 4.44 -60.52
CA TYR H 364 32.02 3.04 -60.86
C TYR H 364 33.37 2.39 -60.68
N ASP H 365 34.44 3.13 -60.95
CA ASP H 365 35.74 2.52 -61.17
C ASP H 365 36.33 1.95 -59.89
N GLU H 366 35.99 2.52 -58.75
CA GLU H 366 36.40 1.94 -57.49
C GLU H 366 35.35 1.01 -56.93
N ALA H 367 34.20 0.90 -57.58
CA ALA H 367 33.11 0.12 -57.05
C ALA H 367 32.93 -1.22 -57.74
N GLY H 368 33.08 -1.25 -59.05
CA GLY H 368 32.84 -2.47 -59.78
C GLY H 368 31.36 -2.66 -60.03
N PRO H 369 30.98 -3.80 -60.61
CA PRO H 369 29.59 -3.99 -61.02
C PRO H 369 28.62 -4.18 -59.88
N SER H 370 29.08 -4.29 -58.65
CA SER H 370 28.15 -4.42 -57.54
C SER H 370 27.57 -3.08 -57.10
N ILE H 371 27.90 -1.99 -57.79
CA ILE H 371 27.41 -0.69 -57.41
C ILE H 371 25.91 -0.57 -57.64
N VAL H 372 25.35 -1.36 -58.55
CA VAL H 372 23.93 -1.20 -58.82
C VAL H 372 23.11 -1.89 -57.75
N HIS H 373 23.71 -2.79 -56.99
CA HIS H 373 22.97 -3.35 -55.87
C HIS H 373 22.84 -2.38 -54.72
N ARG H 374 23.72 -1.38 -54.63
CA ARG H 374 23.49 -0.30 -53.69
C ARG H 374 22.88 0.91 -54.36
N LYS H 375 22.22 0.72 -55.49
CA LYS H 375 21.41 1.75 -56.12
C LYS H 375 20.05 1.15 -56.42
N CYS H 376 19.10 1.43 -55.53
CA CYS H 376 17.70 0.95 -55.55
C CYS H 376 17.59 -0.56 -55.75
N PHE H 377 18.45 -1.30 -55.05
CA PHE H 377 18.41 -2.77 -54.88
C PHE H 377 18.64 -3.57 -56.17
N THR I 7 -19.71 -59.45 -80.55
CA THR I 7 -19.36 -59.40 -79.13
C THR I 7 -18.00 -58.77 -78.95
N THR I 8 -17.01 -59.34 -79.61
CA THR I 8 -15.65 -58.86 -79.50
C THR I 8 -15.51 -57.50 -80.18
N ALA I 9 -14.46 -56.78 -79.83
CA ALA I 9 -14.22 -55.49 -80.42
C ALA I 9 -13.14 -55.59 -81.48
N LEU I 10 -13.21 -54.68 -82.45
CA LEU I 10 -12.13 -54.52 -83.41
C LEU I 10 -11.29 -53.32 -83.03
N VAL I 11 -9.99 -53.42 -83.25
CA VAL I 11 -9.09 -52.31 -83.12
C VAL I 11 -8.38 -52.13 -84.45
N CYS I 12 -8.47 -50.94 -85.01
CA CYS I 12 -7.93 -50.70 -86.33
C CYS I 12 -7.19 -49.37 -86.30
N ASP I 13 -5.87 -49.46 -86.13
CA ASP I 13 -5.00 -48.30 -86.16
C ASP I 13 -5.02 -47.72 -87.55
N ASN I 14 -5.56 -46.52 -87.69
CA ASN I 14 -5.49 -45.80 -88.96
C ASN I 14 -4.05 -45.35 -89.13
N GLY I 15 -3.24 -46.24 -89.69
CA GLY I 15 -1.86 -45.89 -89.94
C GLY I 15 -1.75 -44.87 -91.05
N SER I 16 -0.78 -43.97 -90.89
CA SER I 16 -0.52 -43.00 -91.95
C SER I 16 0.12 -43.67 -93.15
N GLY I 17 0.84 -44.77 -92.94
CA GLY I 17 1.38 -45.51 -94.06
C GLY I 17 0.87 -46.92 -94.20
N LEU I 18 0.62 -47.59 -93.08
CA LEU I 18 0.21 -48.99 -93.10
C LEU I 18 -0.95 -49.16 -92.15
N VAL I 19 -2.11 -49.51 -92.69
CA VAL I 19 -3.29 -49.73 -91.86
C VAL I 19 -3.12 -51.04 -91.12
N LYS I 20 -3.07 -50.98 -89.80
CA LYS I 20 -2.95 -52.16 -88.96
C LYS I 20 -4.28 -52.42 -88.29
N ALA I 21 -4.74 -53.66 -88.34
CA ALA I 21 -6.08 -53.97 -87.87
C ALA I 21 -6.12 -55.36 -87.29
N GLY I 22 -7.15 -55.60 -86.48
CA GLY I 22 -7.34 -56.90 -85.88
C GLY I 22 -8.37 -56.84 -84.79
N PHE I 23 -8.55 -57.97 -84.13
CA PHE I 23 -9.55 -58.09 -83.09
C PHE I 23 -8.96 -57.69 -81.74
N ALA I 24 -9.84 -57.46 -80.78
CA ALA I 24 -9.39 -57.15 -79.43
C ALA I 24 -8.88 -58.41 -78.76
N GLY I 25 -7.90 -58.22 -77.88
CA GLY I 25 -7.34 -59.34 -77.15
C GLY I 25 -6.45 -60.25 -77.95
N ASP I 26 -6.23 -59.98 -79.23
CA ASP I 26 -5.32 -60.76 -80.03
C ASP I 26 -3.91 -60.21 -79.83
N ASP I 27 -2.92 -61.10 -79.90
CA ASP I 27 -1.55 -60.65 -79.70
C ASP I 27 -1.03 -59.91 -80.92
N ALA I 28 -1.17 -60.51 -82.09
CA ALA I 28 -0.73 -59.90 -83.32
C ALA I 28 -1.93 -59.30 -84.06
N PRO I 29 -1.74 -58.21 -84.79
CA PRO I 29 -2.83 -57.70 -85.61
C PRO I 29 -3.12 -58.66 -86.73
N ARG I 30 -4.39 -58.73 -87.12
CA ARG I 30 -4.81 -59.77 -88.04
C ARG I 30 -4.27 -59.52 -89.43
N ALA I 31 -4.41 -58.30 -89.92
CA ALA I 31 -4.01 -57.99 -91.28
C ALA I 31 -3.37 -56.62 -91.30
N VAL I 32 -2.21 -56.53 -91.93
CA VAL I 32 -1.50 -55.29 -92.09
C VAL I 32 -1.30 -55.08 -93.57
N PHE I 33 -1.81 -53.97 -94.09
CA PHE I 33 -1.69 -53.70 -95.51
C PHE I 33 -1.40 -52.23 -95.66
N PRO I 34 -0.68 -51.83 -96.70
CA PRO I 34 -0.33 -50.42 -96.85
C PRO I 34 -1.53 -49.58 -97.22
N SER I 35 -1.54 -48.36 -96.69
CA SER I 35 -2.68 -47.46 -96.84
C SER I 35 -2.60 -46.75 -98.19
N ILE I 36 -2.78 -47.51 -99.24
CA ILE I 36 -2.62 -47.00 -100.59
C ILE I 36 -3.90 -47.26 -101.36
N VAL I 37 -4.51 -46.22 -101.87
CA VAL I 37 -5.55 -46.37 -102.87
C VAL I 37 -4.94 -45.94 -104.19
N GLY I 38 -5.40 -46.54 -105.28
CA GLY I 38 -4.81 -46.22 -106.56
C GLY I 38 -5.75 -46.37 -107.74
N ARG I 39 -5.82 -45.35 -108.53
CA ARG I 39 -6.55 -45.40 -109.76
C ARG I 39 -5.62 -45.85 -110.86
N PRO I 40 -6.09 -46.55 -111.88
CA PRO I 40 -5.25 -46.84 -113.03
C PRO I 40 -5.05 -45.60 -113.88
N ARG I 41 -4.09 -45.67 -114.79
CA ARG I 41 -3.72 -44.49 -115.54
C ARG I 41 -3.39 -44.78 -116.99
N HIS I 42 -4.00 -45.80 -117.60
CA HIS I 42 -3.67 -46.15 -118.97
C HIS I 42 -4.91 -46.58 -119.72
N GLN I 43 -4.69 -47.23 -120.87
CA GLN I 43 -5.76 -47.43 -121.84
C GLN I 43 -6.72 -48.51 -121.40
N GLY I 44 -6.24 -49.71 -121.17
CA GLY I 44 -7.16 -50.79 -120.86
C GLY I 44 -7.89 -51.26 -122.08
N VAL I 45 -7.14 -51.63 -123.12
CA VAL I 45 -7.77 -52.07 -124.35
C VAL I 45 -8.28 -53.51 -124.26
N MET I 46 -7.96 -54.22 -123.20
CA MET I 46 -8.67 -55.45 -122.93
C MET I 46 -10.11 -55.15 -122.56
N VAL I 47 -10.98 -56.12 -122.80
CA VAL I 47 -12.39 -55.94 -122.58
C VAL I 47 -12.84 -56.50 -121.23
N GLY I 48 -12.13 -57.50 -120.71
CA GLY I 48 -12.62 -58.14 -119.52
C GLY I 48 -11.99 -57.58 -118.26
N MET I 49 -10.73 -57.24 -118.35
CA MET I 49 -9.96 -56.83 -117.18
C MET I 49 -10.03 -55.34 -116.92
N GLY I 50 -10.85 -54.61 -117.67
CA GLY I 50 -10.99 -53.20 -117.46
C GLY I 50 -11.84 -52.78 -116.28
N GLN I 51 -12.42 -53.73 -115.54
CA GLN I 51 -13.25 -53.39 -114.41
C GLN I 51 -12.36 -53.12 -113.19
N LYS I 52 -13.00 -52.85 -112.04
CA LYS I 52 -12.35 -52.53 -110.77
C LYS I 52 -11.43 -51.31 -110.94
N ASP I 53 -12.09 -50.18 -111.15
CA ASP I 53 -11.44 -48.93 -111.49
C ASP I 53 -10.74 -48.24 -110.34
N SER I 54 -10.60 -48.88 -109.18
CA SER I 54 -9.86 -48.28 -108.08
C SER I 54 -9.36 -49.41 -107.20
N TYR I 55 -8.09 -49.75 -107.34
CA TYR I 55 -7.49 -50.76 -106.51
C TYR I 55 -7.00 -50.13 -105.21
N VAL I 56 -7.02 -50.92 -104.14
CA VAL I 56 -6.65 -50.42 -102.84
C VAL I 56 -6.00 -51.55 -102.05
N GLY I 57 -4.96 -51.22 -101.30
CA GLY I 57 -4.35 -52.19 -100.43
C GLY I 57 -3.27 -53.00 -101.10
N ASP I 58 -3.23 -54.30 -100.81
CA ASP I 58 -2.19 -55.16 -101.36
C ASP I 58 -2.37 -55.36 -102.85
N GLU I 59 -3.61 -55.40 -103.33
CA GLU I 59 -3.82 -55.55 -104.75
C GLU I 59 -3.42 -54.30 -105.51
N ALA I 60 -3.42 -53.15 -104.85
CA ALA I 60 -2.82 -51.98 -105.45
C ALA I 60 -1.31 -52.04 -105.32
N GLN I 61 -0.81 -52.78 -104.35
CA GLN I 61 0.63 -52.85 -104.16
C GLN I 61 1.26 -53.72 -105.23
N SER I 62 0.65 -54.85 -105.54
CA SER I 62 1.20 -55.74 -106.54
C SER I 62 1.05 -55.15 -107.92
N LYS I 63 -0.06 -54.46 -108.16
CA LYS I 63 -0.34 -53.90 -109.46
C LYS I 63 0.12 -52.46 -109.58
N ARG I 64 1.18 -52.11 -108.88
CA ARG I 64 1.55 -50.71 -108.72
C ARG I 64 2.14 -50.08 -109.96
N GLY I 65 2.40 -50.86 -111.01
CA GLY I 65 3.04 -50.28 -112.16
C GLY I 65 2.13 -49.51 -113.08
N ILE I 66 0.82 -49.74 -113.01
CA ILE I 66 -0.14 -49.08 -113.86
C ILE I 66 -1.06 -48.17 -113.08
N LEU I 67 -0.73 -47.88 -111.85
CA LEU I 67 -1.60 -47.10 -110.99
C LEU I 67 -0.94 -45.80 -110.59
N THR I 68 -1.77 -44.80 -110.31
CA THR I 68 -1.29 -43.62 -109.60
C THR I 68 -1.55 -43.83 -108.12
N LEU I 69 -0.54 -44.28 -107.41
CA LEU I 69 -0.71 -44.63 -106.00
C LEU I 69 -0.77 -43.35 -105.19
N LYS I 70 -1.85 -43.14 -104.48
CA LYS I 70 -1.97 -41.96 -103.65
C LYS I 70 -2.35 -42.38 -102.24
N TYR I 71 -1.88 -41.60 -101.29
CA TYR I 71 -2.22 -41.90 -99.92
C TYR I 71 -3.40 -41.07 -99.48
N PRO I 72 -4.34 -41.66 -98.77
CA PRO I 72 -5.45 -40.87 -98.23
C PRO I 72 -5.06 -40.02 -97.05
N ILE I 73 -4.05 -40.41 -96.28
CA ILE I 73 -3.66 -39.68 -95.08
C ILE I 73 -2.28 -39.10 -95.31
N GLU I 74 -2.15 -37.79 -95.18
CA GLU I 74 -0.82 -37.24 -95.12
C GLU I 74 -0.67 -36.43 -93.86
N GLY I 76 -0.60 -37.38 -90.92
CA GLY I 76 -1.52 -37.80 -89.89
C GLY I 76 -2.91 -37.21 -90.05
N ILE I 77 -3.10 -36.38 -91.05
CA ILE I 77 -4.39 -35.75 -91.27
C ILE I 77 -5.06 -36.45 -92.43
N ILE I 78 -6.28 -36.93 -92.21
CA ILE I 78 -7.01 -37.61 -93.28
C ILE I 78 -7.50 -36.56 -94.26
N THR I 79 -7.01 -36.64 -95.49
CA THR I 79 -7.38 -35.64 -96.48
C THR I 79 -8.53 -36.08 -97.36
N ASN I 80 -8.37 -37.17 -98.06
CA ASN I 80 -9.34 -37.58 -99.07
C ASN I 80 -10.35 -38.52 -98.40
N TRP I 81 -11.47 -37.96 -97.95
CA TRP I 81 -12.44 -38.75 -97.23
C TRP I 81 -13.19 -39.71 -98.13
N ASP I 82 -13.24 -39.43 -99.42
CA ASP I 82 -13.86 -40.36 -100.34
C ASP I 82 -13.04 -41.63 -100.43
N ASP I 83 -11.72 -41.51 -100.49
CA ASP I 83 -10.91 -42.70 -100.52
C ASP I 83 -10.82 -43.35 -99.15
N MET I 84 -11.02 -42.58 -98.10
CA MET I 84 -10.86 -43.15 -96.78
C MET I 84 -12.02 -44.05 -96.42
N GLU I 85 -13.17 -43.83 -97.04
CA GLU I 85 -14.23 -44.82 -96.95
C GLU I 85 -13.82 -46.09 -97.65
N LYS I 86 -13.16 -45.95 -98.79
CA LYS I 86 -12.83 -47.10 -99.61
C LYS I 86 -11.82 -47.97 -98.92
N ILE I 87 -10.95 -47.40 -98.10
CA ILE I 87 -9.98 -48.25 -97.46
C ILE I 87 -10.58 -48.90 -96.23
N TRP I 88 -11.51 -48.24 -95.55
CA TRP I 88 -12.10 -48.88 -94.40
C TRP I 88 -13.09 -49.95 -94.82
N HIS I 89 -13.72 -49.77 -95.96
CA HIS I 89 -14.55 -50.83 -96.50
C HIS I 89 -13.70 -52.02 -96.90
N HIS I 90 -12.45 -51.78 -97.27
CA HIS I 90 -11.56 -52.88 -97.58
C HIS I 90 -11.10 -53.58 -96.32
N THR I 91 -11.06 -52.88 -95.19
CA THR I 91 -10.64 -53.54 -93.96
C THR I 91 -11.71 -54.50 -93.48
N PHE I 92 -12.93 -54.00 -93.33
CA PHE I 92 -13.97 -54.75 -92.66
C PHE I 92 -14.48 -55.89 -93.52
N TYR I 93 -14.81 -55.58 -94.76
CA TYR I 93 -15.41 -56.57 -95.61
C TYR I 93 -14.37 -57.40 -96.33
N ASN I 94 -13.38 -56.74 -96.93
CA ASN I 94 -12.53 -57.46 -97.86
C ASN I 94 -11.45 -58.26 -97.17
N GLU I 95 -10.99 -57.85 -95.99
CA GLU I 95 -9.91 -58.61 -95.41
C GLU I 95 -10.17 -59.09 -93.99
N LEU I 96 -11.05 -58.45 -93.24
CA LEU I 96 -11.41 -59.02 -91.96
C LEU I 96 -12.65 -59.87 -92.04
N ARG I 97 -13.48 -59.63 -93.05
CA ARG I 97 -14.68 -60.40 -93.33
C ARG I 97 -15.64 -60.39 -92.16
N VAL I 98 -15.72 -59.26 -91.48
CA VAL I 98 -16.60 -59.13 -90.34
C VAL I 98 -17.65 -58.08 -90.63
N ALA I 99 -18.82 -58.27 -90.06
CA ALA I 99 -19.86 -57.29 -90.18
C ALA I 99 -19.54 -56.14 -89.24
N PRO I 100 -19.37 -54.91 -89.75
CA PRO I 100 -19.05 -53.79 -88.86
C PRO I 100 -20.19 -53.41 -87.96
N GLU I 101 -21.42 -53.76 -88.30
CA GLU I 101 -22.54 -53.42 -87.46
C GLU I 101 -22.61 -54.25 -86.19
N GLU I 102 -21.83 -55.30 -86.08
CA GLU I 102 -21.89 -56.15 -84.90
C GLU I 102 -20.76 -55.90 -83.93
N HIS I 103 -19.59 -55.56 -84.42
CA HIS I 103 -18.51 -55.45 -83.47
C HIS I 103 -18.18 -54.00 -83.18
N PRO I 104 -17.86 -53.65 -81.95
CA PRO I 104 -17.39 -52.28 -81.67
C PRO I 104 -15.99 -52.07 -82.22
N THR I 105 -15.72 -50.84 -82.62
CA THR I 105 -14.43 -50.50 -83.20
C THR I 105 -13.67 -49.58 -82.27
N LEU I 106 -12.40 -49.35 -82.60
CA LEU I 106 -11.57 -48.45 -81.81
C LEU I 106 -10.55 -47.82 -82.74
N LEU I 107 -10.87 -46.66 -83.25
CA LEU I 107 -9.98 -45.93 -84.13
C LEU I 107 -8.90 -45.28 -83.29
N THR I 108 -7.74 -45.05 -83.90
CA THR I 108 -6.63 -44.42 -83.20
C THR I 108 -6.15 -43.24 -84.03
N GLU I 109 -5.60 -42.23 -83.36
CA GLU I 109 -5.12 -41.07 -84.10
C GLU I 109 -4.03 -40.37 -83.33
N ALA I 110 -3.33 -39.51 -84.03
CA ALA I 110 -2.24 -38.73 -83.49
C ALA I 110 -2.78 -37.62 -82.60
N PRO I 111 -1.99 -37.15 -81.64
CA PRO I 111 -2.37 -35.95 -80.91
C PRO I 111 -2.14 -34.73 -81.77
N LEU I 112 -2.81 -33.65 -81.37
CA LEU I 112 -2.69 -32.32 -81.98
C LEU I 112 -3.06 -32.29 -83.46
N ASN I 113 -3.82 -33.26 -83.94
CA ASN I 113 -4.37 -33.20 -85.28
C ASN I 113 -5.60 -32.29 -85.25
N PRO I 114 -6.13 -31.88 -86.40
CA PRO I 114 -7.31 -31.01 -86.37
C PRO I 114 -8.53 -31.68 -85.79
N LYS I 115 -9.47 -30.86 -85.34
CA LYS I 115 -10.70 -31.40 -84.78
C LYS I 115 -11.54 -32.10 -85.84
N ALA I 116 -11.54 -31.56 -87.06
CA ALA I 116 -12.35 -32.16 -88.11
C ALA I 116 -11.79 -33.50 -88.57
N ASN I 117 -10.51 -33.77 -88.29
CA ASN I 117 -10.00 -35.10 -88.49
C ASN I 117 -10.61 -36.08 -87.52
N ARG I 118 -11.11 -35.59 -86.40
CA ARG I 118 -11.73 -36.46 -85.43
C ARG I 118 -13.24 -36.46 -85.59
N GLU I 119 -13.82 -35.29 -85.87
CA GLU I 119 -15.28 -35.20 -85.98
C GLU I 119 -15.79 -35.90 -87.20
N LYS I 120 -15.10 -35.75 -88.33
CA LYS I 120 -15.54 -36.45 -89.52
C LYS I 120 -15.31 -37.93 -89.37
N MET I 121 -14.27 -38.31 -88.64
CA MET I 121 -13.93 -39.71 -88.51
C MET I 121 -14.97 -40.46 -87.71
N THR I 122 -15.61 -39.81 -86.76
CA THR I 122 -16.69 -40.50 -86.08
C THR I 122 -17.99 -40.41 -86.85
N GLN I 123 -18.16 -39.36 -87.65
CA GLN I 123 -19.39 -39.23 -88.39
C GLN I 123 -19.41 -40.17 -89.56
N ILE I 124 -18.22 -40.49 -90.08
CA ILE I 124 -18.10 -41.45 -91.16
C ILE I 124 -18.02 -42.86 -90.62
N MET I 125 -18.03 -43.01 -89.31
CA MET I 125 -17.99 -44.32 -88.71
C MET I 125 -19.38 -44.80 -88.37
N PHE I 126 -20.21 -43.92 -87.81
CA PHE I 126 -21.57 -44.26 -87.48
C PHE I 126 -22.48 -44.16 -88.69
N GLU I 127 -22.53 -42.99 -89.33
CA GLU I 127 -23.46 -42.81 -90.44
C GLU I 127 -23.05 -43.52 -91.71
N THR I 128 -21.96 -44.25 -91.74
CA THR I 128 -21.65 -45.08 -92.88
C THR I 128 -21.56 -46.55 -92.50
N PHE I 129 -20.83 -46.87 -91.46
CA PHE I 129 -20.60 -48.27 -91.14
C PHE I 129 -21.52 -48.81 -90.06
N ASN I 130 -22.17 -47.92 -89.30
CA ASN I 130 -23.17 -48.27 -88.30
C ASN I 130 -22.60 -49.20 -87.24
N VAL I 131 -21.41 -48.90 -86.78
CA VAL I 131 -20.77 -49.71 -85.73
C VAL I 131 -21.51 -49.44 -84.43
N PRO I 132 -21.54 -50.40 -83.50
CA PRO I 132 -22.29 -50.16 -82.26
C PRO I 132 -21.65 -49.11 -81.37
N ALA I 133 -20.35 -49.17 -81.18
CA ALA I 133 -19.68 -48.24 -80.31
C ALA I 133 -18.25 -48.07 -80.80
N MET I 134 -17.73 -46.86 -80.66
CA MET I 134 -16.39 -46.58 -81.12
C MET I 134 -15.65 -45.85 -80.02
N TYR I 135 -14.35 -45.71 -80.22
CA TYR I 135 -13.54 -44.93 -79.31
C TYR I 135 -12.27 -44.53 -80.02
N VAL I 136 -11.83 -43.30 -79.78
CA VAL I 136 -10.67 -42.74 -80.43
C VAL I 136 -9.58 -42.58 -79.40
N ALA I 137 -8.41 -43.11 -79.68
CA ALA I 137 -7.31 -43.07 -78.74
C ALA I 137 -6.13 -42.30 -79.32
N ILE I 138 -5.41 -41.61 -78.44
CA ILE I 138 -4.14 -41.02 -78.81
C ILE I 138 -3.17 -42.15 -79.08
N GLN I 139 -2.28 -41.97 -80.06
CA GLN I 139 -1.34 -43.01 -80.48
C GLN I 139 -0.47 -43.46 -79.32
N ALA I 140 0.31 -42.54 -78.77
CA ALA I 140 1.37 -42.93 -77.87
C ALA I 140 0.85 -43.41 -76.53
N VAL I 141 -0.34 -42.98 -76.13
CA VAL I 141 -0.85 -43.48 -74.87
C VAL I 141 -1.32 -44.91 -75.01
N LEU I 142 -1.54 -45.39 -76.23
CA LEU I 142 -1.72 -46.82 -76.41
C LEU I 142 -0.40 -47.54 -76.25
N SER I 143 0.70 -46.89 -76.63
CA SER I 143 1.96 -47.58 -76.66
C SER I 143 2.50 -47.88 -75.27
N LEU I 144 2.03 -47.18 -74.24
CA LEU I 144 2.47 -47.57 -72.91
C LEU I 144 1.78 -48.85 -72.47
N TYR I 145 0.55 -49.09 -72.94
CA TYR I 145 -0.08 -50.36 -72.67
C TYR I 145 0.70 -51.49 -73.28
N ALA I 146 1.32 -51.25 -74.43
CA ALA I 146 2.22 -52.24 -75.00
C ALA I 146 3.46 -52.40 -74.14
N SER I 147 3.88 -51.35 -73.44
CA SER I 147 5.01 -51.50 -72.56
C SER I 147 4.64 -52.27 -71.31
N GLY I 148 3.36 -52.28 -70.96
CA GLY I 148 2.99 -52.79 -69.66
C GLY I 148 3.50 -51.95 -68.52
N ARG I 149 3.75 -50.67 -68.78
CA ARG I 149 4.32 -49.77 -67.81
C ARG I 149 3.61 -48.45 -67.92
N THR I 150 3.36 -47.83 -66.78
CA THR I 150 2.44 -46.71 -66.68
C THR I 150 3.11 -45.35 -66.73
N THR I 151 4.40 -45.28 -67.03
CA THR I 151 5.02 -43.97 -67.06
C THR I 151 6.10 -43.92 -68.12
N GLY I 152 6.41 -42.69 -68.55
CA GLY I 152 7.47 -42.46 -69.51
C GLY I 152 7.03 -41.90 -70.85
N ILE I 153 7.87 -41.07 -71.47
CA ILE I 153 7.49 -40.43 -72.72
C ILE I 153 7.64 -41.43 -73.84
N VAL I 154 7.08 -41.13 -75.00
CA VAL I 154 7.09 -42.06 -76.12
C VAL I 154 7.52 -41.33 -77.37
N LEU I 155 8.63 -41.77 -77.97
CA LEU I 155 9.04 -41.31 -79.29
C LEU I 155 8.27 -42.13 -80.31
N ASP I 156 7.03 -41.76 -80.53
CA ASP I 156 6.18 -42.48 -81.46
C ASP I 156 6.33 -41.83 -82.84
N SER I 157 7.21 -42.39 -83.65
CA SER I 157 7.46 -41.88 -84.98
C SER I 157 6.83 -42.85 -85.98
N GLY I 158 5.80 -42.39 -86.67
CA GLY I 158 5.11 -43.19 -87.64
C GLY I 158 5.58 -42.90 -89.05
N ASP I 159 4.74 -43.24 -90.01
CA ASP I 159 5.04 -42.94 -91.39
C ASP I 159 4.76 -41.48 -91.72
N GLY I 160 3.81 -40.88 -91.02
CA GLY I 160 3.36 -39.55 -91.38
C GLY I 160 3.69 -38.45 -90.41
N VAL I 161 3.89 -38.79 -89.13
CA VAL I 161 4.14 -37.79 -88.11
C VAL I 161 4.87 -38.46 -86.96
N THR I 162 5.71 -37.69 -86.27
CA THR I 162 6.29 -38.14 -85.02
C THR I 162 5.81 -37.24 -83.90
N HIS I 163 5.71 -37.80 -82.70
CA HIS I 163 5.18 -37.03 -81.59
C HIS I 163 5.61 -37.65 -80.28
N ASN I 164 5.70 -36.80 -79.26
CA ASN I 164 6.09 -37.22 -77.92
C ASN I 164 4.95 -36.93 -76.97
N VAL I 165 4.48 -37.96 -76.28
CA VAL I 165 3.44 -37.76 -75.29
C VAL I 165 4.04 -38.13 -73.94
N PRO I 166 4.56 -37.16 -73.19
CA PRO I 166 5.07 -37.45 -71.86
C PRO I 166 3.94 -37.73 -70.92
N ILE I 167 4.14 -38.74 -70.08
CA ILE I 167 3.08 -39.18 -69.19
C ILE I 167 3.64 -39.86 -67.94
N TYR I 168 3.25 -39.35 -66.77
CA TYR I 168 3.62 -39.94 -65.51
C TYR I 168 2.51 -40.92 -65.13
N GLU I 169 2.68 -41.61 -64.02
CA GLU I 169 1.88 -42.79 -63.72
C GLU I 169 0.41 -42.44 -63.57
N GLY I 170 -0.33 -42.81 -64.59
CA GLY I 170 -1.67 -42.34 -64.81
C GLY I 170 -1.72 -41.10 -65.64
N TYR I 171 -1.10 -40.03 -65.17
CA TYR I 171 -1.44 -38.69 -65.60
C TYR I 171 -0.52 -38.23 -66.71
N ALA I 172 -1.11 -37.67 -67.76
CA ALA I 172 -0.35 -37.21 -68.90
C ALA I 172 0.02 -35.74 -68.70
N LEU I 173 0.80 -35.21 -69.62
CA LEU I 173 1.20 -33.80 -69.57
C LEU I 173 0.75 -33.20 -70.89
N PRO I 174 -0.44 -32.62 -70.93
CA PRO I 174 -0.99 -32.18 -72.21
C PRO I 174 -0.26 -31.00 -72.79
N HIS I 175 0.29 -30.14 -71.96
CA HIS I 175 1.00 -29.00 -72.50
C HIS I 175 2.36 -29.38 -73.02
N ALA I 176 2.89 -30.50 -72.58
CA ALA I 176 4.22 -30.92 -72.99
C ALA I 176 4.20 -31.91 -74.14
N ILE I 177 3.06 -32.11 -74.77
CA ILE I 177 3.02 -32.98 -75.94
C ILE I 177 3.63 -32.21 -77.10
N MET I 178 4.71 -32.73 -77.64
CA MET I 178 5.33 -32.11 -78.80
C MET I 178 5.15 -33.02 -80.00
N ARG I 179 5.23 -32.44 -81.18
CA ARG I 179 4.84 -33.13 -82.40
C ARG I 179 5.54 -32.52 -83.60
N LEU I 180 6.23 -33.35 -84.36
CA LEU I 180 6.92 -32.90 -85.56
C LEU I 180 6.40 -33.68 -86.74
N ASP I 181 6.27 -33.00 -87.87
CA ASP I 181 5.75 -33.67 -89.06
C ASP I 181 6.81 -34.44 -89.82
N LEU I 182 8.05 -34.44 -89.35
CA LEU I 182 9.09 -35.21 -90.02
C LEU I 182 8.89 -36.67 -89.72
N ALA I 183 8.75 -37.49 -90.76
CA ALA I 183 8.53 -38.91 -90.56
C ALA I 183 8.96 -39.64 -91.82
N GLY I 184 8.48 -40.88 -91.97
CA GLY I 184 9.01 -41.78 -92.98
C GLY I 184 8.80 -41.32 -94.41
N ARG I 185 7.74 -40.57 -94.67
CA ARG I 185 7.59 -40.02 -96.02
C ARG I 185 8.58 -38.91 -96.25
N ASP I 186 8.85 -38.11 -95.23
CA ASP I 186 9.89 -37.12 -95.35
C ASP I 186 11.26 -37.77 -95.40
N LEU I 187 11.38 -38.99 -94.89
CA LEU I 187 12.59 -39.73 -95.14
C LEU I 187 12.63 -40.22 -96.57
N THR I 188 11.51 -40.74 -97.05
CA THR I 188 11.45 -41.31 -98.39
C THR I 188 11.66 -40.22 -99.44
N ASP I 189 11.07 -39.06 -99.22
CA ASP I 189 11.26 -37.99 -100.17
C ASP I 189 12.68 -37.46 -100.15
N TYR I 190 13.34 -37.52 -99.01
CA TYR I 190 14.72 -37.09 -99.00
C TYR I 190 15.64 -38.15 -99.55
N LEU I 191 15.24 -39.42 -99.43
CA LEU I 191 16.05 -40.46 -100.03
C LEU I 191 15.95 -40.39 -101.54
N MET I 192 14.80 -39.98 -102.06
CA MET I 192 14.67 -39.76 -103.48
C MET I 192 15.53 -38.61 -103.96
N LYS I 193 15.75 -37.62 -103.10
CA LYS I 193 16.61 -36.52 -103.50
C LYS I 193 18.06 -36.94 -103.57
N ILE I 194 18.48 -37.82 -102.68
CA ILE I 194 19.90 -38.14 -102.64
C ILE I 194 20.24 -39.37 -103.45
N LEU I 195 19.27 -40.09 -103.97
CA LEU I 195 19.61 -41.09 -104.97
C LEU I 195 19.97 -40.45 -106.29
N THR I 196 19.46 -39.25 -106.55
CA THR I 196 19.78 -38.57 -107.79
C THR I 196 21.23 -38.13 -107.83
N GLU I 197 21.88 -38.03 -106.67
CA GLU I 197 23.29 -37.71 -106.67
C GLU I 197 24.10 -38.87 -107.20
N ARG I 198 23.62 -40.09 -107.05
CA ARG I 198 24.24 -41.24 -107.68
C ARG I 198 23.58 -41.59 -108.99
N GLY I 199 22.72 -40.73 -109.50
CA GLY I 199 22.12 -40.95 -110.78
C GLY I 199 20.89 -41.81 -110.76
N TYR I 200 20.57 -42.46 -109.66
CA TYR I 200 19.40 -43.31 -109.62
C TYR I 200 18.17 -42.43 -109.52
N SER I 201 17.72 -41.97 -110.67
CA SER I 201 16.56 -41.07 -110.71
C SER I 201 15.29 -41.91 -110.61
N PHE I 202 14.67 -41.90 -109.45
CA PHE I 202 13.39 -42.54 -109.25
C PHE I 202 12.35 -41.44 -109.16
N VAL I 203 11.40 -41.45 -110.08
CA VAL I 203 10.57 -40.26 -110.25
C VAL I 203 9.20 -40.46 -109.64
N THR I 204 8.41 -41.36 -110.18
CA THR I 204 6.99 -41.31 -109.86
C THR I 204 6.63 -42.33 -108.80
N THR I 205 5.33 -42.44 -108.54
CA THR I 205 4.83 -43.01 -107.30
C THR I 205 5.11 -44.49 -107.20
N ALA I 206 5.17 -45.17 -108.34
CA ALA I 206 5.60 -46.56 -108.32
C ALA I 206 7.06 -46.66 -107.89
N GLU I 207 7.90 -45.77 -108.37
CA GLU I 207 9.26 -45.75 -107.86
C GLU I 207 9.33 -45.20 -106.46
N ARG I 208 8.38 -44.36 -106.04
CA ARG I 208 8.39 -43.89 -104.67
C ARG I 208 8.09 -45.02 -103.71
N GLU I 209 7.35 -46.01 -104.18
CA GLU I 209 7.16 -47.21 -103.39
C GLU I 209 8.45 -47.99 -103.25
N ILE I 210 9.20 -48.16 -104.35
CA ILE I 210 10.37 -49.01 -104.25
C ILE I 210 11.52 -48.29 -103.59
N VAL I 211 11.43 -46.97 -103.44
CA VAL I 211 12.39 -46.27 -102.60
C VAL I 211 12.22 -46.69 -101.16
N ARG I 212 10.98 -46.90 -100.74
CA ARG I 212 10.75 -47.33 -99.36
C ARG I 212 11.25 -48.75 -99.15
N ASP I 213 11.20 -49.58 -100.18
CA ASP I 213 11.79 -50.89 -100.07
C ASP I 213 13.31 -50.80 -99.99
N ILE I 214 13.90 -49.79 -100.61
CA ILE I 214 15.32 -49.56 -100.40
C ILE I 214 15.55 -49.11 -98.98
N LYS I 215 14.69 -48.25 -98.48
CA LYS I 215 14.90 -47.63 -97.19
C LYS I 215 14.75 -48.62 -96.05
N GLU I 216 13.72 -49.44 -96.11
CA GLU I 216 13.48 -50.33 -94.99
C GLU I 216 14.41 -51.52 -94.98
N LYS I 217 15.09 -51.80 -96.09
CA LYS I 217 15.99 -52.93 -96.09
C LYS I 217 17.43 -52.53 -95.89
N LEU I 218 17.78 -51.29 -96.14
CA LEU I 218 19.18 -50.93 -96.15
C LEU I 218 19.56 -49.89 -95.13
N CYS I 219 18.75 -48.86 -94.97
CA CYS I 219 19.18 -47.67 -94.24
C CYS I 219 19.26 -47.92 -92.75
N TYR I 220 20.43 -47.66 -92.19
CA TYR I 220 20.67 -47.69 -90.76
C TYR I 220 21.06 -46.28 -90.36
N VAL I 221 20.92 -45.96 -89.11
CA VAL I 221 21.32 -44.66 -88.61
C VAL I 221 22.67 -44.80 -87.93
N ALA I 222 23.53 -43.80 -88.10
CA ALA I 222 24.90 -43.90 -87.62
C ALA I 222 24.99 -43.56 -86.15
N LEU I 223 25.96 -44.16 -85.48
CA LEU I 223 26.19 -43.84 -84.08
C LEU I 223 26.83 -42.47 -83.92
N ASP I 224 27.90 -42.23 -84.65
CA ASP I 224 28.54 -40.91 -84.69
C ASP I 224 28.58 -40.50 -86.14
N PHE I 225 27.89 -39.40 -86.47
CA PHE I 225 27.62 -39.09 -87.86
C PHE I 225 28.87 -38.69 -88.61
N GLU I 226 29.69 -37.84 -88.01
CA GLU I 226 30.84 -37.33 -88.75
C GLU I 226 31.94 -38.38 -88.86
N ASN I 227 32.20 -39.10 -87.77
CA ASN I 227 33.26 -40.08 -87.80
C ASN I 227 32.90 -41.27 -88.66
N GLU I 228 31.62 -41.55 -88.82
CA GLU I 228 31.24 -42.62 -89.71
C GLU I 228 31.04 -42.12 -91.13
N MET I 229 30.82 -40.82 -91.30
CA MET I 229 30.94 -40.24 -92.63
C MET I 229 32.37 -40.35 -93.13
N ALA I 230 33.35 -40.21 -92.24
CA ALA I 230 34.73 -40.33 -92.66
C ALA I 230 35.08 -41.75 -93.05
N THR I 231 34.33 -42.74 -92.59
CA THR I 231 34.50 -44.09 -93.10
C THR I 231 34.07 -44.17 -94.55
N ALA I 232 33.04 -43.41 -94.93
CA ALA I 232 32.60 -43.39 -96.31
C ALA I 232 33.57 -42.66 -97.22
N ALA I 233 34.51 -41.89 -96.66
CA ALA I 233 35.58 -41.35 -97.48
C ALA I 233 36.48 -42.46 -97.99
N SER I 234 36.93 -43.34 -97.10
CA SER I 234 37.65 -44.54 -97.51
C SER I 234 36.61 -45.62 -97.75
N SER I 235 35.88 -45.46 -98.84
CA SER I 235 34.71 -46.28 -99.12
C SER I 235 35.11 -47.70 -99.44
N SER I 236 35.15 -48.53 -98.43
CA SER I 236 35.61 -49.89 -98.62
C SER I 236 34.54 -50.92 -98.36
N SER I 237 33.81 -50.80 -97.27
CA SER I 237 32.86 -51.82 -96.88
C SER I 237 31.50 -51.26 -96.56
N LEU I 238 31.26 -49.99 -96.88
CA LEU I 238 29.99 -49.39 -96.51
C LEU I 238 28.89 -49.78 -97.49
N GLU I 239 29.22 -49.87 -98.77
CA GLU I 239 28.22 -50.00 -99.80
C GLU I 239 27.58 -51.37 -99.79
N LYS I 240 26.27 -51.40 -99.80
CA LYS I 240 25.56 -52.59 -100.20
C LYS I 240 24.92 -52.34 -101.54
N SER I 241 24.11 -53.28 -101.98
CA SER I 241 23.60 -53.22 -103.33
C SER I 241 22.23 -53.88 -103.39
N TYR I 242 21.31 -53.26 -104.11
CA TYR I 242 19.92 -53.65 -104.05
C TYR I 242 19.37 -53.91 -105.44
N GLU I 243 18.73 -55.04 -105.62
CA GLU I 243 18.15 -55.41 -106.90
C GLU I 243 16.79 -54.76 -107.05
N LEU I 244 16.63 -53.97 -108.11
CA LEU I 244 15.36 -53.37 -108.41
C LEU I 244 14.40 -54.42 -108.94
N PRO I 245 13.09 -54.15 -108.98
CA PRO I 245 12.15 -55.14 -109.52
C PRO I 245 12.31 -55.44 -110.99
N ASP I 246 12.95 -54.58 -111.78
CA ASP I 246 13.16 -54.94 -113.17
C ASP I 246 14.33 -55.89 -113.33
N GLY I 247 15.32 -55.78 -112.46
CA GLY I 247 16.47 -56.64 -112.55
C GLY I 247 17.77 -55.90 -112.41
N GLN I 248 17.83 -54.67 -112.89
CA GLN I 248 19.07 -53.92 -112.79
C GLN I 248 19.31 -53.54 -111.34
N VAL I 249 20.56 -53.52 -110.95
CA VAL I 249 20.91 -53.43 -109.54
C VAL I 249 21.49 -52.05 -109.27
N ILE I 250 21.29 -51.55 -108.06
CA ILE I 250 21.83 -50.28 -107.64
C ILE I 250 22.88 -50.56 -106.59
N THR I 251 23.59 -49.52 -106.18
CA THR I 251 24.37 -49.58 -104.97
C THR I 251 24.34 -48.22 -104.32
N ILE I 252 24.66 -48.17 -103.04
CA ILE I 252 24.44 -46.97 -102.27
C ILE I 252 25.48 -46.90 -101.17
N GLY I 253 26.06 -45.73 -100.98
CA GLY I 253 27.15 -45.61 -100.05
C GLY I 253 26.81 -44.78 -98.84
N ASN I 254 27.27 -43.53 -98.83
CA ASN I 254 26.99 -42.65 -97.71
C ASN I 254 25.54 -42.23 -97.66
N GLU I 255 24.82 -42.36 -98.78
CA GLU I 255 23.39 -42.09 -98.77
C GLU I 255 22.61 -43.11 -97.97
N ARG I 256 23.22 -44.19 -97.52
CA ARG I 256 22.48 -45.18 -96.76
C ARG I 256 22.22 -44.70 -95.34
N PHE I 257 23.21 -44.08 -94.72
CA PHE I 257 22.99 -43.56 -93.38
C PHE I 257 22.69 -42.08 -93.35
N ARG I 258 22.93 -41.37 -94.45
CA ARG I 258 22.67 -39.94 -94.43
C ARG I 258 21.19 -39.64 -94.51
N CYS I 259 20.41 -40.58 -95.05
CA CYS I 259 18.96 -40.38 -95.08
C CYS I 259 18.29 -40.40 -93.71
N PRO I 260 18.55 -41.38 -92.81
CA PRO I 260 17.90 -41.29 -91.50
C PRO I 260 18.54 -40.30 -90.55
N GLU I 261 19.50 -39.51 -90.97
CA GLU I 261 19.95 -38.40 -90.13
C GLU I 261 19.02 -37.21 -90.21
N THR I 262 18.00 -37.28 -91.07
CA THR I 262 16.98 -36.26 -91.11
C THR I 262 16.21 -36.21 -89.80
N LEU I 263 16.10 -37.34 -89.11
CA LEU I 263 15.50 -37.36 -87.78
C LEU I 263 16.29 -36.54 -86.78
N PHE I 264 17.57 -36.31 -87.04
CA PHE I 264 18.41 -35.63 -86.09
C PHE I 264 18.85 -34.27 -86.56
N GLN I 265 19.01 -34.09 -87.85
CA GLN I 265 19.25 -32.77 -88.43
C GLN I 265 18.10 -32.51 -89.38
N PRO I 266 17.03 -31.89 -88.92
CA PRO I 266 15.91 -31.57 -89.81
C PRO I 266 16.22 -30.48 -90.79
N SER I 267 17.37 -29.83 -90.69
CA SER I 267 17.79 -28.89 -91.71
C SER I 267 18.20 -29.57 -93.01
N PHE I 268 18.35 -30.89 -93.02
CA PHE I 268 18.64 -31.57 -94.26
C PHE I 268 17.48 -31.49 -95.24
N ILE I 269 16.26 -31.57 -94.73
CA ILE I 269 15.12 -31.33 -95.59
C ILE I 269 14.70 -29.90 -95.40
N GLY I 270 15.52 -29.13 -94.71
CA GLY I 270 15.31 -27.72 -94.64
C GLY I 270 14.22 -27.25 -93.72
N MET I 271 13.59 -28.13 -92.97
CA MET I 271 12.65 -27.65 -91.98
C MET I 271 13.40 -27.20 -90.76
N GLU I 272 13.01 -26.03 -90.25
CA GLU I 272 13.68 -25.40 -89.13
C GLU I 272 13.07 -25.98 -87.86
N SER I 273 13.76 -26.96 -87.31
CA SER I 273 13.29 -27.58 -86.09
C SER I 273 14.44 -28.19 -85.36
N ALA I 274 14.16 -28.66 -84.16
CA ALA I 274 15.11 -29.50 -83.46
C ALA I 274 14.89 -30.94 -83.88
N GLY I 275 15.95 -31.72 -83.78
CA GLY I 275 15.84 -33.12 -84.11
C GLY I 275 15.04 -33.87 -83.06
N ILE I 276 14.73 -35.12 -83.37
CA ILE I 276 13.93 -35.90 -82.43
C ILE I 276 14.70 -36.31 -81.21
N HIS I 277 16.01 -36.15 -81.21
CA HIS I 277 16.75 -36.28 -79.97
C HIS I 277 16.55 -35.07 -79.10
N GLU I 278 16.34 -33.90 -79.71
CA GLU I 278 16.29 -32.68 -78.94
C GLU I 278 14.88 -32.30 -78.56
N THR I 279 13.91 -32.57 -79.42
CA THR I 279 12.53 -32.37 -79.01
C THR I 279 12.07 -33.41 -78.03
N THR I 280 12.84 -34.49 -77.86
CA THR I 280 12.68 -35.33 -76.69
C THR I 280 13.01 -34.55 -75.43
N TYR I 281 14.22 -34.00 -75.37
CA TYR I 281 14.67 -33.26 -74.20
C TYR I 281 13.88 -31.99 -74.01
N ASN I 282 13.44 -31.38 -75.10
CA ASN I 282 12.61 -30.19 -74.95
C ASN I 282 11.25 -30.56 -74.39
N SER I 283 10.80 -31.78 -74.58
CA SER I 283 9.56 -32.18 -73.94
C SER I 283 9.74 -32.42 -72.46
N ILE I 284 10.88 -32.98 -72.07
CA ILE I 284 11.05 -33.33 -70.68
C ILE I 284 11.38 -32.10 -69.85
N MET I 285 12.04 -31.11 -70.46
CA MET I 285 12.20 -29.83 -69.78
C MET I 285 10.88 -29.13 -69.56
N LYS I 286 9.91 -29.34 -70.45
CA LYS I 286 8.59 -28.78 -70.22
C LYS I 286 7.88 -29.48 -69.09
N CYS I 287 8.25 -30.71 -68.78
CA CYS I 287 7.56 -31.40 -67.71
C CYS I 287 8.09 -30.94 -66.36
N ASP I 288 7.32 -31.23 -65.32
CA ASP I 288 7.65 -30.74 -63.99
C ASP I 288 8.85 -31.52 -63.45
N ILE I 289 9.49 -30.94 -62.42
CA ILE I 289 10.85 -31.34 -62.08
C ILE I 289 10.91 -32.69 -61.39
N ASP I 290 9.84 -33.16 -60.78
CA ASP I 290 9.92 -34.46 -60.14
C ASP I 290 9.87 -35.58 -61.16
N ILE I 291 9.09 -35.38 -62.22
CA ILE I 291 8.86 -36.45 -63.18
C ILE I 291 10.10 -36.69 -64.02
N ARG I 292 10.98 -35.70 -64.12
CA ARG I 292 12.10 -35.74 -65.05
C ARG I 292 13.07 -36.88 -64.74
N LYS I 293 13.16 -37.26 -63.47
CA LYS I 293 13.99 -38.41 -63.13
C LYS I 293 13.39 -39.69 -63.68
N ASP I 294 12.08 -39.77 -63.73
CA ASP I 294 11.47 -41.01 -64.19
C ASP I 294 11.28 -41.03 -65.69
N LEU I 295 11.18 -39.87 -66.33
CA LEU I 295 11.08 -39.88 -67.78
C LEU I 295 12.41 -40.27 -68.41
N TYR I 296 13.51 -39.88 -67.79
CA TYR I 296 14.81 -40.26 -68.30
C TYR I 296 15.03 -41.76 -68.20
N ALA I 297 14.48 -42.39 -67.18
CA ALA I 297 14.60 -43.83 -67.11
C ALA I 297 13.59 -44.55 -67.98
N ASN I 298 12.66 -43.84 -68.60
CA ASN I 298 11.56 -44.49 -69.31
C ASN I 298 11.31 -43.73 -70.62
N ASN I 299 11.98 -44.16 -71.67
CA ASN I 299 11.78 -43.59 -73.00
C ASN I 299 11.38 -44.73 -73.93
N VAL I 300 10.17 -44.69 -74.43
CA VAL I 300 9.66 -45.77 -75.26
C VAL I 300 9.77 -45.36 -76.71
N MET I 301 10.63 -46.04 -77.46
CA MET I 301 10.61 -45.88 -78.90
C MET I 301 9.40 -46.64 -79.42
N SER I 302 8.71 -46.05 -80.38
CA SER I 302 7.53 -46.71 -80.92
C SER I 302 7.36 -46.28 -82.36
N GLY I 303 6.51 -47.00 -83.07
CA GLY I 303 6.24 -46.68 -84.45
C GLY I 303 7.27 -47.30 -85.39
N GLY I 304 6.82 -47.50 -86.63
CA GLY I 304 7.62 -48.25 -87.59
C GLY I 304 8.85 -47.53 -88.07
N THR I 305 8.89 -46.20 -87.93
CA THR I 305 10.08 -45.46 -88.34
C THR I 305 11.23 -45.77 -87.43
N THR I 306 10.96 -46.06 -86.17
CA THR I 306 12.00 -46.34 -85.21
C THR I 306 12.48 -47.76 -85.25
N MET I 307 12.25 -48.48 -86.34
CA MET I 307 12.85 -49.78 -86.55
C MET I 307 14.20 -49.70 -87.22
N TYR I 308 14.76 -48.50 -87.33
CA TYR I 308 16.11 -48.37 -87.87
C TYR I 308 17.10 -49.01 -86.91
N PRO I 309 18.05 -49.79 -87.40
CA PRO I 309 19.07 -50.36 -86.52
C PRO I 309 20.02 -49.27 -86.07
N GLY I 310 20.28 -49.26 -84.76
CA GLY I 310 21.11 -48.24 -84.18
C GLY I 310 20.37 -47.03 -83.67
N ILE I 311 19.05 -47.00 -83.78
CA ILE I 311 18.33 -45.83 -83.32
C ILE I 311 18.28 -45.78 -81.81
N ALA I 312 18.37 -46.92 -81.15
CA ALA I 312 18.35 -46.90 -79.70
C ALA I 312 19.71 -46.54 -79.17
N ASP I 313 20.76 -47.03 -79.82
CA ASP I 313 22.10 -46.71 -79.39
C ASP I 313 22.45 -45.27 -79.69
N ARG I 314 21.74 -44.64 -80.61
CA ARG I 314 22.02 -43.25 -80.90
C ARG I 314 21.38 -42.32 -79.90
N MET I 315 20.08 -42.47 -79.68
CA MET I 315 19.40 -41.51 -78.83
C MET I 315 19.76 -41.72 -77.37
N GLN I 316 20.18 -42.93 -76.99
CA GLN I 316 20.74 -43.10 -75.67
C GLN I 316 22.04 -42.33 -75.53
N LYS I 317 22.79 -42.22 -76.61
CA LYS I 317 23.98 -41.40 -76.56
C LYS I 317 23.61 -39.93 -76.60
N GLU I 318 22.60 -39.58 -77.38
CA GLU I 318 22.45 -38.17 -77.67
C GLU I 318 21.64 -37.46 -76.58
N ILE I 319 20.68 -38.14 -75.97
CA ILE I 319 19.99 -37.51 -74.85
C ILE I 319 20.93 -37.39 -73.66
N THR I 320 21.87 -38.33 -73.52
CA THR I 320 22.90 -38.25 -72.50
C THR I 320 23.74 -37.01 -72.69
N ALA I 321 23.94 -36.58 -73.92
CA ALA I 321 24.64 -35.33 -74.16
C ALA I 321 23.82 -34.14 -73.70
N LEU I 322 22.50 -34.27 -73.67
CA LEU I 322 21.70 -33.13 -73.28
C LEU I 322 21.26 -33.18 -71.83
N ALA I 323 21.11 -34.36 -71.28
CA ALA I 323 20.71 -34.50 -69.90
C ALA I 323 21.86 -34.11 -68.98
N PRO I 324 21.57 -33.75 -67.74
CA PRO I 324 22.64 -33.67 -66.74
C PRO I 324 23.20 -35.06 -66.49
N SER I 325 24.52 -35.18 -66.62
CA SER I 325 25.16 -36.47 -66.70
C SER I 325 25.20 -37.22 -65.38
N THR I 326 24.69 -36.65 -64.31
CA THR I 326 24.76 -37.31 -63.03
C THR I 326 23.74 -38.43 -62.88
N MET I 327 22.86 -38.61 -63.85
CA MET I 327 21.79 -39.56 -63.63
C MET I 327 21.44 -40.26 -64.92
N LYS I 328 20.91 -41.47 -64.78
CA LYS I 328 20.90 -42.42 -65.87
C LYS I 328 19.78 -42.15 -66.85
N ILE I 329 19.98 -42.65 -68.06
CA ILE I 329 19.00 -42.61 -69.14
C ILE I 329 18.73 -44.05 -69.54
N LYS I 330 17.52 -44.30 -70.03
CA LYS I 330 17.18 -45.59 -70.59
C LYS I 330 16.34 -45.38 -71.83
N ILE I 331 16.49 -46.27 -72.79
CA ILE I 331 15.72 -46.23 -74.02
C ILE I 331 15.04 -47.57 -74.15
N ILE I 332 13.73 -47.60 -73.90
CA ILE I 332 12.99 -48.84 -73.94
C ILE I 332 12.57 -49.05 -75.38
N ALA I 333 13.34 -49.84 -76.11
CA ALA I 333 13.05 -50.17 -77.50
C ALA I 333 12.73 -51.65 -77.57
N PRO I 334 11.47 -52.03 -77.53
CA PRO I 334 11.10 -53.42 -77.59
C PRO I 334 11.28 -53.94 -79.00
N PRO I 335 11.28 -55.27 -79.20
CA PRO I 335 11.33 -55.81 -80.56
C PRO I 335 9.98 -55.87 -81.26
N GLU I 336 8.98 -55.13 -80.81
CA GLU I 336 7.70 -55.11 -81.49
C GLU I 336 7.22 -53.69 -81.71
N ARG I 337 8.18 -52.77 -81.93
CA ARG I 337 7.86 -51.35 -82.04
C ARG I 337 6.98 -51.04 -83.22
N LYS I 338 7.02 -51.87 -84.26
CA LYS I 338 6.20 -51.62 -85.43
C LYS I 338 4.74 -51.81 -85.11
N TYR I 339 4.42 -52.70 -84.18
CA TYR I 339 3.03 -53.02 -83.88
C TYR I 339 2.63 -52.55 -82.51
N SER I 340 3.44 -51.70 -81.88
CA SER I 340 3.23 -51.36 -80.48
C SER I 340 1.96 -50.56 -80.28
N VAL I 341 1.58 -49.73 -81.25
CA VAL I 341 0.37 -48.97 -81.10
C VAL I 341 -0.83 -49.87 -81.21
N TRP I 342 -0.74 -50.90 -82.06
CA TRP I 342 -1.87 -51.81 -82.17
C TRP I 342 -1.98 -52.70 -80.94
N ILE I 343 -0.85 -53.21 -80.46
CA ILE I 343 -0.88 -54.19 -79.39
C ILE I 343 -1.39 -53.55 -78.11
N GLY I 344 -0.92 -52.34 -77.81
CA GLY I 344 -1.50 -51.59 -76.73
C GLY I 344 -2.95 -51.23 -76.98
N GLY I 345 -3.31 -51.04 -78.24
CA GLY I 345 -4.71 -50.88 -78.56
C GLY I 345 -5.48 -52.16 -78.39
N SER I 346 -4.83 -53.30 -78.62
CA SER I 346 -5.51 -54.57 -78.40
C SER I 346 -5.70 -54.84 -76.93
N ILE I 347 -4.84 -54.31 -76.09
CA ILE I 347 -5.01 -54.52 -74.66
C ILE I 347 -6.16 -53.68 -74.14
N LEU I 348 -6.16 -52.39 -74.50
CA LEU I 348 -7.08 -51.43 -73.91
C LEU I 348 -8.52 -51.76 -74.19
N ALA I 349 -8.81 -52.31 -75.36
CA ALA I 349 -10.16 -52.72 -75.64
C ALA I 349 -10.56 -53.96 -74.86
N SER I 350 -9.60 -54.72 -74.37
CA SER I 350 -9.92 -55.96 -73.69
C SER I 350 -10.10 -55.80 -72.20
N LEU I 351 -9.88 -54.60 -71.65
CA LEU I 351 -10.02 -54.42 -70.21
C LEU I 351 -11.48 -54.38 -69.78
N SER I 352 -11.75 -55.06 -68.68
CA SER I 352 -13.10 -55.12 -68.14
C SER I 352 -13.56 -53.78 -67.58
N THR I 353 -12.64 -52.89 -67.27
CA THR I 353 -12.99 -51.56 -66.79
C THR I 353 -13.18 -50.56 -67.90
N PHE I 354 -13.28 -51.03 -69.13
CA PHE I 354 -13.32 -50.14 -70.26
C PHE I 354 -14.66 -50.11 -70.97
N GLN I 355 -15.52 -51.10 -70.74
CA GLN I 355 -16.77 -51.19 -71.48
C GLN I 355 -17.78 -50.13 -71.12
N GLN I 356 -17.48 -49.26 -70.16
CA GLN I 356 -18.27 -48.06 -69.99
C GLN I 356 -17.62 -46.86 -70.61
N MET I 357 -16.43 -47.01 -71.19
CA MET I 357 -15.72 -45.88 -71.76
C MET I 357 -15.90 -45.74 -73.25
N TRP I 358 -16.84 -46.47 -73.85
CA TRP I 358 -17.03 -46.37 -75.28
C TRP I 358 -17.83 -45.13 -75.63
N ILE I 359 -18.13 -44.99 -76.91
CA ILE I 359 -19.05 -43.97 -77.40
C ILE I 359 -20.17 -44.72 -78.12
N THR I 360 -21.29 -44.91 -77.44
CA THR I 360 -22.33 -45.73 -78.04
C THR I 360 -23.17 -44.91 -79.00
N LYS I 361 -23.90 -45.62 -79.86
CA LYS I 361 -24.76 -44.94 -80.81
C LYS I 361 -25.95 -44.30 -80.12
N GLN I 362 -26.46 -44.94 -79.07
CA GLN I 362 -27.63 -44.41 -78.38
C GLN I 362 -27.31 -43.14 -77.63
N GLU I 363 -26.05 -42.90 -77.30
CA GLU I 363 -25.67 -41.60 -76.79
C GLU I 363 -25.11 -40.72 -77.87
N TYR I 364 -24.87 -41.26 -79.07
CA TYR I 364 -24.42 -40.40 -80.15
C TYR I 364 -25.56 -39.56 -80.70
N ASP I 365 -26.77 -40.12 -80.72
CA ASP I 365 -27.83 -39.56 -81.54
C ASP I 365 -28.33 -38.24 -81.01
N GLU I 366 -28.26 -38.03 -79.71
CA GLU I 366 -28.59 -36.73 -79.17
C GLU I 366 -27.37 -35.84 -79.04
N ALA I 367 -26.20 -36.36 -79.35
CA ALA I 367 -24.97 -35.61 -79.14
C ALA I 367 -24.39 -35.05 -80.42
N GLY I 368 -24.41 -35.82 -81.49
CA GLY I 368 -23.79 -35.38 -82.72
C GLY I 368 -22.31 -35.64 -82.68
N PRO I 369 -21.58 -35.19 -83.71
CA PRO I 369 -20.16 -35.53 -83.82
C PRO I 369 -19.27 -34.84 -82.82
N SER I 370 -19.78 -33.91 -82.03
CA SER I 370 -18.93 -33.28 -81.03
C SER I 370 -18.78 -34.12 -79.78
N ILE I 371 -19.34 -35.33 -79.76
CA ILE I 371 -19.25 -36.17 -78.58
C ILE I 371 -17.83 -36.66 -78.35
N VAL I 372 -17.00 -36.71 -79.39
CA VAL I 372 -15.68 -37.24 -79.19
C VAL I 372 -14.78 -36.18 -78.56
N HIS I 373 -15.17 -34.92 -78.64
CA HIS I 373 -14.39 -33.92 -77.92
C HIS I 373 -14.63 -33.97 -76.43
N ARG I 374 -15.73 -34.53 -75.97
CA ARG I 374 -15.88 -34.80 -74.56
C ARG I 374 -15.59 -36.25 -74.23
N LYS I 375 -14.82 -36.92 -75.07
CA LYS I 375 -14.28 -38.25 -74.78
C LYS I 375 -12.77 -38.19 -75.05
N CYS I 376 -12.01 -38.00 -73.98
CA CYS I 376 -10.54 -37.89 -73.95
C CYS I 376 -10.00 -36.88 -74.96
N PHE I 377 -10.68 -35.74 -75.05
CA PHE I 377 -10.25 -34.51 -75.76
C PHE I 377 -10.15 -34.67 -77.30
N THR J 7 7.73 -31.54 28.75
CA THR J 7 8.21 -30.98 30.00
C THR J 7 8.58 -29.53 29.82
N THR J 8 9.48 -29.28 28.85
CA THR J 8 9.94 -27.93 28.59
C THR J 8 8.83 -27.10 27.97
N ALA J 9 8.99 -25.79 28.05
CA ALA J 9 8.00 -24.89 27.49
C ALA J 9 8.48 -24.36 26.15
N LEU J 10 7.53 -24.01 25.30
CA LEU J 10 7.83 -23.29 24.08
C LEU J 10 7.50 -21.82 24.26
N VAL J 11 8.31 -20.97 23.67
CA VAL J 11 8.03 -19.55 23.60
C VAL J 11 8.01 -19.17 22.12
N CYS J 12 6.91 -18.58 21.69
CA CYS J 12 6.76 -18.27 20.28
C CYS J 12 6.19 -16.86 20.16
N ASP J 13 7.08 -15.91 19.94
CA ASP J 13 6.71 -14.52 19.73
C ASP J 13 5.94 -14.43 18.42
N ASN J 14 4.66 -14.09 18.52
CA ASN J 14 3.86 -13.82 17.33
C ASN J 14 4.33 -12.49 16.77
N GLY J 15 5.37 -12.56 15.96
CA GLY J 15 5.88 -11.36 15.34
C GLY J 15 4.92 -10.83 14.29
N SER J 16 4.84 -9.51 14.21
CA SER J 16 4.02 -8.90 13.18
C SER J 16 4.64 -9.08 11.81
N GLY J 17 5.96 -9.21 11.74
CA GLY J 17 6.60 -9.48 10.47
C GLY J 17 7.35 -10.79 10.41
N LEU J 18 7.97 -11.20 11.51
CA LEU J 18 8.79 -12.39 11.54
C LEU J 18 8.43 -13.19 12.78
N VAL J 19 7.88 -14.38 12.58
CA VAL J 19 7.55 -15.24 13.70
C VAL J 19 8.82 -15.81 14.28
N LYS J 20 9.10 -15.49 15.53
CA LYS J 20 10.26 -15.98 16.24
C LYS J 20 9.82 -17.03 17.25
N ALA J 21 10.49 -18.17 17.26
CA ALA J 21 10.02 -19.26 18.09
C ALA J 21 11.20 -20.08 18.58
N GLY J 22 10.95 -20.84 19.64
CA GLY J 22 11.97 -21.71 20.19
C GLY J 22 11.55 -22.23 21.54
N PHE J 23 12.46 -22.96 22.16
CA PHE J 23 12.19 -23.58 23.45
C PHE J 23 12.55 -22.63 24.57
N ALA J 24 12.05 -22.95 25.77
CA ALA J 24 12.39 -22.17 26.93
C ALA J 24 13.81 -22.45 27.36
N GLY J 25 14.47 -21.45 27.93
CA GLY J 25 15.82 -21.60 28.39
C GLY J 25 16.88 -21.67 27.33
N ASP J 26 16.50 -21.58 26.06
CA ASP J 26 17.48 -21.55 24.99
C ASP J 26 17.94 -20.10 24.79
N ASP J 27 19.19 -19.95 24.38
CA ASP J 27 19.73 -18.61 24.21
C ASP J 27 19.18 -17.98 22.93
N ALA J 28 19.29 -18.69 21.82
CA ALA J 28 18.81 -18.20 20.55
C ALA J 28 17.48 -18.85 20.23
N PRO J 29 16.58 -18.15 19.54
CA PRO J 29 15.35 -18.80 19.11
C PRO J 29 15.66 -19.84 18.05
N ARG J 30 14.86 -20.91 18.06
CA ARG J 30 15.20 -22.06 17.24
C ARG J 30 15.01 -21.76 15.76
N ALA J 31 13.88 -21.18 15.41
CA ALA J 31 13.59 -20.94 14.01
C ALA J 31 12.90 -19.60 13.87
N VAL J 32 13.39 -18.79 12.94
CA VAL J 32 12.83 -17.49 12.65
C VAL J 32 12.45 -17.50 11.19
N PHE J 33 11.18 -17.28 10.91
CA PHE J 33 10.71 -17.28 9.54
C PHE J 33 9.73 -16.15 9.39
N PRO J 34 9.62 -15.56 8.20
CA PRO J 34 8.71 -14.43 8.04
C PRO J 34 7.27 -14.86 8.08
N SER J 35 6.44 -13.99 8.66
CA SER J 35 5.03 -14.29 8.89
C SER J 35 4.23 -14.02 7.62
N ILE J 36 4.46 -14.85 6.61
CA ILE J 36 3.86 -14.66 5.32
C ILE J 36 3.12 -15.92 4.94
N VAL J 37 1.83 -15.82 4.69
CA VAL J 37 1.11 -16.88 4.02
C VAL J 37 0.85 -16.40 2.60
N GLY J 38 0.78 -17.33 1.68
CA GLY J 38 0.60 -16.93 0.30
C GLY J 38 -0.11 -17.94 -0.57
N ARG J 39 -1.12 -17.50 -1.25
CA ARG J 39 -1.80 -18.32 -2.21
C ARG J 39 -1.15 -18.12 -3.57
N PRO J 40 -1.12 -19.12 -4.43
CA PRO J 40 -0.65 -18.88 -5.79
C PRO J 40 -1.68 -18.11 -6.59
N ARG J 41 -1.25 -17.61 -7.75
CA ARG J 41 -2.12 -16.72 -8.51
C ARG J 41 -2.02 -16.94 -10.01
N HIS J 42 -1.75 -18.16 -10.45
CA HIS J 42 -1.58 -18.40 -11.89
C HIS J 42 -2.17 -19.75 -12.27
N GLN J 43 -1.80 -20.20 -13.46
CA GLN J 43 -2.51 -21.32 -14.09
C GLN J 43 -2.16 -22.65 -13.46
N GLY J 44 -0.89 -23.01 -13.44
CA GLY J 44 -0.54 -24.32 -12.93
C GLY J 44 -0.90 -25.40 -13.91
N VAL J 45 -0.40 -25.28 -15.14
CA VAL J 45 -0.71 -26.27 -16.16
C VAL J 45 0.09 -27.54 -16.01
N MET J 46 1.07 -27.56 -15.12
CA MET J 46 1.66 -28.83 -14.73
C MET J 46 0.64 -29.63 -13.94
N VAL J 47 0.82 -30.94 -13.97
CA VAL J 47 -0.12 -31.84 -13.34
C VAL J 47 0.36 -32.27 -11.95
N GLY J 48 1.66 -32.29 -11.71
CA GLY J 48 2.14 -32.83 -10.47
C GLY J 48 2.35 -31.77 -9.42
N MET J 49 2.84 -30.62 -9.85
CA MET J 49 3.25 -29.57 -8.94
C MET J 49 2.12 -28.62 -8.58
N GLY J 50 0.91 -28.91 -9.02
CA GLY J 50 -0.23 -28.07 -8.70
C GLY J 50 -0.79 -28.21 -7.30
N GLN J 51 -0.23 -29.11 -6.48
CA GLN J 51 -0.74 -29.30 -5.14
C GLN J 51 -0.13 -28.23 -4.22
N LYS J 52 -0.46 -28.32 -2.93
CA LYS J 52 -0.04 -27.39 -1.89
C LYS J 52 -0.47 -25.96 -2.24
N ASP J 53 -1.77 -25.77 -2.19
CA ASP J 53 -2.42 -24.55 -2.64
C ASP J 53 -2.26 -23.37 -1.70
N SER J 54 -1.43 -23.45 -0.68
CA SER J 54 -1.19 -22.31 0.19
C SER J 54 0.17 -22.48 0.83
N TYR J 55 1.16 -21.78 0.31
CA TYR J 55 2.50 -21.83 0.88
C TYR J 55 2.59 -20.81 2.00
N VAL J 56 3.43 -21.13 2.98
CA VAL J 56 3.56 -20.27 4.16
C VAL J 56 4.99 -20.36 4.66
N GLY J 57 5.54 -19.23 5.08
CA GLY J 57 6.85 -19.23 5.69
C GLY J 57 7.97 -19.08 4.68
N ASP J 58 9.05 -19.82 4.89
CA ASP J 58 10.21 -19.70 4.01
C ASP J 58 9.92 -20.25 2.63
N GLU J 59 9.10 -21.28 2.53
CA GLU J 59 8.77 -21.80 1.22
C GLU J 59 7.87 -20.86 0.45
N ALA J 60 7.14 -20.00 1.14
CA ALA J 60 6.47 -18.92 0.46
C ALA J 60 7.45 -17.81 0.14
N GLN J 61 8.54 -17.72 0.89
CA GLN J 61 9.50 -16.66 0.64
C GLN J 61 10.30 -16.94 -0.62
N SER J 62 10.73 -18.18 -0.79
CA SER J 62 11.52 -18.52 -1.96
C SER J 62 10.66 -18.52 -3.21
N LYS J 63 9.41 -18.95 -3.07
CA LYS J 63 8.51 -19.06 -4.20
C LYS J 63 7.66 -17.81 -4.37
N ARG J 64 8.19 -16.66 -3.99
CA ARG J 64 7.37 -15.47 -3.86
C ARG J 64 6.96 -14.86 -5.19
N GLY J 65 7.48 -15.36 -6.31
CA GLY J 65 7.15 -14.73 -7.58
C GLY J 65 5.79 -15.10 -8.13
N ILE J 66 5.21 -16.20 -7.69
CA ILE J 66 3.94 -16.66 -8.20
C ILE J 66 2.86 -16.62 -7.14
N LEU J 67 3.12 -15.96 -6.03
CA LEU J 67 2.20 -15.94 -4.92
C LEU J 67 1.69 -14.54 -4.65
N THR J 68 0.49 -14.47 -4.10
CA THR J 68 0.02 -13.23 -3.49
C THR J 68 0.36 -13.27 -2.01
N LEU J 69 1.48 -12.67 -1.65
CA LEU J 69 1.96 -12.75 -0.28
C LEU J 69 1.13 -11.82 0.58
N LYS J 70 0.48 -12.37 1.58
CA LYS J 70 -0.31 -11.55 2.48
C LYS J 70 0.09 -11.83 3.91
N TYR J 71 0.00 -10.80 4.73
CA TYR J 71 0.35 -10.98 6.12
C TYR J 71 -0.90 -11.24 6.93
N PRO J 72 -0.85 -12.19 7.86
CA PRO J 72 -2.01 -12.41 8.72
C PRO J 72 -2.16 -11.35 9.80
N ILE J 73 -1.08 -10.70 10.22
CA ILE J 73 -1.13 -9.72 11.29
C ILE J 73 -0.79 -8.36 10.70
N GLU J 74 -1.69 -7.40 10.86
CA GLU J 74 -1.32 -6.05 10.55
C GLU J 74 -1.56 -5.18 11.76
N GLY J 76 -0.11 -5.18 14.50
CA GLY J 76 -0.12 -5.95 15.72
C GLY J 76 -1.43 -6.63 16.01
N ILE J 77 -2.41 -6.43 15.16
CA ILE J 77 -3.71 -7.03 15.35
C ILE J 77 -3.85 -8.20 14.39
N ILE J 78 -4.16 -9.36 14.93
CA ILE J 78 -4.31 -10.54 14.10
C ILE J 78 -5.63 -10.43 13.36
N THR J 79 -5.57 -10.36 12.04
CA THR J 79 -6.78 -10.17 11.25
C THR J 79 -7.34 -11.48 10.72
N ASN J 80 -6.55 -12.20 9.94
CA ASN J 80 -7.05 -13.38 9.25
C ASN J 80 -6.79 -14.60 10.11
N TRP J 81 -7.78 -14.98 10.91
CA TRP J 81 -7.60 -16.08 11.83
C TRP J 81 -7.51 -17.42 11.14
N ASP J 82 -8.05 -17.52 9.93
CA ASP J 82 -7.91 -18.76 9.19
C ASP J 82 -6.47 -18.98 8.80
N ASP J 83 -5.78 -17.93 8.36
CA ASP J 83 -4.38 -18.09 8.03
C ASP J 83 -3.53 -18.17 9.28
N MET J 84 -4.01 -17.63 10.38
CA MET J 84 -3.17 -17.62 11.56
C MET J 84 -3.09 -18.99 12.19
N GLU J 85 -4.10 -19.83 11.94
CA GLU J 85 -3.94 -21.24 12.28
C GLU J 85 -2.88 -21.88 11.43
N LYS J 86 -2.86 -21.51 10.16
CA LYS J 86 -1.96 -22.15 9.21
C LYS J 86 -0.51 -21.82 9.53
N ILE J 87 -0.26 -20.65 10.08
CA ILE J 87 1.11 -20.35 10.38
C ILE J 87 1.54 -20.98 11.69
N TRP J 88 0.63 -21.12 12.65
CA TRP J 88 1.03 -21.76 13.89
C TRP J 88 1.16 -23.25 13.71
N HIS J 89 0.39 -23.83 12.81
CA HIS J 89 0.58 -25.23 12.47
C HIS J 89 1.90 -25.43 11.79
N HIS J 90 2.38 -24.42 11.08
CA HIS J 90 3.70 -24.51 10.47
C HIS J 90 4.80 -24.37 11.51
N THR J 91 4.54 -23.69 12.61
CA THR J 91 5.58 -23.56 13.62
C THR J 91 5.78 -24.87 14.34
N PHE J 92 4.71 -25.43 14.86
CA PHE J 92 4.82 -26.56 15.77
C PHE J 92 5.19 -27.83 15.03
N TYR J 93 4.47 -28.12 13.96
CA TYR J 93 4.67 -29.37 13.27
C TYR J 93 5.77 -29.25 12.23
N ASN J 94 5.72 -28.21 11.41
CA ASN J 94 6.57 -28.21 10.24
C ASN J 94 7.99 -27.79 10.54
N GLU J 95 8.21 -26.95 11.54
CA GLU J 95 9.59 -26.52 11.75
C GLU J 95 10.11 -26.75 13.15
N LEU J 96 9.27 -26.87 14.15
CA LEU J 96 9.78 -27.25 15.45
C LEU J 96 9.67 -28.73 15.69
N ARG J 97 8.77 -29.39 14.98
CA ARG J 97 8.56 -30.84 15.02
C ARG J 97 8.25 -31.32 16.43
N VAL J 98 7.48 -30.53 17.15
CA VAL J 98 7.12 -30.89 18.50
C VAL J 98 5.61 -31.05 18.58
N ALA J 99 5.20 -31.94 19.47
CA ALA J 99 3.79 -32.10 19.71
C ALA J 99 3.30 -30.95 20.57
N PRO J 100 2.36 -30.14 20.11
CA PRO J 100 1.89 -29.02 20.92
C PRO J 100 1.12 -29.45 22.14
N GLU J 101 0.58 -30.66 22.15
CA GLU J 101 -0.17 -31.12 23.30
C GLU J 101 0.71 -31.46 24.48
N GLU J 102 2.02 -31.53 24.31
CA GLU J 102 2.90 -31.89 25.41
C GLU J 102 3.60 -30.70 26.01
N HIS J 103 3.93 -29.71 25.22
CA HIS J 103 4.71 -28.65 25.83
C HIS J 103 3.86 -27.41 26.08
N PRO J 104 4.06 -26.73 27.19
CA PRO J 104 3.36 -25.45 27.39
C PRO J 104 3.91 -24.39 26.47
N THR J 105 3.04 -23.47 26.07
CA THR J 105 3.43 -22.39 25.18
C THR J 105 3.37 -21.06 25.89
N LEU J 106 3.88 -20.03 25.22
CA LEU J 106 3.87 -18.70 25.78
C LEU J 106 3.79 -17.71 24.63
N LEU J 107 2.59 -17.30 24.29
CA LEU J 107 2.36 -16.33 23.24
C LEU J 107 2.70 -14.96 23.77
N THR J 108 3.08 -14.06 22.87
CA THR J 108 3.43 -12.70 23.23
C THR J 108 2.62 -11.74 22.37
N GLU J 109 2.33 -10.56 22.90
CA GLU J 109 1.55 -9.62 22.12
C GLU J 109 1.84 -8.20 22.58
N ALA J 110 1.43 -7.26 21.75
CA ALA J 110 1.62 -5.85 22.00
C ALA J 110 0.64 -5.37 23.06
N PRO J 111 0.98 -4.30 23.77
CA PRO J 111 -0.01 -3.68 24.65
C PRO J 111 -1.00 -2.89 23.84
N LEU J 112 -2.15 -2.63 24.46
CA LEU J 112 -3.24 -1.80 23.92
C LEU J 112 -3.80 -2.34 22.62
N ASN J 113 -3.62 -3.61 22.33
CA ASN J 113 -4.30 -4.24 21.21
C ASN J 113 -5.73 -4.57 21.64
N PRO J 114 -6.63 -4.92 20.73
CA PRO J 114 -8.00 -5.23 21.14
C PRO J 114 -8.08 -6.47 22.01
N LYS J 115 -9.17 -6.56 22.77
CA LYS J 115 -9.38 -7.72 23.62
C LYS J 115 -9.57 -8.99 22.81
N ALA J 116 -10.26 -8.89 21.68
CA ALA J 116 -10.53 -10.07 20.89
C ALA J 116 -9.28 -10.59 20.21
N ASN J 117 -8.25 -9.77 20.09
CA ASN J 117 -6.95 -10.26 19.66
C ASN J 117 -6.34 -11.16 20.73
N ARG J 118 -6.77 -11.00 21.97
CA ARG J 118 -6.25 -11.84 23.03
C ARG J 118 -7.19 -13.00 23.31
N GLU J 119 -8.50 -12.74 23.29
CA GLU J 119 -9.46 -13.78 23.61
C GLU J 119 -9.51 -14.85 22.54
N LYS J 120 -9.47 -14.46 21.27
CA LYS J 120 -9.48 -15.46 20.23
C LYS J 120 -8.17 -16.20 20.22
N MET J 121 -7.09 -15.53 20.60
CA MET J 121 -5.77 -16.14 20.54
C MET J 121 -5.63 -17.25 21.57
N THR J 122 -6.31 -17.13 22.71
CA THR J 122 -6.26 -18.24 23.63
C THR J 122 -7.29 -19.30 23.27
N GLN J 123 -8.38 -18.91 22.62
CA GLN J 123 -9.40 -19.88 22.28
C GLN J 123 -8.94 -20.73 21.11
N ILE J 124 -8.10 -20.15 20.25
CA ILE J 124 -7.54 -20.86 19.13
C ILE J 124 -6.30 -21.61 19.54
N MET J 125 -5.88 -21.45 20.79
CA MET J 125 -4.71 -22.16 21.28
C MET J 125 -5.10 -23.43 21.99
N PHE J 126 -6.14 -23.38 22.80
CA PHE J 126 -6.63 -24.56 23.50
C PHE J 126 -7.52 -25.40 22.61
N GLU J 127 -8.59 -24.80 22.08
CA GLU J 127 -9.55 -25.60 21.31
C GLU J 127 -9.04 -25.99 19.93
N THR J 128 -7.82 -25.64 19.55
CA THR J 128 -7.27 -26.17 18.33
C THR J 128 -6.00 -26.96 18.57
N PHE J 129 -5.07 -26.43 19.34
CA PHE J 129 -3.80 -27.08 19.51
C PHE J 129 -3.69 -27.90 20.76
N ASN J 130 -4.59 -27.68 21.73
CA ASN J 130 -4.69 -28.46 22.96
C ASN J 130 -3.39 -28.43 23.76
N VAL J 131 -2.80 -27.25 23.87
CA VAL J 131 -1.57 -27.10 24.64
C VAL J 131 -1.92 -27.23 26.11
N PRO J 132 -1.00 -27.69 26.97
CA PRO J 132 -1.34 -27.86 28.38
C PRO J 132 -1.56 -26.55 29.09
N ALA J 133 -0.69 -25.58 28.89
CA ALA J 133 -0.80 -24.31 29.59
C ALA J 133 -0.19 -23.24 28.71
N MET J 134 -0.78 -22.06 28.75
CA MET J 134 -0.30 -20.96 27.94
C MET J 134 -0.17 -19.74 28.81
N TYR J 135 0.46 -18.72 28.26
CA TYR J 135 0.56 -17.43 28.94
C TYR J 135 0.85 -16.37 27.91
N VAL J 136 0.22 -15.21 28.08
CA VAL J 136 0.34 -14.11 27.15
C VAL J 136 1.11 -13.00 27.83
N ALA J 137 2.15 -12.51 27.17
CA ALA J 137 2.99 -11.49 27.77
C ALA J 137 2.98 -10.24 26.91
N ILE J 138 3.07 -9.09 27.58
CA ILE J 138 3.30 -7.84 26.89
C ILE J 138 4.70 -7.88 26.30
N GLN J 139 4.86 -7.29 25.09
CA GLN J 139 6.13 -7.33 24.38
C GLN J 139 7.26 -6.76 25.20
N ALA J 140 7.15 -5.48 25.55
CA ALA J 140 8.29 -4.76 26.08
C ALA J 140 8.64 -5.20 27.48
N VAL J 141 7.70 -5.74 28.24
CA VAL J 141 8.05 -6.20 29.57
C VAL J 141 8.84 -7.49 29.49
N LEU J 142 8.80 -8.18 28.35
CA LEU J 142 9.74 -9.26 28.16
C LEU J 142 11.12 -8.71 27.89
N SER J 143 11.20 -7.56 27.25
CA SER J 143 12.49 -7.07 26.81
C SER J 143 13.35 -6.60 27.97
N LEU J 144 12.77 -6.30 29.12
CA LEU J 144 13.63 -5.97 30.24
C LEU J 144 14.29 -7.21 30.80
N TYR J 145 13.64 -8.36 30.69
CA TYR J 145 14.29 -9.60 31.07
C TYR J 145 15.49 -9.86 30.18
N ALA J 146 15.41 -9.46 28.92
CA ALA J 146 16.58 -9.52 28.06
C ALA J 146 17.64 -8.55 28.51
N SER J 147 17.25 -7.43 29.12
CA SER J 147 18.25 -6.52 29.63
C SER J 147 18.90 -7.05 30.88
N GLY J 148 18.23 -7.93 31.59
CA GLY J 148 18.69 -8.29 32.91
C GLY J 148 18.60 -7.15 33.90
N ARG J 149 17.72 -6.20 33.64
CA ARG J 149 17.59 -5.02 34.46
C ARG J 149 16.11 -4.72 34.63
N THR J 150 15.75 -4.31 35.84
CA THR J 150 14.37 -4.26 36.26
C THR J 150 13.71 -2.90 36.07
N THR J 151 14.36 -1.94 35.42
CA THR J 151 13.73 -0.64 35.29
C THR J 151 14.08 -0.01 33.96
N GLY J 152 13.23 0.92 33.53
CA GLY J 152 13.47 1.68 32.32
C GLY J 152 12.47 1.44 31.20
N ILE J 153 12.20 2.48 30.41
CA ILE J 153 11.19 2.37 29.37
C ILE J 153 11.80 1.63 28.19
N VAL J 154 10.97 1.18 27.27
CA VAL J 154 11.44 0.39 26.14
C VAL J 154 10.85 0.94 24.85
N LEU J 155 11.72 1.37 23.95
CA LEU J 155 11.32 1.71 22.58
C LEU J 155 11.25 0.43 21.78
N ASP J 156 10.17 -0.30 21.95
CA ASP J 156 10.01 -1.58 21.27
C ASP J 156 9.29 -1.31 19.96
N SER J 157 10.06 -1.17 18.89
CA SER J 157 9.52 -0.91 17.57
C SER J 157 9.65 -2.18 16.76
N GLY J 158 8.53 -2.79 16.43
CA GLY J 158 8.51 -4.00 15.64
C GLY J 158 8.25 -3.73 14.17
N ASP J 159 7.80 -4.77 13.49
CA ASP J 159 7.42 -4.60 12.09
C ASP J 159 6.06 -3.95 11.95
N GLY J 160 5.18 -4.14 12.92
CA GLY J 160 3.81 -3.70 12.78
C GLY J 160 3.40 -2.56 13.68
N VAL J 161 4.06 -2.39 14.82
CA VAL J 161 3.67 -1.37 15.78
C VAL J 161 4.89 -1.02 16.62
N THR J 162 4.96 0.22 17.08
CA THR J 162 5.93 0.61 18.09
C THR J 162 5.20 1.04 19.35
N HIS J 163 5.84 0.83 20.49
CA HIS J 163 5.19 1.13 21.74
C HIS J 163 6.23 1.31 22.84
N ASN J 164 5.87 2.11 23.83
CA ASN J 164 6.71 2.40 24.97
C ASN J 164 6.01 1.90 26.23
N VAL J 165 6.69 1.03 26.97
CA VAL J 165 6.14 0.58 28.23
C VAL J 165 7.08 1.05 29.33
N PRO J 166 6.82 2.19 29.94
CA PRO J 166 7.66 2.63 31.05
C PRO J 166 7.41 1.79 32.27
N ILE J 167 8.49 1.46 32.96
CA ILE J 167 8.40 0.56 34.09
C ILE J 167 9.53 0.79 35.08
N TYR J 168 9.18 1.03 36.34
CA TYR J 168 10.14 1.17 37.41
C TYR J 168 10.31 -0.21 38.02
N GLU J 169 11.20 -0.31 39.00
CA GLU J 169 11.69 -1.61 39.46
C GLU J 169 10.57 -2.46 40.04
N GLY J 170 10.19 -3.43 39.26
CA GLY J 170 8.97 -4.17 39.48
C GLY J 170 7.80 -3.57 38.76
N TYR J 171 7.47 -2.35 39.09
CA TYR J 171 6.13 -1.83 38.85
C TYR J 171 6.07 -1.05 37.55
N ALA J 172 5.06 -1.34 36.75
CA ALA J 172 4.89 -0.68 35.46
C ALA J 172 4.04 0.57 35.63
N LEU J 173 3.88 1.32 34.56
CA LEU J 173 3.05 2.51 34.56
C LEU J 173 2.02 2.31 33.47
N PRO J 174 0.85 1.78 33.80
CA PRO J 174 -0.10 1.42 32.77
C PRO J 174 -0.70 2.60 32.07
N HIS J 175 -0.85 3.72 32.76
CA HIS J 175 -1.42 4.87 32.09
C HIS J 175 -0.43 5.54 31.18
N ALA J 176 0.86 5.31 31.37
CA ALA J 176 1.87 5.96 30.57
C ALA J 176 2.36 5.09 29.43
N ILE J 177 1.69 3.99 29.15
CA ILE J 177 2.06 3.19 28.00
C ILE J 177 1.59 3.90 26.75
N MET J 178 2.51 4.28 25.89
CA MET J 178 2.15 4.92 24.64
C MET J 178 2.46 3.98 23.49
N ARG J 179 1.79 4.19 22.37
CA ARG J 179 1.81 3.22 21.28
C ARG J 179 1.50 3.90 19.97
N LEU J 180 2.37 3.74 19.00
CA LEU J 180 2.16 4.31 17.68
C LEU J 180 2.18 3.21 16.65
N ASP J 181 1.33 3.33 15.64
CA ASP J 181 1.26 2.29 14.64
C ASP J 181 2.32 2.44 13.56
N LEU J 182 3.17 3.45 13.63
CA LEU J 182 4.23 3.61 12.65
C LEU J 182 5.30 2.57 12.93
N ALA J 183 5.60 1.76 11.93
CA ALA J 183 6.61 0.72 12.10
C ALA J 183 7.15 0.33 10.73
N GLY J 184 7.77 -0.85 10.66
CA GLY J 184 8.54 -1.22 9.49
C GLY J 184 7.75 -1.34 8.21
N ARG J 185 6.47 -1.71 8.31
CA ARG J 185 5.67 -1.73 7.10
C ARG J 185 5.35 -0.32 6.65
N ASP J 186 5.13 0.58 7.60
CA ASP J 186 4.97 1.98 7.23
C ASP J 186 6.27 2.57 6.76
N LEU J 187 7.40 1.98 7.12
CA LEU J 187 8.64 2.36 6.50
C LEU J 187 8.71 1.80 5.09
N THR J 188 8.33 0.54 4.93
CA THR J 188 8.43 -0.11 3.63
C THR J 188 7.49 0.52 2.64
N ASP J 189 6.28 0.88 3.08
CA ASP J 189 5.35 1.52 2.17
C ASP J 189 5.81 2.92 1.81
N TYR J 190 6.52 3.59 2.71
CA TYR J 190 7.00 4.90 2.34
C TYR J 190 8.25 4.80 1.48
N LEU J 191 9.01 3.72 1.65
CA LEU J 191 10.16 3.54 0.78
C LEU J 191 9.71 3.22 -0.63
N MET J 192 8.58 2.54 -0.76
CA MET J 192 8.02 2.30 -2.08
C MET J 192 7.54 3.59 -2.71
N LYS J 193 7.10 4.55 -1.91
CA LYS J 193 6.68 5.82 -2.48
C LYS J 193 7.86 6.61 -2.99
N ILE J 194 9.00 6.55 -2.31
CA ILE J 194 10.10 7.39 -2.69
C ILE J 194 11.06 6.72 -3.64
N LEU J 195 10.91 5.43 -3.91
CA LEU J 195 11.66 4.86 -5.00
C LEU J 195 11.08 5.29 -6.33
N THR J 196 9.80 5.62 -6.37
CA THR J 196 9.20 6.06 -7.61
C THR J 196 9.70 7.41 -8.04
N GLU J 197 10.28 8.18 -7.13
CA GLU J 197 10.89 9.43 -7.51
C GLU J 197 12.14 9.20 -8.33
N ARG J 198 12.83 8.09 -8.10
CA ARG J 198 13.93 7.70 -8.95
C ARG J 198 13.51 6.74 -10.03
N GLY J 199 12.22 6.55 -10.22
CA GLY J 199 11.74 5.71 -11.28
C GLY J 199 11.66 4.25 -10.95
N TYR J 200 12.22 3.81 -9.84
CA TYR J 200 12.19 2.40 -9.51
C TYR J 200 10.79 2.06 -9.01
N SER J 201 9.91 1.79 -9.95
CA SER J 201 8.52 1.50 -9.60
C SER J 201 8.42 0.04 -9.18
N PHE J 202 8.30 -0.20 -7.89
CA PHE J 202 8.06 -1.52 -7.36
C PHE J 202 6.61 -1.58 -6.91
N VAL J 203 5.85 -2.46 -7.52
CA VAL J 203 4.41 -2.36 -7.37
C VAL J 203 3.86 -3.40 -6.40
N THR J 204 3.97 -4.66 -6.74
CA THR J 204 3.16 -5.63 -6.03
C THR J 204 3.96 -6.34 -4.96
N THR J 205 3.33 -7.34 -4.34
CA THR J 205 3.74 -7.84 -3.04
C THR J 205 5.07 -8.55 -3.11
N ALA J 206 5.37 -9.16 -4.26
CA ALA J 206 6.70 -9.72 -4.44
C ALA J 206 7.74 -8.62 -4.44
N GLU J 207 7.46 -7.51 -5.11
CA GLU J 207 8.38 -6.39 -5.02
C GLU J 207 8.31 -5.72 -3.67
N ARG J 208 7.19 -5.82 -2.94
CA ARG J 208 7.15 -5.24 -1.61
C ARG J 208 8.06 -6.00 -0.67
N GLU J 209 8.27 -7.27 -0.97
CA GLU J 209 9.25 -8.04 -0.22
C GLU J 209 10.66 -7.54 -0.51
N ILE J 210 10.99 -7.31 -1.77
CA ILE J 210 12.36 -6.96 -2.07
C ILE J 210 12.64 -5.51 -1.73
N VAL J 211 11.61 -4.71 -1.49
CA VAL J 211 11.84 -3.39 -0.93
C VAL J 211 12.39 -3.52 0.47
N ARG J 212 11.90 -4.48 1.23
CA ARG J 212 12.41 -4.67 2.58
C ARG J 212 13.84 -5.16 2.57
N ASP J 213 14.22 -5.91 1.54
CA ASP J 213 15.61 -6.29 1.41
C ASP J 213 16.46 -5.10 1.04
N ILE J 214 15.91 -4.12 0.34
CA ILE J 214 16.62 -2.88 0.13
C ILE J 214 16.74 -2.15 1.45
N LYS J 215 15.68 -2.16 2.23
CA LYS J 215 15.62 -1.35 3.43
C LYS J 215 16.55 -1.88 4.51
N GLU J 216 16.56 -3.19 4.72
CA GLU J 216 17.34 -3.72 5.80
C GLU J 216 18.82 -3.78 5.47
N LYS J 217 19.19 -3.66 4.20
CA LYS J 217 20.59 -3.71 3.87
C LYS J 217 21.19 -2.34 3.66
N LEU J 218 20.39 -1.34 3.39
CA LEU J 218 20.96 -0.07 2.99
C LEU J 218 20.62 1.08 3.93
N CYS J 219 19.36 1.16 4.36
CA CYS J 219 18.88 2.38 5.01
C CYS J 219 19.47 2.55 6.40
N TYR J 220 20.10 3.70 6.60
CA TYR J 220 20.57 4.14 7.89
C TYR J 220 19.83 5.41 8.23
N VAL J 221 19.78 5.74 9.50
CA VAL J 221 19.14 6.97 9.92
C VAL J 221 20.21 8.02 10.17
N ALA J 222 19.91 9.26 9.82
CA ALA J 222 20.92 10.31 9.87
C ALA J 222 21.04 10.87 11.27
N LEU J 223 22.24 11.34 11.59
CA LEU J 223 22.45 11.98 12.89
C LEU J 223 21.82 13.35 12.93
N ASP J 224 22.11 14.17 11.92
CA ASP J 224 21.48 15.47 11.78
C ASP J 224 20.85 15.51 10.40
N PHE J 225 19.53 15.63 10.36
CA PHE J 225 18.81 15.36 9.11
C PHE J 225 19.07 16.41 8.06
N GLU J 226 19.05 17.67 8.43
CA GLU J 226 19.18 18.72 7.43
C GLU J 226 20.62 18.84 6.95
N ASN J 227 21.57 18.78 7.87
CA ASN J 227 22.96 18.95 7.48
C ASN J 227 23.47 17.75 6.70
N GLU J 228 22.86 16.59 6.90
CA GLU J 228 23.26 15.45 6.10
C GLU J 228 22.44 15.36 4.83
N MET J 229 21.26 15.99 4.80
CA MET J 229 20.59 16.21 3.53
C MET J 229 21.42 17.09 2.63
N ALA J 230 22.10 18.09 3.20
CA ALA J 230 22.93 18.96 2.39
C ALA J 230 24.15 18.24 1.84
N THR J 231 24.55 17.13 2.45
CA THR J 231 25.58 16.31 1.84
C THR J 231 25.05 15.66 0.57
N ALA J 232 23.77 15.30 0.55
CA ALA J 232 23.18 14.72 -0.64
C ALA J 232 22.99 15.74 -1.75
N ALA J 233 23.09 17.04 -1.45
CA ALA J 233 23.12 18.02 -2.51
C ALA J 233 24.41 17.90 -3.33
N SER J 234 25.55 17.83 -2.65
CA SER J 234 26.80 17.53 -3.31
C SER J 234 26.96 16.01 -3.29
N SER J 235 26.15 15.36 -4.12
CA SER J 235 26.01 13.91 -4.09
C SER J 235 27.28 13.25 -4.60
N SER J 236 28.17 12.93 -3.69
CA SER J 236 29.44 12.38 -4.08
C SER J 236 29.65 10.97 -3.58
N SER J 237 29.37 10.71 -2.32
CA SER J 237 29.67 9.43 -1.73
C SER J 237 28.49 8.84 -1.00
N LEU J 238 27.31 9.40 -1.16
CA LEU J 238 26.17 8.91 -0.41
C LEU J 238 25.59 7.65 -1.04
N GLU J 239 25.57 7.60 -2.37
CA GLU J 239 24.83 6.57 -3.06
C GLU J 239 25.51 5.22 -2.94
N LYS J 240 24.74 4.22 -2.58
CA LYS J 240 25.14 2.86 -2.82
C LYS J 240 24.26 2.28 -3.90
N SER J 241 24.39 0.99 -4.13
CA SER J 241 23.73 0.40 -5.26
C SER J 241 23.41 -1.06 -4.96
N TYR J 242 22.22 -1.49 -5.35
CA TYR J 242 21.69 -2.77 -4.91
C TYR J 242 21.24 -3.59 -6.09
N GLU J 243 21.69 -4.83 -6.14
CA GLU J 243 21.34 -5.74 -7.22
C GLU J 243 19.99 -6.36 -6.93
N LEU J 244 19.06 -6.19 -7.85
CA LEU J 244 17.75 -6.81 -7.73
C LEU J 244 17.88 -8.30 -8.02
N PRO J 245 16.86 -9.10 -7.67
CA PRO J 245 16.94 -10.54 -7.96
C PRO J 245 16.94 -10.90 -9.42
N ASP J 246 16.48 -10.02 -10.32
CA ASP J 246 16.57 -10.36 -11.73
C ASP J 246 17.96 -10.12 -12.27
N GLY J 247 18.67 -9.14 -11.73
CA GLY J 247 19.99 -8.86 -12.19
C GLY J 247 20.23 -7.38 -12.39
N GLN J 248 19.22 -6.65 -12.81
CA GLN J 248 19.41 -5.23 -13.03
C GLN J 248 19.59 -4.53 -11.70
N VAL J 249 20.41 -3.50 -11.68
CA VAL J 249 20.88 -2.92 -10.43
C VAL J 249 20.22 -1.56 -10.27
N ILE J 250 20.00 -1.17 -9.02
CA ILE J 250 19.45 0.14 -8.71
C ILE J 250 20.53 0.94 -8.03
N THR J 251 20.24 2.21 -7.78
CA THR J 251 21.03 2.99 -6.86
C THR J 251 20.11 3.95 -6.16
N ILE J 252 20.57 4.46 -5.03
CA ILE J 252 19.67 5.22 -4.16
C ILE J 252 20.50 6.25 -3.41
N GLY J 253 19.99 7.46 -3.33
CA GLY J 253 20.76 8.53 -2.75
C GLY J 253 20.19 9.04 -1.45
N ASN J 254 19.51 10.18 -1.51
CA ASN J 254 18.92 10.74 -0.30
C ASN J 254 17.75 9.93 0.18
N GLU J 255 17.15 9.11 -0.67
CA GLU J 255 16.10 8.22 -0.24
C GLU J 255 16.58 7.14 0.70
N ARG J 256 17.89 6.98 0.88
CA ARG J 256 18.38 5.94 1.78
C ARG J 256 18.17 6.34 3.23
N PHE J 257 18.43 7.59 3.57
CA PHE J 257 18.20 8.00 4.94
C PHE J 257 16.89 8.72 5.14
N ARG J 258 16.25 9.16 4.07
CA ARG J 258 15.00 9.88 4.24
C ARG J 258 13.87 8.94 4.61
N CYS J 259 13.99 7.66 4.27
CA CYS J 259 12.96 6.71 4.67
C CYS J 259 12.89 6.45 6.17
N PRO J 260 13.99 6.20 6.90
CA PRO J 260 13.84 6.01 8.35
C PRO J 260 13.68 7.30 9.13
N GLU J 261 13.55 8.45 8.48
CA GLU J 261 13.16 9.65 9.22
C GLU J 261 11.68 9.70 9.48
N THR J 262 10.93 8.74 8.94
CA THR J 262 9.51 8.62 9.26
C THR J 262 9.31 8.32 10.74
N LEU J 263 10.27 7.64 11.37
CA LEU J 263 10.23 7.45 12.81
C LEU J 263 10.31 8.75 13.58
N PHE J 264 10.83 9.79 12.97
CA PHE J 264 11.03 11.04 13.68
C PHE J 264 10.15 12.15 13.17
N GLN J 265 9.81 12.14 11.90
CA GLN J 265 8.81 13.05 11.35
C GLN J 265 7.71 12.18 10.79
N PRO J 266 6.68 11.86 11.58
CA PRO J 266 5.57 11.06 11.07
C PRO J 266 4.69 11.81 10.11
N SER J 267 4.91 13.10 9.90
CA SER J 267 4.21 13.81 8.86
C SER J 267 4.67 13.44 7.47
N PHE J 268 5.78 12.70 7.34
CA PHE J 268 6.21 12.24 6.02
C PHE J 268 5.22 11.26 5.45
N ILE J 269 4.67 10.38 6.27
CA ILE J 269 3.61 9.52 5.80
C ILE J 269 2.29 10.16 6.18
N GLY J 270 2.35 11.39 6.65
CA GLY J 270 1.15 12.16 6.84
C GLY J 270 0.35 11.82 8.07
N MET J 271 0.83 10.92 8.92
CA MET J 271 0.11 10.71 10.16
C MET J 271 0.49 11.80 11.15
N GLU J 272 -0.52 12.34 11.81
CA GLU J 272 -0.36 13.46 12.71
C GLU J 272 0.02 12.89 14.07
N SER J 273 1.30 12.87 14.34
CA SER J 273 1.76 12.36 15.61
C SER J 273 3.11 12.97 15.94
N ALA J 274 3.57 12.69 17.14
CA ALA J 274 4.94 12.99 17.48
C ALA J 274 5.81 11.84 17.06
N GLY J 275 7.08 12.14 16.81
CA GLY J 275 8.01 11.10 16.46
C GLY J 275 8.34 10.24 17.65
N ILE J 276 9.05 9.14 17.38
CA ILE J 276 9.37 8.22 18.45
C ILE J 276 10.44 8.77 19.38
N HIS J 277 11.10 9.85 19.00
CA HIS J 277 11.92 10.55 19.97
C HIS J 277 11.06 11.35 20.93
N GLU J 278 9.91 11.81 20.47
CA GLU J 278 9.12 12.70 21.28
C GLU J 278 8.06 11.96 22.08
N THR J 279 7.49 10.91 21.52
CA THR J 279 6.61 10.09 22.32
C THR J 279 7.35 9.26 23.35
N THR J 280 8.68 9.18 23.23
CA THR J 280 9.50 8.75 24.35
C THR J 280 9.38 9.73 25.49
N TYR J 281 9.69 11.00 25.22
CA TYR J 281 9.66 12.02 26.25
C TYR J 281 8.25 12.28 26.73
N ASN J 282 7.28 12.14 25.86
CA ASN J 282 5.90 12.30 26.31
C ASN J 282 5.49 11.17 27.22
N SER J 283 6.13 10.01 27.10
CA SER J 283 5.83 8.95 28.04
C SER J 283 6.46 9.22 29.39
N ILE J 284 7.66 9.79 29.40
CA ILE J 284 8.36 9.95 30.67
C ILE J 284 7.78 11.14 31.42
N MET J 285 7.29 12.15 30.72
CA MET J 285 6.55 13.22 31.38
C MET J 285 5.27 12.72 32.01
N LYS J 286 4.65 11.69 31.44
CA LYS J 286 3.48 11.11 32.07
C LYS J 286 3.84 10.35 33.32
N CYS J 287 5.08 9.90 33.44
CA CYS J 287 5.45 9.14 34.62
C CYS J 287 5.71 10.09 35.78
N ASP J 288 5.71 9.54 36.98
CA ASP J 288 5.84 10.33 38.18
C ASP J 288 7.28 10.85 38.32
N ILE J 289 7.45 11.88 39.13
CA ILE J 289 8.65 12.70 39.04
C ILE J 289 9.88 12.02 39.61
N ASP J 290 9.73 11.04 40.48
CA ASP J 290 10.92 10.39 41.00
C ASP J 290 11.52 9.45 39.98
N ILE J 291 10.66 8.79 39.20
CA ILE J 291 11.12 7.75 38.30
C ILE J 291 11.87 8.36 37.12
N ARG J 292 11.60 9.64 36.82
CA ARG J 292 12.10 10.27 35.60
C ARG J 292 13.62 10.32 35.56
N LYS J 293 14.26 10.39 36.72
CA LYS J 293 15.71 10.33 36.74
C LYS J 293 16.22 8.97 36.32
N ASP J 294 15.48 7.93 36.65
CA ASP J 294 15.96 6.60 36.32
C ASP J 294 15.53 6.16 34.93
N LEU J 295 14.43 6.69 34.41
CA LEU J 295 14.05 6.35 33.06
C LEU J 295 15.00 6.97 32.06
N TYR J 296 15.51 8.15 32.35
CA TYR J 296 16.46 8.78 31.46
C TYR J 296 17.76 8.01 31.41
N ALA J 297 18.15 7.39 32.51
CA ALA J 297 19.34 6.57 32.46
C ALA J 297 19.09 5.19 31.89
N ASN J 298 17.84 4.84 31.61
CA ASN J 298 17.52 3.47 31.21
C ASN J 298 16.51 3.52 30.07
N ASN J 299 16.99 3.54 28.84
CA ASN J 299 16.13 3.49 27.67
C ASN J 299 16.56 2.31 26.84
N VAL J 300 15.69 1.32 26.71
CA VAL J 300 16.03 0.10 26.01
C VAL J 300 15.45 0.17 24.61
N MET J 301 16.31 0.24 23.61
CA MET J 301 15.85 0.04 22.26
C MET J 301 15.60 -1.44 22.06
N SER J 302 14.51 -1.77 21.38
CA SER J 302 14.18 -3.16 21.16
C SER J 302 13.42 -3.29 19.87
N GLY J 303 13.31 -4.52 19.40
CA GLY J 303 12.59 -4.78 18.18
C GLY J 303 13.46 -4.59 16.95
N GLY J 304 13.08 -5.28 15.87
CA GLY J 304 13.91 -5.35 14.69
C GLY J 304 13.98 -4.06 13.91
N THR J 305 13.02 -3.16 14.10
CA THR J 305 13.07 -1.89 13.41
C THR J 305 14.21 -1.03 13.93
N THR J 306 14.55 -1.20 15.19
CA THR J 306 15.61 -0.41 15.79
C THR J 306 16.98 -0.97 15.53
N MET J 307 17.14 -1.81 14.52
CA MET J 307 18.46 -2.22 14.09
C MET J 307 19.04 -1.29 13.04
N TYR J 308 18.45 -0.14 12.84
CA TYR J 308 19.03 0.85 11.95
C TYR J 308 20.33 1.37 12.54
N PRO J 309 21.39 1.47 11.74
CA PRO J 309 22.63 2.04 12.27
C PRO J 309 22.47 3.53 12.48
N GLY J 310 22.90 3.99 13.64
CA GLY J 310 22.76 5.37 14.02
C GLY J 310 21.51 5.68 14.80
N ILE J 311 20.66 4.69 15.07
CA ILE J 311 19.43 4.99 15.78
C ILE J 311 19.71 5.28 17.24
N ALA J 312 20.80 4.73 17.78
CA ALA J 312 21.10 5.01 19.18
C ALA J 312 21.76 6.36 19.30
N ASP J 313 22.62 6.70 18.36
CA ASP J 313 23.26 7.99 18.40
C ASP J 313 22.30 9.11 18.09
N ARG J 314 21.18 8.81 17.44
CA ARG J 314 20.21 9.85 17.15
C ARG J 314 19.35 10.15 18.35
N MET J 315 18.73 9.13 18.94
CA MET J 315 17.78 9.40 20.00
C MET J 315 18.49 9.81 21.28
N GLN J 316 19.76 9.43 21.45
CA GLN J 316 20.52 9.99 22.55
C GLN J 316 20.74 11.47 22.34
N LYS J 317 20.87 11.90 21.09
CA LYS J 317 20.96 13.33 20.85
C LYS J 317 19.60 13.98 20.99
N GLU J 318 18.55 13.30 20.56
CA GLU J 318 17.31 14.03 20.41
C GLU J 318 16.53 14.09 21.71
N ILE J 319 16.61 13.06 22.55
CA ILE J 319 15.97 13.15 23.85
C ILE J 319 16.71 14.15 24.72
N THR J 320 18.02 14.28 24.53
CA THR J 320 18.80 15.30 25.21
C THR J 320 18.32 16.69 24.85
N ALA J 321 17.83 16.87 23.63
CA ALA J 321 17.24 18.15 23.28
C ALA J 321 15.94 18.38 24.02
N LEU J 322 15.25 17.33 24.43
CA LEU J 322 13.98 17.52 25.09
C LEU J 322 14.08 17.43 26.60
N ALA J 323 15.04 16.67 27.11
CA ALA J 323 15.21 16.55 28.54
C ALA J 323 15.80 17.84 29.10
N PRO J 324 15.64 18.09 30.40
CA PRO J 324 16.45 19.13 31.03
C PRO J 324 17.91 18.71 31.04
N SER J 325 18.75 19.58 30.53
CA SER J 325 20.12 19.23 30.19
C SER J 325 21.01 19.03 31.39
N THR J 326 20.51 19.22 32.60
CA THR J 326 21.36 19.09 33.77
C THR J 326 21.62 17.65 34.14
N MET J 327 21.02 16.68 33.47
CA MET J 327 21.16 15.32 33.93
C MET J 327 21.19 14.37 32.76
N LYS J 328 21.84 13.23 32.98
CA LYS J 328 22.31 12.40 31.90
C LYS J 328 21.21 11.56 31.29
N ILE J 329 21.44 11.15 30.05
CA ILE J 329 20.58 10.25 29.31
C ILE J 329 21.44 9.04 28.93
N LYS J 330 20.79 7.89 28.80
CA LYS J 330 21.46 6.71 28.29
C LYS J 330 20.50 5.99 27.36
N ILE J 331 21.06 5.34 26.35
CA ILE J 331 20.29 4.56 25.40
C ILE J 331 20.88 3.17 25.41
N ILE J 332 20.17 2.23 26.02
CA ILE J 332 20.68 0.88 26.13
C ILE J 332 20.25 0.14 24.87
N ALA J 333 21.16 0.07 23.90
CA ALA J 333 20.92 -0.61 22.64
C ALA J 333 21.86 -1.80 22.59
N PRO J 334 21.39 -2.98 22.97
CA PRO J 334 22.24 -4.15 22.93
C PRO J 334 22.42 -4.63 21.51
N PRO J 335 23.39 -5.50 21.25
CA PRO J 335 23.53 -6.07 19.91
C PRO J 335 22.61 -7.25 19.63
N GLU J 336 21.55 -7.44 20.38
CA GLU J 336 20.61 -8.51 20.11
C GLU J 336 19.18 -7.99 20.12
N ARG J 337 19.00 -6.75 19.69
CA ARG J 337 17.70 -6.09 19.75
C ARG J 337 16.66 -6.79 18.89
N LYS J 338 17.09 -7.48 17.84
CA LYS J 338 16.14 -8.15 16.98
C LYS J 338 15.47 -9.31 17.71
N TYR J 339 16.18 -9.93 18.63
CA TYR J 339 15.67 -11.11 19.30
C TYR J 339 15.37 -10.85 20.76
N SER J 340 15.34 -9.58 21.16
CA SER J 340 15.27 -9.27 22.59
C SER J 340 13.95 -9.65 23.19
N VAL J 341 12.87 -9.59 22.42
CA VAL J 341 11.57 -9.98 22.96
C VAL J 341 11.54 -11.48 23.14
N TRP J 342 12.18 -12.23 22.26
CA TRP J 342 12.19 -13.67 22.43
C TRP J 342 13.07 -14.08 23.58
N ILE J 343 14.26 -13.48 23.69
CA ILE J 343 15.24 -13.93 24.67
C ILE J 343 14.73 -13.65 26.07
N GLY J 344 14.14 -12.48 26.28
CA GLY J 344 13.47 -12.22 27.54
C GLY J 344 12.28 -13.12 27.73
N GLY J 345 11.61 -13.50 26.65
CA GLY J 345 10.58 -14.50 26.75
C GLY J 345 11.15 -15.87 27.06
N SER J 346 12.36 -16.15 26.60
CA SER J 346 12.97 -17.43 26.93
C SER J 346 13.40 -17.47 28.38
N ILE J 347 13.70 -16.32 28.96
CA ILE J 347 14.09 -16.30 30.36
C ILE J 347 12.87 -16.54 31.23
N LEU J 348 11.80 -15.79 30.97
CA LEU J 348 10.64 -15.74 31.86
C LEU J 348 9.97 -17.09 32.00
N ALA J 349 9.95 -17.86 30.93
CA ALA J 349 9.39 -19.20 31.03
C ALA J 349 10.29 -20.13 31.81
N SER J 350 11.56 -19.80 31.96
CA SER J 350 12.47 -20.70 32.63
C SER J 350 12.57 -20.45 34.13
N LEU J 351 11.91 -19.42 34.66
CA LEU J 351 12.02 -19.14 36.07
C LEU J 351 11.22 -20.12 36.91
N SER J 352 11.82 -20.55 38.02
CA SER J 352 11.17 -21.49 38.92
C SER J 352 10.00 -20.88 39.66
N THR J 353 9.93 -19.55 39.73
CA THR J 353 8.82 -18.88 40.37
C THR J 353 7.68 -18.59 39.42
N PHE J 354 7.70 -19.20 38.25
CA PHE J 354 6.74 -18.87 37.22
C PHE J 354 5.76 -19.99 36.94
N GLN J 355 6.06 -21.22 37.36
CA GLN J 355 5.21 -22.35 37.01
C GLN J 355 3.86 -22.35 37.70
N GLN J 356 3.59 -21.41 38.58
CA GLN J 356 2.24 -21.20 39.04
C GLN J 356 1.56 -20.05 38.31
N MET J 357 2.26 -19.38 37.42
CA MET J 357 1.69 -18.22 36.73
C MET J 357 1.14 -18.57 35.36
N TRP J 358 1.00 -19.85 35.03
CA TRP J 358 0.48 -20.19 33.71
C TRP J 358 -1.03 -20.06 33.68
N ILE J 359 -1.60 -20.45 32.55
CA ILE J 359 -3.04 -20.57 32.42
C ILE J 359 -3.31 -22.02 32.01
N THR J 360 -3.68 -22.85 32.97
CA THR J 360 -3.80 -24.27 32.66
C THR J 360 -5.17 -24.55 32.04
N LYS J 361 -5.25 -25.70 31.38
CA LYS J 361 -6.50 -26.10 30.76
C LYS J 361 -7.55 -26.43 31.80
N GLN J 362 -7.13 -27.03 32.92
CA GLN J 362 -8.07 -27.44 33.94
C GLN J 362 -8.70 -26.25 34.64
N GLU J 363 -8.05 -25.09 34.60
CA GLU J 363 -8.70 -23.88 35.05
C GLU J 363 -9.28 -23.10 33.90
N TYR J 364 -9.00 -23.49 32.67
CA TYR J 364 -9.64 -22.81 31.55
C TYR J 364 -11.09 -23.23 31.40
N ASP J 365 -11.38 -24.50 31.70
CA ASP J 365 -12.63 -25.09 31.25
C ASP J 365 -13.84 -24.52 31.98
N GLU J 366 -13.66 -24.08 33.21
CA GLU J 366 -14.74 -23.40 33.89
C GLU J 366 -14.65 -21.90 33.72
N ALA J 367 -13.61 -21.41 33.05
CA ALA J 367 -13.42 -19.98 32.93
C ALA J 367 -13.78 -19.43 31.57
N GLY J 368 -13.46 -20.14 30.50
CA GLY J 368 -13.70 -19.63 29.18
C GLY J 368 -12.60 -18.68 28.77
N PRO J 369 -12.75 -18.05 27.61
CA PRO J 369 -11.65 -17.23 27.06
C PRO J 369 -11.43 -15.93 27.81
N SER J 370 -12.27 -15.57 28.75
CA SER J 370 -12.02 -14.35 29.50
C SER J 370 -10.99 -14.53 30.60
N ILE J 371 -10.39 -15.72 30.72
CA ILE J 371 -9.43 -15.96 31.77
C ILE J 371 -8.16 -15.17 31.55
N VAL J 372 -7.85 -14.79 30.32
CA VAL J 372 -6.60 -14.10 30.10
C VAL J 372 -6.74 -12.64 30.49
N HIS J 373 -7.95 -12.12 30.60
CA HIS J 373 -8.09 -10.78 31.12
C HIS J 373 -7.85 -10.70 32.61
N ARG J 374 -7.99 -11.80 33.33
CA ARG J 374 -7.55 -11.82 34.72
C ARG J 374 -6.18 -12.45 34.86
N LYS J 375 -5.40 -12.47 33.79
CA LYS J 375 -3.99 -12.85 33.85
C LYS J 375 -3.20 -11.76 33.15
N CYS J 376 -2.63 -10.86 33.96
CA CYS J 376 -1.84 -9.69 33.56
C CYS J 376 -2.52 -8.84 32.49
N PHE J 377 -3.83 -8.62 32.68
CA PHE J 377 -4.67 -7.66 31.94
C PHE J 377 -4.84 -7.98 30.43
N THR K 7 1.44 37.51 -24.81
CA THR K 7 0.72 37.95 -23.62
C THR K 7 -0.03 36.80 -22.99
N THR K 8 -0.88 36.15 -23.79
CA THR K 8 -1.67 35.04 -23.30
C THR K 8 -0.80 33.84 -23.03
N ALA K 9 -1.31 32.92 -22.24
CA ALA K 9 -0.58 31.72 -21.92
C ALA K 9 -1.08 30.55 -22.75
N LEU K 10 -0.20 29.59 -22.98
CA LEU K 10 -0.60 28.33 -23.57
C LEU K 10 -0.69 27.27 -22.49
N VAL K 11 -1.67 26.39 -22.63
CA VAL K 11 -1.79 25.22 -21.79
C VAL K 11 -1.76 24.00 -22.70
N CYS K 12 -0.85 23.09 -22.44
CA CYS K 12 -0.68 21.94 -23.31
C CYS K 12 -0.50 20.71 -22.44
N ASP K 13 -1.61 20.00 -22.25
CA ASP K 13 -1.62 18.74 -21.52
C ASP K 13 -0.81 17.72 -22.29
N ASN K 14 0.31 17.31 -21.72
CA ASN K 14 1.09 16.22 -22.29
C ASN K 14 0.31 14.94 -22.05
N GLY K 15 -0.60 14.66 -22.96
CA GLY K 15 -1.38 13.45 -22.85
C GLY K 15 -0.52 12.23 -23.12
N SER K 16 -0.81 11.16 -22.38
CA SER K 16 -0.10 9.91 -22.64
C SER K 16 -0.55 9.29 -23.94
N GLY K 17 -1.77 9.57 -24.38
CA GLY K 17 -2.21 9.08 -25.67
C GLY K 17 -2.56 10.17 -26.67
N LEU K 18 -3.13 11.27 -26.19
CA LEU K 18 -3.59 12.34 -27.07
C LEU K 18 -3.11 13.66 -26.50
N VAL K 19 -2.25 14.35 -27.23
CA VAL K 19 -1.77 15.64 -26.79
C VAL K 19 -2.88 16.66 -26.98
N LYS K 20 -3.32 17.25 -25.88
CA LYS K 20 -4.35 18.27 -25.90
C LYS K 20 -3.72 19.61 -25.63
N ALA K 21 -4.05 20.61 -26.44
CA ALA K 21 -3.36 21.88 -26.34
C ALA K 21 -4.30 23.01 -26.71
N GLY K 22 -3.93 24.21 -26.30
CA GLY K 22 -4.71 25.38 -26.61
C GLY K 22 -4.26 26.55 -25.78
N PHE K 23 -4.97 27.65 -25.94
CA PHE K 23 -4.64 28.89 -25.25
C PHE K 23 -5.33 28.94 -23.89
N ALA K 24 -4.86 29.85 -23.05
CA ALA K 24 -5.49 30.04 -21.76
C ALA K 24 -6.82 30.77 -21.94
N GLY K 25 -7.75 30.48 -21.05
CA GLY K 25 -9.04 31.12 -21.10
C GLY K 25 -9.96 30.67 -22.21
N ASP K 26 -9.53 29.74 -23.05
CA ASP K 26 -10.39 29.21 -24.08
C ASP K 26 -11.21 28.07 -23.50
N ASP K 27 -12.43 27.92 -24.01
CA ASP K 27 -13.30 26.87 -23.48
C ASP K 27 -12.85 25.50 -23.97
N ALA K 28 -12.68 25.35 -25.27
CA ALA K 28 -12.26 24.11 -25.86
C ALA K 28 -10.77 24.18 -26.17
N PRO K 29 -10.06 23.05 -26.10
CA PRO K 29 -8.67 23.06 -26.52
C PRO K 29 -8.59 23.25 -28.02
N ARG K 30 -7.54 23.92 -28.47
CA ARG K 30 -7.47 24.34 -29.85
C ARG K 30 -7.27 23.16 -30.77
N ALA K 31 -6.32 22.30 -30.44
CA ALA K 31 -6.00 21.19 -31.32
C ALA K 31 -5.71 19.97 -30.48
N VAL K 32 -6.32 18.86 -30.84
CA VAL K 32 -6.11 17.58 -30.16
C VAL K 32 -5.64 16.61 -31.20
N PHE K 33 -4.46 16.04 -30.99
CA PHE K 33 -3.92 15.11 -31.95
C PHE K 33 -3.27 13.98 -31.17
N PRO K 34 -3.24 12.78 -31.72
CA PRO K 34 -2.67 11.66 -30.97
C PRO K 34 -1.18 11.77 -30.84
N SER K 35 -0.67 11.32 -29.70
CA SER K 35 0.74 11.47 -29.37
C SER K 35 1.54 10.34 -30.01
N ILE K 36 1.61 10.37 -31.32
CA ILE K 36 2.24 9.30 -32.08
C ILE K 36 3.32 9.90 -32.94
N VAL K 37 4.55 9.44 -32.78
CA VAL K 37 5.59 9.71 -33.75
C VAL K 37 5.82 8.41 -34.50
N GLY K 38 6.21 8.51 -35.76
CA GLY K 38 6.38 7.31 -36.55
C GLY K 38 7.41 7.42 -37.64
N ARG K 39 8.31 6.48 -37.67
CA ARG K 39 9.25 6.38 -38.75
C ARG K 39 8.68 5.49 -39.83
N PRO K 40 8.99 5.70 -41.09
CA PRO K 40 8.58 4.75 -42.11
C PRO K 40 9.41 3.49 -42.04
N ARG K 41 8.96 2.46 -42.74
CA ARG K 41 9.59 1.16 -42.60
C ARG K 41 9.67 0.39 -43.91
N HIS K 42 9.79 1.09 -45.04
CA HIS K 42 9.80 0.40 -46.33
C HIS K 42 10.77 1.08 -47.28
N GLN K 43 10.63 0.74 -48.56
CA GLN K 43 11.67 1.07 -49.55
C GLN K 43 11.65 2.53 -49.91
N GLY K 44 10.54 3.03 -50.41
CA GLY K 44 10.53 4.40 -50.87
C GLY K 44 11.24 4.56 -52.19
N VAL K 45 10.83 3.77 -53.18
CA VAL K 45 11.48 3.83 -54.48
C VAL K 45 11.05 5.03 -55.29
N MET K 46 10.04 5.76 -54.85
CA MET K 46 9.81 7.07 -55.43
C MET K 46 10.94 8.00 -55.06
N VAL K 47 11.14 9.01 -55.89
CA VAL K 47 12.24 9.93 -55.72
C VAL K 47 11.80 11.21 -55.01
N GLY K 48 10.54 11.59 -55.13
CA GLY K 48 10.13 12.87 -54.60
C GLY K 48 9.55 12.76 -53.22
N MET K 49 8.80 11.69 -52.98
CA MET K 49 8.05 11.54 -51.75
C MET K 49 8.84 10.86 -50.66
N GLY K 50 10.11 10.60 -50.88
CA GLY K 50 10.94 9.97 -49.88
C GLY K 50 11.42 10.86 -48.75
N GLN K 51 11.06 12.14 -48.77
CA GLN K 51 11.50 13.06 -47.73
C GLN K 51 10.55 12.92 -46.54
N LYS K 52 10.80 13.74 -45.51
CA LYS K 52 10.05 13.77 -44.25
C LYS K 52 10.09 12.38 -43.58
N ASP K 53 11.29 12.05 -43.12
CA ASP K 53 11.60 10.73 -42.61
C ASP K 53 11.06 10.46 -41.22
N SER K 54 10.20 11.31 -40.67
CA SER K 54 9.59 11.03 -39.38
C SER K 54 8.29 11.78 -39.30
N TYR K 55 7.18 11.10 -39.53
CA TYR K 55 5.88 11.72 -39.42
C TYR K 55 5.42 11.67 -37.98
N VAL K 56 4.62 12.67 -37.60
CA VAL K 56 4.17 12.79 -36.22
C VAL K 56 2.79 13.41 -36.21
N GLY K 57 1.92 12.91 -35.34
CA GLY K 57 0.61 13.51 -35.19
C GLY K 57 -0.42 12.96 -36.13
N ASP K 58 -1.27 13.83 -36.65
CA ASP K 58 -2.34 13.39 -37.54
C ASP K 58 -1.81 12.88 -38.86
N GLU K 59 -0.73 13.47 -39.36
CA GLU K 59 -0.16 12.98 -40.60
C GLU K 59 0.49 11.63 -40.42
N ALA K 60 0.90 11.29 -39.21
CA ALA K 60 1.29 9.91 -38.96
C ALA K 60 0.07 9.04 -38.77
N GLN K 61 -1.05 9.63 -38.39
CA GLN K 61 -2.24 8.83 -38.19
C GLN K 61 -2.84 8.40 -39.51
N SER K 62 -2.90 9.30 -40.47
CA SER K 62 -3.46 8.95 -41.76
C SER K 62 -2.55 8.03 -42.53
N LYS K 63 -1.25 8.23 -42.39
CA LYS K 63 -0.27 7.44 -43.12
C LYS K 63 0.21 6.25 -42.32
N ARG K 64 -0.64 5.70 -41.47
CA ARG K 64 -0.20 4.74 -40.48
C ARG K 64 0.14 3.38 -41.05
N GLY K 65 -0.14 3.13 -42.32
CA GLY K 65 0.09 1.81 -42.86
C GLY K 65 1.53 1.50 -43.19
N ILE K 66 2.36 2.53 -43.37
CA ILE K 66 3.75 2.34 -43.74
C ILE K 66 4.69 2.79 -42.64
N LEU K 67 4.18 3.03 -41.45
CA LEU K 67 4.97 3.56 -40.37
C LEU K 67 5.05 2.57 -39.22
N THR K 68 6.13 2.66 -38.46
CA THR K 68 6.19 2.03 -37.16
C THR K 68 5.77 3.05 -36.12
N LEU K 69 4.50 3.01 -35.74
CA LEU K 69 3.95 4.01 -34.84
C LEU K 69 4.43 3.71 -33.44
N LYS K 70 5.13 4.65 -32.83
CA LYS K 70 5.59 4.45 -31.47
C LYS K 70 5.17 5.63 -30.62
N TYR K 71 4.91 5.35 -29.36
CA TYR K 71 4.53 6.42 -28.47
C TYR K 71 5.73 6.92 -27.70
N PRO K 72 5.88 8.23 -27.56
CA PRO K 72 6.98 8.74 -26.75
C PRO K 72 6.75 8.58 -25.27
N ILE K 73 5.50 8.55 -24.81
CA ILE K 73 5.19 8.46 -23.39
C ILE K 73 4.54 7.12 -23.12
N GLU K 74 5.12 6.34 -22.23
CA GLU K 74 4.40 5.18 -21.75
C GLU K 74 4.30 5.25 -20.24
N GLY K 76 2.71 7.20 -18.46
CA GLY K 76 2.84 8.56 -17.96
C GLY K 76 4.27 9.04 -17.84
N ILE K 77 5.21 8.18 -18.16
CA ILE K 77 6.62 8.54 -18.06
C ILE K 77 7.14 8.80 -19.45
N ILE K 78 7.72 9.98 -19.66
CA ILE K 78 8.26 10.31 -20.96
C ILE K 78 9.54 9.54 -21.16
N THR K 79 9.56 8.67 -22.15
CA THR K 79 10.73 7.83 -22.37
C THR K 79 11.66 8.39 -23.42
N ASN K 80 11.17 8.58 -24.63
CA ASN K 80 12.03 8.95 -25.74
C ASN K 80 12.05 10.46 -25.85
N TRP K 81 13.05 11.09 -25.24
CA TRP K 81 13.11 12.54 -25.21
C TRP K 81 13.46 13.13 -26.56
N ASP K 82 14.09 12.36 -27.43
CA ASP K 82 14.36 12.85 -28.77
C ASP K 82 13.06 13.02 -29.54
N ASP K 83 12.16 12.06 -29.41
CA ASP K 83 10.88 12.21 -30.08
C ASP K 83 10.00 13.20 -29.37
N MET K 84 10.22 13.41 -28.08
CA MET K 84 9.32 14.28 -27.35
C MET K 84 9.57 15.73 -27.71
N GLU K 85 10.78 16.05 -28.15
CA GLU K 85 11.00 17.36 -28.75
C GLU K 85 10.23 17.49 -30.04
N LYS K 86 10.20 16.41 -30.81
CA LYS K 86 9.60 16.45 -32.13
C LYS K 86 8.10 16.64 -32.03
N ILE K 87 7.49 16.15 -30.97
CA ILE K 87 6.06 16.34 -30.87
C ILE K 87 5.74 17.72 -30.34
N TRP K 88 6.57 18.27 -29.47
CA TRP K 88 6.27 19.60 -28.98
C TRP K 88 6.57 20.65 -30.03
N HIS K 89 7.54 20.39 -30.88
CA HIS K 89 7.76 21.26 -32.01
C HIS K 89 6.61 21.21 -32.96
N HIS K 90 5.92 20.08 -33.04
CA HIS K 90 4.73 19.99 -33.86
C HIS K 90 3.56 20.72 -33.24
N THR K 91 3.54 20.85 -31.92
CA THR K 91 2.44 21.57 -31.30
C THR K 91 2.55 23.05 -31.56
N PHE K 92 3.69 23.62 -31.25
CA PHE K 92 3.83 25.08 -31.23
C PHE K 92 3.88 25.63 -32.64
N TYR K 93 4.73 25.05 -33.47
CA TYR K 93 4.93 25.60 -34.78
C TYR K 93 3.93 25.05 -35.78
N ASN K 94 3.76 23.73 -35.78
CA ASN K 94 3.03 23.14 -36.90
C ASN K 94 1.53 23.24 -36.74
N GLU K 95 1.01 23.29 -35.52
CA GLU K 95 -0.44 23.32 -35.43
C GLU K 95 -0.99 24.47 -34.61
N LEU K 96 -0.23 25.04 -33.70
CA LEU K 96 -0.72 26.23 -33.03
C LEU K 96 -0.22 27.49 -33.70
N ARG K 97 0.90 27.39 -34.42
CA ARG K 97 1.48 28.47 -35.20
C ARG K 97 1.81 29.67 -34.33
N VAL K 98 2.27 29.39 -33.12
CA VAL K 98 2.61 30.46 -32.20
C VAL K 98 4.10 30.38 -31.88
N ALA K 99 4.67 31.53 -31.63
CA ALA K 99 6.05 31.58 -31.21
C ALA K 99 6.13 31.17 -29.75
N PRO K 100 6.84 30.10 -29.41
CA PRO K 100 6.92 29.69 -28.01
C PRO K 100 7.69 30.65 -27.14
N GLU K 101 8.54 31.47 -27.73
CA GLU K 101 9.31 32.42 -26.93
C GLU K 101 8.46 33.57 -26.42
N GLU K 102 7.24 33.73 -26.91
CA GLU K 102 6.41 34.85 -26.48
C GLU K 102 5.36 34.45 -25.47
N HIS K 103 4.83 33.25 -25.57
CA HIS K 103 3.74 32.97 -24.65
C HIS K 103 4.20 32.04 -23.53
N PRO K 104 3.73 32.24 -22.31
CA PRO K 104 4.03 31.29 -21.25
C PRO K 104 3.28 29.99 -21.46
N THR K 105 3.89 28.91 -21.02
CA THR K 105 3.29 27.59 -21.18
C THR K 105 2.91 27.01 -19.81
N LEU K 106 2.19 25.90 -19.86
CA LEU K 106 1.79 25.23 -18.63
C LEU K 106 1.68 23.75 -18.92
N LEU K 107 2.74 23.03 -18.65
CA LEU K 107 2.78 21.60 -18.85
C LEU K 107 2.02 20.94 -17.71
N THR K 108 1.49 19.75 -17.97
CA THR K 108 0.75 19.01 -16.97
C THR K 108 1.31 17.61 -16.88
N GLU K 109 1.23 17.00 -15.70
CA GLU K 109 1.77 15.65 -15.56
C GLU K 109 1.07 14.92 -14.45
N ALA K 110 1.25 13.61 -14.45
CA ALA K 110 0.67 12.73 -13.46
C ALA K 110 1.39 12.87 -12.12
N PRO K 111 0.71 12.57 -11.02
CA PRO K 111 1.42 12.47 -9.75
C PRO K 111 2.23 11.19 -9.69
N LEU K 112 3.20 11.19 -8.77
CA LEU K 112 4.05 10.05 -8.46
C LEU K 112 4.84 9.54 -9.65
N ASN K 113 5.05 10.35 -10.67
CA ASN K 113 5.96 10.02 -11.75
C ASN K 113 7.38 10.29 -11.27
N PRO K 114 8.41 9.83 -11.98
CA PRO K 114 9.78 10.09 -11.52
C PRO K 114 10.13 11.57 -11.56
N LYS K 115 11.15 11.92 -10.78
CA LYS K 115 11.60 13.30 -10.75
C LYS K 115 12.20 13.72 -12.07
N ALA K 116 12.92 12.82 -12.73
CA ALA K 116 13.55 13.17 -13.99
C ALA K 116 12.56 13.36 -15.11
N ASN K 117 11.34 12.82 -14.95
CA ASN K 117 10.27 13.16 -15.88
C ASN K 117 9.87 14.61 -15.72
N ARG K 118 10.14 15.20 -14.58
CA ARG K 118 9.80 16.59 -14.36
C ARG K 118 11.00 17.49 -14.61
N GLU K 119 12.17 17.05 -14.17
CA GLU K 119 13.36 17.88 -14.31
C GLU K 119 13.78 18.01 -15.76
N LYS K 120 13.74 16.92 -16.51
CA LYS K 120 14.09 17.02 -17.91
C LYS K 120 13.05 17.81 -18.66
N MET K 121 11.79 17.72 -18.23
CA MET K 121 10.71 18.38 -18.94
C MET K 121 10.82 19.88 -18.83
N THR K 122 11.34 20.39 -17.72
CA THR K 122 11.54 21.82 -17.67
C THR K 122 12.84 22.22 -18.34
N GLN K 123 13.82 21.34 -18.35
CA GLN K 123 15.10 21.69 -18.96
C GLN K 123 14.97 21.67 -20.46
N ILE K 124 14.08 20.83 -20.98
CA ILE K 124 13.82 20.77 -22.41
C ILE K 124 12.81 21.80 -22.81
N MET K 125 12.28 22.54 -21.85
CA MET K 125 11.31 23.57 -22.16
C MET K 125 11.98 24.93 -22.28
N PHE K 126 12.90 25.21 -21.36
CA PHE K 126 13.64 26.47 -21.40
C PHE K 126 14.80 26.40 -22.38
N GLU K 127 15.70 25.43 -22.20
CA GLU K 127 16.89 25.38 -23.04
C GLU K 127 16.63 24.90 -24.45
N THR K 128 15.40 24.60 -24.83
CA THR K 128 15.09 24.32 -26.22
C THR K 128 14.09 25.31 -26.79
N PHE K 129 12.99 25.53 -26.09
CA PHE K 129 11.94 26.35 -26.65
C PHE K 129 11.97 27.79 -26.17
N ASN K 130 12.70 28.07 -25.09
CA ASN K 130 12.91 29.42 -24.58
C ASN K 130 11.60 30.13 -24.24
N VAL K 131 10.70 29.40 -23.61
CA VAL K 131 9.42 29.97 -23.21
C VAL K 131 9.68 30.95 -22.06
N PRO K 132 8.85 31.98 -21.89
CA PRO K 132 9.13 32.94 -20.81
C PRO K 132 8.92 32.36 -19.43
N ALA K 133 7.83 31.64 -19.21
CA ALA K 133 7.54 31.10 -17.91
C ALA K 133 6.71 29.84 -18.09
N MET K 134 6.95 28.86 -17.23
CA MET K 134 6.25 27.61 -17.32
C MET K 134 5.71 27.25 -15.96
N TYR K 135 4.87 26.23 -15.93
CA TYR K 135 4.37 25.71 -14.67
C TYR K 135 3.87 24.30 -14.90
N VAL K 136 4.14 23.42 -13.95
CA VAL K 136 3.79 22.02 -14.05
C VAL K 136 2.70 21.74 -13.04
N ALA K 137 1.61 21.13 -13.50
CA ALA K 137 0.48 20.87 -12.64
C ALA K 137 0.21 19.38 -12.56
N ILE K 138 -0.25 18.95 -11.39
CA ILE K 138 -0.76 17.59 -11.23
C ILE K 138 -2.05 17.49 -12.05
N GLN K 139 -2.27 16.33 -12.66
CA GLN K 139 -3.42 16.12 -13.55
C GLN K 139 -4.72 16.39 -12.83
N ALA K 140 -4.99 15.62 -11.78
CA ALA K 140 -6.33 15.60 -11.21
C ALA K 140 -6.66 16.88 -10.47
N VAL K 141 -5.66 17.60 -9.98
CA VAL K 141 -5.97 18.85 -9.31
C VAL K 141 -6.36 19.92 -10.31
N LEU K 142 -6.04 19.72 -11.58
CA LEU K 142 -6.63 20.58 -12.59
C LEU K 142 -8.09 20.23 -12.80
N SER K 143 -8.43 18.95 -12.63
CA SER K 143 -9.77 18.53 -12.97
C SER K 143 -10.82 19.04 -12.01
N LEU K 144 -10.43 19.44 -10.80
CA LEU K 144 -11.42 20.05 -9.95
C LEU K 144 -11.75 21.45 -10.39
N TYR K 145 -10.80 22.14 -11.01
CA TYR K 145 -11.11 23.44 -11.60
C TYR K 145 -12.12 23.28 -12.72
N ALA K 146 -12.06 22.17 -13.44
CA ALA K 146 -13.10 21.87 -14.41
C ALA K 146 -14.42 21.59 -13.73
N SER K 147 -14.40 21.06 -12.52
CA SER K 147 -15.65 20.86 -11.81
C SER K 147 -16.23 22.16 -11.31
N GLY K 148 -15.38 23.16 -11.12
CA GLY K 148 -15.84 24.34 -10.42
C GLY K 148 -16.13 24.09 -8.97
N ARG K 149 -15.54 23.05 -8.40
CA ARG K 149 -15.81 22.65 -7.05
C ARG K 149 -14.48 22.28 -6.39
N THR K 150 -14.35 22.66 -5.13
CA THR K 150 -13.06 22.65 -4.45
C THR K 150 -12.80 21.40 -3.64
N THR K 151 -13.64 20.37 -3.73
CA THR K 151 -13.38 19.20 -2.92
C THR K 151 -13.80 17.94 -3.65
N GLY K 152 -13.20 16.82 -3.25
CA GLY K 152 -13.56 15.52 -3.79
C GLY K 152 -12.46 14.83 -4.56
N ILE K 153 -12.42 13.50 -4.50
CA ILE K 153 -11.34 12.75 -5.14
C ILE K 153 -11.63 12.67 -6.62
N VAL K 154 -10.63 12.30 -7.42
CA VAL K 154 -10.78 12.27 -8.86
C VAL K 154 -10.27 10.95 -9.40
N LEU K 155 -11.15 10.19 -10.05
CA LEU K 155 -10.76 9.00 -10.80
C LEU K 155 -10.28 9.47 -12.16
N ASP K 156 -9.05 9.95 -12.21
CA ASP K 156 -8.50 10.46 -13.45
C ASP K 156 -7.78 9.31 -14.14
N SER K 157 -8.47 8.67 -15.07
CA SER K 157 -7.93 7.54 -15.81
C SER K 157 -7.64 8.02 -17.22
N GLY K 158 -6.37 8.08 -17.58
CA GLY K 158 -5.95 8.50 -18.88
C GLY K 158 -5.67 7.34 -19.80
N ASP K 159 -4.90 7.61 -20.84
CA ASP K 159 -4.47 6.54 -21.74
C ASP K 159 -3.35 5.72 -21.14
N GLY K 160 -2.52 6.33 -20.30
CA GLY K 160 -1.33 5.67 -19.83
C GLY K 160 -1.31 5.30 -18.37
N VAL K 161 -2.08 6.00 -17.54
CA VAL K 161 -2.07 5.77 -16.11
C VAL K 161 -3.39 6.25 -15.53
N THR K 162 -3.83 5.60 -14.47
CA THR K 162 -4.95 6.11 -13.69
C THR K 162 -4.47 6.45 -12.28
N HIS K 163 -5.12 7.42 -11.68
CA HIS K 163 -4.67 7.88 -10.37
C HIS K 163 -5.80 8.61 -9.66
N ASN K 164 -5.75 8.55 -8.34
CA ASN K 164 -6.72 9.21 -7.48
C ASN K 164 -6.02 10.25 -6.64
N VAL K 165 -6.46 11.49 -6.73
CA VAL K 165 -5.92 12.55 -5.90
C VAL K 165 -7.03 13.04 -5.00
N PRO K 166 -7.15 12.51 -3.79
CA PRO K 166 -8.15 13.01 -2.86
C PRO K 166 -7.78 14.37 -2.36
N ILE K 167 -8.77 15.24 -2.27
CA ILE K 167 -8.53 16.62 -1.91
C ILE K 167 -9.74 17.27 -1.26
N TYR K 168 -9.56 17.81 -0.07
CA TYR K 168 -10.60 18.55 0.62
C TYR K 168 -10.44 20.01 0.25
N GLU K 169 -11.34 20.86 0.74
CA GLU K 169 -11.48 22.21 0.21
C GLU K 169 -10.23 23.03 0.43
N GLY K 170 -9.52 23.21 -0.67
CA GLY K 170 -8.17 23.70 -0.65
C GLY K 170 -7.16 22.60 -0.59
N TYR K 171 -7.20 21.81 0.47
CA TYR K 171 -6.05 21.04 0.91
C TYR K 171 -6.11 19.63 0.37
N ALA K 172 -5.00 19.17 -0.19
CA ALA K 172 -4.93 17.84 -0.76
C ALA K 172 -4.47 16.86 0.31
N LEU K 173 -4.44 15.58 -0.05
CA LEU K 173 -3.98 14.52 0.85
C LEU K 173 -2.86 13.82 0.14
N PRO K 174 -1.61 14.23 0.36
CA PRO K 174 -0.52 13.70 -0.45
C PRO K 174 -0.22 12.26 -0.14
N HIS K 175 -0.45 11.82 1.08
CA HIS K 175 -0.16 10.43 1.37
C HIS K 175 -1.23 9.52 0.84
N ALA K 176 -2.41 10.04 0.55
CA ALA K 176 -3.50 9.20 0.08
C ALA K 176 -3.65 9.23 -1.43
N ILE K 177 -2.68 9.78 -2.14
CA ILE K 177 -2.72 9.72 -3.60
C ILE K 177 -2.37 8.31 -4.03
N MET K 178 -3.30 7.64 -4.68
CA MET K 178 -3.02 6.31 -5.20
C MET K 178 -2.98 6.36 -6.70
N ARG K 179 -2.31 5.38 -7.30
CA ARG K 179 -1.98 5.44 -8.71
C ARG K 179 -1.76 4.03 -9.24
N LEU K 180 -2.47 3.69 -10.30
CA LEU K 180 -2.34 2.39 -10.93
C LEU K 180 -1.97 2.59 -12.38
N ASP K 181 -1.11 1.73 -12.89
CA ASP K 181 -0.68 1.86 -14.27
C ASP K 181 -1.66 1.25 -15.26
N LEU K 182 -2.76 0.68 -14.81
CA LEU K 182 -3.74 0.12 -15.72
C LEU K 182 -4.50 1.25 -16.36
N ALA K 183 -4.49 1.30 -17.69
CA ALA K 183 -5.17 2.36 -18.41
C ALA K 183 -5.48 1.89 -19.81
N GLY K 184 -5.75 2.84 -20.71
CA GLY K 184 -6.30 2.52 -22.01
C GLY K 184 -5.39 1.67 -22.90
N ARG K 185 -4.09 1.80 -22.74
CA ARG K 185 -3.21 0.92 -23.49
C ARG K 185 -3.27 -0.49 -22.94
N ASP K 186 -3.38 -0.61 -21.63
CA ASP K 186 -3.59 -1.93 -21.05
C ASP K 186 -4.96 -2.45 -21.38
N LEU K 187 -5.90 -1.58 -21.69
CA LEU K 187 -7.15 -2.05 -22.24
C LEU K 187 -6.96 -2.51 -23.68
N THR K 188 -6.22 -1.72 -24.46
CA THR K 188 -6.04 -2.02 -25.87
C THR K 188 -5.24 -3.29 -26.05
N ASP K 189 -4.23 -3.48 -25.22
CA ASP K 189 -3.44 -4.70 -25.32
C ASP K 189 -4.23 -5.91 -24.88
N TYR K 190 -5.17 -5.73 -23.95
CA TYR K 190 -5.98 -6.87 -23.59
C TYR K 190 -7.07 -7.13 -24.60
N LEU K 191 -7.51 -6.08 -25.28
CA LEU K 191 -8.50 -6.29 -26.32
C LEU K 191 -7.87 -7.01 -27.49
N MET K 192 -6.59 -6.76 -27.74
CA MET K 192 -5.89 -7.51 -28.77
C MET K 192 -5.74 -8.97 -28.40
N LYS K 193 -5.64 -9.27 -27.10
CA LYS K 193 -5.54 -10.66 -26.70
C LYS K 193 -6.86 -11.38 -26.89
N ILE K 194 -7.98 -10.71 -26.68
CA ILE K 194 -9.25 -11.41 -26.73
C ILE K 194 -9.91 -11.33 -28.09
N LEU K 195 -9.38 -10.53 -29.01
CA LEU K 195 -9.86 -10.68 -30.37
C LEU K 195 -9.32 -11.93 -31.02
N THR K 196 -8.18 -12.42 -30.54
CA THR K 196 -7.63 -13.64 -31.11
C THR K 196 -8.47 -14.85 -30.76
N GLU K 197 -9.30 -14.76 -29.73
CA GLU K 197 -10.20 -15.86 -29.44
C GLU K 197 -11.27 -15.97 -30.50
N ARG K 198 -11.63 -14.87 -31.13
CA ARG K 198 -12.53 -14.93 -32.27
C ARG K 198 -11.77 -14.95 -33.59
N GLY K 199 -10.46 -15.14 -33.54
CA GLY K 199 -9.69 -15.25 -34.75
C GLY K 199 -9.23 -13.96 -35.34
N TYR K 200 -9.73 -12.82 -34.86
CA TYR K 200 -9.34 -11.54 -35.42
C TYR K 200 -7.95 -11.22 -34.91
N SER K 201 -6.95 -11.76 -35.59
CA SER K 201 -5.57 -11.55 -35.18
C SER K 201 -5.10 -10.20 -35.69
N PHE K 202 -5.02 -9.23 -34.80
CA PHE K 202 -4.47 -7.92 -35.12
C PHE K 202 -3.10 -7.84 -34.47
N VAL K 203 -2.06 -7.68 -35.29
CA VAL K 203 -0.72 -7.92 -34.77
C VAL K 203 0.00 -6.62 -34.50
N THR K 204 0.28 -5.84 -35.54
CA THR K 204 1.27 -4.80 -35.37
C THR K 204 0.62 -3.46 -35.15
N THR K 205 1.46 -2.42 -35.11
CA THR K 205 1.10 -1.15 -34.50
C THR K 205 0.03 -0.43 -35.29
N ALA K 206 0.00 -0.64 -36.59
CA ALA K 206 -1.11 -0.10 -37.38
C ALA K 206 -2.41 -0.76 -36.97
N GLU K 207 -2.39 -2.08 -36.77
CA GLU K 207 -3.59 -2.70 -36.25
C GLU K 207 -3.82 -2.38 -34.79
N ARG K 208 -2.77 -2.04 -34.03
CA ARG K 208 -3.00 -1.65 -32.64
C ARG K 208 -3.72 -0.32 -32.59
N GLU K 209 -3.55 0.49 -33.61
CA GLU K 209 -4.34 1.71 -33.71
C GLU K 209 -5.80 1.40 -33.97
N ILE K 210 -6.09 0.48 -34.88
CA ILE K 210 -7.48 0.25 -35.23
C ILE K 210 -8.18 -0.59 -34.18
N VAL K 211 -7.43 -1.21 -33.28
CA VAL K 211 -8.05 -1.83 -32.12
C VAL K 211 -8.65 -0.76 -31.24
N ARG K 212 -7.97 0.39 -31.11
CA ARG K 212 -8.51 1.45 -30.29
C ARG K 212 -9.75 2.06 -30.94
N ASP K 213 -9.81 2.05 -32.25
CA ASP K 213 -11.03 2.49 -32.91
C ASP K 213 -12.16 1.49 -32.68
N ILE K 214 -11.83 0.22 -32.52
CA ILE K 214 -12.86 -0.72 -32.11
C ILE K 214 -13.28 -0.43 -30.69
N LYS K 215 -12.31 -0.12 -29.84
CA LYS K 215 -12.58 0.02 -28.42
C LYS K 215 -13.39 1.25 -28.12
N GLU K 216 -13.06 2.36 -28.74
CA GLU K 216 -13.74 3.60 -28.39
C GLU K 216 -15.11 3.68 -29.02
N LYS K 217 -15.40 2.86 -30.02
CA LYS K 217 -16.71 2.93 -30.64
C LYS K 217 -17.65 1.87 -30.12
N LEU K 218 -17.14 0.79 -29.56
CA LEU K 218 -18.01 -0.32 -29.25
C LEU K 218 -18.06 -0.67 -27.78
N CYS K 219 -16.93 -0.66 -27.09
CA CYS K 219 -16.85 -1.26 -25.77
C CYS K 219 -17.56 -0.43 -24.72
N TYR K 220 -18.50 -1.07 -24.04
CA TYR K 220 -19.18 -0.51 -22.89
C TYR K 220 -18.84 -1.38 -21.70
N VAL K 221 -18.99 -0.84 -20.52
CA VAL K 221 -18.75 -1.62 -19.32
C VAL K 221 -20.08 -2.07 -18.76
N ALA K 222 -20.11 -3.29 -18.22
CA ALA K 222 -21.36 -3.88 -17.81
C ALA K 222 -21.75 -3.41 -16.42
N LEU K 223 -23.05 -3.36 -16.16
CA LEU K 223 -23.53 -2.99 -14.84
C LEU K 223 -23.31 -4.12 -13.86
N ASP K 224 -23.73 -5.32 -14.22
CA ASP K 224 -23.48 -6.51 -13.40
C ASP K 224 -22.78 -7.51 -14.31
N PHE K 225 -21.55 -7.85 -13.97
CA PHE K 225 -20.69 -8.55 -14.92
C PHE K 225 -21.16 -9.96 -15.18
N GLU K 226 -21.52 -10.70 -14.14
CA GLU K 226 -21.85 -12.09 -14.33
C GLU K 226 -23.22 -12.25 -14.96
N ASN K 227 -24.19 -11.46 -14.52
CA ASN K 227 -25.55 -11.59 -15.04
C ASN K 227 -25.63 -11.09 -16.46
N GLU K 228 -24.75 -10.18 -16.85
CA GLU K 228 -24.75 -9.76 -18.23
C GLU K 228 -23.84 -10.63 -19.08
N MET K 229 -22.89 -11.32 -18.45
CA MET K 229 -22.21 -12.40 -19.16
C MET K 229 -23.19 -13.50 -19.52
N ALA K 230 -24.14 -13.77 -18.65
CA ALA K 230 -25.13 -14.80 -18.95
C ALA K 230 -26.05 -14.40 -20.09
N THR K 231 -26.18 -13.11 -20.37
CA THR K 231 -26.88 -12.70 -21.57
C THR K 231 -26.10 -13.09 -22.80
N ALA K 232 -24.78 -13.04 -22.73
CA ALA K 232 -23.96 -13.46 -23.85
C ALA K 232 -23.98 -14.96 -24.08
N ALA K 233 -24.46 -15.73 -23.10
CA ALA K 233 -24.69 -17.15 -23.35
C ALA K 233 -25.80 -17.35 -24.35
N SER K 234 -26.93 -16.67 -24.13
CA SER K 234 -28.01 -16.65 -25.12
C SER K 234 -27.74 -15.47 -26.03
N SER K 235 -26.72 -15.62 -26.86
CA SER K 235 -26.18 -14.53 -27.67
C SER K 235 -27.17 -14.13 -28.74
N SER K 236 -28.01 -13.17 -28.43
CA SER K 236 -29.04 -12.78 -29.36
C SER K 236 -28.89 -11.35 -29.85
N SER K 237 -28.64 -10.42 -28.95
CA SER K 237 -28.63 -9.02 -29.33
C SER K 237 -27.39 -8.31 -28.84
N LEU K 238 -26.40 -9.04 -28.35
CA LEU K 238 -25.22 -8.39 -27.80
C LEU K 238 -24.28 -7.93 -28.90
N GLU K 239 -24.14 -8.73 -29.94
CA GLU K 239 -23.09 -8.52 -30.93
C GLU K 239 -23.37 -7.30 -31.78
N LYS K 240 -22.39 -6.45 -31.90
CA LYS K 240 -22.38 -5.49 -32.99
C LYS K 240 -21.28 -5.89 -33.96
N SER K 241 -21.04 -5.04 -34.94
CA SER K 241 -20.15 -5.40 -36.01
C SER K 241 -19.47 -4.16 -36.55
N TYR K 242 -18.18 -4.29 -36.84
CA TYR K 242 -17.35 -3.13 -37.13
C TYR K 242 -16.61 -3.32 -38.42
N GLU K 243 -16.70 -2.33 -39.29
CA GLU K 243 -16.02 -2.38 -40.58
C GLU K 243 -14.57 -1.96 -40.41
N LEU K 244 -13.66 -2.82 -40.81
CA LEU K 244 -12.24 -2.50 -40.78
C LEU K 244 -11.93 -1.53 -41.91
N PRO K 245 -10.76 -0.87 -41.87
CA PRO K 245 -10.42 0.05 -42.96
C PRO K 245 -10.20 -0.60 -44.30
N ASP K 246 -9.94 -1.91 -44.37
CA ASP K 246 -9.82 -2.53 -45.68
C ASP K 246 -11.18 -2.81 -46.29
N GLY K 247 -12.17 -3.09 -45.45
CA GLY K 247 -13.49 -3.37 -45.95
C GLY K 247 -14.11 -4.58 -45.29
N GLN K 248 -13.31 -5.57 -44.94
CA GLN K 248 -13.87 -6.75 -44.32
C GLN K 248 -14.33 -6.41 -42.91
N VAL K 249 -15.41 -7.04 -42.50
CA VAL K 249 -16.11 -6.62 -41.29
C VAL K 249 -15.87 -7.66 -40.22
N ILE K 250 -15.87 -7.22 -38.97
CA ILE K 250 -15.72 -8.11 -37.83
C ILE K 250 -17.03 -8.10 -37.08
N THR K 251 -17.12 -8.96 -36.08
CA THR K 251 -18.17 -8.82 -35.08
C THR K 251 -17.61 -9.29 -33.76
N ILE K 252 -18.27 -8.88 -32.69
CA ILE K 252 -17.70 -9.05 -31.36
C ILE K 252 -18.83 -9.23 -30.37
N GLY K 253 -18.68 -10.19 -29.48
CA GLY K 253 -19.77 -10.49 -28.58
C GLY K 253 -19.46 -10.16 -27.14
N ASN K 254 -19.12 -11.18 -26.35
CA ASN K 254 -18.81 -10.94 -24.95
C ASN K 254 -17.49 -10.23 -24.78
N GLU K 255 -16.63 -10.25 -25.79
CA GLU K 255 -15.41 -9.47 -25.74
C GLU K 255 -15.64 -7.97 -25.76
N ARG K 256 -16.87 -7.52 -26.02
CA ARG K 256 -17.11 -6.09 -26.05
C ARG K 256 -17.13 -5.51 -24.64
N PHE K 257 -17.75 -6.19 -23.70
CA PHE K 257 -17.76 -5.69 -22.34
C PHE K 257 -16.72 -6.34 -21.47
N ARG K 258 -16.13 -7.45 -21.89
CA ARG K 258 -15.16 -8.10 -21.04
C ARG K 258 -13.84 -7.35 -21.05
N CYS K 259 -13.58 -6.58 -22.08
CA CYS K 259 -12.36 -5.77 -22.10
C CYS K 259 -12.34 -4.64 -21.07
N PRO K 260 -13.37 -3.81 -20.92
CA PRO K 260 -13.28 -2.79 -19.87
C PRO K 260 -13.55 -3.30 -18.47
N GLU K 261 -13.69 -4.60 -18.25
CA GLU K 261 -13.71 -5.11 -16.90
C GLU K 261 -12.32 -5.23 -16.32
N THR K 262 -11.29 -4.97 -17.12
CA THR K 262 -9.93 -4.92 -16.62
C THR K 262 -9.76 -3.80 -15.61
N LEU K 263 -10.55 -2.72 -15.73
CA LEU K 263 -10.56 -1.67 -14.72
C LEU K 263 -11.05 -2.17 -13.38
N PHE K 264 -11.80 -3.25 -13.36
CA PHE K 264 -12.40 -3.72 -12.13
C PHE K 264 -11.82 -5.03 -11.65
N GLN K 265 -11.39 -5.87 -12.57
CA GLN K 265 -10.64 -7.08 -12.22
C GLN K 265 -9.30 -6.96 -12.92
N PRO K 266 -8.30 -6.40 -12.26
CA PRO K 266 -6.97 -6.30 -12.87
C PRO K 266 -6.26 -7.61 -12.97
N SER K 267 -6.82 -8.69 -12.42
CA SER K 267 -6.26 -10.01 -12.63
C SER K 267 -6.50 -10.53 -14.04
N PHE K 268 -7.34 -9.86 -14.83
CA PHE K 268 -7.53 -10.27 -16.22
C PHE K 268 -6.26 -10.05 -17.02
N ILE K 269 -5.56 -8.95 -16.77
CA ILE K 269 -4.26 -8.78 -17.40
C ILE K 269 -3.21 -9.25 -16.42
N GLY K 270 -3.65 -9.88 -15.35
CA GLY K 270 -2.73 -10.54 -14.47
C GLY K 270 -1.96 -9.64 -13.53
N MET K 271 -2.22 -8.35 -13.51
CA MET K 271 -1.58 -7.53 -12.51
C MET K 271 -2.32 -7.68 -11.19
N GLU K 272 -1.55 -7.84 -10.13
CA GLU K 272 -2.09 -8.10 -8.80
C GLU K 272 -2.39 -6.74 -8.18
N SER K 273 -3.63 -6.33 -8.27
CA SER K 273 -4.04 -5.07 -7.70
C SER K 273 -5.51 -5.11 -7.40
N ALA K 274 -5.97 -4.06 -6.75
CA ALA K 274 -7.39 -3.85 -6.62
C ALA K 274 -7.88 -3.08 -7.83
N GLY K 275 -9.14 -3.25 -8.14
CA GLY K 275 -9.74 -2.53 -9.24
C GLY K 275 -9.90 -1.06 -8.90
N ILE K 276 -10.25 -0.28 -9.93
CA ILE K 276 -10.39 1.15 -9.72
C ILE K 276 -11.63 1.48 -8.92
N HIS K 277 -12.53 0.55 -8.72
CA HIS K 277 -13.59 0.77 -7.75
C HIS K 277 -13.06 0.61 -6.35
N GLU K 278 -12.06 -0.22 -6.16
CA GLU K 278 -11.60 -0.52 -4.82
C GLU K 278 -10.45 0.36 -4.40
N THR K 279 -9.57 0.72 -5.32
CA THR K 279 -8.55 1.69 -4.97
C THR K 279 -9.12 3.09 -4.84
N THR K 280 -10.36 3.30 -5.29
CA THR K 280 -11.10 4.46 -4.87
C THR K 280 -11.35 4.42 -3.37
N TYR K 281 -11.98 3.35 -2.92
CA TYR K 281 -12.31 3.21 -1.51
C TYR K 281 -11.08 3.08 -0.65
N ASN K 282 -10.02 2.47 -1.18
CA ASN K 282 -8.80 2.40 -0.42
C ASN K 282 -8.16 3.76 -0.28
N SER K 283 -8.43 4.68 -1.21
CA SER K 283 -7.92 6.02 -1.04
C SER K 283 -8.71 6.77 0.02
N ILE K 284 -10.02 6.55 0.08
CA ILE K 284 -10.82 7.33 1.00
C ILE K 284 -10.67 6.81 2.41
N MET K 285 -10.41 5.52 2.57
CA MET K 285 -10.06 5.00 3.89
C MET K 285 -8.74 5.57 4.38
N LYS K 286 -7.82 5.87 3.47
CA LYS K 286 -6.59 6.51 3.90
C LYS K 286 -6.81 7.94 4.34
N CYS K 287 -7.88 8.57 3.87
CA CYS K 287 -8.12 9.94 4.25
C CYS K 287 -8.72 10.00 5.65
N ASP K 288 -8.66 11.18 6.25
CA ASP K 288 -9.09 11.35 7.62
C ASP K 288 -10.62 11.29 7.70
N ILE K 289 -11.13 11.06 8.90
CA ILE K 289 -12.50 10.56 9.03
C ILE K 289 -13.54 11.65 8.77
N ASP K 290 -13.19 12.92 8.91
CA ASP K 290 -14.20 13.94 8.65
C ASP K 290 -14.43 14.12 7.17
N ILE K 291 -13.36 13.97 6.37
CA ILE K 291 -13.45 14.28 4.96
C ILE K 291 -14.24 13.20 4.23
N ARG K 292 -14.32 11.99 4.81
CA ARG K 292 -14.88 10.84 4.12
C ARG K 292 -16.35 11.03 3.77
N LYS K 293 -17.07 11.81 4.57
CA LYS K 293 -18.45 12.12 4.21
C LYS K 293 -18.51 12.97 2.96
N ASP K 294 -17.55 13.84 2.77
CA ASP K 294 -17.60 14.73 1.62
C ASP K 294 -16.97 14.12 0.40
N LEU K 295 -16.03 13.20 0.57
CA LEU K 295 -15.46 12.54 -0.60
C LEU K 295 -16.47 11.61 -1.24
N TYR K 296 -17.30 10.98 -0.42
CA TYR K 296 -18.32 10.10 -0.97
C TYR K 296 -19.36 10.87 -1.75
N ALA K 297 -19.64 12.10 -1.37
CA ALA K 297 -20.55 12.89 -2.16
C ALA K 297 -19.88 13.54 -3.36
N ASN K 298 -18.56 13.42 -3.50
CA ASN K 298 -17.85 14.15 -4.54
C ASN K 298 -16.80 13.22 -5.14
N ASN K 299 -17.18 12.52 -6.20
CA ASN K 299 -16.25 11.67 -6.93
C ASN K 299 -16.27 12.13 -8.38
N VAL K 300 -15.15 12.64 -8.85
CA VAL K 300 -15.09 13.19 -10.20
C VAL K 300 -14.45 12.15 -11.10
N MET K 301 -15.21 11.63 -12.04
CA MET K 301 -14.61 10.84 -13.09
C MET K 301 -13.95 11.80 -14.05
N SER K 302 -12.76 11.43 -14.52
CA SER K 302 -12.05 12.30 -15.44
C SER K 302 -11.18 11.46 -16.34
N GLY K 303 -10.69 12.07 -17.41
CA GLY K 303 -9.85 11.38 -18.34
C GLY K 303 -10.64 10.60 -19.37
N GLY K 304 -10.00 10.39 -20.52
CA GLY K 304 -10.68 9.83 -21.68
C GLY K 304 -11.05 8.38 -21.54
N THR K 305 -10.40 7.66 -20.63
CA THR K 305 -10.73 6.27 -20.42
C THR K 305 -12.10 6.14 -19.79
N THR K 306 -12.48 7.11 -19.00
CA THR K 306 -13.76 7.07 -18.31
C THR K 306 -14.90 7.56 -19.15
N MET K 307 -14.74 7.59 -20.47
CA MET K 307 -15.86 7.86 -21.36
C MET K 307 -16.60 6.60 -21.74
N TYR K 308 -16.33 5.49 -21.09
CA TYR K 308 -17.10 4.28 -21.33
C TYR K 308 -18.53 4.48 -20.88
N PRO K 309 -19.51 4.08 -21.67
CA PRO K 309 -20.90 4.20 -21.22
C PRO K 309 -21.18 3.17 -20.13
N GLY K 310 -21.81 3.62 -19.07
CA GLY K 310 -22.08 2.79 -17.93
C GLY K 310 -21.03 2.82 -16.85
N ILE K 311 -19.96 3.60 -17.02
CA ILE K 311 -18.92 3.61 -16.02
C ILE K 311 -19.38 4.36 -14.78
N ALA K 312 -20.31 5.31 -14.94
CA ALA K 312 -20.78 6.02 -13.77
C ALA K 312 -21.79 5.19 -13.02
N ASP K 313 -22.65 4.49 -13.76
CA ASP K 313 -23.62 3.63 -13.12
C ASP K 313 -22.99 2.42 -12.47
N ARG K 314 -21.79 2.07 -12.88
CA ARG K 314 -21.13 0.93 -12.27
C ARG K 314 -20.47 1.31 -10.96
N MET K 315 -19.63 2.34 -10.98
CA MET K 315 -18.90 2.66 -9.77
C MET K 315 -19.78 3.26 -8.70
N GLN K 316 -20.90 3.87 -9.09
CA GLN K 316 -21.86 4.27 -8.09
C GLN K 316 -22.48 3.04 -7.43
N LYS K 317 -22.62 1.96 -8.17
CA LYS K 317 -23.08 0.74 -7.54
C LYS K 317 -21.97 0.12 -6.73
N GLU K 318 -20.75 0.17 -7.22
CA GLU K 318 -19.74 -0.69 -6.62
C GLU K 318 -19.11 -0.05 -5.39
N ILE K 319 -18.98 1.28 -5.37
CA ILE K 319 -18.49 1.92 -4.16
C ILE K 319 -19.54 1.83 -3.06
N THR K 320 -20.81 1.84 -3.45
CA THR K 320 -21.90 1.62 -2.50
C THR K 320 -21.80 0.26 -1.84
N ALA K 321 -21.29 -0.73 -2.57
CA ALA K 321 -21.05 -2.02 -1.95
C ALA K 321 -19.91 -1.96 -0.93
N LEU K 322 -19.00 -1.02 -1.09
CA LEU K 322 -17.89 -0.96 -0.16
C LEU K 322 -18.08 0.07 0.93
N ALA K 323 -18.82 1.13 0.66
CA ALA K 323 -19.06 2.15 1.65
C ALA K 323 -20.02 1.63 2.71
N PRO K 324 -20.04 2.22 3.89
CA PRO K 324 -21.15 1.98 4.81
C PRO K 324 -22.42 2.54 4.23
N SER K 325 -23.45 1.71 4.15
CA SER K 325 -24.63 2.00 3.36
C SER K 325 -25.52 3.06 3.97
N THR K 326 -25.18 3.59 5.13
CA THR K 326 -26.05 4.57 5.75
C THR K 326 -25.93 5.94 5.14
N MET K 327 -25.03 6.14 4.18
CA MET K 327 -24.83 7.50 3.71
C MET K 327 -24.51 7.49 2.23
N LYS K 328 -24.83 8.59 1.58
CA LYS K 328 -24.98 8.61 0.15
C LYS K 328 -23.63 8.70 -0.56
N ILE K 329 -23.65 8.27 -1.81
CA ILE K 329 -22.52 8.33 -2.72
C ILE K 329 -22.96 9.16 -3.92
N LYS K 330 -22.03 9.84 -4.55
CA LYS K 330 -22.29 10.53 -5.80
C LYS K 330 -21.10 10.33 -6.72
N ILE K 331 -21.38 10.28 -8.01
CA ILE K 331 -20.35 10.14 -9.03
C ILE K 331 -20.54 11.30 -9.97
N ILE K 332 -19.65 12.28 -9.90
CA ILE K 332 -19.77 13.46 -10.72
C ILE K 332 -19.06 13.15 -12.04
N ALA K 333 -19.84 12.75 -13.04
CA ALA K 333 -19.32 12.43 -14.36
C ALA K 333 -19.87 13.47 -15.32
N PRO K 334 -19.13 14.53 -15.61
CA PRO K 334 -19.61 15.53 -16.52
C PRO K 334 -19.55 15.03 -17.94
N PRO K 335 -20.22 15.70 -18.90
CA PRO K 335 -20.09 15.30 -20.29
C PRO K 335 -18.86 15.86 -21.00
N GLU K 336 -17.85 16.30 -20.28
CA GLU K 336 -16.63 16.79 -20.90
C GLU K 336 -15.41 16.16 -20.26
N ARG K 337 -15.55 14.91 -19.82
CA ARG K 337 -14.49 14.23 -19.08
C ARG K 337 -13.24 14.03 -19.91
N LYS K 338 -13.38 13.98 -21.22
CA LYS K 338 -12.21 13.79 -22.07
C LYS K 338 -11.31 15.01 -22.03
N TYR K 339 -11.88 16.18 -21.86
CA TYR K 339 -11.12 17.41 -21.91
C TYR K 339 -11.02 18.08 -20.56
N SER K 340 -11.38 17.37 -19.49
CA SER K 340 -11.51 18.00 -18.18
C SER K 340 -10.17 18.46 -17.63
N VAL K 341 -9.10 17.74 -17.96
CA VAL K 341 -7.80 18.15 -17.47
C VAL K 341 -7.35 19.41 -18.19
N TRP K 342 -7.70 19.52 -19.47
CA TRP K 342 -7.31 20.72 -20.20
C TRP K 342 -8.14 21.92 -19.74
N ILE K 343 -9.44 21.73 -19.58
CA ILE K 343 -10.33 22.85 -19.32
C ILE K 343 -10.03 23.44 -17.95
N GLY K 344 -9.81 22.58 -16.97
CA GLY K 344 -9.34 23.06 -15.69
C GLY K 344 -7.95 23.66 -15.79
N GLY K 345 -7.14 23.16 -16.70
CA GLY K 345 -5.87 23.81 -16.96
C GLY K 345 -6.05 25.13 -17.66
N SER K 346 -7.10 25.26 -18.46
CA SER K 346 -7.37 26.54 -19.11
C SER K 346 -7.87 27.56 -18.10
N ILE K 347 -8.54 27.11 -17.06
CA ILE K 347 -9.01 28.04 -16.05
C ILE K 347 -7.85 28.56 -15.22
N LEU K 348 -7.00 27.64 -14.75
CA LEU K 348 -5.99 27.96 -13.75
C LEU K 348 -4.97 28.96 -14.29
N ALA K 349 -4.66 28.87 -15.57
CA ALA K 349 -3.76 29.85 -16.15
C ALA K 349 -4.42 31.21 -16.30
N SER K 350 -5.73 31.27 -16.28
CA SER K 350 -6.41 32.53 -16.50
C SER K 350 -6.69 33.29 -15.22
N LEU K 351 -6.38 32.74 -14.06
CA LEU K 351 -6.67 33.44 -12.81
C LEU K 351 -5.70 34.56 -12.56
N SER K 352 -6.23 35.69 -12.10
CA SER K 352 -5.43 36.86 -11.80
C SER K 352 -4.53 36.66 -10.60
N THR K 353 -4.84 35.68 -9.74
CA THR K 353 -4.02 35.40 -8.59
C THR K 353 -2.94 34.39 -8.90
N PHE K 354 -2.69 34.11 -10.17
CA PHE K 354 -1.78 33.05 -10.55
C PHE K 354 -0.51 33.56 -11.19
N GLN K 355 -0.48 34.80 -11.66
CA GLN K 355 0.67 35.30 -12.41
C GLN K 355 1.90 35.51 -11.56
N GLN K 356 1.84 35.30 -10.26
CA GLN K 356 3.03 35.20 -9.46
C GLN K 356 3.42 33.76 -9.19
N MET K 357 2.64 32.80 -9.65
CA MET K 357 2.92 31.40 -9.38
C MET K 357 3.65 30.70 -10.51
N TRP K 358 4.15 31.43 -11.49
CA TRP K 358 4.84 30.79 -12.59
C TRP K 358 6.26 30.41 -12.18
N ILE K 359 7.01 29.89 -13.15
CA ILE K 359 8.43 29.66 -13.00
C ILE K 359 9.11 30.45 -14.09
N THR K 360 9.62 31.64 -13.77
CA THR K 360 10.17 32.49 -14.81
C THR K 360 11.58 32.08 -15.13
N LYS K 361 12.04 32.53 -16.30
CA LYS K 361 13.40 32.22 -16.73
C LYS K 361 14.41 32.96 -15.88
N GLN K 362 14.09 34.19 -15.46
CA GLN K 362 15.03 34.98 -14.69
C GLN K 362 15.24 34.41 -13.30
N GLU K 363 14.31 33.62 -12.80
CA GLU K 363 14.57 32.87 -11.59
C GLU K 363 14.99 31.45 -11.89
N TYR K 364 14.93 31.02 -13.13
CA TYR K 364 15.43 29.70 -13.45
C TYR K 364 16.94 29.68 -13.48
N ASP K 365 17.56 30.77 -13.92
CA ASP K 365 18.95 30.73 -14.33
C ASP K 365 19.89 30.55 -13.15
N GLU K 366 19.50 31.03 -11.98
CA GLU K 366 20.30 30.75 -10.80
C GLU K 366 19.81 29.52 -10.07
N ALA K 367 18.74 28.90 -10.53
CA ALA K 367 18.15 27.78 -9.84
C ALA K 367 18.46 26.44 -10.48
N GLY K 368 18.42 26.36 -11.80
CA GLY K 368 18.61 25.11 -12.47
C GLY K 368 17.33 24.31 -12.48
N PRO K 369 17.39 23.08 -12.98
CA PRO K 369 16.15 22.30 -13.16
C PRO K 369 15.52 21.81 -11.88
N SER K 370 16.14 22.00 -10.74
CA SER K 370 15.51 21.58 -9.50
C SER K 370 14.50 22.58 -8.99
N ILE K 371 14.24 23.66 -9.73
CA ILE K 371 13.31 24.68 -9.29
C ILE K 371 11.89 24.16 -9.29
N VAL K 372 11.59 23.14 -10.09
CA VAL K 372 10.22 22.68 -10.15
C VAL K 372 9.91 21.80 -8.94
N HIS K 373 10.93 21.28 -8.28
CA HIS K 373 10.64 20.55 -7.06
C HIS K 373 10.29 21.47 -5.91
N ARG K 374 10.66 22.74 -5.97
CA ARG K 374 10.14 23.70 -5.01
C ARG K 374 8.99 24.50 -5.59
N LYS K 375 8.32 23.98 -6.61
CA LYS K 375 7.08 24.55 -7.12
C LYS K 375 6.07 23.41 -7.20
N CYS K 376 5.22 23.33 -6.17
CA CYS K 376 4.16 22.33 -5.97
C CYS K 376 4.66 20.89 -6.13
N PHE K 377 5.84 20.63 -5.57
CA PHE K 377 6.44 19.29 -5.38
C PHE K 377 6.80 18.55 -6.68
N THR L 7 -41.39 56.36 81.65
CA THR L 7 -41.88 56.32 83.01
C THR L 7 -41.28 55.13 83.75
N THR L 8 -41.49 53.95 83.19
CA THR L 8 -40.99 52.73 83.81
C THR L 8 -39.48 52.67 83.73
N ALA L 9 -38.89 51.85 84.58
CA ALA L 9 -37.45 51.70 84.59
C ALA L 9 -37.05 50.42 83.87
N LEU L 10 -35.85 50.44 83.33
CA LEU L 10 -35.25 49.22 82.80
C LEU L 10 -34.24 48.68 83.79
N VAL L 11 -34.18 47.36 83.88
CA VAL L 11 -33.14 46.68 84.63
C VAL L 11 -32.41 45.75 83.68
N CYS L 12 -31.10 45.92 83.60
CA CYS L 12 -30.32 45.15 82.64
C CYS L 12 -29.07 44.66 83.34
N ASP L 13 -29.13 43.41 83.79
CA ASP L 13 -28.00 42.74 84.42
C ASP L 13 -26.92 42.56 83.38
N ASN L 14 -25.80 43.25 83.57
CA ASN L 14 -24.63 43.04 82.72
C ASN L 14 -24.05 41.68 83.09
N GLY L 15 -24.59 40.64 82.46
CA GLY L 15 -24.10 39.31 82.70
C GLY L 15 -22.71 39.14 82.12
N SER L 16 -21.88 38.37 82.84
CA SER L 16 -20.57 38.06 82.31
C SER L 16 -20.65 37.09 81.15
N GLY L 17 -21.70 36.27 81.10
CA GLY L 17 -21.89 35.40 79.97
C GLY L 17 -23.17 35.65 79.19
N LEU L 18 -24.25 36.00 79.87
CA LEU L 18 -25.55 36.18 79.24
C LEU L 18 -26.15 37.48 79.74
N VAL L 19 -26.33 38.43 78.84
CA VAL L 19 -26.94 39.70 79.21
C VAL L 19 -28.42 39.48 79.43
N LYS L 20 -28.89 39.72 80.63
CA LYS L 20 -30.28 39.58 80.99
C LYS L 20 -30.88 40.97 81.15
N ALA L 21 -32.03 41.21 80.53
CA ALA L 21 -32.58 42.55 80.51
C ALA L 21 -34.09 42.49 80.51
N GLY L 22 -34.69 43.61 80.89
CA GLY L 22 -36.13 43.71 80.88
C GLY L 22 -36.58 44.95 81.63
N PHE L 23 -37.89 45.08 81.76
CA PHE L 23 -38.48 46.23 82.41
C PHE L 23 -38.60 46.00 83.90
N ALA L 24 -38.83 47.08 84.62
CA ALA L 24 -39.05 46.98 86.06
C ALA L 24 -40.44 46.42 86.33
N GLY L 25 -40.57 45.68 87.42
CA GLY L 25 -41.84 45.12 87.79
C GLY L 25 -42.29 43.95 86.97
N ASP L 26 -41.53 43.52 85.97
CA ASP L 26 -41.86 42.35 85.19
C ASP L 26 -41.35 41.11 85.92
N ASP L 27 -42.07 40.00 85.78
CA ASP L 27 -41.66 38.79 86.47
C ASP L 27 -40.45 38.16 85.78
N ALA L 28 -40.54 37.96 84.48
CA ALA L 28 -39.46 37.37 83.71
C ALA L 28 -38.71 38.48 82.98
N PRO L 29 -37.41 38.31 82.77
CA PRO L 29 -36.68 39.28 81.96
C PRO L 29 -37.14 39.19 80.53
N ARG L 30 -37.13 40.32 79.84
CA ARG L 30 -37.74 40.38 78.52
C ARG L 30 -36.92 39.61 77.51
N ALA L 31 -35.62 39.84 77.49
CA ALA L 31 -34.78 39.22 76.48
C ALA L 31 -33.47 38.82 77.13
N VAL L 32 -33.06 37.59 76.88
CA VAL L 32 -31.81 37.05 77.38
C VAL L 32 -31.02 36.60 76.19
N PHE L 33 -29.84 37.16 76.00
CA PHE L 33 -29.03 36.80 74.87
C PHE L 33 -27.59 36.71 75.35
N PRO L 34 -26.76 35.87 74.75
CA PRO L 34 -25.40 35.72 75.22
C PRO L 34 -24.56 36.94 74.91
N SER L 35 -23.65 37.25 75.83
CA SER L 35 -22.84 38.45 75.74
C SER L 35 -21.65 38.21 74.82
N ILE L 36 -21.94 38.06 73.54
CA ILE L 36 -20.92 37.71 72.57
C ILE L 36 -20.94 38.75 71.47
N VAL L 37 -19.82 39.40 71.25
CA VAL L 37 -19.63 40.17 70.04
C VAL L 37 -18.67 39.38 69.17
N GLY L 38 -18.82 39.51 67.85
CA GLY L 38 -17.97 38.73 66.98
C GLY L 38 -17.70 39.37 65.64
N ARG L 39 -16.46 39.44 65.28
CA ARG L 39 -16.08 39.89 63.98
C ARG L 39 -15.98 38.69 63.06
N PRO L 40 -16.25 38.83 61.78
CA PRO L 40 -16.00 37.73 60.86
C PRO L 40 -14.52 37.58 60.60
N ARG L 41 -14.16 36.45 60.00
CA ARG L 41 -12.75 36.12 59.85
C ARG L 41 -12.43 35.46 58.53
N HIS L 42 -13.16 35.78 57.45
CA HIS L 42 -12.91 35.12 56.18
C HIS L 42 -13.09 36.10 55.04
N GLN L 43 -13.21 35.55 53.83
CA GLN L 43 -13.08 36.35 52.62
C GLN L 43 -14.30 37.20 52.37
N GLY L 44 -15.46 36.59 52.25
CA GLY L 44 -16.63 37.38 51.90
C GLY L 44 -16.63 37.77 50.45
N VAL L 45 -16.50 36.78 49.58
CA VAL L 45 -16.47 37.06 48.15
C VAL L 45 -17.83 37.35 47.57
N MET L 46 -18.90 37.15 48.33
CA MET L 46 -20.17 37.68 47.94
C MET L 46 -20.13 39.21 48.03
N VAL L 47 -20.99 39.84 47.25
CA VAL L 47 -21.00 41.28 47.15
C VAL L 47 -22.08 41.90 48.04
N GLY L 48 -23.15 41.16 48.31
CA GLY L 48 -24.25 41.78 49.02
C GLY L 48 -24.19 41.52 50.50
N MET L 49 -23.75 40.32 50.88
CA MET L 49 -23.81 39.89 52.26
C MET L 49 -22.55 40.25 53.03
N GLY L 50 -21.64 41.00 52.42
CA GLY L 50 -20.43 41.41 53.11
C GLY L 50 -20.57 42.53 54.10
N GLN L 51 -21.76 43.08 54.26
CA GLN L 51 -21.97 44.17 55.20
C GLN L 51 -22.15 43.60 56.61
N LYS L 52 -22.40 44.49 57.58
CA LYS L 52 -22.57 44.18 59.00
C LYS L 52 -21.32 43.45 59.52
N ASP L 53 -20.25 44.23 59.60
CA ASP L 53 -18.92 43.72 59.91
C ASP L 53 -18.71 43.38 61.37
N SER L 54 -19.74 43.38 62.20
CA SER L 54 -19.58 42.97 63.60
C SER L 54 -20.94 42.49 64.09
N TYR L 55 -21.11 41.19 64.16
CA TYR L 55 -22.33 40.62 64.67
C TYR L 55 -22.24 40.52 66.18
N VAL L 56 -23.39 40.62 66.84
CA VAL L 56 -23.42 40.61 68.30
C VAL L 56 -24.73 39.97 68.74
N GLY L 57 -24.65 39.17 69.79
CA GLY L 57 -25.85 38.60 70.36
C GLY L 57 -26.26 37.29 69.72
N ASP L 58 -27.56 37.11 69.53
CA ASP L 58 -28.06 35.87 68.96
C ASP L 58 -27.67 35.71 67.51
N GLU L 59 -27.60 36.79 66.77
CA GLU L 59 -27.18 36.67 65.38
C GLU L 59 -25.70 36.35 65.27
N ALA L 60 -24.92 36.66 66.28
CA ALA L 60 -23.57 36.13 66.32
C ALA L 60 -23.57 34.69 66.79
N GLN L 61 -24.61 34.29 67.52
CA GLN L 61 -24.65 32.92 68.01
C GLN L 61 -24.98 31.96 66.89
N SER L 62 -25.94 32.32 66.04
CA SER L 62 -26.31 31.43 64.96
C SER L 62 -25.23 31.39 63.90
N LYS L 63 -24.59 32.52 63.67
CA LYS L 63 -23.57 32.63 62.63
C LYS L 63 -22.18 32.37 63.18
N ARG L 64 -22.06 31.54 64.20
CA ARG L 64 -20.83 31.44 64.96
C ARG L 64 -19.72 30.72 64.23
N GLY L 65 -19.99 30.13 63.07
CA GLY L 65 -18.95 29.37 62.41
C GLY L 65 -17.94 30.19 61.64
N ILE L 66 -18.27 31.42 61.31
CA ILE L 66 -17.40 32.28 60.54
C ILE L 66 -16.93 33.47 61.35
N LEU L 67 -17.14 33.45 62.65
CA LEU L 67 -16.82 34.59 63.49
C LEU L 67 -15.75 34.23 64.49
N THR L 68 -14.99 35.24 64.90
CA THR L 68 -14.17 35.12 66.09
C THR L 68 -14.96 35.64 67.27
N LEU L 69 -15.60 34.73 67.99
CA LEU L 69 -16.48 35.13 69.08
C LEU L 69 -15.64 35.55 70.27
N LYS L 70 -15.80 36.78 70.71
CA LYS L 70 -15.06 37.25 71.86
C LYS L 70 -16.02 37.83 72.87
N TYR L 71 -15.65 37.70 74.13
CA TYR L 71 -16.50 38.25 75.16
C TYR L 71 -15.98 39.61 75.58
N PRO L 72 -16.87 40.57 75.76
CA PRO L 72 -16.43 41.88 76.25
C PRO L 72 -16.09 41.88 77.72
N ILE L 73 -16.70 41.00 78.52
CA ILE L 73 -16.49 40.97 79.96
C ILE L 73 -15.77 39.69 80.31
N GLU L 74 -14.62 39.79 80.94
CA GLU L 74 -14.05 38.60 81.53
C GLU L 74 -13.80 38.84 83.01
N GLY L 76 -15.84 39.22 85.30
CA GLY L 76 -16.69 40.26 85.82
C GLY L 76 -16.18 41.67 85.57
N ILE L 77 -15.03 41.76 84.93
CA ILE L 77 -14.45 43.07 84.64
C ILE L 77 -14.67 43.37 83.18
N ILE L 78 -15.27 44.52 82.89
CA ILE L 78 -15.52 44.90 81.52
C ILE L 78 -14.20 45.33 80.90
N THR L 79 -13.75 44.60 79.89
CA THR L 79 -12.47 44.91 79.30
C THR L 79 -12.59 45.78 78.05
N ASN L 80 -13.30 45.31 77.05
CA ASN L 80 -13.34 45.98 75.76
C ASN L 80 -14.52 46.94 75.76
N TRP L 81 -14.26 48.20 76.10
CA TRP L 81 -15.34 49.17 76.19
C TRP L 81 -15.91 49.56 74.85
N ASP L 82 -15.13 49.39 73.79
CA ASP L 82 -15.68 49.66 72.47
C ASP L 82 -16.75 48.65 72.12
N ASP L 83 -16.52 47.39 72.44
CA ASP L 83 -17.55 46.40 72.17
C ASP L 83 -18.68 46.50 73.18
N MET L 84 -18.41 47.03 74.36
CA MET L 84 -19.43 47.04 75.37
C MET L 84 -20.48 48.10 75.06
N GLU L 85 -20.12 49.12 74.30
CA GLU L 85 -21.12 50.01 73.75
C GLU L 85 -21.98 49.27 72.76
N LYS L 86 -21.35 48.43 71.96
CA LYS L 86 -22.06 47.75 70.88
C LYS L 86 -23.07 46.78 71.42
N ILE L 87 -22.81 46.20 72.58
CA ILE L 87 -23.78 45.26 73.09
C ILE L 87 -24.91 45.99 73.79
N TRP L 88 -24.63 47.13 74.42
CA TRP L 88 -25.72 47.84 75.06
C TRP L 88 -26.60 48.54 74.05
N HIS L 89 -26.01 48.94 72.93
CA HIS L 89 -26.82 49.47 71.84
C HIS L 89 -27.69 48.38 71.26
N HIS L 90 -27.25 47.15 71.33
CA HIS L 90 -28.07 46.04 70.86
C HIS L 90 -29.20 45.74 71.85
N THR L 91 -28.99 46.04 73.12
CA THR L 91 -30.06 45.79 74.08
C THR L 91 -31.20 46.77 73.90
N PHE L 92 -30.88 48.06 73.91
CA PHE L 92 -31.91 49.07 73.98
C PHE L 92 -32.63 49.22 72.66
N TYR L 93 -31.88 49.33 71.59
CA TYR L 93 -32.48 49.59 70.30
C TYR L 93 -32.89 48.31 69.60
N ASN L 94 -31.98 47.33 69.57
CA ASN L 94 -32.22 46.21 68.68
C ASN L 94 -33.15 45.18 69.27
N GLU L 95 -33.22 45.03 70.58
CA GLU L 95 -34.08 43.99 71.09
C GLU L 95 -35.10 44.45 72.12
N LEU L 96 -34.87 45.56 72.81
CA LEU L 96 -35.92 46.07 73.66
C LEU L 96 -36.75 47.12 72.96
N ARG L 97 -36.18 47.76 71.94
CA ARG L 97 -36.85 48.75 71.09
C ARG L 97 -37.37 49.91 71.92
N VAL L 98 -36.60 50.31 72.92
CA VAL L 98 -37.00 51.42 73.77
C VAL L 98 -35.99 52.53 73.64
N ALA L 99 -36.46 53.75 73.79
CA ALA L 99 -35.58 54.89 73.79
C ALA L 99 -34.88 54.94 75.14
N PRO L 100 -33.56 54.86 75.18
CA PRO L 100 -32.87 54.92 76.47
C PRO L 100 -32.95 56.26 77.15
N GLU L 101 -33.21 57.32 76.40
CA GLU L 101 -33.29 58.64 76.99
C GLU L 101 -34.56 58.83 77.81
N GLU L 102 -35.53 57.93 77.71
CA GLU L 102 -36.77 58.10 78.43
C GLU L 102 -36.85 57.24 79.67
N HIS L 103 -36.27 56.06 79.65
CA HIS L 103 -36.48 55.24 80.82
C HIS L 103 -35.24 55.19 81.69
N PRO L 104 -35.39 55.18 83.01
CA PRO L 104 -34.23 55.00 83.88
C PRO L 104 -33.73 53.58 83.80
N THR L 105 -32.42 53.42 83.97
CA THR L 105 -31.80 52.11 83.91
C THR L 105 -31.28 51.70 85.27
N LEU L 106 -30.85 50.45 85.37
CA LEU L 106 -30.30 49.95 86.62
C LEU L 106 -29.28 48.88 86.27
N LEU L 107 -28.03 49.27 86.17
CA LEU L 107 -26.96 48.34 85.87
C LEU L 107 -26.63 47.56 87.14
N THR L 108 -26.10 46.37 86.97
CA THR L 108 -25.73 45.53 88.09
C THR L 108 -24.29 45.07 87.92
N GLU L 109 -23.60 44.83 89.02
CA GLU L 109 -22.21 44.41 88.90
C GLU L 109 -21.81 43.62 90.13
N ALA L 110 -20.69 42.93 89.99
CA ALA L 110 -20.13 42.12 91.04
C ALA L 110 -19.50 42.98 92.11
N PRO L 111 -19.41 42.49 93.33
CA PRO L 111 -18.61 43.19 94.34
C PRO L 111 -17.14 42.99 94.08
N LEU L 112 -16.35 43.89 94.67
CA LEU L 112 -14.88 43.85 94.65
C LEU L 112 -14.29 43.91 93.24
N ASN L 113 -15.04 44.40 92.27
CA ASN L 113 -14.49 44.66 90.96
C ASN L 113 -13.76 45.99 91.01
N PRO L 114 -12.94 46.34 90.02
CA PRO L 114 -12.23 47.62 90.07
C PRO L 114 -13.17 48.82 90.03
N LYS L 115 -12.65 49.95 90.50
CA LYS L 115 -13.44 51.17 90.50
C LYS L 115 -13.71 51.65 89.08
N ALA L 116 -12.75 51.49 88.20
CA ALA L 116 -12.93 51.96 86.83
C ALA L 116 -13.93 51.13 86.07
N ASN L 117 -14.20 49.91 86.52
CA ASN L 117 -15.32 49.15 85.98
C ASN L 117 -16.64 49.79 86.34
N ARG L 118 -16.66 50.58 87.40
CA ARG L 118 -17.88 51.24 87.79
C ARG L 118 -17.92 52.66 87.27
N GLU L 119 -16.79 53.35 87.31
CA GLU L 119 -16.74 54.75 86.89
C GLU L 119 -16.93 54.89 85.39
N LYS L 120 -16.30 54.02 84.62
CA LYS L 120 -16.49 54.09 83.19
C LYS L 120 -17.89 53.67 82.83
N MET L 121 -18.46 52.76 83.60
CA MET L 121 -19.78 52.23 83.27
C MET L 121 -20.85 53.28 83.45
N THR L 122 -20.67 54.20 84.39
CA THR L 122 -21.64 55.27 84.48
C THR L 122 -21.34 56.38 83.49
N GLN L 123 -20.07 56.55 83.13
CA GLN L 123 -19.72 57.62 82.21
C GLN L 123 -20.14 57.24 80.80
N ILE L 124 -20.14 55.94 80.51
CA ILE L 124 -20.58 55.45 79.23
C ILE L 124 -22.08 55.28 79.21
N MET L 125 -22.74 55.51 80.33
CA MET L 125 -24.18 55.40 80.37
C MET L 125 -24.85 56.74 80.17
N PHE L 126 -24.31 57.78 80.79
CA PHE L 126 -24.84 59.12 80.61
C PHE L 126 -24.33 59.77 79.34
N GLU L 127 -23.01 59.87 79.19
CA GLU L 127 -22.46 60.56 78.04
C GLU L 127 -22.58 59.80 76.74
N THR L 128 -23.18 58.62 76.71
CA THR L 128 -23.46 57.97 75.45
C THR L 128 -24.95 57.73 75.27
N PHE L 129 -25.61 57.18 76.27
CA PHE L 129 -26.99 56.80 76.09
C PHE L 129 -27.97 57.83 76.64
N ASN L 130 -27.51 58.75 77.48
CA ASN L 130 -28.29 59.87 78.00
C ASN L 130 -29.54 59.39 78.74
N VAL L 131 -29.36 58.38 79.56
CA VAL L 131 -30.47 57.85 80.36
C VAL L 131 -30.80 58.87 81.44
N PRO L 132 -32.04 58.94 81.92
CA PRO L 132 -32.36 59.96 82.92
C PRO L 132 -31.72 59.68 84.26
N ALA L 133 -31.77 58.45 84.74
CA ALA L 133 -31.21 58.12 86.03
C ALA L 133 -30.77 56.67 86.00
N MET L 134 -29.68 56.39 86.70
CA MET L 134 -29.16 55.04 86.73
C MET L 134 -28.88 54.67 88.16
N TYR L 135 -28.60 53.38 88.37
CA TYR L 135 -28.19 52.91 89.68
C TYR L 135 -27.46 51.60 89.51
N VAL L 136 -26.41 51.42 90.28
CA VAL L 136 -25.55 50.25 90.19
C VAL L 136 -25.75 49.43 91.45
N ALA L 137 -26.04 48.16 91.28
CA ALA L 137 -26.31 47.29 92.42
C ALA L 137 -25.31 46.16 92.48
N ILE L 138 -24.96 45.75 93.70
CA ILE L 138 -24.20 44.54 93.90
C ILE L 138 -25.07 43.36 93.48
N GLN L 139 -24.46 42.33 92.88
CA GLN L 139 -25.19 41.19 92.37
C GLN L 139 -26.00 40.51 93.45
N ALA L 140 -25.33 40.00 94.47
CA ALA L 140 -25.97 39.10 95.41
C ALA L 140 -26.97 39.80 96.29
N VAL L 141 -26.82 41.10 96.52
CA VAL L 141 -27.81 41.78 97.33
C VAL L 141 -29.09 41.98 96.56
N LEU L 142 -29.05 41.87 95.24
CA LEU L 142 -30.30 41.78 94.51
C LEU L 142 -30.94 40.43 94.71
N SER L 143 -30.14 39.40 94.88
CA SER L 143 -30.68 38.06 94.91
C SER L 143 -31.48 37.78 96.17
N LEU L 144 -31.27 38.54 97.24
CA LEU L 144 -32.12 38.33 98.38
C LEU L 144 -33.50 38.89 98.15
N TYR L 145 -33.61 39.94 97.33
CA TYR L 145 -34.94 40.41 96.94
C TYR L 145 -35.68 39.35 96.16
N ALA L 146 -34.95 38.56 95.38
CA ALA L 146 -35.57 37.41 94.73
C ALA L 146 -35.99 36.37 95.74
N SER L 147 -35.27 36.27 96.86
CA SER L 147 -35.70 35.33 97.88
C SER L 147 -36.92 35.83 98.61
N GLY L 148 -37.15 37.13 98.62
CA GLY L 148 -38.16 37.67 99.49
C GLY L 148 -37.80 37.55 100.95
N ARG L 149 -36.52 37.44 101.25
CA ARG L 149 -36.04 37.24 102.60
C ARG L 149 -34.83 38.11 102.82
N THR L 150 -34.74 38.69 104.01
CA THR L 150 -33.81 39.77 104.28
C THR L 150 -32.50 39.31 104.90
N THR L 151 -32.23 38.01 104.98
CA THR L 151 -30.99 37.61 105.60
C THR L 151 -30.44 36.36 104.93
N GLY L 152 -29.13 36.17 105.08
CA GLY L 152 -28.47 34.98 104.58
C GLY L 152 -27.46 35.23 103.48
N ILE L 153 -26.40 34.43 103.43
CA ILE L 153 -25.33 34.63 102.47
C ILE L 153 -25.80 34.10 101.12
N VAL L 154 -25.09 34.46 100.06
CA VAL L 154 -25.50 34.07 98.71
C VAL L 154 -24.31 33.51 97.96
N LEU L 155 -24.40 32.25 97.55
CA LEU L 155 -23.43 31.66 96.64
C LEU L 155 -23.82 32.06 95.23
N ASP L 156 -23.47 33.27 94.85
CA ASP L 156 -23.83 33.79 93.54
C ASP L 156 -22.68 33.47 92.60
N SER L 157 -22.81 32.37 91.88
CA SER L 157 -21.80 31.94 90.94
C SER L 157 -22.32 32.20 89.54
N GLY L 158 -21.70 33.12 88.84
CA GLY L 158 -22.08 33.46 87.50
C GLY L 158 -21.23 32.76 86.45
N ASP L 159 -21.23 33.33 85.26
CA ASP L 159 -20.36 32.80 84.21
C ASP L 159 -18.93 33.24 84.40
N GLY L 160 -18.71 34.39 85.00
CA GLY L 160 -17.38 34.96 85.05
C GLY L 160 -16.74 35.01 86.43
N VAL L 161 -17.55 35.02 87.49
CA VAL L 161 -17.02 35.15 88.84
C VAL L 161 -18.04 34.56 89.80
N THR L 162 -17.56 34.01 90.91
CA THR L 162 -18.43 33.65 92.01
C THR L 162 -18.08 34.48 93.23
N HIS L 163 -19.07 34.73 94.06
CA HIS L 163 -18.85 35.59 95.21
C HIS L 163 -19.91 35.34 96.26
N ASN L 164 -19.53 35.59 97.51
CA ASN L 164 -20.42 35.43 98.65
C ASN L 164 -20.60 36.77 99.32
N VAL L 165 -21.85 37.20 99.45
CA VAL L 165 -22.13 38.44 100.15
C VAL L 165 -22.96 38.08 101.37
N PRO L 166 -22.34 37.89 102.52
CA PRO L 166 -23.10 37.61 103.73
C PRO L 166 -23.82 38.85 104.19
N ILE L 167 -25.05 38.67 104.63
CA ILE L 167 -25.88 39.80 104.99
C ILE L 167 -26.96 39.41 106.00
N TYR L 168 -26.98 40.11 107.13
CA TYR L 168 -28.01 39.92 108.13
C TYR L 168 -29.11 40.92 107.83
N GLU L 169 -30.19 40.87 108.61
CA GLU L 169 -31.43 41.52 108.24
C GLU L 169 -31.27 43.02 108.13
N GLY L 170 -31.25 43.47 106.90
CA GLY L 170 -30.81 44.79 106.55
C GLY L 170 -29.35 44.87 106.26
N TYR L 171 -28.52 44.53 107.23
CA TYR L 171 -27.15 44.99 107.26
C TYR L 171 -26.22 43.94 106.66
N ALA L 172 -25.34 44.38 105.79
CA ALA L 172 -24.40 43.48 105.13
C ALA L 172 -23.13 43.40 105.94
N LEU L 173 -22.21 42.54 105.51
CA LEU L 173 -20.93 42.38 106.17
C LEU L 173 -19.87 42.64 105.11
N PRO L 174 -19.41 43.88 104.99
CA PRO L 174 -18.53 44.22 103.87
C PRO L 174 -17.17 43.59 103.97
N HIS L 175 -16.68 43.36 105.18
CA HIS L 175 -15.38 42.74 105.28
C HIS L 175 -15.44 41.26 105.02
N ALA L 176 -16.60 40.65 105.13
CA ALA L 176 -16.73 39.22 104.93
C ALA L 176 -17.19 38.86 103.54
N ILE L 177 -17.20 39.80 102.62
CA ILE L 177 -17.52 39.46 101.24
C ILE L 177 -16.32 38.75 100.62
N MET L 178 -16.51 37.51 100.21
CA MET L 178 -15.45 36.77 99.57
C MET L 178 -15.81 36.56 98.11
N ARG L 179 -14.80 36.34 97.29
CA ARG L 179 -14.97 36.37 95.85
C ARG L 179 -13.89 35.53 95.18
N LEU L 180 -14.30 34.59 94.36
CA LEU L 180 -13.38 33.74 93.62
C LEU L 180 -13.65 33.88 92.15
N ASP L 181 -12.59 33.89 91.35
CA ASP L 181 -12.76 34.05 89.92
C ASP L 181 -13.10 32.74 89.22
N LEU L 182 -13.21 31.64 89.94
CA LEU L 182 -13.57 30.38 89.31
C LEU L 182 -15.05 30.41 88.99
N ALA L 183 -15.40 30.20 87.72
CA ALA L 183 -16.78 30.23 87.31
C ALA L 183 -16.93 29.45 86.02
N GLY L 184 -18.03 29.69 85.31
CA GLY L 184 -18.42 28.83 84.20
C GLY L 184 -17.45 28.81 83.04
N ARG L 185 -16.72 29.90 82.82
CA ARG L 185 -15.70 29.86 81.79
C ARG L 185 -14.52 29.02 82.24
N ASP L 186 -14.18 29.10 83.51
CA ASP L 186 -13.16 28.22 84.04
C ASP L 186 -13.65 26.79 84.09
N LEU L 187 -14.95 26.58 84.12
CA LEU L 187 -15.46 25.24 83.92
C LEU L 187 -15.33 24.84 82.47
N THR L 188 -15.69 25.74 81.56
CA THR L 188 -15.68 25.44 80.14
C THR L 188 -14.27 25.20 79.66
N ASP L 189 -13.32 25.99 80.15
CA ASP L 189 -11.94 25.79 79.73
C ASP L 189 -11.38 24.50 80.31
N TYR L 190 -11.86 24.08 81.47
CA TYR L 190 -11.37 22.81 81.98
C TYR L 190 -12.06 21.66 81.31
N LEU L 191 -13.30 21.86 80.86
CA LEU L 191 -13.97 20.80 80.14
C LEU L 191 -13.31 20.59 78.78
N MET L 192 -12.79 21.67 78.19
CA MET L 192 -12.04 21.54 76.96
C MET L 192 -10.74 20.79 77.18
N LYS L 193 -10.16 20.91 78.36
CA LYS L 193 -8.94 20.16 78.63
C LYS L 193 -9.20 18.69 78.77
N ILE L 194 -10.33 18.31 79.35
CA ILE L 194 -10.56 16.91 79.62
C ILE L 194 -11.34 16.21 78.52
N LEU L 195 -11.84 16.95 77.54
CA LEU L 195 -12.35 16.25 76.37
C LEU L 195 -11.21 15.73 75.51
N THR L 196 -10.05 16.36 75.60
CA THR L 196 -8.92 15.90 74.82
C THR L 196 -8.40 14.57 75.31
N GLU L 197 -8.73 14.20 76.54
CA GLU L 197 -8.35 12.87 77.01
C GLU L 197 -9.15 11.80 76.31
N ARG L 198 -10.35 12.11 75.87
CA ARG L 198 -11.11 11.20 75.03
C ARG L 198 -10.95 11.51 73.57
N GLY L 199 -10.01 12.37 73.21
CA GLY L 199 -9.75 12.66 71.83
C GLY L 199 -10.62 13.72 71.22
N TYR L 200 -11.67 14.15 71.90
CA TYR L 200 -12.55 15.16 71.33
C TYR L 200 -11.86 16.51 71.45
N SER L 201 -11.01 16.79 70.47
CA SER L 201 -10.25 18.03 70.47
C SER L 201 -11.13 19.14 69.94
N PHE L 202 -11.62 19.98 70.83
CA PHE L 202 -12.37 21.17 70.46
C PHE L 202 -11.46 22.37 70.68
N VAL L 203 -11.16 23.10 69.62
CA VAL L 203 -10.07 24.05 69.71
C VAL L 203 -10.58 25.47 69.84
N THR L 204 -11.25 25.98 68.82
CA THR L 204 -11.41 27.41 68.77
C THR L 204 -12.80 27.82 69.26
N THR L 205 -13.07 29.11 69.12
CA THR L 205 -14.12 29.77 69.90
C THR L 205 -15.50 29.28 69.50
N ALA L 206 -15.67 28.89 68.25
CA ALA L 206 -16.92 28.25 67.86
C ALA L 206 -17.09 26.93 68.57
N GLU L 207 -16.02 26.14 68.68
CA GLU L 207 -16.13 24.94 69.48
C GLU L 207 -16.17 25.24 70.96
N ARG L 208 -15.64 26.37 71.40
CA ARG L 208 -15.75 26.72 72.82
C ARG L 208 -17.18 27.03 73.17
N GLU L 209 -17.95 27.49 72.19
CA GLU L 209 -19.37 27.65 72.41
C GLU L 209 -20.06 26.31 72.57
N ILE L 210 -19.74 25.34 71.72
CA ILE L 210 -20.48 24.09 71.78
C ILE L 210 -20.00 23.22 72.92
N VAL L 211 -18.86 23.55 73.52
CA VAL L 211 -18.49 22.90 74.77
C VAL L 211 -19.46 23.30 75.86
N ARG L 212 -19.90 24.55 75.85
CA ARG L 212 -20.85 24.98 76.87
C ARG L 212 -22.21 24.32 76.65
N ASP L 213 -22.55 24.03 75.41
CA ASP L 213 -23.77 23.26 75.18
C ASP L 213 -23.62 21.84 75.65
N ILE L 214 -22.41 21.30 75.62
CA ILE L 214 -22.19 20.00 76.25
C ILE L 214 -22.33 20.13 77.74
N LYS L 215 -21.80 21.22 78.29
CA LYS L 215 -21.73 21.36 79.74
C LYS L 215 -23.09 21.59 80.34
N GLU L 216 -23.90 22.44 79.73
CA GLU L 216 -25.16 22.76 80.34
C GLU L 216 -26.19 21.67 80.15
N LYS L 217 -25.97 20.76 79.21
CA LYS L 217 -26.94 19.70 79.01
C LYS L 217 -26.56 18.41 79.71
N LEU L 218 -25.31 18.22 80.03
CA LEU L 218 -24.89 16.92 80.50
C LEU L 218 -24.32 16.92 81.89
N CYS L 219 -23.48 17.91 82.23
CA CYS L 219 -22.66 17.83 83.42
C CYS L 219 -23.48 18.01 84.68
N TYR L 220 -23.39 17.03 85.57
CA TYR L 220 -23.96 17.08 86.90
C TYR L 220 -22.81 17.01 87.87
N VAL L 221 -23.03 17.45 89.08
CA VAL L 221 -22.00 17.37 90.10
C VAL L 221 -22.32 16.17 91.00
N ALA L 222 -21.28 15.48 91.43
CA ALA L 222 -21.47 14.23 92.16
C ALA L 222 -21.74 14.50 93.62
N LEU L 223 -22.49 13.60 94.24
CA LEU L 223 -22.75 13.71 95.67
C LEU L 223 -21.52 13.34 96.47
N ASP L 224 -20.92 12.20 96.17
CA ASP L 224 -19.68 11.78 96.79
C ASP L 224 -18.71 11.50 95.66
N PHE L 225 -17.63 12.28 95.60
CA PHE L 225 -16.80 12.30 94.41
C PHE L 225 -16.06 11.00 94.20
N GLU L 226 -15.46 10.46 95.24
CA GLU L 226 -14.63 9.28 95.07
C GLU L 226 -15.47 8.04 94.85
N ASN L 227 -16.55 7.89 95.61
CA ASN L 227 -17.37 6.71 95.49
C ASN L 227 -18.15 6.69 94.19
N GLU L 228 -18.42 7.86 93.62
CA GLU L 228 -19.07 7.88 92.33
C GLU L 228 -18.05 7.85 91.21
N MET L 229 -16.81 8.24 91.48
CA MET L 229 -15.74 7.94 90.54
C MET L 229 -15.55 6.45 90.40
N ALA L 230 -15.71 5.70 91.49
CA ALA L 230 -15.57 4.26 91.42
C ALA L 230 -16.69 3.62 90.63
N THR L 231 -17.83 4.29 90.48
CA THR L 231 -18.86 3.80 89.58
C THR L 231 -18.37 3.91 88.14
N ALA L 232 -17.60 4.95 87.82
CA ALA L 232 -17.06 5.09 86.48
C ALA L 232 -15.97 4.08 86.19
N ALA L 233 -15.43 3.41 87.20
CA ALA L 233 -14.54 2.30 86.94
C ALA L 233 -15.29 1.15 86.30
N SER L 234 -16.42 0.77 86.87
CA SER L 234 -17.31 -0.21 86.24
C SER L 234 -18.28 0.59 85.37
N SER L 235 -17.74 1.10 84.27
CA SER L 235 -18.45 2.04 83.42
C SER L 235 -19.60 1.37 82.70
N SER L 236 -20.76 1.40 83.32
CA SER L 236 -21.90 0.70 82.76
C SER L 236 -23.01 1.64 82.33
N SER L 237 -23.38 2.58 83.18
CA SER L 237 -24.54 3.41 82.92
C SER L 237 -24.23 4.89 83.07
N LEU L 238 -22.96 5.25 83.20
CA LEU L 238 -22.64 6.64 83.43
C LEU L 238 -22.69 7.45 82.14
N GLU L 239 -22.23 6.85 81.05
CA GLU L 239 -22.00 7.59 79.82
C GLU L 239 -23.31 7.99 79.16
N LYS L 240 -23.42 9.26 78.81
CA LYS L 240 -24.39 9.67 77.84
C LYS L 240 -23.66 10.06 76.58
N SER L 241 -24.41 10.61 75.63
CA SER L 241 -23.85 10.84 74.32
C SER L 241 -24.51 12.04 73.69
N TYR L 242 -23.72 12.88 73.04
CA TYR L 242 -24.19 14.19 72.60
C TYR L 242 -23.91 14.39 71.13
N GLU L 243 -24.92 14.79 70.39
CA GLU L 243 -24.79 15.03 68.96
C GLU L 243 -24.20 16.42 68.73
N LEU L 244 -23.09 16.48 68.03
CA LEU L 244 -22.49 17.75 67.67
C LEU L 244 -23.32 18.40 66.57
N PRO L 245 -23.12 19.70 66.32
CA PRO L 245 -23.88 20.34 65.23
C PRO L 245 -23.56 19.84 63.84
N ASP L 246 -22.42 19.20 63.61
CA ASP L 246 -22.18 18.65 62.28
C ASP L 246 -22.91 17.34 62.08
N GLY L 247 -23.09 16.58 63.15
CA GLY L 247 -23.77 15.31 63.04
C GLY L 247 -23.07 14.21 63.76
N GLN L 248 -21.75 14.24 63.79
CA GLN L 248 -21.02 13.18 64.47
C GLN L 248 -21.23 13.30 65.97
N VAL L 249 -21.28 12.17 66.65
CA VAL L 249 -21.74 12.14 68.02
C VAL L 249 -20.55 11.85 68.91
N ILE L 250 -20.60 12.37 70.13
CA ILE L 250 -19.56 12.12 71.12
C ILE L 250 -20.16 11.28 72.21
N THR L 251 -19.32 10.84 73.14
CA THR L 251 -19.82 10.33 74.40
C THR L 251 -18.82 10.70 75.47
N ILE L 252 -19.28 10.66 76.71
CA ILE L 252 -18.49 11.21 77.80
C ILE L 252 -18.81 10.44 79.06
N GLY L 253 -17.76 10.11 79.80
CA GLY L 253 -17.95 9.26 80.97
C GLY L 253 -17.69 9.96 82.27
N ASN L 254 -16.53 9.72 82.85
CA ASN L 254 -16.18 10.35 84.11
C ASN L 254 -15.92 11.83 83.95
N GLU L 255 -15.63 12.28 82.73
CA GLU L 255 -15.49 13.70 82.49
C GLU L 255 -16.78 14.47 82.64
N ARG L 256 -17.91 13.79 82.77
CA ARG L 256 -19.17 14.51 82.91
C ARG L 256 -19.30 15.13 84.29
N PHE L 257 -18.92 14.40 85.33
CA PHE L 257 -19.00 14.96 86.65
C PHE L 257 -17.67 15.49 87.15
N ARG L 258 -16.57 15.15 86.50
CA ARG L 258 -15.29 15.62 86.98
C ARG L 258 -15.09 17.08 86.65
N CYS L 259 -15.77 17.58 85.63
CA CYS L 259 -15.66 19.00 85.32
C CYS L 259 -16.28 19.92 86.37
N PRO L 260 -17.51 19.71 86.87
CA PRO L 260 -17.99 20.62 87.92
C PRO L 260 -17.43 20.35 89.30
N GLU L 261 -16.47 19.45 89.45
CA GLU L 261 -15.76 19.36 90.72
C GLU L 261 -14.71 20.43 90.86
N THR L 262 -14.48 21.22 89.82
CA THR L 262 -13.60 22.37 89.91
C THR L 262 -14.12 23.39 90.90
N LEU L 263 -15.44 23.46 91.07
CA LEU L 263 -16.03 24.30 92.11
C LEU L 263 -15.63 23.86 93.51
N PHE L 264 -15.22 22.62 93.67
CA PHE L 264 -14.93 22.10 94.99
C PHE L 264 -13.47 21.79 95.18
N GLN L 265 -12.77 21.41 94.12
CA GLN L 265 -11.33 21.26 94.17
C GLN L 265 -10.79 22.21 93.12
N PRO L 266 -10.47 23.45 93.50
CA PRO L 266 -9.90 24.39 92.54
C PRO L 266 -8.48 24.08 92.14
N SER L 267 -7.86 23.07 92.76
CA SER L 267 -6.57 22.62 92.30
C SER L 267 -6.64 21.85 91.00
N PHE L 268 -7.84 21.50 90.53
CA PHE L 268 -7.96 20.85 89.23
C PHE L 268 -7.57 21.78 88.11
N ILE L 269 -7.92 23.05 88.23
CA ILE L 269 -7.44 24.02 87.27
C ILE L 269 -6.22 24.69 87.86
N GLY L 270 -5.75 24.16 88.98
CA GLY L 270 -4.48 24.60 89.50
C GLY L 270 -4.49 25.91 90.23
N MET L 271 -5.65 26.53 90.42
CA MET L 271 -5.65 27.73 91.24
C MET L 271 -5.68 27.31 92.70
N GLU L 272 -4.84 27.97 93.48
CA GLU L 272 -4.66 27.66 94.89
C GLU L 272 -5.73 28.40 95.66
N SER L 273 -6.81 27.71 95.96
CA SER L 273 -7.88 28.32 96.70
C SER L 273 -8.67 27.25 97.42
N ALA L 274 -9.59 27.69 98.24
CA ALA L 274 -10.57 26.78 98.79
C ALA L 274 -11.73 26.68 97.83
N GLY L 275 -12.42 25.56 97.89
CA GLY L 275 -13.59 25.38 97.06
C GLY L 275 -14.73 26.25 97.52
N ILE L 276 -15.78 26.29 96.69
CA ILE L 276 -16.92 27.14 97.04
C ILE L 276 -17.73 26.57 98.18
N HIS L 277 -17.50 25.33 98.56
CA HIS L 277 -18.06 24.85 99.81
C HIS L 277 -17.30 25.41 101.00
N GLU L 278 -16.02 25.68 100.82
CA GLU L 278 -15.20 26.07 101.94
C GLU L 278 -15.10 27.57 102.08
N THR L 279 -15.06 28.28 100.96
CA THR L 279 -15.13 29.74 101.07
C THR L 279 -16.51 30.21 101.45
N THR L 280 -17.51 29.34 101.40
CA THR L 280 -18.75 29.60 102.10
C THR L 280 -18.52 29.66 103.59
N TYR L 281 -17.96 28.59 104.15
CA TYR L 281 -17.73 28.51 105.58
C TYR L 281 -16.68 29.51 106.03
N ASN L 282 -15.72 29.81 105.17
CA ASN L 282 -14.76 30.83 105.53
C ASN L 282 -15.39 32.20 105.57
N SER L 283 -16.48 32.40 104.83
CA SER L 283 -17.16 33.68 104.93
C SER L 283 -17.96 33.76 106.22
N ILE L 284 -18.55 32.65 106.65
CA ILE L 284 -19.42 32.70 107.80
C ILE L 284 -18.59 32.75 109.09
N MET L 285 -17.41 32.15 109.07
CA MET L 285 -16.49 32.33 110.19
C MET L 285 -16.02 33.76 110.31
N LYS L 286 -15.93 34.49 109.21
CA LYS L 286 -15.60 35.89 109.30
C LYS L 286 -16.73 36.71 109.88
N CYS L 287 -17.96 36.22 109.78
CA CYS L 287 -19.06 36.99 110.31
C CYS L 287 -19.14 36.83 111.82
N ASP L 288 -19.86 37.73 112.45
CA ASP L 288 -19.93 37.77 113.90
C ASP L 288 -20.78 36.59 114.41
N ILE L 289 -20.62 36.28 115.69
CA ILE L 289 -21.03 34.97 116.18
C ILE L 289 -22.54 34.83 116.31
N ASP L 290 -23.27 35.92 116.43
CA ASP L 290 -24.72 35.78 116.54
C ASP L 290 -25.34 35.44 115.19
N ILE L 291 -24.78 36.01 114.12
CA ILE L 291 -25.39 35.87 112.82
C ILE L 291 -25.20 34.46 112.28
N ARG L 292 -24.19 33.74 112.78
CA ARG L 292 -23.79 32.46 112.20
C ARG L 292 -24.89 31.42 112.30
N LYS L 293 -25.74 31.52 113.32
CA LYS L 293 -26.88 30.62 113.40
C LYS L 293 -27.87 30.88 112.29
N ASP L 294 -28.01 32.13 111.89
CA ASP L 294 -29.00 32.43 110.86
C ASP L 294 -28.43 32.30 109.47
N LEU L 295 -27.13 32.45 109.29
CA LEU L 295 -26.56 32.24 107.98
C LEU L 295 -26.58 30.78 107.60
N TYR L 296 -26.41 29.90 108.58
CA TYR L 296 -26.46 28.48 108.29
C TYR L 296 -27.86 28.06 107.89
N ALA L 297 -28.88 28.69 108.42
CA ALA L 297 -30.22 28.36 107.98
C ALA L 297 -30.59 29.05 106.69
N ASN L 298 -29.75 29.94 106.17
CA ASN L 298 -30.14 30.76 105.01
C ASN L 298 -28.95 30.85 104.07
N ASN L 299 -28.87 29.92 103.12
CA ASN L 299 -27.84 29.94 102.10
C ASN L 299 -28.54 29.95 100.75
N VAL L 300 -28.39 31.02 100.01
CA VAL L 300 -29.08 31.18 98.74
C VAL L 300 -28.12 30.84 97.63
N MET L 301 -28.38 29.76 96.92
CA MET L 301 -27.68 29.51 95.68
C MET L 301 -28.23 30.45 94.64
N SER L 302 -27.36 31.02 93.82
CA SER L 302 -27.82 31.94 92.80
C SER L 302 -26.86 31.89 91.63
N GLY L 303 -27.30 32.44 90.52
CA GLY L 303 -26.48 32.47 89.33
C GLY L 303 -26.60 31.19 88.52
N GLY L 304 -26.33 31.34 87.22
CA GLY L 304 -26.58 30.27 86.28
C GLY L 304 -25.64 29.09 86.42
N THR L 305 -24.48 29.28 87.06
CA THR L 305 -23.57 28.17 87.26
C THR L 305 -24.14 27.19 88.25
N THR L 306 -24.93 27.66 89.19
CA THR L 306 -25.49 26.82 90.21
C THR L 306 -26.75 26.10 89.76
N MET L 307 -26.98 26.00 88.47
CA MET L 307 -28.06 25.17 87.95
C MET L 307 -27.62 23.75 87.71
N TYR L 308 -26.46 23.36 88.19
CA TYR L 308 -26.04 21.98 88.10
C TYR L 308 -26.94 21.12 88.97
N PRO L 309 -27.39 19.97 88.46
CA PRO L 309 -28.20 19.09 89.30
C PRO L 309 -27.32 18.43 90.34
N GLY L 310 -27.80 18.44 91.58
CA GLY L 310 -27.05 17.91 92.69
C GLY L 310 -26.20 18.92 93.41
N ILE L 311 -26.21 20.19 92.99
CA ILE L 311 -25.36 21.16 93.65
C ILE L 311 -25.92 21.52 95.01
N ALA L 312 -27.24 21.38 95.20
CA ALA L 312 -27.79 21.70 96.50
C ALA L 312 -27.58 20.55 97.46
N ASP L 313 -27.72 19.33 96.95
CA ASP L 313 -27.50 18.17 97.79
C ASP L 313 -26.03 18.00 98.14
N ARG L 314 -25.14 18.59 97.37
CA ARG L 314 -23.73 18.47 97.70
C ARG L 314 -23.32 19.45 98.78
N MET L 315 -23.63 20.73 98.59
CA MET L 315 -23.14 21.71 99.55
C MET L 315 -23.89 21.62 100.86
N GLN L 316 -25.11 21.10 100.85
CA GLN L 316 -25.76 20.81 102.12
C GLN L 316 -25.03 19.70 102.85
N LYS L 317 -24.45 18.76 102.11
CA LYS L 317 -23.64 17.75 102.76
C LYS L 317 -22.30 18.34 103.18
N GLU L 318 -21.73 19.20 102.36
CA GLU L 318 -20.34 19.52 102.59
C GLU L 318 -20.18 20.63 103.61
N ILE L 319 -21.10 21.58 103.68
CA ILE L 319 -21.02 22.57 104.74
C ILE L 319 -21.32 21.92 106.09
N THR L 320 -22.17 20.90 106.08
CA THR L 320 -22.43 20.12 107.29
C THR L 320 -21.17 19.46 107.79
N ALA L 321 -20.28 19.08 106.89
CA ALA L 321 -19.00 18.56 107.32
C ALA L 321 -18.14 19.63 107.97
N LEU L 322 -18.35 20.88 107.62
CA LEU L 322 -17.51 21.92 108.19
C LEU L 322 -18.16 22.64 109.36
N ALA L 323 -19.48 22.70 109.38
CA ALA L 323 -20.18 23.35 110.47
C ALA L 323 -20.11 22.48 111.72
N PRO L 324 -20.30 23.07 112.89
CA PRO L 324 -20.55 22.25 114.07
C PRO L 324 -21.88 21.56 113.93
N SER L 325 -21.86 20.24 114.09
CA SER L 325 -22.97 19.39 113.71
C SER L 325 -24.18 19.51 114.61
N THR L 326 -24.11 20.31 115.66
CA THR L 326 -25.23 20.40 116.57
C THR L 326 -26.36 21.24 116.04
N MET L 327 -26.21 21.87 114.88
CA MET L 327 -27.23 22.80 114.47
C MET L 327 -27.38 22.77 112.96
N LYS L 328 -28.57 23.11 112.51
CA LYS L 328 -29.02 22.75 111.18
C LYS L 328 -28.45 23.68 110.12
N ILE L 329 -28.42 23.17 108.90
CA ILE L 329 -28.02 23.89 107.72
C ILE L 329 -29.20 23.86 106.75
N LYS L 330 -29.31 24.88 105.92
CA LYS L 330 -30.29 24.89 104.85
C LYS L 330 -29.65 25.48 103.62
N ILE L 331 -30.07 25.00 102.46
CA ILE L 331 -29.59 25.51 101.18
C ILE L 331 -30.82 25.94 100.40
N ILE L 332 -31.03 27.24 100.29
CA ILE L 332 -32.20 27.75 99.61
C ILE L 332 -31.84 27.84 98.14
N ALA L 333 -32.24 26.82 97.39
CA ALA L 333 -31.99 26.76 95.95
C ALA L 333 -33.34 26.83 95.26
N PRO L 334 -33.78 28.00 94.84
CA PRO L 334 -35.07 28.12 94.17
C PRO L 334 -34.97 27.58 92.76
N PRO L 335 -36.10 27.34 92.10
CA PRO L 335 -36.06 26.92 90.70
C PRO L 335 -35.91 28.07 89.71
N GLU L 336 -35.48 29.24 90.14
CA GLU L 336 -35.28 30.34 89.22
C GLU L 336 -33.92 30.99 89.43
N ARG L 337 -32.94 30.17 89.80
CA ARG L 337 -31.62 30.66 90.16
C ARG L 337 -30.91 31.33 89.00
N LYS L 338 -31.26 30.95 87.77
CA LYS L 338 -30.61 31.55 86.61
C LYS L 338 -31.01 33.00 86.47
N TYR L 339 -32.21 33.35 86.88
CA TYR L 339 -32.72 34.69 86.69
C TYR L 339 -32.86 35.44 88.00
N SER L 340 -32.28 34.92 89.08
CA SER L 340 -32.54 35.47 90.40
C SER L 340 -31.96 36.86 90.57
N VAL L 341 -30.84 37.15 89.92
CA VAL L 341 -30.27 38.48 90.03
C VAL L 341 -31.14 39.47 89.29
N TRP L 342 -31.74 39.05 88.18
CA TRP L 342 -32.61 39.97 87.46
C TRP L 342 -33.90 40.19 88.21
N ILE L 343 -34.50 39.12 88.72
CA ILE L 343 -35.82 39.22 89.31
C ILE L 343 -35.78 40.07 90.56
N GLY L 344 -34.76 39.86 91.38
CA GLY L 344 -34.54 40.76 92.51
C GLY L 344 -34.20 42.17 92.05
N GLY L 345 -33.55 42.29 90.90
CA GLY L 345 -33.36 43.60 90.32
C GLY L 345 -34.65 44.19 89.81
N SER L 346 -35.57 43.33 89.35
CA SER L 346 -36.86 43.83 88.91
C SER L 346 -37.70 44.28 90.07
N ILE L 347 -37.50 43.69 91.23
CA ILE L 347 -38.27 44.11 92.40
C ILE L 347 -37.78 45.46 92.88
N LEU L 348 -36.46 45.60 93.02
CA LEU L 348 -35.87 46.75 93.71
C LEU L 348 -36.15 48.04 92.97
N ALA L 349 -36.21 47.98 91.65
CA ALA L 349 -36.56 49.18 90.90
C ALA L 349 -38.04 49.52 91.04
N SER L 350 -38.86 48.58 91.44
CA SER L 350 -40.28 48.83 91.51
C SER L 350 -40.73 49.34 92.86
N LEU L 351 -39.85 49.43 93.85
CA LEU L 351 -40.26 49.88 95.17
C LEU L 351 -40.50 51.37 95.20
N SER L 352 -41.57 51.77 95.87
CA SER L 352 -41.92 53.17 96.00
C SER L 352 -40.95 53.94 96.88
N THR L 353 -40.19 53.25 97.72
CA THR L 353 -39.20 53.89 98.56
C THR L 353 -37.86 54.00 97.89
N PHE L 354 -37.80 53.78 96.58
CA PHE L 354 -36.52 53.72 95.88
C PHE L 354 -36.32 54.89 94.94
N GLN L 355 -37.37 55.60 94.56
CA GLN L 355 -37.24 56.65 93.55
C GLN L 355 -36.47 57.86 94.02
N GLN L 356 -36.04 57.91 95.27
CA GLN L 356 -35.06 58.89 95.68
C GLN L 356 -33.66 58.32 95.73
N MET L 357 -33.50 57.04 95.44
CA MET L 357 -32.20 56.41 95.53
C MET L 357 -31.49 56.30 94.20
N TRP L 358 -31.98 56.97 93.17
CA TRP L 358 -31.34 56.88 91.87
C TRP L 358 -30.11 57.77 91.82
N ILE L 359 -29.49 57.82 90.65
CA ILE L 359 -28.43 58.77 90.37
C ILE L 359 -28.90 59.59 89.18
N THR L 360 -29.42 60.78 89.42
CA THR L 360 -30.00 61.54 88.33
C THR L 360 -28.92 62.29 87.58
N LYS L 361 -29.26 62.71 86.35
CA LYS L 361 -28.32 63.45 85.54
C LYS L 361 -28.08 64.84 86.10
N GLN L 362 -29.12 65.44 86.68
CA GLN L 362 -28.99 66.79 87.19
C GLN L 362 -28.10 66.84 88.42
N GLU L 363 -27.93 65.73 89.12
CA GLU L 363 -26.92 65.68 90.15
C GLU L 363 -25.64 65.04 89.65
N TYR L 364 -25.65 64.49 88.44
CA TYR L 364 -24.40 63.97 87.91
C TYR L 364 -23.49 65.09 87.45
N ASP L 365 -24.07 66.16 86.92
CA ASP L 365 -23.31 67.11 86.11
C ASP L 365 -22.34 67.91 86.96
N GLU L 366 -22.66 68.13 88.22
CA GLU L 366 -21.69 68.77 89.10
C GLU L 366 -20.86 67.76 89.85
N ALA L 367 -21.14 66.47 89.68
CA ALA L 367 -20.46 65.45 90.44
C ALA L 367 -19.40 64.72 89.65
N GLY L 368 -19.68 64.40 88.40
CA GLY L 368 -18.74 63.62 87.62
C GLY L 368 -18.91 62.15 87.94
N PRO L 369 -18.04 61.32 87.35
CA PRO L 369 -18.22 59.87 87.48
C PRO L 369 -17.91 59.31 88.85
N SER L 370 -17.42 60.11 89.78
CA SER L 370 -17.18 59.60 91.12
C SER L 370 -18.44 59.57 91.96
N ILE L 371 -19.60 59.93 91.40
CA ILE L 371 -20.82 59.95 92.15
C ILE L 371 -21.27 58.55 92.53
N VAL L 372 -20.85 57.53 91.79
CA VAL L 372 -21.33 56.20 92.10
C VAL L 372 -20.56 55.63 93.28
N HIS L 373 -19.39 56.18 93.59
CA HIS L 373 -18.72 55.73 94.78
C HIS L 373 -19.36 56.25 96.05
N ARG L 374 -20.13 57.33 95.97
CA ARG L 374 -20.95 57.72 97.10
C ARG L 374 -22.40 57.28 96.93
N LYS L 375 -22.63 56.26 96.11
CA LYS L 375 -23.91 55.59 96.03
C LYS L 375 -23.66 54.09 96.17
N CYS L 376 -23.87 53.60 97.39
CA CYS L 376 -23.68 52.20 97.82
C CYS L 376 -22.32 51.63 97.43
N PHE L 377 -21.28 52.45 97.61
CA PHE L 377 -19.84 52.09 97.53
C PHE L 377 -19.37 51.65 96.12
#